data_9U5C
#
_entry.id   9U5C
#
loop_
_entity.id
_entity.type
_entity.pdbx_description
1 polymer 'Short transient receptor potential channel 3'
2 polymer Nb1-94
3 non-polymer 'CALCIUM ION'
4 non-polymer 'ZINC ION'
5 non-polymer '[(2~{S})-2-[(~{E})-octadec-9-enoyl]oxy-3-oxidanyl-propyl] octadec-9-enoate'
6 water water
#
loop_
_entity_poly.entity_id
_entity_poly.type
_entity_poly.pdbx_seq_one_letter_code
_entity_poly.pdbx_strand_id
1 'polypeptide(L)'
;MREKGRRQAVRGPAFMFNDRGTSLTAEEERFLDAAEYGNIPVVRKMLEESKTLNVNCVDYMGQNALQLAVGNEHLEVTEL
LLKKENLARIGDALLLAISKGYVRIVEAILNHPGFAASKRLTLSPCEQELQDDDFYAYDEDGTRFSPDITPIILAAHCQK
YEVVHMLLMKGARIERPHDYFCKCGDCMEKQRHDSFSHSRSRINAYKGLASPAYLSLSSEDPVLTALELSNELAKLANIE
KEFKNDYRKLSMQCKDFVVGVLDLCRDSEEVEAILNGDLESAEPLEVHRHKASLSRVKLAIKYEVKKFVAHPNCQQQLLT
IWYENLSGLREQTIAIKCLVVLVVALGLPFLAIGYWIAPCSRLGKILRSPFMKFVAHAASFIIFLGLLVFNASDRFEGIT
TLPNITVTDYPKQIFRVKTTQFTWTEMLIMVWVLGMMWSECKELWLEGPREYILQLWNVLDFGMLSIFIAAFTARFLAFL
QATKAQQYVDSYVQESDLSEVTLPPEIQYFTYARDKWLPSDPQIISEGLYAIAVVLSFSRIAYILPANESFGPLQISLGR
TVKDIFKFMVLFIMVFFAFMIGMFILYSYYLGAKVNAAFTTVEESFKTLFWSIFGLSEVTSVVLKYDHKFIENIGYVLYG
IYNVTMVVVLLNMLIAMINSSYQEIEDDSDVEWKFARSKLWLSYFDDGKTLPPPFSLVPSPKSFVYFIMRIVNFPKCRRR
RLQKDIEMGMGNSKSRLNLFTQSNSRVFESHSFNSILNQPTRYQQIMKRLIKRYVLKAQVDKENDEVNEGELKEIKQDIS
SLRYELLEDKSQATEELAILIHKLSEKLNPSMLRCE
;
A,C,E,G
2 'polypeptide(L)'
;QVQLQESGGGSVQSGGSLRLSCAASGYTYSYSGYCMGWFRQAPGKEREGVATIDGAGNTKYADSVKGRFTISRDNAKKTL
YLQMNSLKPEDTAMYYCAARVYSYSSDVDCRPSFTTRFPYSGQGTQVTV
;
B,D,F,H
#
# COMPACT_ATOMS: atom_id res chain seq x y z
N PRO A 13 -10.84 32.97 20.92
CA PRO A 13 -10.85 31.51 21.11
C PRO A 13 -11.86 31.06 22.17
N ALA A 14 -12.52 29.93 21.90
CA ALA A 14 -13.53 29.43 22.82
C ALA A 14 -12.91 28.99 24.14
N PHE A 15 -11.74 28.37 24.09
CA PHE A 15 -11.07 27.83 25.28
C PHE A 15 -9.75 28.56 25.49
N MET A 16 -9.50 28.97 26.73
CA MET A 16 -8.25 29.60 27.11
C MET A 16 -7.42 28.57 27.87
N PHE A 17 -6.54 27.89 27.14
CA PHE A 17 -5.74 26.80 27.69
C PHE A 17 -4.56 27.27 28.53
N ASN A 18 -4.29 28.58 28.54
CA ASN A 18 -3.18 29.11 29.33
C ASN A 18 -3.58 29.29 30.79
N SER A 23 -2.77 37.51 30.51
CA SER A 23 -1.93 37.87 29.38
C SER A 23 -0.45 37.84 29.78
N LEU A 24 0.37 37.18 28.97
CA LEU A 24 1.79 37.09 29.24
C LEU A 24 2.46 38.45 29.06
N THR A 25 3.41 38.76 29.93
CA THR A 25 4.20 39.97 29.79
C THR A 25 5.22 39.80 28.66
N ALA A 26 5.83 40.92 28.26
CA ALA A 26 6.86 40.86 27.23
C ALA A 26 8.06 40.04 27.70
N GLU A 27 8.43 40.19 28.97
CA GLU A 27 9.52 39.38 29.52
C GLU A 27 9.19 37.90 29.51
N GLU A 28 7.96 37.54 29.90
CA GLU A 28 7.56 36.14 29.88
C GLU A 28 7.49 35.59 28.46
N GLU A 29 7.00 36.40 27.52
CA GLU A 29 6.97 35.98 26.12
C GLU A 29 8.37 35.73 25.59
N ARG A 30 9.31 36.63 25.91
CA ARG A 30 10.69 36.43 25.49
C ARG A 30 11.29 35.17 26.09
N PHE A 31 11.03 34.94 27.39
CA PHE A 31 11.56 33.75 28.04
C PHE A 31 11.00 32.47 27.44
N LEU A 32 9.70 32.44 27.17
CA LEU A 32 9.09 31.25 26.59
C LEU A 32 9.59 31.01 25.16
N ASP A 33 9.76 32.09 24.39
CA ASP A 33 10.30 31.93 23.03
C ASP A 33 11.74 31.42 23.07
N ALA A 34 12.54 31.94 24.00
CA ALA A 34 13.92 31.48 24.11
C ALA A 34 14.00 30.01 24.53
N ALA A 35 13.15 29.60 25.47
CA ALA A 35 13.16 28.20 25.90
C ALA A 35 12.66 27.28 24.79
N GLU A 36 11.65 27.71 24.05
CA GLU A 36 11.07 26.86 23.01
C GLU A 36 12.05 26.59 21.89
N TYR A 37 12.81 27.60 21.47
CA TYR A 37 13.73 27.47 20.35
C TYR A 37 15.18 27.28 20.77
N GLY A 38 15.42 26.99 22.04
CA GLY A 38 16.77 26.67 22.49
C GLY A 38 17.73 27.83 22.52
N ASN A 39 17.23 29.05 22.74
CA ASN A 39 18.09 30.22 22.89
C ASN A 39 18.73 30.14 24.28
N ILE A 40 19.77 29.31 24.37
CA ILE A 40 20.40 29.04 25.67
C ILE A 40 20.96 30.30 26.32
N PRO A 41 21.73 31.15 25.63
CA PRO A 41 22.26 32.34 26.32
C PRO A 41 21.18 33.25 26.87
N VAL A 42 20.09 33.45 26.14
CA VAL A 42 19.01 34.30 26.64
C VAL A 42 18.35 33.67 27.85
N VAL A 43 18.06 32.36 27.79
CA VAL A 43 17.44 31.67 28.92
C VAL A 43 18.32 31.79 30.16
N ARG A 44 19.62 31.58 29.99
CA ARG A 44 20.54 31.70 31.11
C ARG A 44 20.57 33.12 31.66
N LYS A 45 20.56 34.12 30.77
CA LYS A 45 20.57 35.51 31.22
C LYS A 45 19.32 35.85 32.02
N MET A 46 18.15 35.42 31.54
CA MET A 46 16.91 35.70 32.26
C MET A 46 16.87 34.97 33.60
N LEU A 47 17.36 33.72 33.64
CA LEU A 47 17.36 32.99 34.90
C LEU A 47 18.34 33.61 35.90
N GLU A 48 19.45 34.15 35.42
CA GLU A 48 20.48 34.67 36.29
C GLU A 48 20.21 36.10 36.75
N GLU A 49 19.56 36.92 35.92
CA GLU A 49 19.46 38.34 36.18
C GLU A 49 18.05 38.83 36.45
N SER A 50 17.03 38.23 35.86
CA SER A 50 15.67 38.73 35.98
C SER A 50 15.08 38.29 37.32
N LYS A 51 14.79 39.24 38.19
CA LYS A 51 14.16 38.96 39.48
C LYS A 51 12.64 39.00 39.42
N THR A 52 12.06 39.45 38.31
CA THR A 52 10.61 39.56 38.17
C THR A 52 10.06 38.59 37.13
N LEU A 53 10.81 37.53 36.81
CA LEU A 53 10.40 36.56 35.80
C LEU A 53 9.79 35.34 36.49
N ASN A 54 8.58 34.98 36.09
CA ASN A 54 7.93 33.77 36.58
C ASN A 54 8.39 32.60 35.72
N VAL A 55 9.23 31.72 36.29
CA VAL A 55 9.75 30.59 35.55
C VAL A 55 8.68 29.59 35.18
N ASN A 56 7.50 29.69 35.81
CA ASN A 56 6.41 28.76 35.57
C ASN A 56 5.34 29.34 34.64
N CYS A 57 5.63 30.44 33.97
CA CYS A 57 4.68 31.00 33.00
C CYS A 57 4.47 30.03 31.85
N VAL A 58 3.25 29.98 31.33
CA VAL A 58 2.85 29.00 30.34
C VAL A 58 2.48 29.71 29.04
N ASP A 59 2.54 28.94 27.95
CA ASP A 59 2.19 29.45 26.63
C ASP A 59 0.67 29.34 26.42
N TYR A 60 0.22 29.52 25.17
CA TYR A 60 -1.21 29.48 24.89
C TYR A 60 -1.80 28.10 25.17
N MET A 61 -1.01 27.04 25.10
CA MET A 61 -1.48 25.69 25.37
C MET A 61 -1.20 25.24 26.80
N GLY A 62 -0.82 26.16 27.69
CA GLY A 62 -0.56 25.81 29.06
C GLY A 62 0.75 25.09 29.31
N GLN A 63 1.71 25.21 28.41
CA GLN A 63 3.01 24.57 28.56
C GLN A 63 4.03 25.60 29.03
N ASN A 64 4.72 25.29 30.13
CA ASN A 64 5.72 26.18 30.67
C ASN A 64 7.04 26.01 29.93
N ALA A 65 8.08 26.71 30.40
CA ALA A 65 9.37 26.67 29.73
C ALA A 65 9.97 25.27 29.75
N LEU A 66 9.82 24.56 30.86
CA LEU A 66 10.38 23.21 30.94
C LEU A 66 9.72 22.28 29.94
N GLN A 67 8.39 22.33 29.83
CA GLN A 67 7.70 21.46 28.89
C GLN A 67 8.06 21.80 27.45
N LEU A 68 8.17 23.10 27.13
CA LEU A 68 8.57 23.49 25.78
C LEU A 68 9.98 23.04 25.46
N ALA A 69 10.90 23.20 26.42
CA ALA A 69 12.29 22.79 26.18
C ALA A 69 12.40 21.28 26.01
N VAL A 70 11.68 20.51 26.83
CA VAL A 70 11.71 19.06 26.70
C VAL A 70 11.09 18.63 25.39
N GLY A 71 9.98 19.24 25.00
CA GLY A 71 9.33 18.86 23.76
C GLY A 71 10.18 19.11 22.53
N ASN A 72 11.07 20.11 22.59
CA ASN A 72 11.96 20.44 21.49
C ASN A 72 13.36 19.87 21.68
N GLU A 73 13.55 18.98 22.65
CA GLU A 73 14.83 18.33 22.89
C GLU A 73 15.96 19.34 23.15
N HIS A 74 15.66 20.35 23.96
CA HIS A 74 16.67 21.34 24.34
C HIS A 74 17.25 20.92 25.70
N LEU A 75 18.27 20.06 25.64
CA LEU A 75 18.85 19.51 26.86
C LEU A 75 19.50 20.60 27.72
N GLU A 76 20.22 21.52 27.09
CA GLU A 76 20.90 22.57 27.83
C GLU A 76 19.90 23.50 28.51
N VAL A 77 18.83 23.86 27.81
CA VAL A 77 17.78 24.67 28.42
C VAL A 77 17.13 23.93 29.58
N THR A 78 16.89 22.63 29.40
CA THR A 78 16.32 21.82 30.47
C THR A 78 17.23 21.80 31.69
N GLU A 79 18.53 21.65 31.48
CA GLU A 79 19.48 21.65 32.59
C GLU A 79 19.49 22.99 33.31
N LEU A 80 19.42 24.09 32.55
CA LEU A 80 19.36 25.41 33.16
C LEU A 80 18.09 25.58 33.99
N LEU A 81 16.95 25.11 33.46
CA LEU A 81 15.69 25.28 34.16
C LEU A 81 15.62 24.41 35.41
N LEU A 82 16.22 23.21 35.37
CA LEU A 82 16.17 22.30 36.51
C LEU A 82 16.89 22.84 37.74
N LYS A 83 17.70 23.89 37.58
CA LYS A 83 18.36 24.51 38.73
C LYS A 83 17.45 25.48 39.48
N LYS A 84 16.24 25.73 38.99
CA LYS A 84 15.25 26.50 39.72
C LYS A 84 14.47 25.57 40.63
N GLU A 85 14.49 25.86 41.93
CA GLU A 85 13.80 25.01 42.89
C GLU A 85 12.29 25.04 42.67
N ASN A 86 11.74 26.21 42.39
CA ASN A 86 10.31 26.38 42.22
C ASN A 86 9.81 25.98 40.83
N LEU A 87 10.65 25.33 40.02
CA LEU A 87 10.21 24.89 38.71
C LEU A 87 9.14 23.80 38.85
N ALA A 88 8.11 23.89 38.03
CA ALA A 88 6.97 23.00 38.10
C ALA A 88 6.95 22.06 36.90
N ARG A 89 6.00 21.12 36.94
CA ARG A 89 5.78 20.15 35.87
C ARG A 89 7.03 19.29 35.61
N ILE A 90 7.75 18.95 36.67
CA ILE A 90 8.90 18.08 36.54
C ILE A 90 8.48 16.68 36.11
N GLY A 91 7.45 16.14 36.76
CA GLY A 91 6.98 14.81 36.41
C GLY A 91 6.44 14.71 35.00
N ASP A 92 5.66 15.71 34.59
CA ASP A 92 5.17 15.75 33.22
C ASP A 92 6.32 15.88 32.23
N ALA A 93 7.35 16.64 32.58
CA ALA A 93 8.51 16.77 31.71
C ALA A 93 9.20 15.42 31.54
N LEU A 94 9.32 14.65 32.62
CA LEU A 94 9.90 13.31 32.50
C LEU A 94 9.04 12.43 31.60
N LEU A 95 7.72 12.48 31.77
CA LEU A 95 6.84 11.66 30.93
C LEU A 95 6.94 12.06 29.47
N LEU A 96 6.97 13.36 29.19
CA LEU A 96 7.10 13.83 27.81
C LEU A 96 8.44 13.40 27.21
N ALA A 97 9.52 13.52 27.97
CA ALA A 97 10.83 13.11 27.49
C ALA A 97 10.87 11.61 27.23
N ILE A 98 10.26 10.82 28.12
CA ILE A 98 10.21 9.37 27.93
C ILE A 98 9.42 9.03 26.67
N SER A 99 8.27 9.70 26.48
CA SER A 99 7.45 9.43 25.32
C SER A 99 8.16 9.78 24.02
N LYS A 100 8.99 10.83 24.03
CA LYS A 100 9.75 11.22 22.86
C LYS A 100 11.11 10.52 22.78
N GLY A 101 11.47 9.72 23.78
CA GLY A 101 12.73 9.01 23.77
C GLY A 101 13.98 9.88 23.85
N TYR A 102 13.93 10.94 24.66
CA TYR A 102 15.07 11.83 24.84
C TYR A 102 15.86 11.36 26.06
N VAL A 103 16.83 10.49 25.82
CA VAL A 103 17.49 9.77 26.91
C VAL A 103 18.26 10.73 27.81
N ARG A 104 19.01 11.66 27.21
CA ARG A 104 19.81 12.58 28.01
C ARG A 104 18.94 13.50 28.85
N ILE A 105 17.83 13.98 28.27
CA ILE A 105 16.90 14.80 29.04
C ILE A 105 16.26 13.97 30.15
N VAL A 106 15.99 12.70 29.89
CA VAL A 106 15.47 11.81 30.93
C VAL A 106 16.48 11.69 32.07
N GLU A 107 17.77 11.55 31.73
CA GLU A 107 18.81 11.51 32.76
C GLU A 107 18.80 12.77 33.60
N ALA A 108 18.75 13.93 32.95
CA ALA A 108 18.78 15.20 33.67
C ALA A 108 17.58 15.34 34.59
N ILE A 109 16.39 14.97 34.10
CA ILE A 109 15.19 15.09 34.93
C ILE A 109 15.23 14.07 36.06
N LEU A 110 15.75 12.87 35.81
CA LEU A 110 15.86 11.87 36.87
C LEU A 110 16.86 12.28 37.95
N ASN A 111 17.75 13.22 37.66
CA ASN A 111 18.63 13.76 38.68
C ASN A 111 17.97 14.81 39.55
N HIS A 112 16.74 15.21 39.24
CA HIS A 112 16.03 16.19 40.04
C HIS A 112 15.73 15.63 41.43
N PRO A 113 15.72 16.49 42.46
CA PRO A 113 15.40 15.99 43.81
C PRO A 113 14.04 15.33 43.92
N GLY A 114 13.08 15.69 43.06
CA GLY A 114 11.79 15.05 43.07
C GLY A 114 11.81 13.59 42.69
N PHE A 115 12.90 13.11 42.11
CA PHE A 115 13.07 11.71 41.76
C PHE A 115 14.20 11.04 42.53
N ALA A 116 15.37 11.69 42.60
CA ALA A 116 16.51 11.08 43.28
C ALA A 116 16.26 10.95 44.79
N ALA A 117 15.66 11.98 45.40
CA ALA A 117 15.41 12.00 46.84
C ALA A 117 14.03 11.48 47.20
N SER A 118 13.47 10.58 46.40
CA SER A 118 12.15 10.03 46.67
C SER A 118 12.03 8.69 45.97
N LYS A 119 10.99 7.94 46.34
CA LYS A 119 10.69 6.64 45.75
C LYS A 119 9.60 6.74 44.70
N ARG A 120 9.56 7.85 43.95
CA ARG A 120 8.50 8.06 42.98
C ARG A 120 8.53 7.02 41.87
N LEU A 121 9.72 6.65 41.40
CA LEU A 121 9.83 5.70 40.30
C LEU A 121 9.41 4.29 40.70
N THR A 122 9.41 3.97 41.99
CA THR A 122 9.03 2.65 42.48
C THR A 122 7.58 2.61 42.95
N LEU A 123 6.76 3.57 42.53
CA LEU A 123 5.37 3.64 42.94
C LEU A 123 4.48 2.97 41.89
N SER A 124 3.60 2.08 42.35
CA SER A 124 2.63 1.47 41.46
C SER A 124 1.58 2.51 41.05
N PRO A 125 0.87 2.27 39.95
CA PRO A 125 -0.19 3.21 39.55
C PRO A 125 -1.23 3.42 40.64
N CYS A 126 -1.62 2.36 41.36
CA CYS A 126 -2.52 2.52 42.49
C CYS A 126 -1.86 3.32 43.60
N GLU A 127 -0.59 3.02 43.89
CA GLU A 127 0.12 3.75 44.94
C GLU A 127 0.34 5.21 44.55
N GLN A 128 0.70 5.47 43.29
CA GLN A 128 0.90 6.84 42.86
C GLN A 128 -0.41 7.61 42.80
N GLU A 129 -1.54 6.91 42.62
CA GLU A 129 -2.84 7.55 42.70
C GLU A 129 -3.37 7.66 44.12
N LEU A 130 -2.74 6.97 45.07
CA LEU A 130 -3.19 7.04 46.46
C LEU A 130 -3.04 8.44 47.02
N GLN A 131 -1.91 9.10 46.75
CA GLN A 131 -1.67 10.46 47.20
C GLN A 131 -1.92 11.43 46.05
N ASP A 132 -2.61 12.53 46.34
CA ASP A 132 -2.97 13.51 45.32
C ASP A 132 -1.99 14.69 45.34
N ASP A 133 -0.73 14.39 45.02
CA ASP A 133 0.30 15.42 44.96
C ASP A 133 0.31 16.16 43.63
N ASP A 134 -0.37 15.65 42.61
CA ASP A 134 -0.39 16.25 41.27
C ASP A 134 1.03 16.43 40.73
N PHE A 135 1.89 15.45 41.03
CA PHE A 135 3.29 15.54 40.62
C PHE A 135 3.44 15.43 39.11
N TYR A 136 2.66 14.56 38.47
CA TYR A 136 2.75 14.33 37.04
C TYR A 136 1.75 15.16 36.23
N ALA A 137 0.99 16.04 36.88
CA ALA A 137 0.02 16.85 36.18
C ALA A 137 0.73 17.84 35.25
N TYR A 138 0.25 17.93 34.01
CA TYR A 138 0.81 18.85 33.03
C TYR A 138 0.12 20.20 33.03
N ASP A 139 -0.92 20.37 33.85
CA ASP A 139 -1.61 21.65 34.00
C ASP A 139 -2.39 21.58 35.31
N GLU A 140 -3.28 22.55 35.51
CA GLU A 140 -4.08 22.59 36.73
C GLU A 140 -5.16 21.52 36.78
N ASP A 141 -5.42 20.82 35.68
CA ASP A 141 -6.49 19.81 35.62
C ASP A 141 -6.03 18.65 34.74
N GLY A 142 -5.52 17.60 35.39
CA GLY A 142 -5.21 16.37 34.69
C GLY A 142 -3.74 16.25 34.30
N THR A 143 -3.42 15.12 33.71
CA THR A 143 -2.07 14.77 33.28
C THR A 143 -2.04 14.62 31.76
N ARG A 144 -0.83 14.68 31.21
CA ARG A 144 -0.66 14.52 29.76
C ARG A 144 -1.12 13.14 29.31
N PHE A 145 -0.76 12.10 30.05
CA PHE A 145 -1.19 10.73 29.78
C PHE A 145 -2.17 10.30 30.87
N SER A 146 -2.63 9.06 30.75
CA SER A 146 -3.54 8.52 31.74
C SER A 146 -2.85 8.45 33.10
N PRO A 147 -3.57 8.72 34.19
CA PRO A 147 -2.92 8.73 35.52
C PRO A 147 -2.29 7.40 35.90
N ASP A 148 -2.85 6.28 35.42
CA ASP A 148 -2.30 4.97 35.74
C ASP A 148 -1.00 4.68 34.99
N ILE A 149 -0.62 5.50 34.02
CA ILE A 149 0.59 5.25 33.24
C ILE A 149 1.78 5.79 34.04
N THR A 150 2.63 4.87 34.51
CA THR A 150 3.85 5.22 35.21
C THR A 150 4.97 5.46 34.20
N PRO A 151 6.08 6.07 34.63
CA PRO A 151 7.21 6.23 33.70
C PRO A 151 7.70 4.92 33.09
N ILE A 152 7.72 3.83 33.86
CA ILE A 152 8.16 2.55 33.31
C ILE A 152 7.14 2.01 32.32
N ILE A 153 5.85 2.18 32.62
CA ILE A 153 4.80 1.75 31.69
C ILE A 153 4.87 2.57 30.41
N LEU A 154 5.06 3.89 30.54
CA LEU A 154 5.18 4.74 29.36
C LEU A 154 6.40 4.39 28.53
N ALA A 155 7.52 4.09 29.19
CA ALA A 155 8.73 3.69 28.47
C ALA A 155 8.50 2.38 27.72
N ALA A 156 7.81 1.44 28.35
CA ALA A 156 7.48 0.19 27.67
C ALA A 156 6.54 0.44 26.49
N HIS A 157 5.57 1.34 26.65
CA HIS A 157 4.64 1.64 25.56
C HIS A 157 5.37 2.19 24.35
N CYS A 158 6.36 3.05 24.57
CA CYS A 158 7.09 3.69 23.48
C CYS A 158 8.29 2.88 23.03
N GLN A 159 8.51 1.69 23.59
CA GLN A 159 9.60 0.80 23.19
C GLN A 159 10.96 1.48 23.29
N LYS A 160 11.15 2.25 24.35
CA LYS A 160 12.42 2.93 24.61
C LYS A 160 13.29 2.01 25.46
N TYR A 161 14.14 1.23 24.78
CA TYR A 161 14.91 0.20 25.47
C TYR A 161 15.85 0.79 26.52
N GLU A 162 16.57 1.86 26.15
CA GLU A 162 17.48 2.49 27.10
C GLU A 162 16.73 3.08 28.29
N VAL A 163 15.58 3.72 28.03
CA VAL A 163 14.78 4.29 29.12
C VAL A 163 14.22 3.19 30.00
N VAL A 164 13.76 2.09 29.38
CA VAL A 164 13.24 0.97 30.16
C VAL A 164 14.33 0.40 31.05
N HIS A 165 15.53 0.21 30.51
CA HIS A 165 16.64 -0.30 31.31
C HIS A 165 16.99 0.67 32.44
N MET A 166 16.99 1.97 32.14
CA MET A 166 17.29 2.97 33.16
C MET A 166 16.30 2.90 34.31
N LEU A 167 15.01 2.80 33.99
CA LEU A 167 13.99 2.75 35.03
C LEU A 167 14.03 1.43 35.78
N LEU A 168 14.40 0.33 35.11
CA LEU A 168 14.56 -0.95 35.79
C LEU A 168 15.71 -0.89 36.80
N MET A 169 16.80 -0.21 36.43
CA MET A 169 17.91 -0.04 37.37
C MET A 169 17.48 0.75 38.61
N LYS A 170 16.52 1.65 38.46
CA LYS A 170 16.04 2.45 39.57
C LYS A 170 14.97 1.74 40.39
N GLY A 171 14.60 0.52 40.02
CA GLY A 171 13.62 -0.25 40.76
C GLY A 171 12.22 -0.21 40.21
N ALA A 172 11.98 0.51 39.12
CA ALA A 172 10.64 0.58 38.54
C ALA A 172 10.26 -0.74 37.89
N ARG A 173 9.06 -1.22 38.20
CA ARG A 173 8.52 -2.43 37.61
C ARG A 173 7.06 -2.19 37.24
N ILE A 174 6.58 -2.96 36.27
CA ILE A 174 5.18 -2.92 35.88
C ILE A 174 4.44 -4.00 36.67
N GLU A 175 3.49 -3.57 37.50
CA GLU A 175 2.72 -4.51 38.30
C GLU A 175 1.76 -5.30 37.41
N ARG A 176 1.76 -6.60 37.57
CA ARG A 176 0.85 -7.45 36.81
C ARG A 176 -0.58 -7.18 37.23
N PRO A 177 -1.49 -6.89 36.30
CA PRO A 177 -2.89 -6.69 36.69
C PRO A 177 -3.48 -7.97 37.27
N HIS A 178 -4.41 -7.80 38.20
CA HIS A 178 -5.09 -8.94 38.79
C HIS A 178 -5.96 -9.63 37.75
N ASP A 179 -6.46 -10.81 38.12
CA ASP A 179 -7.37 -11.53 37.25
C ASP A 179 -8.65 -10.72 37.03
N TYR A 180 -9.26 -10.92 35.86
CA TYR A 180 -10.49 -10.19 35.56
C TYR A 180 -11.59 -10.51 36.56
N PHE A 181 -11.57 -11.71 37.14
CA PHE A 181 -12.55 -12.13 38.13
C PHE A 181 -11.99 -12.08 39.55
N CYS A 182 -10.93 -11.30 39.77
CA CYS A 182 -10.38 -11.16 41.11
C CYS A 182 -11.38 -10.46 42.03
N LYS A 183 -11.50 -10.97 43.25
CA LYS A 183 -12.46 -10.46 44.22
C LYS A 183 -11.79 -9.67 45.34
N CYS A 184 -10.56 -9.22 45.15
CA CYS A 184 -9.89 -8.44 46.16
C CYS A 184 -10.56 -7.08 46.32
N GLY A 185 -10.34 -6.47 47.48
CA GLY A 185 -11.01 -5.22 47.80
C GLY A 185 -10.67 -4.10 46.83
N ASP A 186 -9.40 -4.02 46.41
CA ASP A 186 -9.00 -2.98 45.47
C ASP A 186 -9.70 -3.13 44.13
N CYS A 187 -9.79 -4.36 43.62
CA CYS A 187 -10.44 -4.58 42.33
C CYS A 187 -11.93 -4.25 42.39
N MET A 188 -12.61 -4.68 43.47
CA MET A 188 -14.02 -4.38 43.60
C MET A 188 -14.26 -2.87 43.75
N GLU A 189 -13.41 -2.18 44.52
CA GLU A 189 -13.58 -0.75 44.68
C GLU A 189 -13.32 -0.01 43.36
N LYS A 190 -12.36 -0.49 42.57
CA LYS A 190 -12.10 0.14 41.28
C LYS A 190 -13.24 -0.11 40.31
N GLN A 191 -13.78 -1.34 40.31
CA GLN A 191 -14.90 -1.65 39.42
C GLN A 191 -16.15 -0.85 39.80
N ARG A 192 -16.43 -0.72 41.08
CA ARG A 192 -17.62 0.01 41.53
C ARG A 192 -17.45 1.52 41.39
N HIS A 193 -16.22 2.03 41.41
CA HIS A 193 -16.02 3.46 41.23
C HIS A 193 -16.05 3.84 39.76
N ASP A 194 -15.18 3.22 38.95
CA ASP A 194 -15.12 3.51 37.52
C ASP A 194 -14.67 2.24 36.81
N SER A 195 -15.63 1.48 36.29
CA SER A 195 -15.30 0.26 35.56
C SER A 195 -14.53 0.56 34.28
N PHE A 196 -14.90 1.63 33.57
CA PHE A 196 -14.19 1.99 32.35
C PHE A 196 -12.74 2.35 32.65
N SER A 197 -12.50 3.13 33.70
CA SER A 197 -11.14 3.48 34.07
C SER A 197 -10.36 2.25 34.50
N HIS A 198 -11.01 1.32 35.20
CA HIS A 198 -10.35 0.07 35.59
C HIS A 198 -9.94 -0.73 34.36
N SER A 199 -10.82 -0.83 33.36
CA SER A 199 -10.48 -1.56 32.14
C SER A 199 -9.35 -0.87 31.39
N ARG A 200 -9.38 0.46 31.30
CA ARG A 200 -8.33 1.18 30.60
C ARG A 200 -6.99 1.02 31.33
N SER A 201 -7.00 1.08 32.65
CA SER A 201 -5.77 0.89 33.41
C SER A 201 -5.21 -0.51 33.22
N ARG A 202 -6.06 -1.52 33.21
CA ARG A 202 -5.61 -2.88 32.97
C ARG A 202 -5.01 -3.01 31.56
N ILE A 203 -5.65 -2.39 30.57
CA ILE A 203 -5.13 -2.44 29.20
C ILE A 203 -3.77 -1.76 29.12
N ASN A 204 -3.62 -0.61 29.79
CA ASN A 204 -2.34 0.10 29.76
C ASN A 204 -1.24 -0.72 30.41
N ALA A 205 -1.54 -1.35 31.55
CA ALA A 205 -0.54 -2.19 32.22
C ALA A 205 -0.14 -3.36 31.34
N TYR A 206 -1.12 -4.01 30.71
CA TYR A 206 -0.80 -5.14 29.83
C TYR A 206 -0.05 -4.68 28.58
N LYS A 207 -0.36 -3.49 28.07
CA LYS A 207 0.39 -2.95 26.94
C LYS A 207 1.85 -2.74 27.32
N GLY A 208 2.10 -2.30 28.55
CA GLY A 208 3.48 -2.22 29.01
C GLY A 208 4.12 -3.59 29.15
N LEU A 209 3.39 -4.55 29.70
CA LEU A 209 3.94 -5.90 29.89
C LEU A 209 4.19 -6.58 28.55
N ALA A 210 3.27 -6.43 27.60
CA ALA A 210 3.41 -7.05 26.28
C ALA A 210 4.47 -6.39 25.42
N SER A 211 5.03 -5.26 25.86
CA SER A 211 6.05 -4.57 25.08
C SER A 211 7.30 -5.44 24.97
N PRO A 212 7.85 -5.61 23.77
CA PRO A 212 9.10 -6.38 23.65
C PRO A 212 10.26 -5.81 24.44
N ALA A 213 10.31 -4.48 24.61
CA ALA A 213 11.38 -3.87 25.40
C ALA A 213 11.30 -4.33 26.86
N TYR A 214 10.13 -4.22 27.47
CA TYR A 214 9.97 -4.67 28.85
C TYR A 214 10.12 -6.18 28.96
N LEU A 215 9.59 -6.92 27.98
CA LEU A 215 9.70 -8.37 28.00
C LEU A 215 11.16 -8.82 27.98
N SER A 216 11.97 -8.19 27.11
CA SER A 216 13.36 -8.61 26.97
C SER A 216 14.22 -8.15 28.13
N LEU A 217 13.89 -7.01 28.77
CA LEU A 217 14.74 -6.44 29.78
C LEU A 217 14.33 -6.75 31.21
N SER A 218 13.12 -7.29 31.42
CA SER A 218 12.64 -7.51 32.78
C SER A 218 12.48 -8.98 33.17
N SER A 219 12.42 -9.89 32.20
CA SER A 219 12.21 -11.30 32.47
C SER A 219 13.48 -12.09 32.23
N GLU A 220 13.83 -12.97 33.17
CA GLU A 220 14.97 -13.86 32.98
C GLU A 220 14.73 -14.86 31.86
N ASP A 221 13.47 -15.20 31.60
CA ASP A 221 13.08 -16.08 30.50
C ASP A 221 12.03 -15.36 29.69
N PRO A 222 12.43 -14.41 28.84
CA PRO A 222 11.44 -13.61 28.10
C PRO A 222 10.55 -14.43 27.18
N VAL A 223 11.06 -15.53 26.61
CA VAL A 223 10.26 -16.33 25.69
C VAL A 223 9.09 -16.97 26.43
N LEU A 224 9.36 -17.59 27.57
CA LEU A 224 8.28 -18.20 28.35
C LEU A 224 7.31 -17.15 28.87
N THR A 225 7.83 -16.01 29.33
CA THR A 225 6.97 -14.94 29.82
C THR A 225 6.05 -14.42 28.73
N ALA A 226 6.60 -14.24 27.52
CA ALA A 226 5.78 -13.75 26.42
C ALA A 226 4.75 -14.77 25.97
N LEU A 227 5.10 -16.06 26.02
CA LEU A 227 4.13 -17.10 25.65
C LEU A 227 2.96 -17.11 26.62
N GLU A 228 3.24 -17.10 27.93
CA GLU A 228 2.18 -17.07 28.93
C GLU A 228 1.37 -15.78 28.81
N LEU A 229 2.05 -14.66 28.58
CA LEU A 229 1.34 -13.38 28.44
C LEU A 229 0.44 -13.39 27.21
N SER A 230 0.89 -13.98 26.12
CA SER A 230 0.07 -14.07 24.92
C SER A 230 -1.20 -14.88 25.18
N ASN A 231 -1.06 -16.01 25.89
CA ASN A 231 -2.24 -16.81 26.23
C ASN A 231 -3.19 -16.03 27.13
N GLU A 232 -2.65 -15.34 28.13
CA GLU A 232 -3.49 -14.57 29.03
C GLU A 232 -4.21 -13.44 28.30
N LEU A 233 -3.51 -12.77 27.39
CA LEU A 233 -4.12 -11.67 26.64
C LEU A 233 -5.21 -12.19 25.70
N ALA A 234 -5.00 -13.36 25.09
CA ALA A 234 -6.04 -13.95 24.25
C ALA A 234 -7.29 -14.28 25.08
N LYS A 235 -7.09 -14.83 26.28
CA LYS A 235 -8.22 -15.11 27.15
C LYS A 235 -8.95 -13.83 27.53
N LEU A 236 -8.21 -12.76 27.84
CA LEU A 236 -8.83 -11.49 28.18
C LEU A 236 -9.58 -10.91 26.99
N ALA A 237 -9.05 -11.11 25.77
CA ALA A 237 -9.78 -10.68 24.59
C ALA A 237 -11.11 -11.41 24.47
N ASN A 238 -11.13 -12.70 24.83
CA ASN A 238 -12.38 -13.44 24.86
C ASN A 238 -13.33 -12.90 25.92
N ILE A 239 -12.79 -12.49 27.07
CA ILE A 239 -13.63 -12.03 28.17
C ILE A 239 -14.09 -10.59 27.95
N GLU A 240 -13.14 -9.66 27.87
CA GLU A 240 -13.46 -8.24 27.68
C GLU A 240 -13.73 -8.01 26.20
N LYS A 241 -15.01 -8.13 25.83
CA LYS A 241 -15.38 -8.12 24.42
C LYS A 241 -15.27 -6.72 23.83
N GLU A 242 -15.58 -5.68 24.62
CA GLU A 242 -15.55 -4.32 24.09
C GLU A 242 -14.15 -3.91 23.67
N PHE A 243 -13.14 -4.26 24.47
CA PHE A 243 -11.74 -3.96 24.15
C PHE A 243 -11.03 -5.17 23.57
N LYS A 244 -11.73 -5.99 22.79
CA LYS A 244 -11.15 -7.21 22.24
C LYS A 244 -9.98 -6.91 21.31
N ASN A 245 -10.12 -5.86 20.48
CA ASN A 245 -9.08 -5.57 19.50
C ASN A 245 -7.75 -5.22 20.17
N ASP A 246 -7.80 -4.45 21.26
CA ASP A 246 -6.58 -4.09 21.98
C ASP A 246 -5.88 -5.32 22.54
N TYR A 247 -6.64 -6.23 23.15
CA TYR A 247 -6.05 -7.42 23.74
C TYR A 247 -5.48 -8.34 22.67
N ARG A 248 -6.17 -8.47 21.53
CA ARG A 248 -5.62 -9.27 20.43
C ARG A 248 -4.33 -8.64 19.90
N LYS A 249 -4.29 -7.32 19.79
CA LYS A 249 -3.06 -6.66 19.34
C LYS A 249 -1.90 -6.94 20.29
N LEU A 250 -2.15 -6.88 21.60
CA LEU A 250 -1.10 -7.19 22.56
C LEU A 250 -0.67 -8.65 22.49
N SER A 251 -1.63 -9.56 22.29
CA SER A 251 -1.29 -10.97 22.14
C SER A 251 -0.43 -11.21 20.91
N MET A 252 -0.78 -10.55 19.80
CA MET A 252 0.06 -10.65 18.61
C MET A 252 1.44 -10.05 18.84
N GLN A 253 1.53 -9.02 19.69
CA GLN A 253 2.84 -8.45 20.03
C GLN A 253 3.71 -9.48 20.73
N CYS A 254 3.14 -10.20 21.70
CA CYS A 254 3.90 -11.24 22.40
C CYS A 254 4.33 -12.35 21.44
N LYS A 255 3.43 -12.76 20.55
CA LYS A 255 3.78 -13.79 19.57
C LYS A 255 4.89 -13.31 18.65
N ASP A 256 4.82 -12.06 18.21
CA ASP A 256 5.88 -11.51 17.37
C ASP A 256 7.21 -11.48 18.10
N PHE A 257 7.17 -11.22 19.41
CA PHE A 257 8.41 -11.20 20.19
C PHE A 257 9.08 -12.57 20.20
N VAL A 258 8.32 -13.63 20.51
CA VAL A 258 8.92 -14.96 20.57
C VAL A 258 9.38 -15.40 19.18
N VAL A 259 8.63 -15.01 18.14
CA VAL A 259 9.05 -15.35 16.78
C VAL A 259 10.35 -14.67 16.43
N GLY A 260 10.50 -13.40 16.80
CA GLY A 260 11.75 -12.69 16.54
C GLY A 260 12.93 -13.30 17.27
N VAL A 261 12.71 -13.71 18.53
CA VAL A 261 13.79 -14.33 19.30
C VAL A 261 14.22 -15.63 18.64
N LEU A 262 13.26 -16.46 18.20
CA LEU A 262 13.61 -17.67 17.49
C LEU A 262 14.28 -17.37 16.16
N ASP A 263 13.85 -16.29 15.50
CA ASP A 263 14.43 -15.92 14.22
C ASP A 263 15.90 -15.54 14.35
N LEU A 264 16.33 -15.11 15.52
CA LEU A 264 17.71 -14.68 15.72
C LEU A 264 18.65 -15.81 16.13
N CYS A 265 18.17 -17.04 16.21
CA CYS A 265 19.04 -18.16 16.54
C CYS A 265 19.99 -18.46 15.39
N ARG A 266 21.23 -18.80 15.73
CA ARG A 266 22.28 -19.02 14.74
C ARG A 266 22.76 -20.46 14.67
N ASP A 267 22.96 -21.11 15.81
CA ASP A 267 23.42 -22.49 15.85
C ASP A 267 22.35 -23.38 16.49
N SER A 268 22.65 -24.68 16.56
CA SER A 268 21.68 -25.64 17.10
C SER A 268 21.46 -25.42 18.59
N GLU A 269 22.49 -25.00 19.32
CA GLU A 269 22.34 -24.83 20.77
C GLU A 269 21.31 -23.76 21.10
N GLU A 270 21.35 -22.62 20.39
CA GLU A 270 20.36 -21.57 20.62
C GLU A 270 18.96 -22.05 20.25
N VAL A 271 18.85 -22.80 19.15
CA VAL A 271 17.54 -23.33 18.74
C VAL A 271 17.00 -24.28 19.80
N GLU A 272 17.86 -25.16 20.33
CA GLU A 272 17.42 -26.10 21.35
C GLU A 272 17.00 -25.36 22.62
N ALA A 273 17.72 -24.31 22.99
CA ALA A 273 17.36 -23.52 24.16
C ALA A 273 16.00 -22.87 23.98
N ILE A 274 15.74 -22.34 22.78
CA ILE A 274 14.45 -21.68 22.54
C ILE A 274 13.32 -22.70 22.47
N LEU A 275 13.53 -23.83 21.78
CA LEU A 275 12.45 -24.78 21.55
C LEU A 275 12.18 -25.66 22.76
N ASN A 276 13.19 -25.95 23.59
CA ASN A 276 13.02 -26.87 24.70
C ASN A 276 12.92 -26.19 26.06
N GLY A 277 13.39 -24.94 26.19
CA GLY A 277 13.30 -24.22 27.43
C GLY A 277 14.45 -24.44 28.39
N ASP A 278 15.37 -25.34 28.08
CA ASP A 278 16.56 -25.57 28.89
C ASP A 278 17.54 -26.41 28.08
N LEU A 279 18.71 -26.65 28.65
CA LEU A 279 19.74 -27.43 27.98
C LEU A 279 19.96 -28.78 28.69
N ALA A 292 15.19 -33.65 23.72
CA ALA A 292 14.31 -32.97 22.79
C ALA A 292 12.87 -32.99 23.28
N SER A 293 12.62 -32.34 24.41
CA SER A 293 11.27 -32.29 24.96
C SER A 293 10.35 -31.43 24.10
N LEU A 294 10.89 -30.38 23.48
CA LEU A 294 10.11 -29.43 22.69
C LEU A 294 8.96 -28.85 23.49
N SER A 295 9.23 -28.53 24.76
CA SER A 295 8.20 -28.01 25.64
C SER A 295 7.67 -26.67 25.14
N ARG A 296 8.57 -25.80 24.66
CA ARG A 296 8.13 -24.51 24.15
C ARG A 296 7.39 -24.66 22.82
N VAL A 297 7.76 -25.64 22.00
CA VAL A 297 7.03 -25.92 20.78
C VAL A 297 5.60 -26.39 21.10
N LYS A 298 5.48 -27.28 22.08
CA LYS A 298 4.16 -27.74 22.50
C LYS A 298 3.35 -26.60 23.09
N LEU A 299 3.99 -25.74 23.87
CA LEU A 299 3.29 -24.58 24.43
C LEU A 299 2.83 -23.63 23.33
N ALA A 300 3.66 -23.43 22.30
CA ALA A 300 3.27 -22.59 21.18
C ALA A 300 2.10 -23.19 20.41
N ILE A 301 2.08 -24.51 20.27
CA ILE A 301 0.94 -25.17 19.63
C ILE A 301 -0.31 -25.00 20.48
N LYS A 302 -0.18 -25.19 21.80
CA LYS A 302 -1.33 -25.01 22.69
C LYS A 302 -1.84 -23.57 22.67
N TYR A 303 -0.92 -22.61 22.65
CA TYR A 303 -1.27 -21.21 22.62
C TYR A 303 -1.46 -20.67 21.21
N GLU A 304 -1.38 -21.55 20.20
CA GLU A 304 -1.65 -21.20 18.82
C GLU A 304 -0.70 -20.12 18.31
N VAL A 305 0.57 -20.22 18.71
CA VAL A 305 1.62 -19.33 18.20
C VAL A 305 2.14 -20.00 16.92
N LYS A 306 1.43 -19.76 15.82
CA LYS A 306 1.68 -20.51 14.59
C LYS A 306 3.01 -20.13 13.97
N LYS A 307 3.33 -18.84 13.92
CA LYS A 307 4.58 -18.41 13.30
C LYS A 307 5.81 -18.89 14.06
N PHE A 308 5.67 -19.24 15.34
CA PHE A 308 6.78 -19.79 16.09
C PHE A 308 7.14 -21.19 15.61
N VAL A 309 6.12 -22.05 15.45
CA VAL A 309 6.39 -23.42 15.01
C VAL A 309 6.57 -23.48 13.50
N ALA A 310 6.00 -22.54 12.76
CA ALA A 310 6.16 -22.50 11.31
C ALA A 310 7.45 -21.83 10.88
N HIS A 311 8.20 -21.26 11.80
CA HIS A 311 9.47 -20.64 11.45
C HIS A 311 10.45 -21.71 10.98
N PRO A 312 11.27 -21.42 9.96
CA PRO A 312 12.22 -22.42 9.47
C PRO A 312 13.20 -22.90 10.54
N ASN A 313 13.55 -22.04 11.50
CA ASN A 313 14.46 -22.46 12.57
C ASN A 313 13.85 -23.59 13.40
N CYS A 314 12.55 -23.49 13.70
CA CYS A 314 11.87 -24.57 14.40
C CYS A 314 11.58 -25.73 13.46
N GLN A 315 11.28 -25.43 12.19
CA GLN A 315 10.91 -26.47 11.24
C GLN A 315 12.06 -27.43 10.98
N GLN A 316 13.29 -26.91 10.86
CA GLN A 316 14.43 -27.78 10.58
C GLN A 316 14.68 -28.76 11.72
N GLN A 317 14.53 -28.30 12.96
CA GLN A 317 14.65 -29.22 14.10
C GLN A 317 13.53 -30.25 14.10
N LEU A 318 12.32 -29.82 13.76
CA LEU A 318 11.20 -30.76 13.66
C LEU A 318 11.46 -31.80 12.58
N LEU A 319 12.04 -31.39 11.45
CA LEU A 319 12.40 -32.34 10.40
C LEU A 319 13.47 -33.31 10.88
N THR A 320 14.44 -32.82 11.66
CA THR A 320 15.48 -33.69 12.17
C THR A 320 14.90 -34.79 13.05
N ILE A 321 13.96 -34.43 13.93
CA ILE A 321 13.30 -35.45 14.75
C ILE A 321 12.39 -36.31 13.88
N TRP A 322 11.75 -35.70 12.89
CA TRP A 322 10.81 -36.42 12.03
C TRP A 322 11.50 -37.53 11.25
N TYR A 323 12.68 -37.24 10.70
CA TYR A 323 13.44 -38.20 9.89
C TYR A 323 14.56 -38.85 10.67
N GLU A 324 14.38 -39.07 11.96
CA GLU A 324 15.41 -39.72 12.76
C GLU A 324 15.65 -41.14 12.26
N ASN A 325 16.92 -41.56 12.28
CA ASN A 325 17.35 -42.88 11.82
C ASN A 325 17.00 -43.14 10.35
N LEU A 326 16.73 -42.08 9.59
CA LEU A 326 16.45 -42.18 8.15
C LEU A 326 17.24 -41.15 7.38
N SER A 327 18.54 -41.07 7.68
CA SER A 327 19.43 -40.15 6.97
C SER A 327 19.56 -40.62 5.52
N GLY A 328 19.05 -39.82 4.59
CA GLY A 328 19.04 -40.20 3.19
C GLY A 328 17.64 -40.31 2.64
N LEU A 329 16.72 -40.87 3.42
CA LEU A 329 15.33 -40.96 3.00
C LEU A 329 14.69 -39.57 2.92
N ARG A 330 15.20 -38.61 3.68
CA ARG A 330 14.65 -37.26 3.65
C ARG A 330 14.82 -36.62 2.28
N GLU A 331 15.99 -36.82 1.65
CA GLU A 331 16.29 -36.20 0.38
C GLU A 331 15.58 -36.85 -0.81
N GLN A 332 14.94 -38.01 -0.61
CA GLN A 332 14.27 -38.68 -1.70
C GLN A 332 13.03 -37.91 -2.14
N THR A 333 12.57 -38.19 -3.36
CA THR A 333 11.44 -37.50 -3.94
C THR A 333 10.13 -38.03 -3.34
N ILE A 334 9.02 -37.41 -3.77
CA ILE A 334 7.70 -37.84 -3.30
C ILE A 334 7.37 -39.23 -3.82
N ALA A 335 7.79 -39.55 -5.05
CA ALA A 335 7.50 -40.87 -5.62
C ALA A 335 8.17 -41.96 -4.81
N ILE A 336 9.41 -41.75 -4.37
CA ILE A 336 10.10 -42.74 -3.57
C ILE A 336 9.38 -42.96 -2.24
N LYS A 337 8.94 -41.87 -1.60
CA LYS A 337 8.22 -42.00 -0.34
C LYS A 337 6.88 -42.71 -0.54
N CYS A 338 6.19 -42.43 -1.65
CA CYS A 338 4.95 -43.14 -1.94
C CYS A 338 5.20 -44.62 -2.16
N LEU A 339 6.28 -44.97 -2.86
CA LEU A 339 6.63 -46.38 -3.02
C LEU A 339 6.96 -47.02 -1.67
N VAL A 340 7.61 -46.26 -0.79
CA VAL A 340 7.91 -46.77 0.55
C VAL A 340 6.61 -47.06 1.30
N VAL A 341 5.64 -46.16 1.20
CA VAL A 341 4.34 -46.39 1.83
C VAL A 341 3.68 -47.64 1.24
N LEU A 342 3.76 -47.80 -0.08
CA LEU A 342 3.12 -48.95 -0.72
C LEU A 342 3.76 -50.26 -0.27
N VAL A 343 5.10 -50.32 -0.23
CA VAL A 343 5.76 -51.56 0.17
C VAL A 343 5.56 -51.81 1.67
N VAL A 344 5.43 -50.75 2.47
CA VAL A 344 5.10 -50.93 3.88
C VAL A 344 3.71 -51.54 4.02
N ALA A 345 2.75 -51.06 3.23
CA ALA A 345 1.41 -51.62 3.26
C ALA A 345 1.42 -53.10 2.84
N LEU A 346 2.18 -53.43 1.79
CA LEU A 346 2.26 -54.81 1.35
C LEU A 346 2.91 -55.70 2.40
N GLY A 347 3.96 -55.21 3.05
CA GLY A 347 4.69 -56.00 4.02
C GLY A 347 4.43 -55.62 5.47
N LEU A 348 3.26 -55.03 5.73
CA LEU A 348 2.95 -54.62 7.10
C LEU A 348 2.92 -55.78 8.08
N PRO A 349 2.27 -56.92 7.81
CA PRO A 349 2.37 -58.04 8.77
C PRO A 349 3.79 -58.52 9.00
N PHE A 350 4.62 -58.52 7.96
CA PHE A 350 6.02 -58.92 8.13
C PHE A 350 6.76 -57.93 9.03
N LEU A 351 6.52 -56.63 8.84
CA LEU A 351 7.15 -55.64 9.69
C LEU A 351 6.69 -55.76 11.13
N ALA A 352 5.40 -56.03 11.35
CA ALA A 352 4.90 -56.22 12.69
C ALA A 352 5.53 -57.43 13.36
N ILE A 353 5.66 -58.54 12.62
CA ILE A 353 6.28 -59.74 13.17
C ILE A 353 7.74 -59.46 13.51
N GLY A 354 8.46 -58.80 12.60
CA GLY A 354 9.86 -58.48 12.86
C GLY A 354 10.04 -57.56 14.06
N TYR A 355 9.14 -56.58 14.21
CA TYR A 355 9.20 -55.70 15.37
C TYR A 355 8.91 -56.47 16.66
N TRP A 356 7.97 -57.41 16.62
CA TRP A 356 7.66 -58.19 17.82
C TRP A 356 8.83 -59.08 18.22
N ILE A 357 9.41 -59.81 17.26
CA ILE A 357 10.49 -60.72 17.60
C ILE A 357 11.76 -59.96 17.97
N ALA A 358 12.05 -58.87 17.27
CA ALA A 358 13.28 -58.10 17.46
C ALA A 358 12.93 -56.63 17.65
N PRO A 359 12.46 -56.25 18.84
CA PRO A 359 12.19 -54.83 19.09
C PRO A 359 13.42 -53.94 18.97
N CYS A 360 14.60 -54.44 19.33
CA CYS A 360 15.83 -53.67 19.30
C CYS A 360 16.71 -54.23 18.18
N SER A 361 16.66 -53.58 17.02
CA SER A 361 17.45 -53.98 15.85
C SER A 361 17.38 -52.82 14.86
N ARG A 362 17.95 -53.03 13.67
CA ARG A 362 17.85 -52.02 12.62
C ARG A 362 16.40 -51.81 12.20
N LEU A 363 15.64 -52.90 12.08
CA LEU A 363 14.22 -52.77 11.76
C LEU A 363 13.46 -52.04 12.86
N GLY A 364 13.76 -52.36 14.12
CA GLY A 364 13.11 -51.66 15.23
C GLY A 364 13.47 -50.19 15.28
N LYS A 365 14.75 -49.88 15.03
CA LYS A 365 15.18 -48.48 15.01
C LYS A 365 14.49 -47.71 13.89
N ILE A 366 14.37 -48.31 12.71
CA ILE A 366 13.70 -47.66 11.59
C ILE A 366 12.22 -47.47 11.90
N LEU A 367 11.57 -48.49 12.44
CA LEU A 367 10.13 -48.42 12.70
C LEU A 367 9.79 -47.36 13.73
N ARG A 368 10.67 -47.15 14.72
CA ARG A 368 10.42 -46.15 15.76
C ARG A 368 10.55 -44.72 15.25
N SER A 369 11.05 -44.52 14.04
CA SER A 369 11.15 -43.17 13.49
C SER A 369 9.75 -42.59 13.30
N PRO A 370 9.52 -41.33 13.70
CA PRO A 370 8.17 -40.77 13.59
C PRO A 370 7.62 -40.78 12.17
N PHE A 371 8.47 -40.54 11.17
CA PHE A 371 8.03 -40.63 9.79
C PHE A 371 7.60 -42.04 9.45
N MET A 372 8.35 -43.05 9.92
CA MET A 372 7.98 -44.44 9.65
C MET A 372 6.71 -44.83 10.39
N LYS A 373 6.51 -44.34 11.61
CA LYS A 373 5.27 -44.60 12.32
C LYS A 373 4.08 -44.00 11.59
N PHE A 374 4.23 -42.77 11.10
CA PHE A 374 3.17 -42.14 10.33
C PHE A 374 2.91 -42.89 9.02
N VAL A 375 3.98 -43.35 8.37
CA VAL A 375 3.84 -44.13 7.14
C VAL A 375 3.11 -45.43 7.43
N ALA A 376 3.45 -46.10 8.52
CA ALA A 376 2.78 -47.34 8.88
C ALA A 376 1.31 -47.11 9.18
N HIS A 377 0.98 -46.02 9.89
CA HIS A 377 -0.42 -45.73 10.18
C HIS A 377 -1.19 -45.44 8.90
N ALA A 378 -0.62 -44.63 8.00
CA ALA A 378 -1.28 -44.36 6.72
C ALA A 378 -1.46 -45.62 5.91
N ALA A 379 -0.42 -46.46 5.85
CA ALA A 379 -0.52 -47.71 5.10
C ALA A 379 -1.58 -48.64 5.70
N SER A 380 -1.66 -48.68 7.04
CA SER A 380 -2.67 -49.51 7.68
C SER A 380 -4.07 -49.05 7.32
N PHE A 381 -4.31 -47.74 7.29
CA PHE A 381 -5.63 -47.26 6.91
C PHE A 381 -5.91 -47.47 5.43
N ILE A 382 -4.89 -47.39 4.58
CA ILE A 382 -5.09 -47.72 3.17
C ILE A 382 -5.48 -49.18 3.02
N ILE A 383 -4.88 -50.06 3.82
CA ILE A 383 -5.27 -51.46 3.82
C ILE A 383 -6.72 -51.60 4.27
N PHE A 384 -7.12 -50.82 5.26
CA PHE A 384 -8.51 -50.86 5.73
C PHE A 384 -9.48 -50.42 4.63
N LEU A 385 -9.14 -49.34 3.91
CA LEU A 385 -9.98 -48.90 2.81
C LEU A 385 -10.04 -49.94 1.71
N GLY A 386 -8.89 -50.55 1.39
CA GLY A 386 -8.89 -51.63 0.42
C GLY A 386 -9.72 -52.82 0.87
N LEU A 387 -9.73 -53.10 2.17
CA LEU A 387 -10.57 -54.16 2.70
C LEU A 387 -12.05 -53.84 2.51
N LEU A 388 -12.44 -52.59 2.75
CA LEU A 388 -13.82 -52.20 2.53
C LEU A 388 -14.21 -52.34 1.06
N VAL A 389 -13.32 -51.94 0.15
CA VAL A 389 -13.61 -52.09 -1.27
C VAL A 389 -13.67 -53.56 -1.67
N PHE A 390 -12.72 -54.36 -1.18
CA PHE A 390 -12.69 -55.77 -1.52
C PHE A 390 -13.89 -56.51 -0.95
N ASN A 391 -14.46 -56.02 0.15
CA ASN A 391 -15.65 -56.66 0.72
C ASN A 391 -16.84 -56.56 -0.23
N ALA A 392 -16.94 -55.47 -0.99
CA ALA A 392 -18.00 -55.28 -1.97
C ALA A 392 -17.55 -55.62 -3.39
N SER A 393 -16.34 -56.13 -3.56
CA SER A 393 -15.84 -56.47 -4.89
C SER A 393 -16.71 -57.50 -5.61
N ASP A 394 -17.47 -58.31 -4.87
CA ASP A 394 -18.31 -59.31 -5.51
C ASP A 394 -19.46 -58.67 -6.29
N ARG A 395 -19.89 -57.47 -5.90
CA ARG A 395 -21.01 -56.79 -6.53
C ARG A 395 -20.58 -55.67 -7.46
N PHE A 396 -19.29 -55.67 -7.88
CA PHE A 396 -18.77 -54.54 -8.64
C PHE A 396 -19.54 -54.34 -9.94
N GLU A 397 -19.82 -55.41 -10.67
CA GLU A 397 -20.59 -55.34 -11.89
C GLU A 397 -22.08 -55.52 -11.65
N GLY A 398 -22.50 -55.63 -10.41
CA GLY A 398 -23.89 -55.81 -10.06
C GLY A 398 -24.18 -57.23 -9.62
N ILE A 399 -25.23 -57.37 -8.81
CA ILE A 399 -25.65 -58.68 -8.34
C ILE A 399 -26.21 -59.49 -9.50
N THR A 400 -25.87 -60.77 -9.55
CA THR A 400 -26.30 -61.65 -10.62
C THR A 400 -27.69 -62.25 -10.39
N THR A 401 -28.29 -62.00 -9.23
CA THR A 401 -29.61 -62.52 -8.91
C THR A 401 -30.54 -61.38 -8.53
N LEU A 402 -31.81 -61.53 -8.88
CA LEU A 402 -32.81 -60.52 -8.59
C LEU A 402 -33.05 -60.43 -7.08
N PRO A 403 -33.35 -59.24 -6.56
CA PRO A 403 -33.56 -59.09 -5.11
C PRO A 403 -34.74 -59.88 -4.58
N ASN A 404 -35.70 -60.25 -5.41
CA ASN A 404 -36.87 -60.99 -4.96
C ASN A 404 -36.70 -62.51 -5.09
N ILE A 405 -35.52 -62.98 -5.48
CA ILE A 405 -35.25 -64.41 -5.68
C ILE A 405 -34.23 -64.84 -4.64
N THR A 406 -34.51 -65.95 -3.96
CA THR A 406 -33.61 -66.51 -2.96
C THR A 406 -32.77 -67.62 -3.59
N VAL A 407 -31.46 -67.48 -3.52
CA VAL A 407 -30.51 -68.48 -3.99
C VAL A 407 -29.67 -68.92 -2.81
N THR A 408 -29.60 -70.24 -2.59
CA THR A 408 -28.87 -70.81 -1.47
C THR A 408 -27.91 -71.89 -1.97
N ASP A 409 -27.17 -72.48 -1.05
CA ASP A 409 -26.21 -73.52 -1.39
C ASP A 409 -26.84 -74.91 -1.32
N TYR A 410 -27.35 -75.28 -0.14
CA TYR A 410 -28.05 -76.55 0.01
C TYR A 410 -29.52 -76.32 0.31
N PRO A 411 -30.41 -77.26 -0.06
CA PRO A 411 -31.84 -77.03 0.12
C PRO A 411 -32.26 -76.77 1.57
N LYS A 412 -31.54 -77.34 2.54
CA LYS A 412 -31.88 -77.18 3.94
C LYS A 412 -31.24 -75.95 4.56
N GLN A 413 -30.88 -74.95 3.76
CA GLN A 413 -30.22 -73.75 4.25
C GLN A 413 -31.20 -72.60 4.36
N ILE A 414 -31.15 -71.88 5.48
CA ILE A 414 -31.92 -70.66 5.63
C ILE A 414 -31.26 -69.56 4.81
N PHE A 415 -32.08 -68.83 4.04
CA PHE A 415 -31.54 -67.79 3.17
C PHE A 415 -30.88 -66.69 3.98
N ARG A 416 -31.48 -66.29 5.09
CA ARG A 416 -30.90 -65.24 5.92
C ARG A 416 -29.56 -65.66 6.51
N VAL A 417 -29.32 -66.97 6.63
CA VAL A 417 -28.03 -67.44 7.14
C VAL A 417 -26.90 -67.03 6.21
N LYS A 418 -27.08 -67.26 4.90
CA LYS A 418 -26.02 -66.90 3.96
C LYS A 418 -25.96 -65.41 3.71
N THR A 419 -27.08 -64.70 3.82
CA THR A 419 -27.03 -63.25 3.65
C THR A 419 -26.36 -62.57 4.84
N THR A 420 -26.52 -63.12 6.05
CA THR A 420 -25.99 -62.48 7.24
C THR A 420 -24.68 -63.08 7.74
N GLN A 421 -24.20 -64.15 7.11
CA GLN A 421 -22.93 -64.75 7.54
C GLN A 421 -21.77 -63.80 7.27
N PHE A 422 -20.80 -63.80 8.17
CA PHE A 422 -19.67 -62.89 8.08
C PHE A 422 -18.56 -63.52 7.26
N THR A 423 -18.07 -62.78 6.27
CA THR A 423 -16.96 -63.25 5.45
C THR A 423 -15.64 -62.99 6.16
N TRP A 424 -14.58 -63.58 5.60
CA TRP A 424 -13.24 -63.37 6.15
C TRP A 424 -12.82 -61.91 6.04
N THR A 425 -13.14 -61.27 4.92
CA THR A 425 -12.87 -59.85 4.78
C THR A 425 -13.64 -59.04 5.80
N GLU A 426 -14.90 -59.41 6.06
CA GLU A 426 -15.68 -58.72 7.07
C GLU A 426 -15.06 -58.88 8.45
N MET A 427 -14.58 -60.08 8.78
CA MET A 427 -13.92 -60.29 10.06
C MET A 427 -12.66 -59.46 10.19
N LEU A 428 -11.89 -59.34 9.10
CA LEU A 428 -10.73 -58.47 9.10
C LEU A 428 -11.13 -57.01 9.31
N ILE A 429 -12.26 -56.61 8.73
CA ILE A 429 -12.76 -55.24 8.92
C ILE A 429 -13.12 -55.01 10.37
N MET A 430 -13.78 -55.99 11.01
CA MET A 430 -14.10 -55.85 12.42
C MET A 430 -12.84 -55.76 13.28
N VAL A 431 -11.82 -56.56 12.94
CA VAL A 431 -10.57 -56.50 13.69
C VAL A 431 -9.93 -55.12 13.55
N TRP A 432 -9.91 -54.58 12.33
CA TRP A 432 -9.38 -53.25 12.11
C TRP A 432 -10.16 -52.21 12.90
N VAL A 433 -11.49 -52.28 12.86
CA VAL A 433 -12.33 -51.31 13.54
C VAL A 433 -12.12 -51.39 15.05
N LEU A 434 -12.02 -52.61 15.59
CA LEU A 434 -11.75 -52.76 17.01
C LEU A 434 -10.39 -52.19 17.39
N GLY A 435 -9.40 -52.35 16.51
CA GLY A 435 -8.10 -51.77 16.77
C GLY A 435 -8.13 -50.26 16.85
N MET A 436 -8.81 -49.62 15.90
CA MET A 436 -8.91 -48.16 15.93
C MET A 436 -9.77 -47.69 17.11
N MET A 437 -10.81 -48.43 17.46
CA MET A 437 -11.58 -48.10 18.66
C MET A 437 -10.71 -48.20 19.91
N TRP A 438 -9.85 -49.21 19.98
CA TRP A 438 -8.96 -49.32 21.14
C TRP A 438 -7.98 -48.16 21.19
N SER A 439 -7.47 -47.74 20.03
CA SER A 439 -6.59 -46.57 20.00
C SER A 439 -7.31 -45.31 20.45
N GLU A 440 -8.54 -45.11 19.96
CA GLU A 440 -9.31 -43.95 20.37
C GLU A 440 -9.65 -43.98 21.85
N CYS A 441 -9.98 -45.18 22.37
CA CYS A 441 -10.25 -45.31 23.80
C CYS A 441 -9.01 -45.03 24.63
N LYS A 442 -7.84 -45.47 24.16
CA LYS A 442 -6.60 -45.17 24.85
C LYS A 442 -6.33 -43.66 24.88
N GLU A 443 -6.56 -42.98 23.75
CA GLU A 443 -6.42 -41.54 23.73
C GLU A 443 -7.41 -40.86 24.67
N LEU A 444 -8.65 -41.34 24.68
CA LEU A 444 -9.67 -40.76 25.55
C LEU A 444 -9.32 -40.93 27.02
N TRP A 445 -8.82 -42.11 27.40
CA TRP A 445 -8.49 -42.36 28.80
C TRP A 445 -7.21 -41.66 29.21
N LEU A 446 -6.25 -41.49 28.30
CA LEU A 446 -4.97 -40.90 28.62
C LEU A 446 -4.93 -39.39 28.39
N GLU A 447 -6.01 -38.79 27.91
CA GLU A 447 -6.02 -37.36 27.64
C GLU A 447 -7.28 -36.66 28.15
N GLY A 448 -8.16 -37.36 28.85
CA GLY A 448 -9.33 -36.74 29.43
C GLY A 448 -10.48 -36.65 28.47
N PRO A 449 -11.68 -37.04 28.92
CA PRO A 449 -12.86 -36.98 28.03
C PRO A 449 -13.20 -35.59 27.54
N ARG A 450 -12.96 -34.55 28.35
CA ARG A 450 -13.34 -33.20 27.95
C ARG A 450 -12.47 -32.68 26.80
N GLU A 451 -11.15 -32.85 26.91
CA GLU A 451 -10.25 -32.37 25.87
C GLU A 451 -10.32 -33.22 24.60
N TYR A 452 -10.73 -34.48 24.72
CA TYR A 452 -10.81 -35.35 23.55
C TYR A 452 -11.82 -34.82 22.54
N ILE A 453 -12.97 -34.33 23.02
CA ILE A 453 -14.01 -33.82 22.13
C ILE A 453 -13.63 -32.50 21.46
N LEU A 454 -12.58 -31.83 21.94
CA LEU A 454 -12.18 -30.56 21.35
C LEU A 454 -11.73 -30.72 19.91
N GLN A 455 -10.93 -31.74 19.63
CA GLN A 455 -10.44 -31.96 18.28
C GLN A 455 -11.54 -32.54 17.41
N LEU A 456 -11.72 -31.95 16.22
CA LEU A 456 -12.72 -32.46 15.29
C LEU A 456 -12.35 -33.85 14.79
N TRP A 457 -11.05 -34.13 14.63
CA TRP A 457 -10.63 -35.44 14.14
C TRP A 457 -10.99 -36.55 15.11
N ASN A 458 -10.80 -36.30 16.41
CA ASN A 458 -11.08 -37.34 17.41
C ASN A 458 -12.57 -37.68 17.45
N VAL A 459 -13.43 -36.66 17.47
CA VAL A 459 -14.87 -36.92 17.54
C VAL A 459 -15.36 -37.55 16.24
N LEU A 460 -14.83 -37.11 15.09
CA LEU A 460 -15.22 -37.72 13.83
C LEU A 460 -14.78 -39.19 13.77
N ASP A 461 -13.57 -39.49 14.24
CA ASP A 461 -13.11 -40.87 14.27
C ASP A 461 -13.97 -41.72 15.21
N PHE A 462 -14.31 -41.17 16.38
CA PHE A 462 -15.16 -41.90 17.32
C PHE A 462 -16.53 -42.17 16.72
N GLY A 463 -17.11 -41.16 16.05
CA GLY A 463 -18.40 -41.37 15.43
C GLY A 463 -18.37 -42.40 14.31
N MET A 464 -17.35 -42.34 13.46
CA MET A 464 -17.21 -43.32 12.37
C MET A 464 -17.07 -44.73 12.94
N LEU A 465 -16.22 -44.90 13.94
CA LEU A 465 -16.01 -46.23 14.51
C LEU A 465 -17.25 -46.72 15.26
N SER A 466 -17.95 -45.82 15.95
CA SER A 466 -19.18 -46.21 16.63
C SER A 466 -20.25 -46.64 15.63
N ILE A 467 -20.35 -45.95 14.50
CA ILE A 467 -21.29 -46.36 13.46
C ILE A 467 -20.90 -47.72 12.89
N PHE A 468 -19.60 -47.97 12.73
CA PHE A 468 -19.14 -49.29 12.29
C PHE A 468 -19.53 -50.36 13.30
N ILE A 469 -19.34 -50.08 14.58
CA ILE A 469 -19.69 -51.06 15.61
C ILE A 469 -21.20 -51.30 15.62
N ALA A 470 -21.99 -50.24 15.47
CA ALA A 470 -23.44 -50.41 15.42
C ALA A 470 -23.86 -51.23 14.21
N ALA A 471 -23.25 -50.97 13.06
CA ALA A 471 -23.59 -51.73 11.85
C ALA A 471 -23.25 -53.21 12.01
N PHE A 472 -22.05 -53.51 12.54
CA PHE A 472 -21.67 -54.90 12.73
C PHE A 472 -22.47 -55.56 13.84
N THR A 473 -22.87 -54.80 14.86
CA THR A 473 -23.75 -55.34 15.89
C THR A 473 -25.11 -55.72 15.31
N ALA A 474 -25.68 -54.85 14.48
CA ALA A 474 -26.97 -55.15 13.84
C ALA A 474 -26.85 -56.37 12.94
N ARG A 475 -25.75 -56.46 12.19
CA ARG A 475 -25.53 -57.65 11.37
C ARG A 475 -25.37 -58.89 12.24
N PHE A 476 -24.75 -58.74 13.41
CA PHE A 476 -24.60 -59.87 14.33
C PHE A 476 -25.95 -60.34 14.86
N LEU A 477 -26.84 -59.41 15.19
CA LEU A 477 -28.19 -59.81 15.64
C LEU A 477 -28.95 -60.49 14.52
N ALA A 478 -28.82 -59.99 13.29
CA ALA A 478 -29.45 -60.66 12.15
C ALA A 478 -28.89 -62.06 11.95
N PHE A 479 -27.57 -62.20 12.09
CA PHE A 479 -26.95 -63.52 11.97
C PHE A 479 -27.41 -64.46 13.08
N LEU A 480 -27.55 -63.93 14.30
CA LEU A 480 -28.02 -64.76 15.42
C LEU A 480 -29.45 -65.26 15.18
N GLN A 481 -30.32 -64.37 14.70
CA GLN A 481 -31.69 -64.78 14.38
C GLN A 481 -31.70 -65.81 13.25
N ALA A 482 -30.87 -65.60 12.22
CA ALA A 482 -30.80 -66.55 11.12
C ALA A 482 -30.30 -67.91 11.59
N THR A 483 -29.30 -67.92 12.47
CA THR A 483 -28.80 -69.19 12.99
C THR A 483 -29.83 -69.88 13.87
N LYS A 484 -30.63 -69.12 14.61
CA LYS A 484 -31.72 -69.72 15.38
C LYS A 484 -32.72 -70.40 14.46
N ALA A 485 -33.07 -69.73 13.36
CA ALA A 485 -33.96 -70.34 12.37
C ALA A 485 -33.33 -71.58 11.75
N GLN A 486 -32.04 -71.53 11.46
CA GLN A 486 -31.35 -72.68 10.90
C GLN A 486 -31.34 -73.86 11.88
N GLN A 487 -31.15 -73.57 13.16
CA GLN A 487 -31.20 -74.62 14.17
C GLN A 487 -32.59 -75.24 14.24
N TYR A 488 -33.64 -74.43 14.17
CA TYR A 488 -34.99 -74.96 14.14
C TYR A 488 -35.21 -75.84 12.93
N VAL A 489 -34.72 -75.42 11.76
CA VAL A 489 -34.86 -76.22 10.55
C VAL A 489 -34.12 -77.54 10.69
N ASP A 490 -32.88 -77.49 11.22
CA ASP A 490 -32.07 -78.70 11.36
C ASP A 490 -32.62 -79.64 12.42
N SER A 491 -33.44 -79.14 13.35
CA SER A 491 -33.95 -79.97 14.45
C SER A 491 -35.33 -80.54 14.16
N TYR A 492 -36.30 -79.67 13.88
CA TYR A 492 -37.70 -80.07 13.79
C TYR A 492 -38.20 -80.19 12.37
N VAL A 493 -37.33 -80.11 11.37
CA VAL A 493 -37.72 -80.25 9.96
C VAL A 493 -36.82 -81.30 9.33
N GLN A 494 -37.45 -82.34 8.76
CA GLN A 494 -36.73 -83.41 8.06
C GLN A 494 -37.48 -83.70 6.76
N GLU A 495 -37.14 -82.96 5.71
CA GLU A 495 -37.75 -83.17 4.41
C GLU A 495 -36.76 -83.09 3.25
N SER A 496 -35.49 -82.77 3.50
CA SER A 496 -34.44 -82.65 2.50
C SER A 496 -34.75 -81.61 1.43
N ASP A 497 -35.76 -80.76 1.65
CA ASP A 497 -36.12 -79.73 0.68
C ASP A 497 -36.97 -78.69 1.39
N LEU A 498 -36.49 -77.46 1.43
CA LEU A 498 -37.21 -76.36 2.08
C LEU A 498 -38.10 -75.61 1.10
N SER A 499 -38.95 -76.36 0.38
CA SER A 499 -39.87 -75.77 -0.58
C SER A 499 -41.30 -76.29 -0.47
N GLU A 500 -41.51 -77.49 0.08
CA GLU A 500 -42.85 -78.05 0.25
C GLU A 500 -43.28 -78.09 1.72
N VAL A 501 -42.52 -77.48 2.62
CA VAL A 501 -42.81 -77.49 4.04
C VAL A 501 -43.22 -76.09 4.46
N THR A 502 -44.37 -75.99 5.12
CA THR A 502 -44.88 -74.71 5.63
C THR A 502 -44.28 -74.47 7.01
N LEU A 503 -43.15 -73.77 7.03
CA LEU A 503 -42.48 -73.48 8.29
C LEU A 503 -43.28 -72.46 9.10
N PRO A 504 -43.12 -72.45 10.42
CA PRO A 504 -43.81 -71.43 11.22
C PRO A 504 -43.33 -70.05 10.86
N PRO A 505 -44.19 -69.03 11.04
CA PRO A 505 -43.81 -67.68 10.60
C PRO A 505 -42.52 -67.16 11.22
N GLU A 506 -42.26 -67.48 12.49
CA GLU A 506 -41.01 -67.07 13.12
C GLU A 506 -39.79 -67.68 12.45
N ILE A 507 -39.97 -68.79 11.73
CA ILE A 507 -38.90 -69.38 10.96
C ILE A 507 -39.13 -69.21 9.45
N GLN A 508 -40.38 -69.07 9.01
CA GLN A 508 -40.64 -68.84 7.59
C GLN A 508 -40.16 -67.47 7.14
N TYR A 509 -40.15 -66.48 8.05
CA TYR A 509 -39.71 -65.14 7.69
C TYR A 509 -38.28 -65.12 7.21
N PHE A 510 -37.45 -66.05 7.67
CA PHE A 510 -36.03 -66.08 7.33
C PHE A 510 -35.76 -66.78 6.01
N THR A 511 -36.79 -67.30 5.34
CA THR A 511 -36.65 -67.83 4.00
C THR A 511 -37.02 -66.80 2.93
N TYR A 512 -37.49 -65.62 3.33
CA TYR A 512 -37.94 -64.61 2.38
C TYR A 512 -36.75 -63.89 1.74
N ALA A 513 -36.99 -63.35 0.55
CA ALA A 513 -36.00 -62.54 -0.14
C ALA A 513 -36.05 -61.12 0.41
N ARG A 514 -35.16 -60.27 -0.13
CA ARG A 514 -35.04 -58.89 0.38
C ARG A 514 -36.34 -58.11 0.23
N ASP A 515 -37.17 -58.47 -0.76
CA ASP A 515 -38.42 -57.75 -0.96
C ASP A 515 -39.36 -57.88 0.22
N LYS A 516 -39.38 -59.02 0.89
CA LYS A 516 -40.30 -59.29 1.98
C LYS A 516 -39.72 -58.96 3.35
N TRP A 517 -38.50 -58.44 3.41
CA TRP A 517 -37.91 -58.06 4.69
C TRP A 517 -38.67 -56.89 5.29
N LEU A 518 -38.77 -56.88 6.62
CA LEU A 518 -39.40 -55.78 7.31
C LEU A 518 -38.53 -54.52 7.21
N PRO A 519 -39.15 -53.34 7.23
CA PRO A 519 -38.35 -52.11 7.20
C PRO A 519 -37.37 -51.99 8.36
N SER A 520 -37.70 -52.55 9.52
CA SER A 520 -36.83 -52.53 10.69
C SER A 520 -35.94 -53.76 10.77
N ASP A 521 -35.66 -54.40 9.64
CA ASP A 521 -34.80 -55.58 9.64
C ASP A 521 -33.40 -55.20 10.10
N PRO A 522 -32.79 -55.96 11.02
CA PRO A 522 -31.43 -55.61 11.47
C PRO A 522 -30.40 -55.60 10.36
N GLN A 523 -30.57 -56.43 9.33
CA GLN A 523 -29.62 -56.41 8.22
C GLN A 523 -29.76 -55.13 7.40
N ILE A 524 -30.98 -54.63 7.24
CA ILE A 524 -31.19 -53.36 6.54
C ILE A 524 -30.55 -52.22 7.31
N ILE A 525 -30.74 -52.20 8.64
CA ILE A 525 -30.10 -51.19 9.48
C ILE A 525 -28.59 -51.32 9.37
N SER A 526 -28.08 -52.55 9.40
CA SER A 526 -26.65 -52.78 9.31
C SER A 526 -26.09 -52.27 7.98
N GLU A 527 -26.80 -52.54 6.89
CA GLU A 527 -26.33 -52.11 5.57
C GLU A 527 -26.29 -50.58 5.46
N GLY A 528 -27.33 -49.90 5.95
CA GLY A 528 -27.34 -48.45 5.90
C GLY A 528 -26.25 -47.83 6.75
N LEU A 529 -26.10 -48.33 7.98
CA LEU A 529 -25.04 -47.82 8.85
C LEU A 529 -23.65 -48.13 8.27
N TYR A 530 -23.51 -49.30 7.65
CA TYR A 530 -22.23 -49.65 7.02
C TYR A 530 -21.91 -48.70 5.88
N ALA A 531 -22.91 -48.33 5.08
CA ALA A 531 -22.67 -47.37 4.01
C ALA A 531 -22.23 -46.02 4.56
N ILE A 532 -22.87 -45.55 5.63
CA ILE A 532 -22.46 -44.29 6.24
C ILE A 532 -21.04 -44.39 6.78
N ALA A 533 -20.74 -45.51 7.44
CA ALA A 533 -19.39 -45.70 8.00
C ALA A 533 -18.34 -45.78 6.91
N VAL A 534 -18.67 -46.37 5.75
CA VAL A 534 -17.73 -46.42 4.65
C VAL A 534 -17.44 -45.03 4.11
N VAL A 535 -18.49 -44.21 3.95
CA VAL A 535 -18.29 -42.84 3.48
C VAL A 535 -17.43 -42.07 4.47
N LEU A 536 -17.69 -42.22 5.77
CA LEU A 536 -16.87 -41.56 6.78
C LEU A 536 -15.46 -42.12 6.80
N SER A 537 -15.29 -43.41 6.51
CA SER A 537 -13.95 -44.00 6.49
C SER A 537 -13.11 -43.40 5.38
N PHE A 538 -13.69 -43.18 4.20
CA PHE A 538 -12.94 -42.55 3.13
C PHE A 538 -12.93 -41.04 3.33
N SER A 539 -12.62 -40.63 4.55
CA SER A 539 -12.42 -39.23 4.89
C SER A 539 -11.20 -39.01 5.77
N ARG A 540 -10.63 -40.06 6.34
CA ARG A 540 -9.40 -39.97 7.12
C ARG A 540 -8.16 -39.87 6.25
N ILE A 541 -8.32 -39.82 4.92
CA ILE A 541 -7.20 -39.46 4.06
C ILE A 541 -6.73 -38.05 4.35
N ALA A 542 -7.64 -37.20 4.85
CA ALA A 542 -7.26 -35.87 5.31
C ALA A 542 -6.46 -35.90 6.60
N TYR A 543 -6.37 -37.05 7.27
CA TYR A 543 -5.36 -37.23 8.31
C TYR A 543 -3.95 -37.23 7.72
N ILE A 544 -3.81 -37.62 6.46
CA ILE A 544 -2.51 -37.80 5.82
C ILE A 544 -2.20 -36.60 4.95
N LEU A 545 -3.24 -35.90 4.51
CA LEU A 545 -3.06 -34.78 3.58
C LEU A 545 -2.12 -33.68 4.09
N PRO A 546 -2.19 -33.21 5.33
CA PRO A 546 -1.30 -32.12 5.75
C PRO A 546 0.18 -32.46 5.69
N ALA A 547 0.53 -33.75 5.71
CA ALA A 547 1.94 -34.13 5.62
C ALA A 547 2.53 -33.78 4.27
N ASN A 548 1.72 -33.83 3.21
CA ASN A 548 2.19 -33.52 1.87
C ASN A 548 2.26 -32.02 1.65
N GLU A 549 3.31 -31.57 0.94
CA GLU A 549 3.51 -30.15 0.72
C GLU A 549 2.54 -29.59 -0.32
N SER A 550 2.13 -30.41 -1.28
CA SER A 550 1.25 -29.95 -2.34
C SER A 550 -0.22 -29.96 -1.96
N PHE A 551 -0.62 -30.89 -1.07
CA PHE A 551 -2.02 -31.05 -0.71
C PHE A 551 -2.35 -30.56 0.70
N GLY A 552 -1.35 -30.35 1.54
CA GLY A 552 -1.57 -29.86 2.89
C GLY A 552 -2.23 -28.50 2.95
N PRO A 553 -1.67 -27.51 2.26
CA PRO A 553 -2.34 -26.19 2.21
C PRO A 553 -3.74 -26.26 1.66
N LEU A 554 -3.99 -27.15 0.70
CA LEU A 554 -5.35 -27.32 0.19
C LEU A 554 -6.28 -27.82 1.28
N GLN A 555 -5.81 -28.76 2.11
CA GLN A 555 -6.61 -29.25 3.22
C GLN A 555 -6.91 -28.13 4.22
N ILE A 556 -5.92 -27.31 4.53
CA ILE A 556 -6.14 -26.22 5.48
C ILE A 556 -7.14 -25.21 4.92
N SER A 557 -6.99 -24.87 3.64
CA SER A 557 -7.94 -23.94 3.01
C SER A 557 -9.35 -24.50 2.98
N LEU A 558 -9.48 -25.80 2.69
CA LEU A 558 -10.79 -26.43 2.69
C LEU A 558 -11.42 -26.43 4.08
N GLY A 559 -10.62 -26.71 5.11
CA GLY A 559 -11.13 -26.67 6.47
C GLY A 559 -11.59 -25.27 6.87
N ARG A 560 -10.79 -24.25 6.52
CA ARG A 560 -11.19 -22.88 6.80
C ARG A 560 -12.47 -22.52 6.07
N THR A 561 -12.59 -22.96 4.81
CA THR A 561 -13.81 -22.71 4.05
C THR A 561 -15.02 -23.34 4.73
N VAL A 562 -14.88 -24.58 5.23
CA VAL A 562 -15.97 -25.24 5.93
C VAL A 562 -16.34 -24.47 7.19
N LYS A 563 -15.34 -24.02 7.95
CA LYS A 563 -15.62 -23.31 9.19
C LYS A 563 -16.40 -22.02 8.92
N ASP A 564 -16.03 -21.27 7.90
CA ASP A 564 -16.79 -20.09 7.53
C ASP A 564 -18.11 -20.44 6.86
N ILE A 565 -18.21 -21.65 6.29
CA ILE A 565 -19.44 -22.08 5.64
C ILE A 565 -20.55 -22.32 6.67
N PHE A 566 -20.17 -22.82 7.85
CA PHE A 566 -21.17 -23.21 8.85
C PHE A 566 -22.06 -22.03 9.26
N LYS A 567 -21.47 -20.85 9.42
CA LYS A 567 -22.25 -19.68 9.82
C LYS A 567 -23.32 -19.36 8.78
N PHE A 568 -22.96 -19.38 7.50
CA PHE A 568 -23.93 -19.11 6.45
C PHE A 568 -24.90 -20.26 6.28
N MET A 569 -24.52 -21.48 6.69
CA MET A 569 -25.51 -22.56 6.74
C MET A 569 -26.60 -22.25 7.76
N VAL A 570 -26.23 -21.74 8.93
CA VAL A 570 -27.24 -21.34 9.91
C VAL A 570 -28.12 -20.22 9.35
N LEU A 571 -27.49 -19.24 8.70
CA LEU A 571 -28.25 -18.15 8.09
C LEU A 571 -29.21 -18.68 7.03
N PHE A 572 -28.76 -19.63 6.22
CA PHE A 572 -29.64 -20.24 5.21
C PHE A 572 -30.69 -21.14 5.85
N ILE A 573 -30.39 -21.72 7.02
CA ILE A 573 -31.33 -22.64 7.65
C ILE A 573 -32.59 -21.90 8.09
N MET A 574 -32.44 -20.69 8.61
CA MET A 574 -33.62 -19.95 9.06
C MET A 574 -34.56 -19.63 7.91
N VAL A 575 -34.03 -19.13 6.80
CA VAL A 575 -34.88 -18.82 5.65
C VAL A 575 -35.42 -20.09 5.01
N PHE A 576 -34.60 -21.16 5.00
CA PHE A 576 -35.07 -22.45 4.49
C PHE A 576 -36.27 -22.94 5.30
N PHE A 577 -36.18 -22.84 6.63
CA PHE A 577 -37.30 -23.24 7.47
C PHE A 577 -38.51 -22.35 7.23
N ALA A 578 -38.28 -21.06 6.98
CA ALA A 578 -39.37 -20.14 6.69
C ALA A 578 -40.18 -20.61 5.49
N PHE A 579 -39.50 -20.87 4.37
CA PHE A 579 -40.20 -21.26 3.16
C PHE A 579 -40.75 -22.68 3.26
N MET A 580 -40.04 -23.57 3.99
CA MET A 580 -40.54 -24.93 4.17
C MET A 580 -41.89 -24.92 4.90
N ILE A 581 -41.96 -24.21 6.02
CA ILE A 581 -43.20 -24.15 6.79
C ILE A 581 -44.29 -23.46 5.98
N GLY A 582 -43.95 -22.36 5.31
CA GLY A 582 -44.96 -21.62 4.56
C GLY A 582 -45.55 -22.42 3.42
N MET A 583 -44.69 -23.07 2.62
CA MET A 583 -45.19 -23.85 1.49
C MET A 583 -45.91 -25.11 1.96
N PHE A 584 -45.43 -25.72 3.06
CA PHE A 584 -46.15 -26.87 3.61
C PHE A 584 -47.55 -26.47 4.07
N ILE A 585 -47.68 -25.31 4.73
CA ILE A 585 -49.00 -24.85 5.16
C ILE A 585 -49.87 -24.59 3.95
N LEU A 586 -49.30 -24.00 2.89
CA LEU A 586 -50.07 -23.69 1.70
C LEU A 586 -50.59 -24.94 1.01
N TYR A 587 -49.76 -25.98 0.93
CA TYR A 587 -50.07 -27.15 0.09
C TYR A 587 -50.44 -28.40 0.88
N SER A 588 -50.59 -28.31 2.21
CA SER A 588 -50.91 -29.51 2.99
C SER A 588 -52.32 -30.01 2.70
N TYR A 589 -53.23 -29.12 2.30
CA TYR A 589 -54.61 -29.49 2.05
C TYR A 589 -54.84 -30.06 0.65
N TYR A 590 -53.80 -30.13 -0.17
CA TYR A 590 -53.90 -30.64 -1.54
C TYR A 590 -53.01 -31.86 -1.73
N LEU A 591 -53.04 -32.78 -0.76
CA LEU A 591 -52.18 -33.96 -0.85
C LEU A 591 -52.53 -34.83 -2.04
N GLY A 592 -53.83 -35.03 -2.29
CA GLY A 592 -54.29 -35.81 -3.41
C GLY A 592 -54.69 -35.00 -4.63
N ALA A 593 -54.42 -33.70 -4.66
CA ALA A 593 -54.83 -32.82 -5.74
C ALA A 593 -53.65 -32.07 -6.33
N LYS A 594 -52.48 -32.71 -6.37
CA LYS A 594 -51.27 -32.09 -6.88
C LYS A 594 -50.61 -33.01 -7.90
N VAL A 595 -49.79 -32.41 -8.78
CA VAL A 595 -49.07 -33.19 -9.77
C VAL A 595 -48.11 -34.16 -9.09
N ASN A 596 -47.39 -33.68 -8.08
CA ASN A 596 -46.51 -34.53 -7.29
C ASN A 596 -46.79 -34.35 -5.80
N ALA A 597 -45.98 -34.97 -4.95
CA ALA A 597 -46.22 -34.96 -3.51
C ALA A 597 -45.50 -33.81 -2.80
N ALA A 598 -44.87 -32.90 -3.55
CA ALA A 598 -44.09 -31.84 -2.93
C ALA A 598 -44.97 -30.92 -2.09
N PHE A 599 -44.43 -30.50 -0.95
CA PHE A 599 -45.05 -29.57 -0.01
C PHE A 599 -46.33 -30.11 0.62
N THR A 600 -46.67 -31.37 0.36
CA THR A 600 -47.85 -31.96 1.00
C THR A 600 -47.59 -32.30 2.46
N THR A 601 -46.36 -32.68 2.79
CA THR A 601 -45.94 -32.94 4.16
C THR A 601 -44.70 -32.13 4.47
N VAL A 602 -44.29 -32.14 5.74
CA VAL A 602 -43.09 -31.44 6.14
C VAL A 602 -41.86 -32.06 5.48
N GLU A 603 -41.80 -33.39 5.46
CA GLU A 603 -40.69 -34.07 4.82
C GLU A 603 -40.65 -33.77 3.32
N GLU A 604 -41.82 -33.78 2.66
CA GLU A 604 -41.87 -33.47 1.24
C GLU A 604 -41.43 -32.03 0.97
N SER A 605 -41.87 -31.10 1.81
CA SER A 605 -41.45 -29.71 1.67
C SER A 605 -39.94 -29.57 1.84
N PHE A 606 -39.38 -30.26 2.83
CA PHE A 606 -37.94 -30.23 3.05
C PHE A 606 -37.19 -30.78 1.84
N LYS A 607 -37.66 -31.91 1.31
CA LYS A 607 -36.98 -32.53 0.17
C LYS A 607 -37.02 -31.62 -1.05
N THR A 608 -38.20 -31.06 -1.35
CA THR A 608 -38.33 -30.21 -2.52
C THR A 608 -37.45 -28.97 -2.39
N LEU A 609 -37.47 -28.33 -1.22
CA LEU A 609 -36.72 -27.09 -1.05
C LEU A 609 -35.21 -27.35 -1.05
N PHE A 610 -34.78 -28.45 -0.42
CA PHE A 610 -33.35 -28.76 -0.39
C PHE A 610 -32.84 -29.07 -1.78
N TRP A 611 -33.59 -29.86 -2.55
CA TRP A 611 -33.15 -30.20 -3.90
C TRP A 611 -33.38 -29.06 -4.89
N SER A 612 -34.09 -28.01 -4.50
CA SER A 612 -34.12 -26.79 -5.28
C SER A 612 -32.80 -26.04 -5.25
N ILE A 613 -31.96 -26.30 -4.24
CA ILE A 613 -30.65 -25.65 -4.17
C ILE A 613 -29.80 -26.05 -5.37
N PHE A 614 -29.84 -27.32 -5.76
CA PHE A 614 -29.06 -27.84 -6.86
C PHE A 614 -29.87 -27.98 -8.14
N GLY A 615 -31.08 -27.43 -8.18
CA GLY A 615 -31.90 -27.50 -9.36
C GLY A 615 -32.50 -28.85 -9.65
N LEU A 616 -32.60 -29.71 -8.65
CA LEU A 616 -33.12 -31.06 -8.83
C LEU A 616 -34.62 -31.16 -8.55
N SER A 617 -35.28 -30.05 -8.24
CA SER A 617 -36.72 -30.03 -8.00
C SER A 617 -37.41 -29.37 -9.19
N GLU A 618 -38.43 -30.04 -9.72
CA GLU A 618 -39.14 -29.55 -10.88
C GLU A 618 -40.07 -28.40 -10.51
N VAL A 619 -40.37 -27.56 -11.49
CA VAL A 619 -41.28 -26.44 -11.28
C VAL A 619 -42.73 -26.88 -11.14
N THR A 620 -43.05 -28.12 -11.48
CA THR A 620 -44.40 -28.65 -11.31
C THR A 620 -44.74 -28.94 -9.86
N SER A 621 -43.80 -28.71 -8.93
CA SER A 621 -44.04 -28.96 -7.52
C SER A 621 -45.11 -28.05 -6.94
N VAL A 622 -45.41 -26.93 -7.60
CA VAL A 622 -46.38 -25.96 -7.10
C VAL A 622 -47.66 -25.97 -7.91
N VAL A 623 -47.84 -26.94 -8.81
CA VAL A 623 -48.99 -27.00 -9.69
C VAL A 623 -50.06 -27.86 -9.04
N LEU A 624 -51.28 -27.32 -8.97
CA LEU A 624 -52.43 -28.03 -8.42
C LEU A 624 -53.24 -28.68 -9.53
N LYS A 625 -54.10 -29.62 -9.12
CA LYS A 625 -55.05 -30.21 -10.04
C LYS A 625 -56.39 -29.49 -10.05
N TYR A 626 -56.77 -28.87 -8.94
CA TYR A 626 -57.98 -28.06 -8.89
C TYR A 626 -57.72 -26.69 -9.50
N ASP A 627 -58.81 -25.98 -9.78
CA ASP A 627 -58.71 -24.64 -10.37
C ASP A 627 -58.62 -23.57 -9.29
N HIS A 628 -57.70 -23.77 -8.34
CA HIS A 628 -57.44 -22.79 -7.30
C HIS A 628 -56.17 -22.00 -7.66
N LYS A 629 -56.36 -21.08 -8.61
CA LYS A 629 -55.23 -20.32 -9.14
C LYS A 629 -54.61 -19.39 -8.10
N PHE A 630 -55.36 -19.00 -7.07
CA PHE A 630 -54.77 -18.20 -6.00
C PHE A 630 -53.69 -18.97 -5.27
N ILE A 631 -53.99 -20.21 -4.88
CA ILE A 631 -53.01 -21.04 -4.19
C ILE A 631 -51.83 -21.36 -5.11
N GLU A 632 -52.12 -21.71 -6.36
CA GLU A 632 -51.06 -22.08 -7.29
C GLU A 632 -50.14 -20.89 -7.58
N ASN A 633 -50.72 -19.71 -7.79
CA ASN A 633 -49.90 -18.53 -8.08
C ASN A 633 -49.09 -18.12 -6.86
N ILE A 634 -49.67 -18.24 -5.66
CA ILE A 634 -48.91 -17.92 -4.45
C ILE A 634 -47.78 -18.92 -4.25
N GLY A 635 -48.02 -20.20 -4.56
CA GLY A 635 -46.94 -21.17 -4.53
C GLY A 635 -45.85 -20.86 -5.54
N TYR A 636 -46.25 -20.42 -6.74
CA TYR A 636 -45.27 -20.00 -7.73
C TYR A 636 -44.43 -18.83 -7.23
N VAL A 637 -45.10 -17.83 -6.65
CA VAL A 637 -44.38 -16.64 -6.18
C VAL A 637 -43.47 -17.00 -5.01
N LEU A 638 -43.96 -17.79 -4.06
CA LEU A 638 -43.15 -18.16 -2.90
C LEU A 638 -41.95 -19.02 -3.32
N TYR A 639 -42.17 -19.96 -4.24
CA TYR A 639 -41.06 -20.77 -4.74
C TYR A 639 -40.04 -19.91 -5.48
N GLY A 640 -40.51 -18.96 -6.28
CA GLY A 640 -39.59 -18.05 -6.96
C GLY A 640 -38.82 -17.18 -6.00
N ILE A 641 -39.50 -16.66 -4.97
CA ILE A 641 -38.82 -15.84 -3.97
C ILE A 641 -37.80 -16.68 -3.21
N TYR A 642 -38.14 -17.94 -2.91
CA TYR A 642 -37.18 -18.82 -2.25
C TYR A 642 -35.95 -19.06 -3.14
N ASN A 643 -36.17 -19.24 -4.44
CA ASN A 643 -35.04 -19.45 -5.35
C ASN A 643 -34.16 -18.20 -5.43
N VAL A 644 -34.77 -17.03 -5.52
CA VAL A 644 -34.00 -15.79 -5.58
C VAL A 644 -33.26 -15.56 -4.26
N THR A 645 -33.93 -15.83 -3.14
CA THR A 645 -33.27 -15.73 -1.84
C THR A 645 -32.11 -16.70 -1.73
N MET A 646 -32.26 -17.88 -2.34
CA MET A 646 -31.15 -18.83 -2.38
C MET A 646 -29.95 -18.24 -3.10
N VAL A 647 -30.19 -17.61 -4.25
CA VAL A 647 -29.11 -16.98 -5.02
C VAL A 647 -28.49 -15.85 -4.21
N VAL A 648 -29.32 -15.04 -3.56
CA VAL A 648 -28.82 -13.90 -2.79
C VAL A 648 -27.96 -14.36 -1.63
N VAL A 649 -28.40 -15.38 -0.89
CA VAL A 649 -27.63 -15.89 0.23
C VAL A 649 -26.32 -16.50 -0.26
N LEU A 650 -26.38 -17.28 -1.34
CA LEU A 650 -25.17 -17.87 -1.89
C LEU A 650 -24.19 -16.78 -2.35
N LEU A 651 -24.72 -15.74 -3.00
CA LEU A 651 -23.85 -14.65 -3.47
C LEU A 651 -23.22 -13.91 -2.29
N ASN A 652 -24.00 -13.62 -1.26
CA ASN A 652 -23.46 -12.91 -0.10
C ASN A 652 -22.39 -13.75 0.59
N MET A 653 -22.63 -15.06 0.71
CA MET A 653 -21.62 -15.95 1.28
C MET A 653 -20.35 -15.96 0.43
N LEU A 654 -20.51 -16.00 -0.89
CA LEU A 654 -19.36 -16.00 -1.79
C LEU A 654 -18.56 -14.70 -1.64
N ILE A 655 -19.25 -13.56 -1.58
CA ILE A 655 -18.56 -12.29 -1.41
C ILE A 655 -17.82 -12.24 -0.08
N ALA A 656 -18.43 -12.79 0.98
CA ALA A 656 -17.77 -12.83 2.28
C ALA A 656 -16.51 -13.68 2.23
N MET A 657 -16.58 -14.86 1.59
CA MET A 657 -15.40 -15.70 1.46
C MET A 657 -14.30 -14.99 0.68
N ILE A 658 -14.67 -14.30 -0.40
CA ILE A 658 -13.69 -13.57 -1.19
C ILE A 658 -13.05 -12.47 -0.36
N ASN A 659 -13.87 -11.66 0.29
CA ASN A 659 -13.36 -10.60 1.17
C ASN A 659 -13.23 -11.08 2.62
N SER A 660 -12.64 -12.26 2.79
CA SER A 660 -12.16 -12.70 4.09
C SER A 660 -10.81 -13.39 4.00
N SER A 661 -10.27 -13.60 2.80
CA SER A 661 -8.96 -14.19 2.62
C SER A 661 -8.00 -13.33 1.82
N TYR A 662 -8.50 -12.34 1.07
CA TYR A 662 -7.63 -11.40 0.37
C TYR A 662 -6.94 -10.43 1.31
N GLN A 663 -7.36 -10.36 2.57
CA GLN A 663 -6.74 -9.46 3.54
C GLN A 663 -5.31 -9.90 3.85
N ASP A 667 1.84 -15.85 2.77
CA ASP A 667 2.58 -16.42 3.90
C ASP A 667 1.63 -17.00 4.94
N ASP A 668 0.41 -16.47 4.98
CA ASP A 668 -0.58 -16.97 5.94
C ASP A 668 -0.94 -18.42 5.66
N SER A 669 -1.12 -18.77 4.38
CA SER A 669 -1.44 -20.14 4.03
C SER A 669 -0.29 -21.08 4.35
N ASP A 670 0.95 -20.65 4.06
CA ASP A 670 2.12 -21.49 4.36
C ASP A 670 2.28 -21.69 5.86
N VAL A 671 2.10 -20.63 6.64
CA VAL A 671 2.17 -20.76 8.10
C VAL A 671 1.05 -21.67 8.60
N GLU A 672 -0.14 -21.54 8.02
CA GLU A 672 -1.27 -22.38 8.42
C GLU A 672 -0.95 -23.86 8.21
N TRP A 673 -0.51 -24.21 7.01
CA TRP A 673 -0.20 -25.60 6.70
C TRP A 673 0.98 -26.11 7.52
N LYS A 674 2.01 -25.28 7.71
CA LYS A 674 3.17 -25.70 8.49
C LYS A 674 2.79 -25.96 9.94
N PHE A 675 1.90 -25.13 10.50
CA PHE A 675 1.43 -25.38 11.85
C PHE A 675 0.67 -26.69 11.95
N ALA A 676 -0.22 -26.96 10.98
CA ALA A 676 -0.96 -28.22 10.99
C ALA A 676 -0.03 -29.42 10.81
N ARG A 677 0.95 -29.31 9.91
CA ARG A 677 1.90 -30.39 9.71
C ARG A 677 2.78 -30.61 10.94
N SER A 678 3.13 -29.53 11.64
CA SER A 678 3.90 -29.67 12.88
C SER A 678 3.09 -30.41 13.94
N LYS A 679 1.80 -30.13 14.02
CA LYS A 679 0.94 -30.90 14.93
C LYS A 679 0.92 -32.36 14.54
N LEU A 680 0.83 -32.66 13.24
CA LEU A 680 0.87 -34.04 12.78
C LEU A 680 2.18 -34.71 13.16
N TRP A 681 3.30 -34.03 12.97
CA TRP A 681 4.60 -34.59 13.30
C TRP A 681 4.72 -34.83 14.81
N LEU A 682 4.29 -33.86 15.61
CA LEU A 682 4.38 -33.98 17.06
C LEU A 682 3.53 -35.14 17.57
N SER A 683 2.45 -35.48 16.87
CA SER A 683 1.64 -36.62 17.27
C SER A 683 2.40 -37.94 17.16
N TYR A 684 3.45 -37.99 16.34
CA TYR A 684 4.25 -39.18 16.18
C TYR A 684 5.62 -39.08 16.84
N PHE A 685 5.91 -37.98 17.53
CA PHE A 685 7.24 -37.82 18.14
C PHE A 685 7.37 -38.64 19.42
N ASP A 686 6.29 -38.76 20.19
CA ASP A 686 6.36 -39.43 21.47
C ASP A 686 6.55 -40.94 21.31
N ASP A 687 6.99 -41.58 22.39
CA ASP A 687 7.15 -43.02 22.39
C ASP A 687 5.79 -43.70 22.24
N GLY A 688 5.81 -44.89 21.65
CA GLY A 688 4.60 -45.57 21.27
C GLY A 688 4.27 -45.34 19.81
N LYS A 689 3.08 -45.81 19.43
CA LYS A 689 2.55 -45.72 18.08
C LYS A 689 3.45 -46.40 17.06
N THR A 690 4.38 -47.26 17.50
CA THR A 690 5.28 -47.93 16.57
C THR A 690 4.51 -48.86 15.63
N LEU A 691 3.55 -49.60 16.16
CA LEU A 691 2.74 -50.51 15.37
C LEU A 691 1.35 -49.95 15.21
N PRO A 692 0.91 -49.65 13.99
CA PRO A 692 -0.42 -49.07 13.80
C PRO A 692 -1.51 -50.10 14.06
N PRO A 693 -2.74 -49.66 14.34
CA PRO A 693 -3.83 -50.61 14.50
C PRO A 693 -4.12 -51.31 13.19
N PRO A 694 -4.62 -52.56 13.24
CA PRO A 694 -5.02 -53.27 14.45
C PRO A 694 -3.88 -54.05 15.09
N PHE A 695 -2.65 -53.85 14.61
CA PHE A 695 -1.52 -54.55 15.20
C PHE A 695 -1.03 -53.82 16.45
N SER A 696 -1.96 -53.48 17.34
CA SER A 696 -1.63 -52.86 18.61
C SER A 696 -2.41 -53.42 19.78
N LEU A 697 -3.43 -54.25 19.55
CA LEU A 697 -4.21 -54.81 20.65
C LEU A 697 -3.37 -55.73 21.50
N VAL A 698 -2.50 -56.52 20.88
CA VAL A 698 -1.65 -57.45 21.60
C VAL A 698 -0.61 -56.70 22.41
N GLN A 759 28.64 -19.31 37.85
CA GLN A 759 27.35 -19.00 38.47
C GLN A 759 26.14 -19.25 37.54
N PRO A 760 26.12 -18.68 36.33
CA PRO A 760 24.95 -18.87 35.47
C PRO A 760 25.04 -20.17 34.68
N THR A 761 23.88 -20.80 34.48
CA THR A 761 23.82 -22.03 33.72
C THR A 761 24.04 -21.75 32.24
N ARG A 762 24.23 -22.83 31.47
CA ARG A 762 24.39 -22.69 30.03
C ARG A 762 23.14 -22.09 29.40
N TYR A 763 21.96 -22.50 29.87
CA TYR A 763 20.72 -21.94 29.34
C TYR A 763 20.64 -20.45 29.62
N GLN A 764 21.06 -20.02 30.82
CA GLN A 764 21.03 -18.60 31.14
C GLN A 764 21.97 -17.80 30.25
N GLN A 765 23.17 -18.33 30.00
CA GLN A 765 24.10 -17.65 29.11
C GLN A 765 23.57 -17.55 27.69
N ILE A 766 22.98 -18.63 27.19
CA ILE A 766 22.41 -18.61 25.85
C ILE A 766 21.25 -17.63 25.76
N MET A 767 20.39 -17.62 26.78
CA MET A 767 19.27 -16.69 26.79
C MET A 767 19.74 -15.24 26.87
N LYS A 768 20.79 -14.98 27.68
CA LYS A 768 21.35 -13.64 27.75
C LYS A 768 21.89 -13.20 26.40
N ARG A 769 22.62 -14.10 25.72
CA ARG A 769 23.16 -13.77 24.40
C ARG A 769 22.04 -13.52 23.40
N LEU A 770 21.01 -14.35 23.42
CA LEU A 770 19.90 -14.18 22.48
C LEU A 770 19.12 -12.90 22.75
N ILE A 771 18.93 -12.56 24.02
CA ILE A 771 18.17 -11.34 24.35
C ILE A 771 18.98 -10.10 23.97
N LYS A 772 20.30 -10.12 24.22
CA LYS A 772 21.14 -9.01 23.78
C LYS A 772 21.08 -8.87 22.26
N ARG A 773 21.13 -9.99 21.53
CA ARG A 773 20.99 -9.95 20.08
C ARG A 773 19.63 -9.37 19.69
N TYR A 774 18.57 -9.75 20.40
CA TYR A 774 17.25 -9.21 20.10
C TYR A 774 17.18 -7.72 20.33
N VAL A 775 17.79 -7.23 21.41
CA VAL A 775 17.74 -5.80 21.71
C VAL A 775 18.47 -5.00 20.63
N LEU A 776 19.66 -5.47 20.24
CA LEU A 776 20.39 -4.78 19.17
C LEU A 776 19.65 -4.86 17.85
N LYS A 777 19.06 -6.02 17.54
CA LYS A 777 18.30 -6.16 16.31
C LYS A 777 17.07 -5.25 16.32
N ALA A 778 16.40 -5.15 17.46
CA ALA A 778 15.22 -4.28 17.56
C ALA A 778 15.60 -2.82 17.36
N GLN A 779 16.74 -2.40 17.92
CA GLN A 779 17.20 -1.04 17.71
C GLN A 779 17.56 -0.79 16.25
N VAL A 780 18.17 -1.78 15.60
CA VAL A 780 18.52 -1.65 14.19
C VAL A 780 17.26 -1.50 13.35
N ASP A 781 16.25 -2.33 13.61
CA ASP A 781 14.99 -2.23 12.86
C ASP A 781 14.25 -0.94 13.19
N LYS A 782 14.36 -0.45 14.43
CA LYS A 782 13.78 0.85 14.75
C LYS A 782 14.43 1.95 13.93
N GLU A 783 15.74 1.89 13.76
CA GLU A 783 16.44 2.83 12.89
C GLU A 783 16.06 2.66 11.42
N ASN A 784 15.46 1.54 11.05
CA ASN A 784 14.99 1.32 9.69
C ASN A 784 13.57 1.83 9.47
N ASP A 785 12.89 2.27 10.52
CA ASP A 785 11.55 2.83 10.35
C ASP A 785 11.62 4.18 9.64
N GLU A 786 10.54 4.53 8.95
CA GLU A 786 10.49 5.77 8.21
C GLU A 786 10.58 6.97 9.14
N VAL A 787 11.21 8.03 8.65
CA VAL A 787 11.40 9.25 9.43
C VAL A 787 10.09 10.04 9.47
N ASN A 788 9.69 10.45 10.66
CA ASN A 788 8.50 11.25 10.84
C ASN A 788 8.87 12.72 11.08
N GLU A 789 7.84 13.57 11.10
CA GLU A 789 8.06 15.00 11.23
C GLU A 789 8.66 15.38 12.59
N GLY A 790 8.39 14.59 13.63
CA GLY A 790 8.92 14.91 14.94
C GLY A 790 10.43 14.85 15.01
N GLU A 791 11.02 13.79 14.45
CA GLU A 791 12.48 13.68 14.45
C GLU A 791 13.13 14.80 13.66
N LEU A 792 12.57 15.13 12.49
CA LEU A 792 13.12 16.21 11.69
C LEU A 792 13.00 17.54 12.41
N LYS A 793 11.87 17.77 13.09
CA LYS A 793 11.70 18.98 13.88
C LYS A 793 12.71 19.04 15.02
N GLU A 794 13.05 17.89 15.60
CA GLU A 794 14.07 17.85 16.65
C GLU A 794 15.42 18.32 16.12
N ILE A 795 15.80 17.86 14.92
CA ILE A 795 17.05 18.31 14.33
C ILE A 795 16.98 19.80 13.96
N LYS A 796 15.82 20.26 13.50
CA LYS A 796 15.66 21.68 13.26
C LYS A 796 15.88 22.49 14.53
N GLN A 797 15.38 21.99 15.67
CA GLN A 797 15.61 22.63 16.95
C GLN A 797 17.08 22.56 17.34
N ASP A 798 17.76 21.46 16.99
CA ASP A 798 19.20 21.36 17.22
C ASP A 798 19.94 22.47 16.49
N ILE A 799 19.59 22.71 15.23
CA ILE A 799 20.26 23.74 14.44
C ILE A 799 19.96 25.12 15.00
N SER A 800 18.70 25.36 15.39
CA SER A 800 18.34 26.66 15.96
C SER A 800 19.09 26.93 17.25
N SER A 801 19.16 25.94 18.14
CA SER A 801 19.89 26.11 19.39
C SER A 801 21.38 26.30 19.14
N LEU A 802 21.93 25.56 18.18
CA LEU A 802 23.34 25.72 17.83
C LEU A 802 23.60 27.12 17.29
N ARG A 803 22.68 27.66 16.49
CA ARG A 803 22.84 29.00 15.96
C ARG A 803 22.90 30.03 17.09
N TYR A 804 21.99 29.90 18.07
CA TYR A 804 22.00 30.84 19.18
C TYR A 804 23.30 30.76 19.97
N GLU A 805 23.75 29.54 20.26
CA GLU A 805 24.98 29.37 21.02
C GLU A 805 26.19 29.94 20.29
N LEU A 806 26.30 29.64 18.99
CA LEU A 806 27.45 30.09 18.23
C LEU A 806 27.44 31.61 18.05
N LEU A 807 26.27 32.18 17.78
CA LEU A 807 26.20 33.63 17.59
C LEU A 807 26.56 34.37 18.87
N GLU A 808 26.10 33.88 20.02
CA GLU A 808 26.47 34.53 21.27
C GLU A 808 27.95 34.34 21.59
N ASP A 809 28.51 33.18 21.25
CA ASP A 809 29.94 32.97 21.44
C ASP A 809 30.76 33.95 20.61
N LYS A 810 30.36 34.15 19.35
CA LYS A 810 31.03 35.13 18.50
C LYS A 810 30.89 36.55 19.07
N SER A 811 29.69 36.88 19.56
CA SER A 811 29.48 38.20 20.14
C SER A 811 30.37 38.42 21.36
N GLN A 812 30.48 37.41 22.22
CA GLN A 812 31.33 37.53 23.40
C GLN A 812 32.80 37.69 23.01
N ALA A 813 33.25 36.93 22.00
CA ALA A 813 34.62 37.07 21.54
C ALA A 813 34.89 38.47 21.00
N THR A 814 33.95 39.03 20.23
CA THR A 814 34.12 40.37 19.71
C THR A 814 34.12 41.40 20.84
N GLU A 815 33.32 41.17 21.88
CA GLU A 815 33.32 42.05 23.04
C GLU A 815 34.69 42.06 23.72
N GLU A 816 35.30 40.88 23.88
CA GLU A 816 36.64 40.82 24.44
C GLU A 816 37.65 41.53 23.55
N LEU A 817 37.49 41.41 22.23
CA LEU A 817 38.36 42.13 21.30
C LEU A 817 38.21 43.63 21.46
N ALA A 818 36.98 44.11 21.65
CA ALA A 818 36.77 45.54 21.85
C ALA A 818 37.41 46.01 23.15
N ILE A 819 37.35 45.18 24.20
CA ILE A 819 38.03 45.51 25.45
C ILE A 819 39.53 45.63 25.22
N LEU A 820 40.10 44.73 24.41
CA LEU A 820 41.50 44.84 24.04
C LEU A 820 41.79 46.13 23.27
N ILE A 821 40.88 46.50 22.37
CA ILE A 821 41.05 47.73 21.60
C ILE A 821 41.14 48.94 22.53
N HIS A 822 40.19 49.06 23.46
CA HIS A 822 40.16 50.22 24.34
C HIS A 822 41.35 50.23 25.29
N LYS A 823 41.74 49.06 25.80
CA LYS A 823 42.88 49.01 26.70
C LYS A 823 44.18 49.34 25.99
N LEU A 824 44.34 48.86 24.75
CA LEU A 824 45.54 49.16 23.98
C LEU A 824 45.62 50.64 23.61
N SER A 825 44.49 51.24 23.24
CA SER A 825 44.50 52.65 22.84
C SER A 825 44.92 53.57 23.98
N GLU A 826 44.58 53.24 25.21
CA GLU A 826 45.01 54.06 26.35
C GLU A 826 46.53 54.00 26.50
N LYS A 827 47.13 52.82 26.37
CA LYS A 827 48.58 52.71 26.46
C LYS A 827 49.26 53.43 25.30
N LEU A 828 48.69 53.34 24.10
CA LEU A 828 49.28 54.01 22.95
C LEU A 828 49.25 55.52 23.12
N ASN A 829 48.15 56.06 23.64
CA ASN A 829 48.03 57.50 23.86
C ASN A 829 48.57 57.90 25.23
N GLN B 1 23.42 34.24 47.22
CA GLN B 1 22.76 33.08 47.82
C GLN B 1 23.78 32.01 48.22
N VAL B 2 24.68 31.68 47.28
CA VAL B 2 25.70 30.68 47.52
C VAL B 2 26.87 31.35 48.24
N GLN B 3 27.23 30.82 49.41
CA GLN B 3 28.36 31.32 50.20
C GLN B 3 29.51 30.34 50.06
N LEU B 4 30.64 30.84 49.60
CA LEU B 4 31.83 30.02 49.38
C LEU B 4 32.93 30.46 50.35
N GLN B 5 33.58 29.47 50.96
CA GLN B 5 34.71 29.73 51.84
C GLN B 5 35.88 28.85 51.39
N GLU B 6 37.09 29.36 51.57
CA GLU B 6 38.30 28.68 51.13
C GLU B 6 39.19 28.34 52.32
N SER B 7 39.94 27.26 52.19
CA SER B 7 40.84 26.81 53.24
C SER B 7 41.97 25.99 52.62
N GLY B 8 43.02 25.78 53.40
CA GLY B 8 44.14 25.00 52.96
C GLY B 8 45.34 25.79 52.48
N GLY B 9 45.33 27.11 52.63
CA GLY B 9 46.46 27.92 52.25
C GLY B 9 47.72 27.59 53.03
N GLY B 10 48.82 27.36 52.32
CA GLY B 10 50.06 26.99 52.96
C GLY B 10 51.27 27.73 52.42
N SER B 11 52.47 27.19 52.66
CA SER B 11 53.70 27.81 52.17
C SER B 11 54.70 26.69 51.91
N VAL B 12 54.80 26.27 50.65
CA VAL B 12 55.73 25.22 50.24
C VAL B 12 56.51 25.71 49.03
N GLN B 13 57.65 25.07 48.78
CA GLN B 13 58.52 25.43 47.67
C GLN B 13 59.21 24.17 47.16
N SER B 14 59.90 24.34 46.02
CA SER B 14 60.72 23.29 45.42
C SER B 14 59.89 22.04 45.09
N GLY B 15 58.92 22.23 44.21
CA GLY B 15 58.12 21.11 43.73
C GLY B 15 57.26 20.44 44.78
N GLY B 16 56.59 21.21 45.62
CA GLY B 16 55.73 20.67 46.65
C GLY B 16 54.34 20.38 46.12
N SER B 17 53.44 20.08 47.06
CA SER B 17 52.04 19.83 46.75
C SER B 17 51.16 20.54 47.77
N LEU B 18 49.97 20.92 47.36
CA LEU B 18 49.05 21.63 48.26
C LEU B 18 47.61 21.41 47.81
N ARG B 19 46.74 21.14 48.76
CA ARG B 19 45.32 20.98 48.48
C ARG B 19 44.54 22.18 49.00
N LEU B 20 43.79 22.83 48.12
CA LEU B 20 42.91 23.93 48.49
C LEU B 20 41.48 23.43 48.50
N SER B 21 40.76 23.73 49.59
CA SER B 21 39.41 23.24 49.80
C SER B 21 38.43 24.39 49.75
N CYS B 22 37.29 24.16 49.10
CA CYS B 22 36.23 25.14 48.95
C CYS B 22 34.94 24.56 49.50
N ALA B 23 34.36 25.21 50.49
CA ALA B 23 33.11 24.76 51.10
C ALA B 23 31.98 25.69 50.65
N ALA B 24 30.91 25.09 50.13
CA ALA B 24 29.75 25.82 49.66
C ALA B 24 28.60 25.64 50.64
N SER B 25 27.97 26.74 51.03
CA SER B 25 26.86 26.73 51.97
C SER B 25 25.81 27.74 51.50
N GLY B 26 24.72 27.82 52.24
CA GLY B 26 23.63 28.72 51.88
C GLY B 26 22.59 28.02 51.05
N TYR B 27 22.29 28.58 49.87
CA TYR B 27 21.30 27.99 48.99
C TYR B 27 21.73 26.60 48.52
N THR B 28 22.83 26.54 47.77
CA THR B 28 23.52 25.32 47.36
C THR B 28 22.61 24.30 46.67
N TYR B 29 21.41 24.71 46.28
CA TYR B 29 20.49 23.80 45.59
C TYR B 29 21.02 23.45 44.22
N SER B 30 20.92 22.17 43.85
CA SER B 30 21.41 21.65 42.58
C SER B 30 22.90 21.96 42.41
N TYR B 31 23.67 21.76 43.48
CA TYR B 31 25.10 22.09 43.44
C TYR B 31 25.85 21.24 42.43
N SER B 32 25.36 20.02 42.14
CA SER B 32 26.06 19.14 41.22
C SER B 32 26.18 19.71 39.83
N GLY B 33 25.24 20.55 39.40
CA GLY B 33 25.28 21.18 38.11
C GLY B 33 25.98 22.53 38.05
N TYR B 34 26.52 22.99 39.18
CA TYR B 34 27.20 24.29 39.20
C TYR B 34 28.49 24.23 38.40
N CYS B 35 28.86 25.38 37.82
CA CYS B 35 30.16 25.55 37.20
C CYS B 35 31.09 26.17 38.23
N MET B 36 31.96 25.34 38.81
CA MET B 36 32.90 25.75 39.83
C MET B 36 34.21 26.19 39.19
N GLY B 37 34.99 26.97 39.93
CA GLY B 37 36.28 27.40 39.42
C GLY B 37 37.12 28.06 40.50
N TRP B 38 38.42 28.14 40.20
CA TRP B 38 39.39 28.87 41.00
C TRP B 38 40.05 29.92 40.13
N PHE B 39 40.23 31.12 40.68
CA PHE B 39 40.98 32.16 39.99
C PHE B 39 41.93 32.85 40.96
N ARG B 40 43.00 33.40 40.41
CA ARG B 40 44.11 33.96 41.17
C ARG B 40 44.02 35.47 41.27
N GLN B 41 44.73 36.02 42.25
CA GLN B 41 44.90 37.47 42.40
C GLN B 41 46.33 37.71 42.87
N ALA B 42 47.24 37.93 41.92
CA ALA B 42 48.62 38.21 42.26
C ALA B 42 48.72 39.58 42.92
N PRO B 43 49.71 39.78 43.80
CA PRO B 43 49.81 41.07 44.49
C PRO B 43 49.99 42.26 43.57
N GLY B 44 50.69 42.09 42.45
CA GLY B 44 50.93 43.19 41.54
C GLY B 44 50.23 43.04 40.20
N LYS B 45 49.56 41.91 39.98
CA LYS B 45 48.91 41.62 38.72
C LYS B 45 47.40 41.60 38.90
N GLU B 46 46.70 41.49 37.77
CA GLU B 46 45.24 41.48 37.77
C GLU B 46 44.72 40.07 38.05
N ARG B 47 43.40 39.96 38.16
CA ARG B 47 42.76 38.68 38.41
C ARG B 47 43.00 37.73 37.25
N GLU B 48 43.43 36.51 37.57
CA GLU B 48 43.76 35.50 36.57
C GLU B 48 43.02 34.22 36.89
N GLY B 49 42.30 33.68 35.91
CA GLY B 49 41.62 32.42 36.10
C GLY B 49 42.60 31.25 36.10
N VAL B 50 42.32 30.27 36.96
CA VAL B 50 43.21 29.13 37.16
C VAL B 50 42.59 27.85 36.63
N ALA B 51 41.44 27.45 37.17
CA ALA B 51 40.83 26.19 36.80
C ALA B 51 39.31 26.33 36.87
N THR B 52 38.62 25.44 36.16
CA THR B 52 37.18 25.42 36.15
C THR B 52 36.70 23.99 35.93
N ILE B 53 35.51 23.69 36.41
CA ILE B 53 34.90 22.37 36.23
C ILE B 53 33.39 22.56 36.14
N ASP B 54 32.76 21.86 35.19
CA ASP B 54 31.33 21.96 34.97
C ASP B 54 30.60 20.84 35.71
N GLY B 55 29.27 20.80 35.55
CA GLY B 55 28.48 19.77 36.19
C GLY B 55 28.77 18.38 35.66
N ALA B 56 29.00 18.27 34.35
CA ALA B 56 29.30 16.98 33.75
C ALA B 56 30.63 16.42 34.24
N GLY B 57 31.56 17.28 34.63
CA GLY B 57 32.88 16.87 35.07
C GLY B 57 34.02 17.31 34.18
N ASN B 58 33.73 18.01 33.10
CA ASN B 58 34.80 18.51 32.23
C ASN B 58 35.61 19.57 32.97
N THR B 59 36.93 19.43 32.93
CA THR B 59 37.84 20.32 33.62
C THR B 59 38.66 21.11 32.62
N LYS B 60 38.78 22.42 32.87
CA LYS B 60 39.58 23.30 32.04
C LYS B 60 40.58 24.03 32.92
N TYR B 61 41.79 24.24 32.38
CA TYR B 61 42.87 24.86 33.12
C TYR B 61 43.52 25.94 32.28
N ALA B 62 44.03 26.96 32.97
CA ALA B 62 44.86 27.97 32.30
C ALA B 62 46.19 27.36 31.87
N ASP B 63 46.76 27.94 30.82
CA ASP B 63 48.03 27.41 30.29
C ASP B 63 49.15 27.52 31.31
N SER B 64 49.09 28.52 32.19
CA SER B 64 50.15 28.70 33.18
C SER B 64 50.12 27.62 34.26
N VAL B 65 48.98 26.95 34.46
CA VAL B 65 48.84 25.91 35.47
C VAL B 65 48.47 24.56 34.89
N LYS B 66 48.37 24.44 33.56
CA LYS B 66 48.00 23.17 32.96
C LYS B 66 49.09 22.12 33.18
N GLY B 67 48.66 20.90 33.44
CA GLY B 67 49.57 19.79 33.72
C GLY B 67 49.88 19.59 35.18
N ARG B 68 50.03 20.69 35.92
CA ARG B 68 50.33 20.61 37.34
C ARG B 68 49.05 20.68 38.18
N PHE B 69 48.29 21.76 38.07
CA PHE B 69 47.07 21.91 38.83
C PHE B 69 46.00 20.96 38.30
N THR B 70 45.23 20.39 39.23
CA THR B 70 44.05 19.62 38.87
C THR B 70 42.90 20.00 39.79
N ILE B 71 41.69 20.03 39.24
CA ILE B 71 40.51 20.47 39.96
C ILE B 71 39.51 19.32 40.00
N SER B 72 38.92 19.10 41.17
CA SER B 72 37.91 18.06 41.35
C SER B 72 36.81 18.60 42.25
N ARG B 73 35.65 17.95 42.21
CA ARG B 73 34.53 18.36 43.02
C ARG B 73 33.90 17.15 43.68
N ASP B 74 33.48 17.32 44.94
CA ASP B 74 32.69 16.33 45.65
C ASP B 74 31.27 16.88 45.72
N ASN B 75 30.40 16.36 44.83
CA ASN B 75 29.03 16.86 44.75
C ASN B 75 28.25 16.53 46.02
N ALA B 76 28.47 15.34 46.59
CA ALA B 76 27.80 14.99 47.84
C ALA B 76 28.26 15.89 48.98
N LYS B 77 29.54 16.19 49.05
CA LYS B 77 30.10 17.02 50.11
C LYS B 77 29.97 18.52 49.83
N LYS B 78 29.49 18.89 48.64
CA LYS B 78 29.38 20.30 48.23
C LYS B 78 30.72 21.01 48.32
N THR B 79 31.79 20.31 47.94
CA THR B 79 33.14 20.82 48.10
C THR B 79 33.88 20.84 46.77
N LEU B 80 34.78 21.80 46.63
CA LEU B 80 35.63 21.93 45.45
C LEU B 80 37.09 21.86 45.89
N TYR B 81 37.85 20.94 45.30
CA TYR B 81 39.24 20.72 45.67
C TYR B 81 40.16 21.10 44.51
N LEU B 82 41.23 21.82 44.84
CA LEU B 82 42.27 22.18 43.89
C LEU B 82 43.58 21.57 44.35
N GLN B 83 44.00 20.49 43.71
CA GLN B 83 45.29 19.86 43.99
C GLN B 83 46.38 20.57 43.22
N MET B 84 47.45 20.91 43.92
CA MET B 84 48.57 21.68 43.39
C MET B 84 49.77 20.77 43.29
N ASN B 85 50.24 20.54 42.06
CA ASN B 85 51.49 19.83 41.84
C ASN B 85 52.65 20.80 42.03
N SER B 86 53.83 20.42 41.54
CA SER B 86 55.06 21.20 41.74
C SER B 86 54.84 22.69 41.57
N LEU B 87 55.11 23.44 42.64
CA LEU B 87 54.82 24.87 42.68
C LEU B 87 55.93 25.67 42.00
N LYS B 88 55.64 26.95 41.80
CA LYS B 88 56.59 27.92 41.28
C LYS B 88 56.40 29.22 42.06
N PRO B 89 57.43 30.06 42.13
CA PRO B 89 57.28 31.35 42.83
C PRO B 89 56.17 32.21 42.25
N GLU B 90 55.87 32.09 40.96
CA GLU B 90 54.77 32.81 40.37
C GLU B 90 53.41 32.37 40.93
N ASP B 91 53.33 31.16 41.47
CA ASP B 91 52.08 30.66 42.06
C ASP B 91 51.92 31.15 43.49
N THR B 92 52.03 32.46 43.69
CA THR B 92 51.86 33.10 45.00
C THR B 92 50.81 34.19 44.85
N ALA B 93 49.61 33.95 45.38
CA ALA B 93 48.52 34.88 45.14
C ALA B 93 47.37 34.61 46.11
N MET B 94 46.40 35.52 46.07
CA MET B 94 45.09 35.38 46.68
C MET B 94 44.24 34.49 45.79
N TYR B 95 44.08 33.22 46.18
CA TYR B 95 43.26 32.30 45.40
C TYR B 95 41.81 32.40 45.86
N TYR B 96 40.91 32.75 44.94
CA TYR B 96 39.49 32.86 45.25
C TYR B 96 38.73 31.73 44.58
N CYS B 97 37.79 31.15 45.33
CA CYS B 97 36.80 30.25 44.76
C CYS B 97 35.76 31.06 43.98
N ALA B 98 35.07 30.36 43.08
CA ALA B 98 34.02 31.01 42.30
C ALA B 98 33.02 29.95 41.85
N ALA B 99 31.75 30.37 41.80
CA ALA B 99 30.67 29.47 41.44
C ALA B 99 29.72 30.18 40.48
N ARG B 100 29.22 29.43 39.49
CA ARG B 100 28.14 29.88 38.63
C ARG B 100 27.01 28.87 38.73
N VAL B 101 25.88 29.31 39.30
CA VAL B 101 24.76 28.41 39.52
C VAL B 101 24.16 27.96 38.19
N TYR B 102 23.90 28.91 37.30
CA TYR B 102 23.16 28.62 36.07
C TYR B 102 24.15 28.30 34.96
N SER B 103 24.46 27.02 34.83
CA SER B 103 25.33 26.52 33.77
C SER B 103 24.72 25.25 33.20
N TYR B 104 25.41 24.65 32.24
CA TYR B 104 24.91 23.46 31.57
C TYR B 104 26.10 22.65 31.10
N SER B 105 25.83 21.41 30.70
CA SER B 105 26.87 20.53 30.20
C SER B 105 27.54 21.14 28.97
N SER B 106 28.88 21.10 28.96
CA SER B 106 29.69 21.69 27.89
C SER B 106 29.35 23.17 27.70
N ASP B 107 29.19 23.88 28.81
CA ASP B 107 28.92 25.31 28.75
C ASP B 107 30.12 26.06 28.19
N VAL B 108 29.87 26.96 27.25
CA VAL B 108 30.96 27.74 26.66
C VAL B 108 31.54 28.73 27.66
N ASP B 109 30.73 29.18 28.62
CA ASP B 109 31.20 30.15 29.59
C ASP B 109 31.87 29.53 30.80
N CYS B 110 31.87 28.20 30.91
CA CYS B 110 32.57 27.51 32.00
C CYS B 110 34.04 27.38 31.60
N ARG B 111 34.76 28.50 31.72
CA ARG B 111 36.16 28.61 31.36
C ARG B 111 36.95 29.20 32.51
N PRO B 112 38.25 28.92 32.59
CA PRO B 112 39.07 29.60 33.60
C PRO B 112 39.07 31.12 33.45
N SER B 113 39.06 31.62 32.22
CA SER B 113 39.04 33.07 32.01
C SER B 113 37.76 33.69 32.55
N PHE B 114 36.63 33.01 32.35
CA PHE B 114 35.34 33.51 32.81
C PHE B 114 35.13 33.30 34.31
N THR B 115 36.01 32.55 34.97
CA THR B 115 35.87 32.30 36.40
C THR B 115 35.87 33.60 37.20
N THR B 116 36.59 34.61 36.72
CA THR B 116 36.63 35.90 37.41
C THR B 116 35.29 36.63 37.35
N ARG B 117 34.42 36.27 36.41
CA ARG B 117 33.13 36.93 36.24
C ARG B 117 31.97 36.12 36.81
N PHE B 118 32.25 35.09 37.61
CA PHE B 118 31.20 34.27 38.17
C PHE B 118 30.38 35.06 39.18
N PRO B 119 29.07 34.78 39.27
CA PRO B 119 28.22 35.56 40.19
C PRO B 119 28.65 35.51 41.64
N TYR B 120 29.17 34.38 42.10
CA TYR B 120 29.53 34.19 43.50
C TYR B 120 31.00 33.82 43.62
N SER B 121 31.65 34.34 44.66
CA SER B 121 33.05 34.07 44.90
C SER B 121 33.32 34.08 46.40
N GLY B 122 34.37 33.38 46.80
CA GLY B 122 34.75 33.31 48.19
C GLY B 122 35.62 34.48 48.62
N GLN B 123 35.99 34.46 49.90
CA GLN B 123 36.85 35.49 50.45
C GLN B 123 38.30 35.35 50.02
N GLY B 124 38.72 34.16 49.63
CA GLY B 124 40.08 33.97 49.16
C GLY B 124 41.02 33.49 50.26
N THR B 125 42.04 32.75 49.85
CA THR B 125 43.07 32.26 50.74
C THR B 125 44.44 32.55 50.14
N GLN B 126 45.43 32.81 50.99
CA GLN B 126 46.75 33.18 50.53
C GLN B 126 47.60 31.94 50.33
N VAL B 127 48.22 31.83 49.15
CA VAL B 127 49.20 30.80 48.86
C VAL B 127 50.51 31.51 48.56
N THR B 128 51.56 31.17 49.30
CA THR B 128 52.88 31.78 49.15
C THR B 128 53.89 30.69 48.82
N VAL B 129 54.65 30.90 47.74
CA VAL B 129 55.65 29.94 47.32
C VAL B 129 57.00 30.62 47.15
N PRO C 13 17.08 -4.90 36.42
CA PRO C 13 17.06 -5.60 35.13
C PRO C 13 17.42 -7.08 35.26
N ALA C 14 16.73 -7.93 34.49
CA ALA C 14 16.97 -9.36 34.56
C ALA C 14 18.36 -9.71 34.04
N PHE C 15 18.81 -9.05 32.98
CA PHE C 15 20.09 -9.33 32.34
C PHE C 15 21.00 -8.13 32.45
N MET C 16 22.25 -8.37 32.85
CA MET C 16 23.27 -7.33 32.93
C MET C 16 24.19 -7.50 31.72
N PHE C 17 23.90 -6.75 30.66
CA PHE C 17 24.62 -6.85 29.40
C PHE C 17 25.98 -6.17 29.42
N ASN C 18 26.29 -5.42 30.48
CA ASN C 18 27.57 -4.73 30.57
C ASN C 18 28.67 -5.68 31.06
N SER C 23 29.86 -1.52 38.10
CA SER C 23 29.34 -0.17 37.95
C SER C 23 30.40 0.76 37.34
N LEU C 24 30.01 1.51 36.32
CA LEU C 24 30.92 2.43 35.67
C LEU C 24 31.26 3.60 36.60
N THR C 25 32.51 4.03 36.56
CA THR C 25 32.92 5.20 37.30
C THR C 25 32.42 6.47 36.60
N ALA C 26 32.51 7.60 37.32
CA ALA C 26 32.11 8.87 36.73
C ALA C 26 32.99 9.21 35.53
N GLU C 27 34.29 8.94 35.63
CA GLU C 27 35.19 9.18 34.51
C GLU C 27 34.83 8.31 33.31
N GLU C 28 34.53 7.03 33.54
CA GLU C 28 34.14 6.15 32.45
C GLU C 28 32.81 6.57 31.84
N GLU C 29 31.86 6.99 32.68
CA GLU C 29 30.58 7.46 32.16
C GLU C 29 30.76 8.70 31.30
N ARG C 30 31.61 9.64 31.74
CA ARG C 30 31.88 10.83 30.94
C ARG C 30 32.54 10.47 29.62
N PHE C 31 33.50 9.53 29.65
CA PHE C 31 34.18 9.13 28.42
C PHE C 31 33.22 8.47 27.44
N LEU C 32 32.35 7.59 27.94
CA LEU C 32 31.40 6.91 27.05
C LEU C 32 30.38 7.89 26.48
N ASP C 33 29.93 8.84 27.31
CA ASP C 33 29.00 9.86 26.80
C ASP C 33 29.66 10.73 25.74
N ALA C 34 30.92 11.11 25.96
CA ALA C 34 31.63 11.92 24.98
C ALA C 34 31.83 11.17 23.67
N ALA C 35 32.19 9.89 23.75
CA ALA C 35 32.38 9.11 22.53
C ALA C 35 31.07 8.89 21.79
N GLU C 36 29.99 8.65 22.53
CA GLU C 36 28.71 8.36 21.90
C GLU C 36 28.17 9.55 21.13
N TYR C 37 28.31 10.76 21.68
CA TYR C 37 27.76 11.95 21.06
C TYR C 37 28.80 12.78 20.32
N GLY C 38 29.99 12.23 20.08
CA GLY C 38 30.98 12.91 19.28
C GLY C 38 31.62 14.12 19.92
N ASN C 39 31.73 14.13 21.25
CA ASN C 39 32.43 15.20 21.96
C ASN C 39 33.92 14.98 21.76
N ILE C 40 34.40 15.39 20.58
CA ILE C 40 35.79 15.12 20.21
C ILE C 40 36.79 15.76 21.17
N PRO C 41 36.67 17.04 21.55
CA PRO C 41 37.68 17.60 22.47
C PRO C 41 37.75 16.88 23.80
N VAL C 42 36.61 16.48 24.36
CA VAL C 42 36.63 15.76 25.63
C VAL C 42 37.28 14.40 25.47
N VAL C 43 36.92 13.67 24.40
CA VAL C 43 37.51 12.36 24.16
C VAL C 43 39.02 12.47 24.03
N ARG C 44 39.48 13.47 23.27
CA ARG C 44 40.91 13.67 23.10
C ARG C 44 41.58 14.01 24.42
N LYS C 45 40.94 14.85 25.24
CA LYS C 45 41.51 15.22 26.53
C LYS C 45 41.64 14.00 27.45
N MET C 46 40.61 13.16 27.51
CA MET C 46 40.66 11.98 28.36
C MET C 46 41.71 10.99 27.85
N LEU C 47 41.82 10.83 26.53
CA LEU C 47 42.83 9.91 26.00
C LEU C 47 44.24 10.43 26.24
N GLU C 48 44.43 11.74 26.21
CA GLU C 48 45.75 12.32 26.34
C GLU C 48 46.20 12.48 27.78
N GLU C 49 45.27 12.73 28.71
CA GLU C 49 45.63 13.12 30.07
C GLU C 49 45.24 12.10 31.13
N SER C 50 44.16 11.35 30.95
CA SER C 50 43.68 10.46 32.00
C SER C 50 44.49 9.17 31.98
N LYS C 51 45.22 8.92 33.05
CA LYS C 51 46.01 7.69 33.19
C LYS C 51 45.23 6.57 33.86
N THR C 52 44.04 6.85 34.40
CA THR C 52 43.22 5.85 35.09
C THR C 52 41.94 5.54 34.35
N LEU C 53 41.89 5.82 33.04
CA LEU C 53 40.70 5.60 32.24
C LEU C 53 40.84 4.30 31.46
N ASN C 54 39.86 3.41 31.61
CA ASN C 54 39.82 2.17 30.84
C ASN C 54 39.14 2.47 29.51
N VAL C 55 39.94 2.46 28.42
CA VAL C 55 39.40 2.76 27.11
C VAL C 55 38.44 1.70 26.62
N ASN C 56 38.42 0.53 27.26
CA ASN C 56 37.57 -0.57 26.87
C ASN C 56 36.32 -0.70 27.74
N CYS C 57 36.02 0.30 28.55
CA CYS C 57 34.80 0.28 29.35
C CYS C 57 33.57 0.28 28.44
N VAL C 58 32.53 -0.42 28.86
CA VAL C 58 31.35 -0.64 28.04
C VAL C 58 30.14 0.00 28.70
N ASP C 59 29.12 0.26 27.88
CA ASP C 59 27.88 0.84 28.35
C ASP C 59 26.95 -0.26 28.87
N TYR C 60 25.67 0.08 29.08
CA TYR C 60 24.73 -0.90 29.62
C TYR C 60 24.51 -2.06 28.66
N MET C 61 24.70 -1.85 27.36
CA MET C 61 24.53 -2.91 26.37
C MET C 61 25.85 -3.58 26.00
N GLY C 62 26.92 -3.34 26.75
CA GLY C 62 28.19 -3.96 26.47
C GLY C 62 28.95 -3.38 25.30
N GLN C 63 28.65 -2.14 24.91
CA GLN C 63 29.32 -1.49 23.80
C GLN C 63 30.35 -0.51 24.35
N ASN C 64 31.60 -0.65 23.89
CA ASN C 64 32.67 0.23 24.33
C ASN C 64 32.64 1.53 23.54
N ALA C 65 33.64 2.39 23.79
CA ALA C 65 33.68 3.70 23.14
C ALA C 65 33.80 3.56 21.62
N LEU C 66 34.60 2.61 21.16
CA LEU C 66 34.77 2.44 19.72
C LEU C 66 33.47 2.04 19.05
N GLN C 67 32.73 1.09 19.64
CA GLN C 67 31.47 0.66 19.05
C GLN C 67 30.44 1.78 19.07
N LEU C 68 30.39 2.56 20.15
CA LEU C 68 29.47 3.69 20.21
C LEU C 68 29.81 4.74 19.17
N ALA C 69 31.11 5.05 19.02
CA ALA C 69 31.53 6.06 18.05
C ALA C 69 31.24 5.61 16.62
N VAL C 70 31.50 4.33 16.32
CA VAL C 70 31.22 3.82 14.98
C VAL C 70 29.72 3.81 14.72
N GLY C 71 28.92 3.39 15.70
CA GLY C 71 27.49 3.35 15.50
C GLY C 71 26.87 4.71 15.24
N ASN C 72 27.48 5.77 15.78
CA ASN C 72 27.00 7.12 15.59
C ASN C 72 27.76 7.88 14.51
N GLU C 73 28.58 7.18 13.72
CA GLU C 73 29.33 7.77 12.62
C GLU C 73 30.23 8.93 13.08
N HIS C 74 30.91 8.73 14.20
CA HIS C 74 31.86 9.73 14.70
C HIS C 74 33.26 9.33 14.22
N LEU C 75 33.60 9.78 13.01
CA LEU C 75 34.86 9.40 12.40
C LEU C 75 36.06 9.94 13.20
N GLU C 76 35.98 11.18 13.65
CA GLU C 76 37.08 11.77 14.39
C GLU C 76 37.31 11.05 15.72
N VAL C 77 36.23 10.72 16.43
CA VAL C 77 36.35 9.96 17.66
C VAL C 77 36.95 8.59 17.38
N THR C 78 36.51 7.95 16.29
CA THR C 78 37.06 6.64 15.92
C THR C 78 38.56 6.75 15.64
N GLU C 79 38.98 7.79 14.93
CA GLU C 79 40.40 7.97 14.64
C GLU C 79 41.20 8.18 15.93
N LEU C 80 40.65 8.96 16.86
CA LEU C 80 41.32 9.16 18.14
C LEU C 80 41.44 7.85 18.91
N LEU C 81 40.37 7.04 18.92
CA LEU C 81 40.39 5.80 19.67
C LEU C 81 41.32 4.77 19.04
N LEU C 82 41.43 4.75 17.71
CA LEU C 82 42.28 3.78 17.03
C LEU C 82 43.76 3.95 17.34
N LYS C 83 44.15 5.09 17.92
CA LYS C 83 45.54 5.29 18.33
C LYS C 83 45.87 4.63 19.65
N LYS C 84 44.90 4.04 20.34
CA LYS C 84 45.14 3.25 21.53
C LYS C 84 45.44 1.82 21.11
N GLU C 85 46.62 1.32 21.49
CA GLU C 85 47.00 -0.03 21.12
C GLU C 85 46.09 -1.08 21.76
N ASN C 86 45.73 -0.87 23.02
CA ASN C 86 44.91 -1.82 23.76
C ASN C 86 43.42 -1.69 23.46
N LEU C 87 43.04 -0.91 22.45
CA LEU C 87 41.64 -0.80 22.09
C LEU C 87 41.10 -2.14 21.58
N ALA C 88 39.90 -2.49 22.01
CA ALA C 88 39.30 -3.77 21.69
C ALA C 88 38.13 -3.59 20.73
N ARG C 89 37.59 -4.72 20.29
CA ARG C 89 36.43 -4.77 19.40
C ARG C 89 36.69 -4.04 18.07
N ILE C 90 37.92 -4.15 17.57
CA ILE C 90 38.25 -3.56 16.29
C ILE C 90 37.50 -4.25 15.16
N GLY C 91 37.49 -5.59 15.17
CA GLY C 91 36.80 -6.32 14.13
C GLY C 91 35.30 -6.09 14.13
N ASP C 92 34.70 -6.08 15.32
CA ASP C 92 33.27 -5.77 15.42
C ASP C 92 32.99 -4.34 14.95
N ALA C 93 33.89 -3.41 15.24
CA ALA C 93 33.72 -2.04 14.78
C ALA C 93 33.73 -1.98 13.26
N LEU C 94 34.62 -2.74 12.61
CA LEU C 94 34.63 -2.79 11.15
C LEU C 94 33.32 -3.37 10.63
N LEU C 95 32.84 -4.45 11.25
CA LEU C 95 31.58 -5.06 10.79
C LEU C 95 30.42 -4.10 10.96
N LEU C 96 30.35 -3.40 12.09
CA LEU C 96 29.28 -2.43 12.32
C LEU C 96 29.35 -1.29 11.31
N ALA C 97 30.55 -0.78 11.04
CA ALA C 97 30.71 0.30 10.07
C ALA C 97 30.32 -0.17 8.67
N ILE C 98 30.69 -1.40 8.31
CA ILE C 98 30.32 -1.95 7.01
C ILE C 98 28.80 -2.08 6.90
N SER C 99 28.17 -2.59 7.97
CA SER C 99 26.72 -2.76 7.95
C SER C 99 25.99 -1.43 7.84
N LYS C 100 26.53 -0.37 8.43
CA LYS C 100 25.94 0.95 8.34
C LYS C 100 26.44 1.74 7.13
N GLY C 101 27.38 1.20 6.37
CA GLY C 101 27.89 1.87 5.19
C GLY C 101 28.67 3.15 5.46
N TYR C 102 29.49 3.15 6.51
CA TYR C 102 30.31 4.32 6.86
C TYR C 102 31.68 4.12 6.23
N VAL C 103 31.83 4.63 5.01
CA VAL C 103 33.00 4.30 4.19
C VAL C 103 34.28 4.86 4.83
N ARG C 104 34.24 6.11 5.28
CA ARG C 104 35.44 6.71 5.86
C ARG C 104 35.86 6.01 7.14
N ILE C 105 34.89 5.65 7.99
CA ILE C 105 35.21 4.89 9.20
C ILE C 105 35.76 3.51 8.84
N VAL C 106 35.23 2.91 7.77
CA VAL C 106 35.77 1.63 7.29
C VAL C 106 37.23 1.80 6.88
N GLU C 107 37.55 2.90 6.18
CA GLU C 107 38.93 3.17 5.81
C GLU C 107 39.81 3.27 7.03
N ALA C 108 39.37 4.04 8.03
CA ALA C 108 40.18 4.23 9.24
C ALA C 108 40.41 2.92 9.96
N ILE C 109 39.37 2.09 10.09
CA ILE C 109 39.52 0.81 10.78
C ILE C 109 40.39 -0.13 9.96
N LEU C 110 40.27 -0.10 8.64
CA LEU C 110 41.11 -0.95 7.79
C LEU C 110 42.58 -0.55 7.86
N ASN C 111 42.88 0.67 8.30
CA ASN C 111 44.26 1.07 8.51
C ASN C 111 44.83 0.57 9.83
N HIS C 112 44.02 -0.05 10.68
CA HIS C 112 44.49 -0.58 11.94
C HIS C 112 45.48 -1.72 11.71
N PRO C 113 46.47 -1.88 12.59
CA PRO C 113 47.42 -3.00 12.42
C PRO C 113 46.78 -4.37 12.41
N GLY C 114 45.62 -4.53 13.04
CA GLY C 114 44.92 -5.80 13.01
C GLY C 114 44.41 -6.20 11.65
N PHE C 115 44.38 -5.27 10.69
CA PHE C 115 43.98 -5.55 9.32
C PHE C 115 45.10 -5.34 8.33
N ALA C 116 45.81 -4.21 8.42
CA ALA C 116 46.88 -3.92 7.46
C ALA C 116 48.04 -4.90 7.61
N ALA C 117 48.41 -5.23 8.85
CA ALA C 117 49.54 -6.12 9.12
C ALA C 117 49.13 -7.58 9.27
N SER C 118 48.05 -7.99 8.62
CA SER C 118 47.57 -9.36 8.70
C SER C 118 46.73 -9.66 7.47
N LYS C 119 46.46 -10.96 7.27
CA LYS C 119 45.64 -11.43 6.16
C LYS C 119 44.21 -11.71 6.61
N ARG C 120 43.69 -10.92 7.55
CA ARG C 120 42.36 -11.17 8.09
C ARG C 120 41.28 -11.04 7.02
N LEU C 121 41.40 -10.04 6.14
CA LEU C 121 40.38 -9.81 5.12
C LEU C 121 40.35 -10.92 4.07
N THR C 122 41.43 -11.68 3.91
CA THR C 122 41.49 -12.76 2.94
C THR C 122 41.20 -14.12 3.56
N LEU C 123 40.55 -14.14 4.73
CA LEU C 123 40.25 -15.38 5.41
C LEU C 123 38.83 -15.83 5.08
N SER C 124 38.68 -17.09 4.70
CA SER C 124 37.37 -17.66 4.47
C SER C 124 36.63 -17.84 5.80
N PRO C 125 35.31 -17.94 5.77
CA PRO C 125 34.57 -18.17 7.02
C PRO C 125 35.04 -19.42 7.76
N CYS C 126 35.33 -20.50 7.05
CA CYS C 126 35.90 -21.68 7.68
C CYS C 126 37.28 -21.39 8.24
N GLU C 127 38.11 -20.68 7.47
CA GLU C 127 39.45 -20.34 7.93
C GLU C 127 39.41 -19.38 9.11
N GLN C 128 38.53 -18.38 9.06
CA GLN C 128 38.43 -17.45 10.18
C GLN C 128 37.84 -18.11 11.42
N GLU C 129 37.05 -19.17 11.24
CA GLU C 129 36.57 -19.95 12.37
C GLU C 129 37.56 -21.00 12.84
N LEU C 130 38.60 -21.27 12.05
CA LEU C 130 39.59 -22.27 12.45
C LEU C 130 40.33 -21.85 13.71
N GLN C 131 40.72 -20.57 13.79
CA GLN C 131 41.41 -20.05 14.96
C GLN C 131 40.41 -19.27 15.82
N ASP C 132 40.47 -19.49 17.13
CA ASP C 132 39.54 -18.86 18.07
C ASP C 132 40.18 -17.63 18.72
N ASP C 133 40.47 -16.63 17.88
CA ASP C 133 41.05 -15.38 18.37
C ASP C 133 39.99 -14.42 18.90
N ASP C 134 38.71 -14.65 18.62
CA ASP C 134 37.63 -13.76 19.03
C ASP C 134 37.87 -12.33 18.54
N PHE C 135 38.42 -12.22 17.32
CA PHE C 135 38.75 -10.91 16.78
C PHE C 135 37.50 -10.10 16.46
N TYR C 136 36.46 -10.75 15.94
CA TYR C 136 35.23 -10.08 15.55
C TYR C 136 34.16 -10.11 16.64
N ALA C 137 34.47 -10.64 17.82
CA ALA C 137 33.49 -10.71 18.88
C ALA C 137 33.15 -9.30 19.38
N TYR C 138 31.86 -9.02 19.53
CA TYR C 138 31.40 -7.73 20.03
C TYR C 138 31.24 -7.70 21.54
N ASP C 139 31.47 -8.83 22.21
CA ASP C 139 31.43 -8.91 23.67
C ASP C 139 32.18 -10.18 24.07
N GLU C 140 32.04 -10.55 25.34
CA GLU C 140 32.72 -11.75 25.84
C GLU C 140 32.11 -13.04 25.34
N ASP C 141 30.93 -13.00 24.70
CA ASP C 141 30.24 -14.21 24.24
C ASP C 141 29.55 -13.91 22.90
N GLY C 142 30.22 -14.26 21.81
CA GLY C 142 29.62 -14.19 20.49
C GLY C 142 29.97 -12.92 19.74
N THR C 143 29.46 -12.86 18.52
CA THR C 143 29.70 -11.76 17.60
C THR C 143 28.38 -11.05 17.29
N ARG C 144 28.50 -9.83 16.77
CA ARG C 144 27.30 -9.06 16.41
C ARG C 144 26.52 -9.76 15.31
N PHE C 145 27.20 -10.28 14.30
CA PHE C 145 26.59 -11.04 13.22
C PHE C 145 27.00 -12.50 13.35
N SER C 146 26.52 -13.31 12.42
CA SER C 146 26.86 -14.72 12.42
C SER C 146 28.37 -14.89 12.20
N PRO C 147 29.00 -15.86 12.87
CA PRO C 147 30.47 -16.01 12.73
C PRO C 147 30.93 -16.26 11.31
N ASP C 148 30.10 -16.91 10.49
CA ASP C 148 30.47 -17.19 9.11
C ASP C 148 30.42 -15.95 8.22
N ILE C 149 29.87 -14.84 8.70
CA ILE C 149 29.74 -13.64 7.89
C ILE C 149 31.08 -12.89 7.95
N THR C 150 31.78 -12.85 6.82
CA THR C 150 33.02 -12.11 6.69
C THR C 150 32.72 -10.66 6.33
N PRO C 151 33.70 -9.76 6.45
CA PRO C 151 33.47 -8.37 6.02
C PRO C 151 33.01 -8.25 4.58
N ILE C 152 33.54 -9.06 3.67
CA ILE C 152 33.12 -8.97 2.27
C ILE C 152 31.70 -9.51 2.11
N ILE C 153 31.35 -10.57 2.84
CA ILE C 153 29.99 -11.09 2.80
C ILE C 153 29.02 -10.08 3.38
N LEU C 154 29.40 -9.45 4.50
CA LEU C 154 28.54 -8.43 5.10
C LEU C 154 28.36 -7.23 4.18
N ALA C 155 29.44 -6.82 3.51
CA ALA C 155 29.35 -5.70 2.57
C ALA C 155 28.43 -6.05 1.40
N ALA C 156 28.51 -7.28 0.91
CA ALA C 156 27.61 -7.72 -0.14
C ALA C 156 26.16 -7.76 0.35
N HIS C 157 25.94 -8.20 1.59
CA HIS C 157 24.59 -8.26 2.14
C HIS C 157 23.96 -6.89 2.21
N CYS C 158 24.74 -5.88 2.59
CA CYS C 158 24.23 -4.52 2.74
C CYS C 158 24.31 -3.70 1.46
N GLN C 159 24.76 -4.31 0.36
CA GLN C 159 24.82 -3.65 -0.95
C GLN C 159 25.66 -2.37 -0.90
N LYS C 160 26.77 -2.43 -0.17
CA LYS C 160 27.69 -1.30 -0.07
C LYS C 160 28.72 -1.43 -1.18
N TYR C 161 28.45 -0.76 -2.31
CA TYR C 161 29.29 -0.94 -3.49
C TYR C 161 30.73 -0.48 -3.25
N GLU C 162 30.90 0.69 -2.62
CA GLU C 162 32.24 1.18 -2.34
C GLU C 162 32.98 0.27 -1.37
N VAL C 163 32.28 -0.22 -0.34
CA VAL C 163 32.91 -1.12 0.62
C VAL C 163 33.26 -2.45 -0.04
N VAL C 164 32.36 -2.95 -0.90
CA VAL C 164 32.64 -4.20 -1.62
C VAL C 164 33.87 -4.03 -2.50
N HIS C 165 33.96 -2.92 -3.23
CA HIS C 165 35.12 -2.67 -4.07
C HIS C 165 36.39 -2.55 -3.23
N MET C 166 36.30 -1.87 -2.09
CA MET C 166 37.46 -1.72 -1.21
C MET C 166 37.96 -3.08 -0.74
N LEU C 167 37.05 -3.95 -0.32
CA LEU C 167 37.45 -5.26 0.17
C LEU C 167 37.95 -6.15 -0.96
N LEU C 168 37.41 -5.99 -2.17
CA LEU C 168 37.92 -6.73 -3.32
C LEU C 168 39.35 -6.32 -3.65
N MET C 169 39.65 -5.02 -3.53
CA MET C 169 41.02 -4.56 -3.75
C MET C 169 41.98 -5.16 -2.73
N LYS C 170 41.50 -5.45 -1.53
CA LYS C 170 42.33 -6.04 -0.49
C LYS C 170 42.44 -7.55 -0.60
N GLY C 171 41.78 -8.16 -1.59
CA GLY C 171 41.85 -9.59 -1.79
C GLY C 171 40.70 -10.38 -1.22
N ALA C 172 39.73 -9.74 -0.58
CA ALA C 172 38.60 -10.45 -0.01
C ALA C 172 37.69 -10.97 -1.11
N ARG C 173 37.31 -12.25 -1.01
CA ARG C 173 36.38 -12.87 -1.93
C ARG C 173 35.39 -13.71 -1.14
N ILE C 174 34.22 -13.93 -1.72
CA ILE C 174 33.21 -14.79 -1.14
C ILE C 174 33.39 -16.19 -1.71
N GLU C 175 33.70 -17.15 -0.85
CA GLU C 175 33.91 -18.52 -1.29
C GLU C 175 32.58 -19.15 -1.69
N ARG C 176 32.55 -19.77 -2.85
CA ARG C 176 31.34 -20.44 -3.30
C ARG C 176 31.05 -21.64 -2.41
N PRO C 177 29.84 -21.76 -1.87
CA PRO C 177 29.53 -22.94 -1.06
C PRO C 177 29.58 -24.21 -1.90
N HIS C 178 29.96 -25.31 -1.26
CA HIS C 178 30.00 -26.59 -1.94
C HIS C 178 28.59 -27.04 -2.30
N ASP C 179 28.52 -28.09 -3.11
CA ASP C 179 27.23 -28.66 -3.47
C ASP C 179 26.53 -29.20 -2.23
N TYR C 180 25.19 -29.18 -2.27
CA TYR C 180 24.43 -29.67 -1.13
C TYR C 180 24.72 -31.14 -0.84
N PHE C 181 25.08 -31.90 -1.87
CA PHE C 181 25.41 -33.31 -1.74
C PHE C 181 26.92 -33.56 -1.78
N CYS C 182 27.72 -32.53 -1.51
CA CYS C 182 29.16 -32.70 -1.48
C CYS C 182 29.57 -33.63 -0.33
N LYS C 183 30.50 -34.53 -0.61
CA LYS C 183 30.94 -35.53 0.35
C LYS C 183 32.33 -35.24 0.90
N CYS C 184 32.82 -34.02 0.76
CA CYS C 184 34.13 -33.67 1.28
C CYS C 184 34.11 -33.70 2.80
N GLY C 185 35.30 -33.85 3.39
CA GLY C 185 35.41 -33.99 4.83
C GLY C 185 34.88 -32.80 5.59
N ASP C 186 35.13 -31.59 5.09
CA ASP C 186 34.65 -30.39 5.76
C ASP C 186 33.13 -30.33 5.78
N CYS C 187 32.49 -30.66 4.66
CA CYS C 187 31.03 -30.63 4.60
C CYS C 187 30.41 -31.66 5.53
N MET C 188 30.96 -32.88 5.55
CA MET C 188 30.42 -33.91 6.43
C MET C 188 30.63 -33.54 7.89
N GLU C 189 31.79 -32.98 8.24
CA GLU C 189 32.04 -32.59 9.62
C GLU C 189 31.12 -31.45 10.04
N LYS C 190 30.83 -30.52 9.13
CA LYS C 190 29.92 -29.43 9.45
C LYS C 190 28.49 -29.93 9.60
N GLN C 191 28.08 -30.86 8.73
CA GLN C 191 26.73 -31.40 8.83
C GLN C 191 26.55 -32.22 10.11
N ARG C 192 27.55 -33.02 10.48
CA ARG C 192 27.45 -33.83 11.67
C ARG C 192 27.60 -33.02 12.96
N HIS C 193 28.28 -31.87 12.90
CA HIS C 193 28.41 -31.04 14.09
C HIS C 193 27.17 -30.18 14.29
N ASP C 194 26.80 -29.38 13.28
CA ASP C 194 25.64 -28.51 13.38
C ASP C 194 25.08 -28.34 11.97
N SER C 195 24.06 -29.14 11.64
CA SER C 195 23.44 -29.04 10.32
C SER C 195 22.74 -27.70 10.14
N PHE C 196 22.08 -27.19 11.18
CA PHE C 196 21.41 -25.90 11.08
C PHE C 196 22.42 -24.77 10.83
N SER C 197 23.54 -24.79 11.54
CA SER C 197 24.57 -23.78 11.31
C SER C 197 25.16 -23.90 9.92
N HIS C 198 25.33 -25.13 9.43
CA HIS C 198 25.83 -25.33 8.06
C HIS C 198 24.86 -24.74 7.04
N SER C 199 23.56 -24.98 7.23
CA SER C 199 22.57 -24.42 6.30
C SER C 199 22.56 -22.90 6.37
N ARG C 200 22.63 -22.32 7.57
CA ARG C 200 22.63 -20.87 7.71
C ARG C 200 23.89 -20.27 7.07
N SER C 201 25.03 -20.90 7.26
CA SER C 201 26.26 -20.40 6.66
C SER C 201 26.19 -20.46 5.14
N ARG C 202 25.64 -21.53 4.59
CA ARG C 202 25.47 -21.63 3.14
C ARG C 202 24.53 -20.54 2.63
N ILE C 203 23.44 -20.29 3.36
CA ILE C 203 22.50 -19.24 2.95
C ILE C 203 23.18 -17.87 2.98
N ASN C 204 23.97 -17.60 4.02
CA ASN C 204 24.65 -16.32 4.12
C ASN C 204 25.65 -16.13 2.99
N ALA C 205 26.41 -17.18 2.66
CA ALA C 205 27.36 -17.08 1.55
C ALA C 205 26.65 -16.84 0.24
N TYR C 206 25.54 -17.54 0.00
CA TYR C 206 24.79 -17.33 -1.24
C TYR C 206 24.13 -15.97 -1.27
N LYS C 207 23.69 -15.46 -0.12
CA LYS C 207 23.15 -14.11 -0.06
C LYS C 207 24.20 -13.08 -0.45
N GLY C 208 25.45 -13.31 -0.03
CA GLY C 208 26.53 -12.45 -0.49
C GLY C 208 26.78 -12.59 -1.98
N LEU C 209 26.79 -13.81 -2.49
CA LEU C 209 27.04 -14.04 -3.91
C LEU C 209 25.91 -13.48 -4.77
N ALA C 210 24.66 -13.66 -4.35
CA ALA C 210 23.52 -13.16 -5.10
C ALA C 210 23.37 -11.65 -5.04
N SER C 211 24.15 -10.97 -4.21
CA SER C 211 24.06 -9.52 -4.10
C SER C 211 24.46 -8.87 -5.42
N PRO C 212 23.67 -7.93 -5.93
CA PRO C 212 24.07 -7.23 -7.16
C PRO C 212 25.38 -6.49 -7.05
N ALA C 213 25.73 -5.99 -5.86
CA ALA C 213 27.00 -5.30 -5.68
C ALA C 213 28.17 -6.26 -5.91
N TYR C 214 28.15 -7.42 -5.25
CA TYR C 214 29.21 -8.40 -5.45
C TYR C 214 29.19 -8.96 -6.87
N LEU C 215 27.98 -9.20 -7.41
CA LEU C 215 27.88 -9.73 -8.76
C LEU C 215 28.50 -8.78 -9.78
N SER C 216 28.22 -7.47 -9.64
CA SER C 216 28.72 -6.51 -10.62
C SER C 216 30.20 -6.23 -10.45
N LEU C 217 30.73 -6.32 -9.22
CA LEU C 217 32.10 -5.92 -8.96
C LEU C 217 33.10 -7.07 -8.92
N SER C 218 32.63 -8.33 -8.88
CA SER C 218 33.54 -9.45 -8.74
C SER C 218 33.62 -10.37 -9.95
N SER C 219 32.63 -10.32 -10.85
CA SER C 219 32.59 -11.20 -12.00
C SER C 219 32.89 -10.43 -13.28
N GLU C 220 33.75 -10.99 -14.12
CA GLU C 220 34.04 -10.39 -15.42
C GLU C 220 32.82 -10.44 -16.33
N ASP C 221 31.94 -11.42 -16.13
CA ASP C 221 30.69 -11.54 -16.88
C ASP C 221 29.57 -11.66 -15.87
N PRO C 222 29.15 -10.54 -15.27
CA PRO C 222 28.14 -10.61 -14.21
C PRO C 222 26.80 -11.18 -14.67
N VAL C 223 26.42 -10.96 -15.93
CA VAL C 223 25.13 -11.46 -16.41
C VAL C 223 25.12 -12.99 -16.41
N LEU C 224 26.16 -13.60 -16.97
CA LEU C 224 26.24 -15.06 -16.98
C LEU C 224 26.35 -15.62 -15.58
N THR C 225 27.15 -14.98 -14.72
CA THR C 225 27.29 -15.43 -13.34
C THR C 225 25.96 -15.39 -12.61
N ALA C 226 25.21 -14.30 -12.80
CA ALA C 226 23.92 -14.19 -12.12
C ALA C 226 22.91 -15.18 -12.66
N LEU C 227 22.95 -15.47 -13.96
CA LEU C 227 22.04 -16.47 -14.53
C LEU C 227 22.31 -17.84 -13.94
N GLU C 228 23.58 -18.26 -13.92
CA GLU C 228 23.93 -19.55 -13.34
C GLU C 228 23.60 -19.58 -11.85
N LEU C 229 23.87 -18.48 -11.14
CA LEU C 229 23.57 -18.43 -9.71
C LEU C 229 22.07 -18.53 -9.46
N SER C 230 21.27 -17.89 -10.30
CA SER C 230 19.82 -17.97 -10.16
C SER C 230 19.33 -19.41 -10.33
N ASN C 231 19.87 -20.11 -11.33
CA ASN C 231 19.49 -21.52 -11.52
C ASN C 231 19.91 -22.36 -10.32
N GLU C 232 21.13 -22.16 -9.82
CA GLU C 232 21.60 -22.92 -8.69
C GLU C 232 20.76 -22.65 -7.44
N LEU C 233 20.40 -21.38 -7.23
CA LEU C 233 19.59 -21.03 -6.06
C LEU C 233 18.18 -21.62 -6.16
N ALA C 234 17.61 -21.65 -7.37
CA ALA C 234 16.31 -22.28 -7.55
C ALA C 234 16.38 -23.78 -7.24
N LYS C 235 17.44 -24.44 -7.69
CA LYS C 235 17.62 -25.86 -7.37
C LYS C 235 17.75 -26.07 -5.87
N LEU C 236 18.51 -25.21 -5.19
CA LEU C 236 18.67 -25.32 -3.75
C LEU C 236 17.35 -25.07 -3.03
N ALA C 237 16.53 -24.16 -3.56
CA ALA C 237 15.21 -23.96 -2.99
C ALA C 237 14.37 -25.23 -3.10
N ASN C 238 14.51 -25.95 -4.22
CA ASN C 238 13.83 -27.23 -4.35
C ASN C 238 14.36 -28.26 -3.36
N ILE C 239 15.67 -28.23 -3.10
CA ILE C 239 16.28 -29.23 -2.21
C ILE C 239 16.04 -28.88 -0.75
N GLU C 240 16.56 -27.73 -0.32
CA GLU C 240 16.42 -27.29 1.07
C GLU C 240 15.04 -26.68 1.24
N LYS C 241 14.08 -27.52 1.63
CA LYS C 241 12.68 -27.11 1.65
C LYS C 241 12.40 -26.16 2.82
N GLU C 242 13.06 -26.36 3.96
CA GLU C 242 12.80 -25.51 5.12
C GLU C 242 13.17 -24.06 4.86
N PHE C 243 14.30 -23.82 4.20
CA PHE C 243 14.74 -22.47 3.85
C PHE C 243 14.43 -22.14 2.39
N LYS C 244 13.30 -22.63 1.88
CA LYS C 244 12.95 -22.42 0.48
C LYS C 244 12.75 -20.95 0.16
N ASN C 245 12.10 -20.21 1.07
CA ASN C 245 11.79 -18.81 0.80
C ASN C 245 13.06 -17.98 0.63
N ASP C 246 14.08 -18.23 1.45
CA ASP C 246 15.33 -17.50 1.34
C ASP C 246 16.00 -17.74 -0.01
N TYR C 247 16.05 -19.00 -0.44
CA TYR C 247 16.69 -19.33 -1.71
C TYR C 247 15.92 -18.75 -2.89
N ARG C 248 14.58 -18.78 -2.83
CA ARG C 248 13.80 -18.15 -3.89
C ARG C 248 14.04 -16.64 -3.93
N LYS C 249 14.14 -16.00 -2.76
CA LYS C 249 14.42 -14.57 -2.73
C LYS C 249 15.77 -14.26 -3.38
N LEU C 250 16.79 -15.07 -3.09
CA LEU C 250 18.09 -14.87 -3.70
C LEU C 250 18.05 -15.10 -5.21
N SER C 251 17.30 -16.12 -5.64
CA SER C 251 17.15 -16.37 -7.08
C SER C 251 16.48 -15.21 -7.78
N MET C 252 15.43 -14.65 -7.15
CA MET C 252 14.79 -13.47 -7.72
C MET C 252 15.74 -12.28 -7.74
N GLN C 253 16.65 -12.19 -6.76
CA GLN C 253 17.64 -11.12 -6.76
C GLN C 253 18.54 -11.22 -7.98
N CYS C 254 19.01 -12.43 -8.29
CA CYS C 254 19.85 -12.62 -9.47
C CYS C 254 19.09 -12.28 -10.75
N LYS C 255 17.83 -12.71 -10.84
CA LYS C 255 17.02 -12.39 -12.02
C LYS C 255 16.81 -10.89 -12.15
N ASP C 256 16.56 -10.21 -11.03
CA ASP C 256 16.42 -8.75 -11.07
C ASP C 256 17.70 -8.08 -11.52
N PHE C 257 18.85 -8.64 -11.15
CA PHE C 257 20.12 -8.07 -11.57
C PHE C 257 20.28 -8.13 -13.08
N VAL C 258 20.05 -9.30 -13.68
CA VAL C 258 20.22 -9.41 -15.13
C VAL C 258 19.18 -8.56 -15.86
N VAL C 259 17.97 -8.47 -15.31
CA VAL C 259 16.94 -7.63 -15.93
C VAL C 259 17.36 -6.17 -15.89
N GLY C 260 17.92 -5.71 -14.77
CA GLY C 260 18.38 -4.33 -14.69
C GLY C 260 19.52 -4.04 -15.66
N VAL C 261 20.45 -4.99 -15.81
CA VAL C 261 21.55 -4.80 -16.75
C VAL C 261 21.03 -4.68 -18.16
N LEU C 262 20.08 -5.54 -18.55
CA LEU C 262 19.48 -5.43 -19.87
C LEU C 262 18.68 -4.14 -20.02
N ASP C 263 18.05 -3.70 -18.93
CA ASP C 263 17.26 -2.48 -18.97
C ASP C 263 18.13 -1.25 -19.23
N LEU C 264 19.41 -1.32 -18.90
CA LEU C 264 20.31 -0.18 -19.08
C LEU C 264 20.97 -0.12 -20.45
N CYS C 265 20.65 -1.05 -21.35
CA CYS C 265 21.22 -1.00 -22.69
C CYS C 265 20.64 0.17 -23.47
N ARG C 266 21.49 0.81 -24.27
CA ARG C 266 21.11 2.01 -25.01
C ARG C 266 21.09 1.81 -26.52
N ASP C 267 22.10 1.14 -27.08
CA ASP C 267 22.18 0.90 -28.51
C ASP C 267 22.10 -0.60 -28.79
N SER C 268 22.14 -0.94 -30.08
CA SER C 268 22.02 -2.34 -30.48
C SER C 268 23.23 -3.16 -30.04
N GLU C 269 24.42 -2.55 -30.02
CA GLU C 269 25.62 -3.30 -29.65
C GLU C 269 25.55 -3.81 -28.23
N GLU C 270 25.09 -2.97 -27.29
CA GLU C 270 24.95 -3.40 -25.90
C GLU C 270 23.89 -4.49 -25.78
N VAL C 271 22.79 -4.35 -26.53
CA VAL C 271 21.73 -5.37 -26.49
C VAL C 271 22.27 -6.70 -27.01
N GLU C 272 23.03 -6.66 -28.12
CA GLU C 272 23.59 -7.89 -28.67
C GLU C 272 24.58 -8.53 -27.70
N ALA C 273 25.38 -7.71 -27.02
CA ALA C 273 26.32 -8.24 -26.03
C ALA C 273 25.59 -8.93 -24.90
N ILE C 274 24.49 -8.32 -24.42
CA ILE C 274 23.74 -8.92 -23.32
C ILE C 274 23.01 -10.17 -23.76
N LEU C 275 22.37 -10.14 -24.94
CA LEU C 275 21.52 -11.25 -25.37
C LEU C 275 22.33 -12.42 -25.93
N ASN C 276 23.49 -12.17 -26.52
CA ASN C 276 24.26 -13.22 -27.17
C ASN C 276 25.48 -13.68 -26.37
N GLY C 277 25.98 -12.87 -25.43
CA GLY C 277 27.10 -13.25 -24.62
C GLY C 277 28.46 -12.92 -25.20
N ASP C 278 28.52 -12.43 -26.43
CA ASP C 278 29.77 -12.02 -27.06
C ASP C 278 29.43 -11.22 -28.31
N LEU C 279 30.46 -10.70 -28.96
CA LEU C 279 30.28 -9.90 -30.17
C LEU C 279 30.83 -10.64 -31.40
N ALA C 292 23.60 -13.89 -34.30
CA ALA C 292 22.45 -13.82 -33.40
C ALA C 292 22.18 -15.18 -32.76
N SER C 293 23.12 -15.65 -31.96
CA SER C 293 22.95 -16.94 -31.29
C SER C 293 21.87 -16.87 -30.21
N LEU C 294 21.73 -15.71 -29.56
CA LEU C 294 20.78 -15.53 -28.45
C LEU C 294 20.99 -16.57 -27.36
N SER C 295 22.27 -16.85 -27.06
CA SER C 295 22.60 -17.86 -26.07
C SER C 295 22.09 -17.46 -24.69
N ARG C 296 22.21 -16.18 -24.34
CA ARG C 296 21.72 -15.73 -23.04
C ARG C 296 20.19 -15.72 -23.00
N VAL C 297 19.54 -15.43 -24.13
CA VAL C 297 18.09 -15.51 -24.19
C VAL C 297 17.62 -16.95 -23.98
N LYS C 298 18.29 -17.90 -24.63
CA LYS C 298 17.96 -19.31 -24.45
C LYS C 298 18.23 -19.75 -23.02
N LEU C 299 19.32 -19.28 -22.43
CA LEU C 299 19.61 -19.61 -21.03
C LEU C 299 18.56 -19.03 -20.10
N ALA C 300 18.10 -17.81 -20.37
CA ALA C 300 17.05 -17.21 -19.57
C ALA C 300 15.74 -17.98 -19.69
N ILE C 301 15.43 -18.47 -20.89
CA ILE C 301 14.25 -19.31 -21.07
C ILE C 301 14.40 -20.62 -20.30
N LYS C 302 15.58 -21.24 -20.39
CA LYS C 302 15.82 -22.48 -19.66
C LYS C 302 15.74 -22.27 -18.15
N TYR C 303 16.29 -21.16 -17.67
CA TYR C 303 16.28 -20.83 -16.26
C TYR C 303 15.03 -20.06 -15.84
N GLU C 304 14.08 -19.87 -16.77
CA GLU C 304 12.80 -19.26 -16.49
C GLU C 304 12.95 -17.83 -15.96
N VAL C 305 13.90 -17.10 -16.55
CA VAL C 305 14.08 -15.67 -16.24
C VAL C 305 13.14 -14.93 -17.19
N LYS C 306 11.87 -14.83 -16.79
CA LYS C 306 10.84 -14.35 -17.70
C LYS C 306 10.99 -12.86 -17.98
N LYS C 307 11.26 -12.05 -16.96
CA LYS C 307 11.39 -10.61 -17.16
C LYS C 307 12.58 -10.24 -18.03
N PHE C 308 13.57 -11.12 -18.15
CA PHE C 308 14.69 -10.86 -19.05
C PHE C 308 14.27 -10.94 -20.51
N VAL C 309 13.53 -12.00 -20.87
CA VAL C 309 13.11 -12.14 -22.26
C VAL C 309 11.87 -11.29 -22.55
N ALA C 310 11.07 -10.98 -21.53
CA ALA C 310 9.90 -10.13 -21.72
C ALA C 310 10.23 -8.64 -21.70
N HIS C 311 11.48 -8.29 -21.41
CA HIS C 311 11.86 -6.88 -21.42
C HIS C 311 11.79 -6.34 -22.84
N PRO C 312 11.34 -5.09 -23.03
CA PRO C 312 11.25 -4.54 -24.39
C PRO C 312 12.59 -4.51 -25.11
N ASN C 313 13.70 -4.36 -24.39
CA ASN C 313 15.01 -4.36 -25.04
C ASN C 313 15.29 -5.70 -25.72
N CYS C 314 14.94 -6.80 -25.05
CA CYS C 314 15.08 -8.11 -25.67
C CYS C 314 13.97 -8.36 -26.68
N GLN C 315 12.77 -7.84 -26.42
CA GLN C 315 11.63 -8.09 -27.30
C GLN C 315 11.84 -7.48 -28.68
N GLN C 316 12.40 -6.26 -28.74
CA GLN C 316 12.59 -5.61 -30.03
C GLN C 316 13.58 -6.38 -30.90
N GLN C 317 14.64 -6.91 -30.30
CA GLN C 317 15.57 -7.75 -31.06
C GLN C 317 14.90 -9.04 -31.51
N LEU C 318 14.07 -9.63 -30.65
CA LEU C 318 13.32 -10.82 -31.04
C LEU C 318 12.38 -10.53 -32.19
N LEU C 319 11.74 -9.36 -32.19
CA LEU C 319 10.88 -8.97 -33.30
C LEU C 319 11.69 -8.78 -34.58
N THR C 320 12.89 -8.22 -34.46
CA THR C 320 13.73 -8.03 -35.64
C THR C 320 14.07 -9.36 -36.29
N ILE C 321 14.43 -10.36 -35.49
CA ILE C 321 14.69 -11.69 -36.04
C ILE C 321 13.38 -12.32 -36.52
N TRP C 322 12.29 -12.08 -35.80
CA TRP C 322 11.00 -12.68 -36.14
C TRP C 322 10.52 -12.22 -37.51
N TYR C 323 10.65 -10.93 -37.81
CA TYR C 323 10.19 -10.35 -39.07
C TYR C 323 11.33 -10.13 -40.05
N GLU C 324 12.33 -11.00 -40.04
CA GLU C 324 13.44 -10.87 -40.98
C GLU C 324 12.94 -11.03 -42.41
N ASN C 325 13.51 -10.24 -43.32
CA ASN C 325 13.16 -10.23 -44.74
C ASN C 325 11.68 -9.89 -44.98
N LEU C 326 11.02 -9.28 -43.99
CA LEU C 326 9.63 -8.84 -44.10
C LEU C 326 9.48 -7.42 -43.59
N SER C 327 10.38 -6.54 -44.03
CA SER C 327 10.31 -5.13 -43.65
C SER C 327 9.06 -4.51 -44.28
N GLY C 328 8.11 -4.12 -43.44
CA GLY C 328 6.84 -3.60 -43.92
C GLY C 328 5.67 -4.44 -43.50
N LEU C 329 5.84 -5.77 -43.53
CA LEU C 329 4.79 -6.67 -43.06
C LEU C 329 4.58 -6.55 -41.55
N ARG C 330 5.61 -6.13 -40.82
CA ARG C 330 5.50 -5.97 -39.38
C ARG C 330 4.47 -4.91 -39.01
N GLU C 331 4.47 -3.79 -39.75
CA GLU C 331 3.59 -2.68 -39.45
C GLU C 331 2.13 -2.91 -39.86
N GLN C 332 1.86 -3.98 -40.61
CA GLN C 332 0.49 -4.23 -41.04
C GLN C 332 -0.39 -4.66 -39.87
N THR C 333 -1.70 -4.53 -40.06
CA THR C 333 -2.66 -4.82 -39.02
C THR C 333 -2.85 -6.34 -38.88
N ILE C 334 -3.67 -6.73 -37.90
CA ILE C 334 -3.96 -8.15 -37.68
C ILE C 334 -4.75 -8.72 -38.85
N ALA C 335 -5.65 -7.93 -39.44
CA ALA C 335 -6.45 -8.42 -40.56
C ALA C 335 -5.56 -8.76 -41.75
N ILE C 336 -4.56 -7.93 -42.04
CA ILE C 336 -3.65 -8.20 -43.14
C ILE C 336 -2.88 -9.50 -42.89
N LYS C 337 -2.40 -9.70 -41.67
CA LYS C 337 -1.67 -10.92 -41.34
C LYS C 337 -2.58 -12.14 -41.44
N CYS C 338 -3.85 -12.02 -41.02
CA CYS C 338 -4.79 -13.12 -41.16
C CYS C 338 -5.04 -13.44 -42.63
N LEU C 339 -5.17 -12.41 -43.47
CA LEU C 339 -5.32 -12.64 -44.90
C LEU C 339 -4.07 -13.31 -45.48
N VAL C 340 -2.90 -12.93 -44.98
CA VAL C 340 -1.66 -13.57 -45.42
C VAL C 340 -1.68 -15.05 -45.06
N VAL C 341 -2.12 -15.38 -43.85
CA VAL C 341 -2.23 -16.78 -43.45
C VAL C 341 -3.22 -17.51 -44.35
N LEU C 342 -4.34 -16.87 -44.67
CA LEU C 342 -5.36 -17.53 -45.50
C LEU C 342 -4.82 -17.80 -46.90
N VAL C 343 -4.15 -16.82 -47.52
CA VAL C 343 -3.64 -17.02 -48.87
C VAL C 343 -2.47 -18.01 -48.86
N VAL C 344 -1.70 -18.06 -47.77
CA VAL C 344 -0.67 -19.08 -47.65
C VAL C 344 -1.30 -20.46 -47.60
N ALA C 345 -2.38 -20.62 -46.84
CA ALA C 345 -3.08 -21.90 -46.78
C ALA C 345 -3.62 -22.29 -48.16
N LEU C 346 -4.20 -21.33 -48.89
CA LEU C 346 -4.72 -21.63 -50.21
C LEU C 346 -3.61 -22.01 -51.17
N GLY C 347 -2.48 -21.32 -51.11
CA GLY C 347 -1.39 -21.56 -52.03
C GLY C 347 -0.21 -22.31 -51.43
N LEU C 348 -0.47 -23.09 -50.38
CA LEU C 348 0.61 -23.84 -49.74
C LEU C 348 1.30 -24.82 -50.67
N PRO C 349 0.61 -25.65 -51.46
CA PRO C 349 1.34 -26.52 -52.41
C PRO C 349 2.17 -25.73 -53.41
N PHE C 350 1.67 -24.59 -53.87
CA PHE C 350 2.44 -23.77 -54.80
C PHE C 350 3.70 -23.22 -54.13
N LEU C 351 3.59 -22.78 -52.88
CA LEU C 351 4.76 -22.30 -52.16
C LEU C 351 5.77 -23.41 -51.93
N ALA C 352 5.30 -24.61 -51.61
CA ALA C 352 6.20 -25.74 -51.43
C ALA C 352 6.92 -26.08 -52.72
N ILE C 353 6.20 -26.08 -53.84
CA ILE C 353 6.83 -26.37 -55.13
C ILE C 353 7.86 -25.30 -55.46
N GLY C 354 7.51 -24.03 -55.26
CA GLY C 354 8.45 -22.95 -55.54
C GLY C 354 9.69 -23.02 -54.66
N TYR C 355 9.51 -23.38 -53.39
CA TYR C 355 10.66 -23.53 -52.50
C TYR C 355 11.54 -24.70 -52.94
N TRP C 356 10.93 -25.79 -53.39
CA TRP C 356 11.72 -26.94 -53.85
C TRP C 356 12.52 -26.62 -55.09
N ILE C 357 11.88 -26.00 -56.09
CA ILE C 357 12.58 -25.71 -57.34
C ILE C 357 13.61 -24.60 -57.15
N ALA C 358 13.28 -23.59 -56.36
CA ALA C 358 14.14 -22.42 -56.17
C ALA C 358 14.32 -22.17 -54.67
N PRO C 359 15.18 -22.95 -54.01
CA PRO C 359 15.44 -22.70 -52.59
C PRO C 359 16.04 -21.33 -52.32
N CYS C 360 16.86 -20.81 -53.23
CA CYS C 360 17.53 -19.52 -53.06
C CYS C 360 16.91 -18.53 -54.05
N SER C 361 15.96 -17.73 -53.56
CA SER C 361 15.28 -16.72 -54.37
C SER C 361 14.54 -15.81 -53.40
N ARG C 362 13.76 -14.88 -53.95
CA ARG C 362 12.92 -14.02 -53.10
C ARG C 362 11.89 -14.84 -52.35
N LEU C 363 11.28 -15.82 -53.03
CA LEU C 363 10.33 -16.70 -52.34
C LEU C 363 11.02 -17.52 -51.25
N GLY C 364 12.21 -18.04 -51.54
CA GLY C 364 12.94 -18.79 -50.52
C GLY C 364 13.35 -17.93 -49.34
N LYS C 365 13.79 -16.69 -49.62
CA LYS C 365 14.16 -15.78 -48.55
C LYS C 365 12.96 -15.44 -47.67
N ILE C 366 11.80 -15.20 -48.29
CA ILE C 366 10.59 -14.89 -47.53
C ILE C 366 10.17 -16.11 -46.70
N LEU C 367 10.19 -17.30 -47.30
CA LEU C 367 9.72 -18.49 -46.60
C LEU C 367 10.59 -18.82 -45.40
N ARG C 368 11.90 -18.55 -45.47
CA ARG C 368 12.80 -18.83 -44.37
C ARG C 368 12.61 -17.89 -43.18
N SER C 369 11.83 -16.83 -43.33
CA SER C 369 11.57 -15.92 -42.22
C SER C 369 10.81 -16.67 -41.13
N PRO C 370 11.20 -16.52 -39.86
CA PRO C 370 10.52 -17.27 -38.79
C PRO C 370 9.03 -17.00 -38.72
N PHE C 371 8.60 -15.75 -38.96
CA PHE C 371 7.18 -15.46 -39.00
C PHE C 371 6.50 -16.21 -40.12
N MET C 372 7.14 -16.28 -41.30
CA MET C 372 6.55 -17.00 -42.42
C MET C 372 6.53 -18.50 -42.17
N LYS C 373 7.55 -19.05 -41.52
CA LYS C 373 7.54 -20.46 -41.15
C LYS C 373 6.40 -20.77 -40.19
N PHE C 374 6.21 -19.90 -39.19
CA PHE C 374 5.11 -20.08 -38.26
C PHE C 374 3.75 -19.94 -38.96
N VAL C 375 3.65 -19.00 -39.89
CA VAL C 375 2.42 -18.82 -40.65
C VAL C 375 2.14 -20.07 -41.49
N ALA C 376 3.17 -20.62 -42.13
CA ALA C 376 3.00 -21.82 -42.93
C ALA C 376 2.58 -23.00 -42.07
N HIS C 377 3.17 -23.15 -40.88
CA HIS C 377 2.78 -24.24 -39.99
C HIS C 377 1.34 -24.09 -39.53
N ALA C 378 0.94 -22.87 -39.15
CA ALA C 378 -0.45 -22.64 -38.75
C ALA C 378 -1.40 -22.91 -39.90
N ALA C 379 -1.06 -22.43 -41.10
CA ALA C 379 -1.91 -22.66 -42.26
C ALA C 379 -2.02 -24.15 -42.58
N SER C 380 -0.91 -24.88 -42.45
CA SER C 380 -0.95 -26.32 -42.71
C SER C 380 -1.88 -27.02 -41.74
N PHE C 381 -1.85 -26.64 -40.46
CA PHE C 381 -2.76 -27.28 -39.51
C PHE C 381 -4.20 -26.86 -39.74
N ILE C 382 -4.44 -25.62 -40.18
CA ILE C 382 -5.80 -25.22 -40.53
C ILE C 382 -6.30 -26.05 -41.70
N ILE C 383 -5.43 -26.34 -42.67
CA ILE C 383 -5.80 -27.22 -43.77
C ILE C 383 -6.13 -28.62 -43.24
N PHE C 384 -5.36 -29.09 -42.26
CA PHE C 384 -5.64 -30.40 -41.66
C PHE C 384 -6.99 -30.42 -40.97
N LEU C 385 -7.32 -29.37 -40.22
CA LEU C 385 -8.63 -29.29 -39.58
C LEU C 385 -9.74 -29.22 -40.61
N GLY C 386 -9.54 -28.44 -41.67
CA GLY C 386 -10.52 -28.41 -42.74
C GLY C 386 -10.68 -29.75 -43.43
N LEU C 387 -9.59 -30.52 -43.54
CA LEU C 387 -9.68 -31.87 -44.08
C LEU C 387 -10.51 -32.77 -43.19
N LEU C 388 -10.34 -32.67 -41.88
CA LEU C 388 -11.14 -33.47 -40.96
C LEU C 388 -12.62 -33.10 -41.08
N VAL C 389 -12.93 -31.81 -41.18
CA VAL C 389 -14.32 -31.40 -41.34
C VAL C 389 -14.88 -31.86 -42.68
N PHE C 390 -14.10 -31.70 -43.75
CA PHE C 390 -14.56 -32.10 -45.07
C PHE C 390 -14.74 -33.60 -45.18
N ASN C 391 -14.00 -34.38 -44.38
CA ASN C 391 -14.17 -35.83 -44.40
C ASN C 391 -15.55 -36.24 -43.90
N ALA C 392 -16.12 -35.49 -42.95
CA ALA C 392 -17.45 -35.75 -42.44
C ALA C 392 -18.51 -34.85 -43.08
N SER C 393 -18.13 -34.05 -44.07
CA SER C 393 -19.09 -33.15 -44.72
C SER C 393 -20.26 -33.89 -45.36
N ASP C 394 -20.09 -35.18 -45.69
CA ASP C 394 -21.18 -35.92 -46.31
C ASP C 394 -22.33 -36.16 -45.33
N ARG C 395 -22.05 -36.18 -44.02
CA ARG C 395 -23.05 -36.45 -43.00
C ARG C 395 -23.51 -35.20 -42.27
N PHE C 396 -23.24 -34.01 -42.85
CA PHE C 396 -23.50 -32.77 -42.13
C PHE C 396 -24.98 -32.63 -41.76
N GLU C 397 -25.88 -32.94 -42.68
CA GLU C 397 -27.30 -32.90 -42.42
C GLU C 397 -27.84 -34.24 -41.94
N GLY C 398 -26.98 -35.22 -41.72
CA GLY C 398 -27.37 -36.53 -41.26
C GLY C 398 -27.31 -37.56 -42.38
N ILE C 399 -27.14 -38.81 -41.98
CA ILE C 399 -27.10 -39.91 -42.94
C ILE C 399 -28.48 -40.11 -43.55
N THR C 400 -28.52 -40.35 -44.85
CA THR C 400 -29.77 -40.53 -45.57
C THR C 400 -30.31 -41.95 -45.50
N THR C 401 -29.57 -42.88 -44.90
CA THR C 401 -30.00 -44.26 -44.79
C THR C 401 -29.97 -44.68 -43.33
N LEU C 402 -30.92 -45.56 -42.97
CA LEU C 402 -31.01 -46.04 -41.60
C LEU C 402 -29.81 -46.93 -41.27
N PRO C 403 -29.36 -46.92 -40.01
CA PRO C 403 -28.18 -47.72 -39.64
C PRO C 403 -28.39 -49.22 -39.80
N ASN C 404 -29.62 -49.70 -39.82
CA ASN C 404 -29.89 -51.13 -39.95
C ASN C 404 -30.12 -51.56 -41.40
N ILE C 405 -29.95 -50.67 -42.36
CA ILE C 405 -30.16 -50.95 -43.78
C ILE C 405 -28.83 -50.86 -44.49
N THR C 406 -28.52 -51.86 -45.31
CA THR C 406 -27.29 -51.90 -46.09
C THR C 406 -27.57 -51.41 -47.50
N VAL C 407 -26.86 -50.37 -47.92
CA VAL C 407 -26.93 -49.83 -49.28
C VAL C 407 -25.56 -49.94 -49.91
N THR C 408 -25.50 -50.55 -51.10
CA THR C 408 -24.25 -50.77 -51.81
C THR C 408 -24.37 -50.23 -53.23
N ASP C 409 -23.28 -50.36 -53.99
CA ASP C 409 -23.24 -49.88 -55.37
C ASP C 409 -23.66 -50.98 -56.34
N TYR C 410 -22.94 -52.11 -56.34
CA TYR C 410 -23.31 -53.23 -57.18
C TYR C 410 -23.73 -54.42 -56.31
N PRO C 411 -24.60 -55.31 -56.83
CA PRO C 411 -25.10 -56.40 -56.00
C PRO C 411 -24.02 -57.32 -55.44
N LYS C 412 -22.91 -57.48 -56.16
CA LYS C 412 -21.83 -58.36 -55.73
C LYS C 412 -20.83 -57.66 -54.82
N GLN C 413 -21.22 -56.59 -54.15
CA GLN C 413 -20.33 -55.82 -53.30
C GLN C 413 -20.56 -56.15 -51.84
N ILE C 414 -19.47 -56.36 -51.10
CA ILE C 414 -19.56 -56.52 -49.66
C ILE C 414 -19.81 -55.16 -49.03
N PHE C 415 -20.79 -55.11 -48.11
CA PHE C 415 -21.14 -53.84 -47.49
C PHE C 415 -19.98 -53.27 -46.69
N ARG C 416 -19.25 -54.12 -45.96
CA ARG C 416 -18.12 -53.63 -45.18
C ARG C 416 -17.02 -53.06 -46.06
N VAL C 417 -16.97 -53.48 -47.33
CA VAL C 417 -15.96 -52.94 -48.24
C VAL C 417 -16.17 -51.44 -48.44
N LYS C 418 -17.42 -51.04 -48.71
CA LYS C 418 -17.68 -49.62 -48.93
C LYS C 418 -17.67 -48.83 -47.64
N THR C 419 -18.03 -49.45 -46.51
CA THR C 419 -17.97 -48.73 -45.24
C THR C 419 -16.52 -48.51 -44.79
N THR C 420 -15.63 -49.45 -45.10
CA THR C 420 -14.25 -49.37 -44.62
C THR C 420 -13.27 -48.86 -45.67
N GLN C 421 -13.72 -48.62 -46.90
CA GLN C 421 -12.81 -48.11 -47.93
C GLN C 421 -12.36 -46.69 -47.58
N PHE C 422 -11.11 -46.38 -47.90
CA PHE C 422 -10.52 -45.10 -47.56
C PHE C 422 -10.78 -44.11 -48.69
N THR C 423 -11.31 -42.94 -48.33
CA THR C 423 -11.54 -41.88 -49.30
C THR C 423 -10.26 -41.11 -49.56
N TRP C 424 -10.30 -40.26 -50.59
CA TRP C 424 -9.15 -39.42 -50.91
C TRP C 424 -8.85 -38.44 -49.78
N THR C 425 -9.90 -37.87 -49.18
CA THR C 425 -9.71 -37.00 -48.03
C THR C 425 -9.09 -37.76 -46.86
N GLU C 426 -9.53 -39.01 -46.64
CA GLU C 426 -8.94 -39.82 -45.59
C GLU C 426 -7.46 -40.09 -45.86
N MET C 427 -7.10 -40.37 -47.11
CA MET C 427 -5.70 -40.58 -47.44
C MET C 427 -4.87 -39.32 -47.21
N LEU C 428 -5.43 -38.15 -47.54
CA LEU C 428 -4.76 -36.90 -47.24
C LEU C 428 -4.58 -36.72 -45.74
N ILE C 429 -5.58 -37.13 -44.96
CA ILE C 429 -5.49 -37.04 -43.50
C ILE C 429 -4.37 -37.93 -42.99
N MET C 430 -4.26 -39.16 -43.53
CA MET C 430 -3.17 -40.04 -43.13
C MET C 430 -1.81 -39.45 -43.49
N VAL C 431 -1.71 -38.84 -44.66
CA VAL C 431 -0.46 -38.21 -45.07
C VAL C 431 -0.09 -37.08 -44.11
N TRP C 432 -1.07 -36.25 -43.75
CA TRP C 432 -0.83 -35.18 -42.80
C TRP C 432 -0.39 -35.73 -41.45
N VAL C 433 -1.08 -36.76 -40.96
CA VAL C 433 -0.77 -37.35 -39.66
C VAL C 433 0.62 -37.95 -39.67
N LEU C 434 0.99 -38.64 -40.75
CA LEU C 434 2.33 -39.20 -40.86
C LEU C 434 3.38 -38.10 -40.88
N GLY C 435 3.08 -36.97 -41.53
CA GLY C 435 4.01 -35.86 -41.53
C GLY C 435 4.26 -35.30 -40.14
N MET C 436 3.19 -35.10 -39.38
CA MET C 436 3.35 -34.58 -38.02
C MET C 436 4.02 -35.62 -37.11
N MET C 437 3.73 -36.90 -37.31
CA MET C 437 4.44 -37.94 -36.56
C MET C 437 5.93 -37.93 -36.89
N TRP C 438 6.27 -37.72 -38.16
CA TRP C 438 7.70 -37.65 -38.51
C TRP C 438 8.36 -36.45 -37.87
N SER C 439 7.66 -35.31 -37.83
CA SER C 439 8.20 -34.13 -37.15
C SER C 439 8.40 -34.39 -35.67
N GLU C 440 7.41 -35.01 -35.02
CA GLU C 440 7.53 -35.32 -33.60
C GLU C 440 8.65 -36.32 -33.34
N CYS C 441 8.80 -37.32 -34.23
CA CYS C 441 9.88 -38.28 -34.08
C CYS C 441 11.23 -37.62 -34.27
N LYS C 442 11.34 -36.67 -35.20
CA LYS C 442 12.58 -35.93 -35.38
C LYS C 442 12.92 -35.12 -34.14
N GLU C 443 11.92 -34.46 -33.54
CA GLU C 443 12.15 -33.74 -32.30
C GLU C 443 12.58 -34.68 -31.18
N LEU C 444 11.92 -35.84 -31.08
CA LEU C 444 12.25 -36.81 -30.04
C LEU C 444 13.68 -37.33 -30.20
N TRP C 445 14.10 -37.62 -31.43
CA TRP C 445 15.44 -38.16 -31.65
C TRP C 445 16.51 -37.09 -31.51
N LEU C 446 16.20 -35.83 -31.86
CA LEU C 446 17.18 -34.76 -31.84
C LEU C 446 17.18 -33.99 -30.52
N GLU C 447 16.32 -34.34 -29.57
CA GLU C 447 16.26 -33.62 -28.30
C GLU C 447 16.19 -34.54 -27.09
N GLY C 448 16.28 -35.85 -27.28
CA GLY C 448 16.30 -36.78 -26.17
C GLY C 448 14.92 -37.15 -25.70
N PRO C 449 14.68 -38.46 -25.50
CA PRO C 449 13.35 -38.91 -25.04
C PRO C 449 12.94 -38.34 -23.69
N ARG C 450 13.88 -38.13 -22.78
CA ARG C 450 13.53 -37.66 -21.44
C ARG C 450 13.02 -36.22 -21.46
N GLU C 451 13.73 -35.33 -22.16
CA GLU C 451 13.32 -33.94 -22.21
C GLU C 451 12.08 -33.72 -23.07
N TYR C 452 11.83 -34.61 -24.03
CA TYR C 452 10.66 -34.46 -24.89
C TYR C 452 9.37 -34.52 -24.09
N ILE C 453 9.29 -35.44 -23.12
CA ILE C 453 8.09 -35.59 -22.31
C ILE C 453 7.86 -34.43 -21.35
N LEU C 454 8.86 -33.57 -21.15
CA LEU C 454 8.71 -32.45 -20.23
C LEU C 454 7.66 -31.47 -20.70
N GLN C 455 7.67 -31.14 -22.00
CA GLN C 455 6.71 -30.19 -22.54
C GLN C 455 5.35 -30.85 -22.68
N LEU C 456 4.31 -30.17 -22.20
CA LEU C 456 2.95 -30.69 -22.34
C LEU C 456 2.52 -30.74 -23.79
N TRP C 457 2.98 -29.78 -24.60
CA TRP C 457 2.59 -29.76 -26.02
C TRP C 457 3.12 -30.97 -26.76
N ASN C 458 4.36 -31.36 -26.49
CA ASN C 458 4.96 -32.49 -27.20
C ASN C 458 4.24 -33.79 -26.88
N VAL C 459 3.96 -34.04 -25.60
CA VAL C 459 3.30 -35.28 -25.22
C VAL C 459 1.85 -35.29 -25.71
N LEU C 460 1.18 -34.14 -25.66
CA LEU C 460 -0.19 -34.07 -26.17
C LEU C 460 -0.21 -34.32 -27.69
N ASP C 461 0.74 -33.74 -28.41
CA ASP C 461 0.81 -33.98 -29.85
C ASP C 461 1.11 -35.44 -30.16
N PHE C 462 2.02 -36.05 -29.40
CA PHE C 462 2.33 -37.46 -29.61
C PHE C 462 1.11 -38.34 -29.33
N GLY C 463 0.38 -38.04 -28.25
CA GLY C 463 -0.81 -38.81 -27.95
C GLY C 463 -1.89 -38.66 -29.01
N MET C 464 -2.13 -37.44 -29.48
CA MET C 464 -3.12 -37.21 -30.52
C MET C 464 -2.75 -37.95 -31.80
N LEU C 465 -1.49 -37.87 -32.21
CA LEU C 465 -1.07 -38.54 -33.43
C LEU C 465 -1.07 -40.05 -33.28
N SER C 466 -0.70 -40.56 -32.10
CA SER C 466 -0.76 -42.00 -31.86
C SER C 466 -2.19 -42.51 -31.91
N ILE C 467 -3.14 -41.74 -31.36
CA ILE C 467 -4.55 -42.13 -31.44
C ILE C 467 -5.02 -42.11 -32.88
N PHE C 468 -4.56 -41.14 -33.67
CA PHE C 468 -4.89 -41.12 -35.10
C PHE C 468 -4.34 -42.35 -35.80
N ILE C 469 -3.10 -42.73 -35.50
CA ILE C 469 -2.50 -43.90 -36.12
C ILE C 469 -3.25 -45.16 -35.71
N ALA C 470 -3.64 -45.26 -34.43
CA ALA C 470 -4.40 -46.41 -33.98
C ALA C 470 -5.76 -46.49 -34.66
N ALA C 471 -6.43 -45.35 -34.81
CA ALA C 471 -7.73 -45.33 -35.48
C ALA C 471 -7.61 -45.76 -36.93
N PHE C 472 -6.62 -45.22 -37.65
CA PHE C 472 -6.45 -45.59 -39.05
C PHE C 472 -5.96 -47.03 -39.19
N THR C 473 -5.17 -47.52 -38.24
CA THR C 473 -4.77 -48.92 -38.25
C THR C 473 -5.98 -49.84 -38.08
N ALA C 474 -6.87 -49.51 -37.13
CA ALA C 474 -8.07 -50.31 -36.93
C ALA C 474 -8.95 -50.29 -38.17
N ARG C 475 -9.09 -49.11 -38.80
CA ARG C 475 -9.84 -49.03 -40.05
C ARG C 475 -9.17 -49.85 -41.14
N PHE C 476 -7.84 -49.89 -41.14
CA PHE C 476 -7.12 -50.69 -42.13
C PHE C 476 -7.37 -52.18 -41.93
N LEU C 477 -7.39 -52.64 -40.68
CA LEU C 477 -7.70 -54.06 -40.43
C LEU C 477 -9.13 -54.38 -40.84
N ALA C 478 -10.07 -53.47 -40.57
CA ALA C 478 -11.44 -53.67 -41.02
C ALA C 478 -11.53 -53.73 -42.54
N PHE C 479 -10.78 -52.84 -43.21
CA PHE C 479 -10.75 -52.85 -44.67
C PHE C 479 -10.13 -54.13 -45.21
N LEU C 480 -9.08 -54.63 -44.55
CA LEU C 480 -8.45 -55.87 -44.98
C LEU C 480 -9.41 -57.06 -44.85
N GLN C 481 -10.13 -57.12 -43.73
CA GLN C 481 -11.12 -58.19 -43.57
C GLN C 481 -12.24 -58.07 -44.60
N ALA C 482 -12.70 -56.85 -44.87
CA ALA C 482 -13.74 -56.64 -45.87
C ALA C 482 -13.26 -57.05 -47.26
N THR C 483 -12.02 -56.72 -47.60
CA THR C 483 -11.49 -57.12 -48.90
C THR C 483 -11.32 -58.62 -49.00
N LYS C 484 -10.96 -59.29 -47.90
CA LYS C 484 -10.90 -60.75 -47.90
C LYS C 484 -12.27 -61.35 -48.18
N ALA C 485 -13.31 -60.80 -47.54
CA ALA C 485 -14.67 -61.25 -47.82
C ALA C 485 -15.06 -60.98 -49.27
N GLN C 486 -14.68 -59.83 -49.80
CA GLN C 486 -14.98 -59.50 -51.19
C GLN C 486 -14.28 -60.46 -52.15
N GLN C 487 -13.04 -60.82 -51.83
CA GLN C 487 -12.32 -61.79 -52.66
C GLN C 487 -13.01 -63.14 -52.63
N TYR C 488 -13.48 -63.58 -51.46
CA TYR C 488 -14.22 -64.82 -51.37
C TYR C 488 -15.49 -64.76 -52.20
N VAL C 489 -16.21 -63.64 -52.15
CA VAL C 489 -17.43 -63.49 -52.93
C VAL C 489 -17.11 -63.53 -54.42
N ASP C 490 -16.06 -62.82 -54.84
CA ASP C 490 -15.70 -62.77 -56.26
C ASP C 490 -15.16 -64.10 -56.76
N SER C 491 -14.69 -64.98 -55.87
CA SER C 491 -14.09 -66.24 -56.29
C SER C 491 -15.08 -67.40 -56.25
N TYR C 492 -15.68 -67.66 -55.09
CA TYR C 492 -16.49 -68.85 -54.87
C TYR C 492 -17.98 -68.59 -54.92
N VAL C 493 -18.41 -67.40 -55.31
CA VAL C 493 -19.83 -67.06 -55.42
C VAL C 493 -20.09 -66.50 -56.81
N GLN C 494 -21.01 -67.13 -57.54
CA GLN C 494 -21.40 -66.68 -58.88
C GLN C 494 -22.93 -66.74 -58.96
N GLU C 495 -23.58 -65.66 -58.54
CA GLU C 495 -25.03 -65.58 -58.61
C GLU C 495 -25.55 -64.22 -59.07
N SER C 496 -24.67 -63.23 -59.29
CA SER C 496 -25.02 -61.88 -59.72
C SER C 496 -25.96 -61.17 -58.76
N ASP C 497 -26.16 -61.70 -57.56
CA ASP C 497 -27.04 -61.08 -56.57
C ASP C 497 -26.70 -61.65 -55.20
N LEU C 498 -26.27 -60.79 -54.29
CA LEU C 498 -25.92 -61.21 -52.93
C LEU C 498 -27.10 -61.10 -51.99
N SER C 499 -28.23 -61.70 -52.38
CA SER C 499 -29.44 -61.70 -51.55
C SER C 499 -30.09 -63.07 -51.41
N GLU C 500 -29.87 -64.00 -52.34
CA GLU C 500 -30.44 -65.34 -52.27
C GLU C 500 -29.39 -66.40 -51.98
N VAL C 501 -28.17 -66.01 -51.65
CA VAL C 501 -27.07 -66.93 -51.40
C VAL C 501 -26.73 -66.87 -49.92
N THR C 502 -26.70 -68.03 -49.27
CA THR C 502 -26.34 -68.14 -47.85
C THR C 502 -24.83 -68.26 -47.75
N LEU C 503 -24.17 -67.11 -47.59
CA LEU C 503 -22.72 -67.10 -47.48
C LEU C 503 -22.28 -67.68 -46.14
N PRO C 504 -21.06 -68.20 -46.07
CA PRO C 504 -20.56 -68.70 -44.78
C PRO C 504 -20.47 -67.58 -43.77
N PRO C 505 -20.59 -67.91 -42.48
CA PRO C 505 -20.62 -66.84 -41.46
C PRO C 505 -19.39 -65.94 -41.48
N GLU C 506 -18.21 -66.49 -41.74
CA GLU C 506 -17.01 -65.68 -41.83
C GLU C 506 -17.08 -64.67 -42.96
N ILE C 507 -17.93 -64.91 -43.96
CA ILE C 507 -18.16 -63.95 -45.03
C ILE C 507 -19.55 -63.32 -44.93
N GLN C 508 -20.52 -64.01 -44.32
CA GLN C 508 -21.85 -63.42 -44.15
C GLN C 508 -21.83 -62.26 -43.16
N TYR C 509 -20.91 -62.29 -42.19
CA TYR C 509 -20.84 -61.22 -41.19
C TYR C 509 -20.56 -59.87 -41.83
N PHE C 510 -19.88 -59.85 -42.97
CA PHE C 510 -19.49 -58.61 -43.63
C PHE C 510 -20.60 -58.05 -44.51
N THR C 511 -21.74 -58.73 -44.61
CA THR C 511 -22.90 -58.18 -45.28
C THR C 511 -23.88 -57.51 -44.31
N TYR C 512 -23.60 -57.58 -43.01
CA TYR C 512 -24.51 -57.04 -42.01
C TYR C 512 -24.40 -55.52 -41.93
N ALA C 513 -25.48 -54.90 -41.46
CA ALA C 513 -25.49 -53.47 -41.22
C ALA C 513 -24.86 -53.18 -39.86
N ARG C 514 -24.79 -51.89 -39.52
CA ARG C 514 -24.12 -51.47 -38.28
C ARG C 514 -24.78 -52.07 -37.04
N ASP C 515 -26.08 -52.37 -37.12
CA ASP C 515 -26.76 -52.93 -35.96
C ASP C 515 -26.21 -54.29 -35.56
N LYS C 516 -25.79 -55.10 -36.52
CA LYS C 516 -25.32 -56.45 -36.26
C LYS C 516 -23.82 -56.55 -36.07
N TRP C 517 -23.10 -55.42 -36.10
CA TRP C 517 -21.66 -55.44 -35.88
C TRP C 517 -21.36 -55.83 -34.44
N LEU C 518 -20.26 -56.55 -34.26
CA LEU C 518 -19.82 -56.92 -32.93
C LEU C 518 -19.33 -55.68 -32.17
N PRO C 519 -19.46 -55.68 -30.85
CA PRO C 519 -18.94 -54.54 -30.07
C PRO C 519 -17.45 -54.30 -30.26
N SER C 520 -16.68 -55.36 -30.50
CA SER C 520 -15.24 -55.25 -30.73
C SER C 520 -14.90 -55.13 -32.21
N ASP C 521 -15.82 -54.61 -33.02
CA ASP C 521 -15.56 -54.45 -34.45
C ASP C 521 -14.43 -53.44 -34.65
N PRO C 522 -13.44 -53.74 -35.50
CA PRO C 522 -12.34 -52.77 -35.71
C PRO C 522 -12.81 -51.43 -36.24
N GLN C 523 -13.89 -51.40 -37.03
CA GLN C 523 -14.40 -50.12 -37.52
C GLN C 523 -15.00 -49.30 -36.40
N ILE C 524 -15.67 -49.95 -35.44
CA ILE C 524 -16.22 -49.24 -34.29
C ILE C 524 -15.09 -48.65 -33.45
N ILE C 525 -14.03 -49.44 -33.21
CA ILE C 525 -12.87 -48.94 -32.49
C ILE C 525 -12.24 -47.78 -33.25
N SER C 526 -12.13 -47.92 -34.57
CA SER C 526 -11.55 -46.87 -35.39
C SER C 526 -12.36 -45.58 -35.30
N GLU C 527 -13.69 -45.70 -35.35
CA GLU C 527 -14.54 -44.51 -35.30
C GLU C 527 -14.42 -43.80 -33.95
N GLY C 528 -14.42 -44.56 -32.85
CA GLY C 528 -14.28 -43.94 -31.55
C GLY C 528 -12.94 -43.26 -31.36
N LEU C 529 -11.86 -43.95 -31.75
CA LEU C 529 -10.54 -43.35 -31.65
C LEU C 529 -10.40 -42.15 -32.56
N TYR C 530 -11.02 -42.21 -33.75
CA TYR C 530 -10.99 -41.06 -34.66
C TYR C 530 -11.70 -39.86 -34.06
N ALA C 531 -12.83 -40.09 -33.38
CA ALA C 531 -13.52 -38.98 -32.73
C ALA C 531 -12.66 -38.35 -31.65
N ILE C 532 -11.99 -39.17 -30.84
CA ILE C 532 -11.10 -38.64 -29.81
C ILE C 532 -9.96 -37.85 -30.45
N ALA C 533 -9.38 -38.41 -31.52
CA ALA C 533 -8.27 -37.73 -32.20
C ALA C 533 -8.72 -36.42 -32.83
N VAL C 534 -9.95 -36.35 -33.34
CA VAL C 534 -10.46 -35.11 -33.90
C VAL C 534 -10.61 -34.05 -32.82
N VAL C 535 -11.15 -34.43 -31.66
CA VAL C 535 -11.28 -33.49 -30.54
C VAL C 535 -9.92 -32.99 -30.12
N LEU C 536 -8.94 -33.88 -30.01
CA LEU C 536 -7.58 -33.47 -29.66
C LEU C 536 -6.95 -32.63 -30.75
N SER C 537 -7.29 -32.90 -32.02
CA SER C 537 -6.73 -32.11 -33.11
C SER C 537 -7.21 -30.67 -33.04
N PHE C 538 -8.48 -30.44 -32.72
CA PHE C 538 -8.97 -29.09 -32.58
C PHE C 538 -8.59 -28.55 -31.20
N SER C 539 -7.34 -28.74 -30.83
CA SER C 539 -6.77 -28.17 -29.62
C SER C 539 -5.39 -27.58 -29.84
N ARG C 540 -4.75 -27.86 -30.98
CA ARG C 540 -3.47 -27.26 -31.33
C ARG C 540 -3.62 -25.83 -31.86
N ILE C 541 -4.83 -25.28 -31.88
CA ILE C 541 -4.99 -23.86 -32.12
C ILE C 541 -4.33 -23.06 -31.01
N ALA C 542 -4.23 -23.64 -29.81
CA ALA C 542 -3.48 -23.03 -28.72
C ALA C 542 -1.98 -23.06 -28.96
N TYR C 543 -1.50 -23.79 -29.96
CA TYR C 543 -0.14 -23.60 -30.44
C TYR C 543 0.04 -22.24 -31.09
N ILE C 544 -1.04 -21.67 -31.64
CA ILE C 544 -0.99 -20.43 -32.41
C ILE C 544 -1.45 -19.27 -31.55
N LEU C 545 -2.24 -19.56 -30.53
CA LEU C 545 -2.81 -18.51 -29.68
C LEU C 545 -1.78 -17.58 -29.04
N PRO C 546 -0.67 -18.05 -28.46
CA PRO C 546 0.26 -17.11 -27.81
C PRO C 546 0.88 -16.09 -28.75
N ALA C 547 0.90 -16.37 -30.06
CA ALA C 547 1.46 -15.40 -31.00
C ALA C 547 0.61 -14.14 -31.07
N ASN C 548 -0.70 -14.26 -30.88
CA ASN C 548 -1.59 -13.12 -30.94
C ASN C 548 -1.56 -12.33 -29.64
N GLU C 549 -1.61 -10.99 -29.75
CA GLU C 549 -1.53 -10.14 -28.58
C GLU C 549 -2.82 -10.15 -27.77
N SER C 550 -3.96 -10.33 -28.44
CA SER C 550 -5.24 -10.30 -27.75
C SER C 550 -5.62 -11.62 -27.11
N PHE C 551 -5.17 -12.75 -27.68
CA PHE C 551 -5.55 -14.06 -27.20
C PHE C 551 -4.43 -14.81 -26.48
N GLY C 552 -3.18 -14.36 -26.63
CA GLY C 552 -2.06 -14.98 -25.95
C GLY C 552 -2.15 -14.96 -24.44
N PRO C 553 -2.36 -13.78 -23.86
CA PRO C 553 -2.55 -13.73 -22.39
C PRO C 553 -3.72 -14.55 -21.92
N LEU C 554 -4.78 -14.65 -22.71
CA LEU C 554 -5.90 -15.52 -22.35
C LEU C 554 -5.47 -16.97 -22.30
N GLN C 555 -4.65 -17.40 -23.26
CA GLN C 555 -4.14 -18.76 -23.25
C GLN C 555 -3.28 -19.02 -22.01
N ILE C 556 -2.42 -18.08 -21.65
CA ILE C 556 -1.56 -18.25 -20.48
C ILE C 556 -2.40 -18.33 -19.21
N SER C 557 -3.40 -17.45 -19.09
CA SER C 557 -4.28 -17.48 -17.93
C SER C 557 -5.06 -18.78 -17.84
N LEU C 558 -5.54 -19.28 -18.99
CA LEU C 558 -6.25 -20.55 -19.00
C LEU C 558 -5.36 -21.71 -18.59
N GLY C 559 -4.11 -21.71 -19.07
CA GLY C 559 -3.18 -22.75 -18.68
C GLY C 559 -2.87 -22.72 -17.19
N ARG C 560 -2.66 -21.52 -16.65
CA ARG C 560 -2.44 -21.40 -15.21
C ARG C 560 -3.64 -21.87 -14.42
N THR C 561 -4.85 -21.53 -14.90
CA THR C 561 -6.07 -21.98 -14.24
C THR C 561 -6.14 -23.51 -14.23
N VAL C 562 -5.79 -24.15 -15.35
CA VAL C 562 -5.81 -25.61 -15.41
C VAL C 562 -4.80 -26.20 -14.44
N LYS C 563 -3.60 -25.61 -14.37
CA LYS C 563 -2.56 -26.14 -13.49
C LYS C 563 -3.01 -26.08 -12.03
N ASP C 564 -3.62 -24.97 -11.61
CA ASP C 564 -4.15 -24.90 -10.26
C ASP C 564 -5.42 -25.73 -10.09
N ILE C 565 -6.12 -26.02 -11.20
CA ILE C 565 -7.32 -26.83 -11.14
C ILE C 565 -7.00 -28.28 -10.78
N PHE C 566 -5.86 -28.77 -11.26
CA PHE C 566 -5.53 -30.19 -11.09
C PHE C 566 -5.45 -30.59 -9.62
N LYS C 567 -4.88 -29.73 -8.78
CA LYS C 567 -4.76 -30.03 -7.36
C LYS C 567 -6.14 -30.21 -6.72
N PHE C 568 -7.07 -29.32 -7.03
CA PHE C 568 -8.42 -29.44 -6.48
C PHE C 568 -9.18 -30.58 -7.13
N MET C 569 -8.80 -31.00 -8.34
CA MET C 569 -9.37 -32.22 -8.90
C MET C 569 -8.98 -33.43 -8.06
N VAL C 570 -7.72 -33.50 -7.63
CA VAL C 570 -7.31 -34.60 -6.75
C VAL C 570 -8.07 -34.53 -5.43
N LEU C 571 -8.21 -33.33 -4.87
CA LEU C 571 -8.96 -33.16 -3.63
C LEU C 571 -10.41 -33.60 -3.82
N PHE C 572 -11.02 -33.25 -4.94
CA PHE C 572 -12.39 -33.68 -5.23
C PHE C 572 -12.46 -35.17 -5.53
N ILE C 573 -11.38 -35.75 -6.06
CA ILE C 573 -11.41 -37.16 -6.42
C ILE C 573 -11.54 -38.04 -5.19
N MET C 574 -10.86 -37.68 -4.11
CA MET C 574 -10.94 -38.50 -2.90
C MET C 574 -12.36 -38.53 -2.33
N VAL C 575 -13.00 -37.37 -2.21
CA VAL C 575 -14.37 -37.33 -1.70
C VAL C 575 -15.34 -37.96 -2.68
N PHE C 576 -15.09 -37.76 -3.98
CA PHE C 576 -15.92 -38.41 -5.00
C PHE C 576 -15.86 -39.93 -4.86
N PHE C 577 -14.66 -40.47 -4.67
CA PHE C 577 -14.52 -41.91 -4.47
C PHE C 577 -15.20 -42.35 -3.18
N ALA C 578 -15.14 -41.52 -2.15
CA ALA C 578 -15.80 -41.83 -0.89
C ALA C 578 -17.30 -42.06 -1.09
N PHE C 579 -17.97 -41.10 -1.73
CA PHE C 579 -19.41 -41.21 -1.91
C PHE C 579 -19.76 -42.26 -2.95
N MET C 580 -18.91 -42.44 -3.97
CA MET C 580 -19.16 -43.48 -4.97
C MET C 580 -19.18 -44.86 -4.32
N ILE C 581 -18.15 -45.18 -3.53
CA ILE C 581 -18.08 -46.48 -2.88
C ILE C 581 -19.22 -46.63 -1.88
N GLY C 582 -19.49 -45.59 -1.10
CA GLY C 582 -20.54 -45.69 -0.09
C GLY C 582 -21.91 -45.92 -0.68
N MET C 583 -22.28 -45.14 -1.70
CA MET C 583 -23.60 -45.29 -2.31
C MET C 583 -23.69 -46.59 -3.10
N PHE C 584 -22.59 -47.02 -3.73
CA PHE C 584 -22.61 -48.32 -4.41
C PHE C 584 -22.84 -49.45 -3.42
N ILE C 585 -22.17 -49.39 -2.25
CA ILE C 585 -22.38 -50.42 -1.23
C ILE C 585 -23.82 -50.39 -0.75
N LEU C 586 -24.38 -49.19 -0.57
CA LEU C 586 -25.75 -49.07 -0.09
C LEU C 586 -26.76 -49.65 -1.07
N TYR C 587 -26.56 -49.41 -2.37
CA TYR C 587 -27.58 -49.72 -3.37
C TYR C 587 -27.24 -50.90 -4.27
N SER C 588 -26.15 -51.63 -3.99
CA SER C 588 -25.79 -52.76 -4.85
C SER C 588 -26.78 -53.90 -4.73
N TYR C 589 -27.45 -54.04 -3.59
CA TYR C 589 -28.38 -55.13 -3.37
C TYR C 589 -29.78 -54.85 -3.93
N TYR C 590 -30.00 -53.69 -4.52
CA TYR C 590 -31.29 -53.30 -5.08
C TYR C 590 -31.18 -53.03 -6.57
N LEU C 591 -30.47 -53.91 -7.29
CA LEU C 591 -30.28 -53.70 -8.72
C LEU C 591 -31.60 -53.74 -9.48
N GLY C 592 -32.47 -54.70 -9.14
CA GLY C 592 -33.76 -54.83 -9.76
C GLY C 592 -34.91 -54.21 -8.99
N ALA C 593 -34.63 -53.45 -7.93
CA ALA C 593 -35.66 -52.87 -7.08
C ALA C 593 -35.50 -51.36 -6.96
N LYS C 594 -35.05 -50.71 -8.03
CA LYS C 594 -34.84 -49.27 -8.04
C LYS C 594 -35.52 -48.65 -9.24
N VAL C 595 -35.80 -47.34 -9.14
CA VAL C 595 -36.41 -46.63 -10.25
C VAL C 595 -35.48 -46.63 -11.46
N ASN C 596 -34.19 -46.36 -11.22
CA ASN C 596 -33.20 -46.43 -12.29
C ASN C 596 -32.02 -47.30 -11.84
N ALA C 597 -30.97 -47.35 -12.66
CA ALA C 597 -29.84 -48.23 -12.40
C ALA C 597 -28.73 -47.55 -11.60
N ALA C 598 -28.95 -46.33 -11.12
CA ALA C 598 -27.91 -45.59 -10.43
C ALA C 598 -27.49 -46.30 -9.14
N PHE C 599 -26.19 -46.27 -8.88
CA PHE C 599 -25.56 -46.81 -7.68
C PHE C 599 -25.70 -48.33 -7.57
N THR C 600 -26.24 -48.99 -8.58
CA THR C 600 -26.34 -50.45 -8.55
C THR C 600 -24.99 -51.11 -8.81
N THR C 601 -24.16 -50.48 -9.65
CA THR C 601 -22.80 -50.94 -9.92
C THR C 601 -21.83 -49.80 -9.68
N VAL C 602 -20.53 -50.12 -9.73
CA VAL C 602 -19.51 -49.10 -9.56
C VAL C 602 -19.58 -48.09 -10.70
N GLU C 603 -19.73 -48.58 -11.93
CA GLU C 603 -19.84 -47.69 -13.08
C GLU C 603 -21.08 -46.81 -12.98
N GLU C 604 -22.22 -47.39 -12.56
CA GLU C 604 -23.43 -46.60 -12.41
C GLU C 604 -23.27 -45.54 -11.32
N SER C 605 -22.63 -45.90 -10.21
CA SER C 605 -22.38 -44.93 -9.15
C SER C 605 -21.49 -43.80 -9.64
N PHE C 606 -20.44 -44.15 -10.40
CA PHE C 606 -19.55 -43.13 -10.96
C PHE C 606 -20.31 -42.20 -11.89
N LYS C 607 -21.14 -42.76 -12.77
CA LYS C 607 -21.87 -41.94 -13.73
C LYS C 607 -22.83 -41.00 -13.02
N THR C 608 -23.60 -41.52 -12.05
CA THR C 608 -24.56 -40.69 -11.34
C THR C 608 -23.86 -39.57 -10.58
N LEU C 609 -22.78 -39.89 -9.88
CA LEU C 609 -22.12 -38.89 -9.06
C LEU C 609 -21.42 -37.84 -9.93
N PHE C 610 -20.80 -38.27 -11.03
CA PHE C 610 -20.13 -37.32 -11.91
C PHE C 610 -21.12 -36.37 -12.56
N TRP C 611 -22.25 -36.89 -13.02
CA TRP C 611 -23.25 -36.04 -13.66
C TRP C 611 -24.07 -35.26 -12.64
N SER C 612 -23.94 -35.56 -11.35
CA SER C 612 -24.48 -34.70 -10.32
C SER C 612 -23.72 -33.39 -10.19
N ILE C 613 -22.48 -33.34 -10.68
CA ILE C 613 -21.70 -32.10 -10.64
C ILE C 613 -22.38 -31.03 -11.47
N PHE C 614 -22.89 -31.40 -12.64
CA PHE C 614 -23.53 -30.48 -13.55
C PHE C 614 -25.05 -30.54 -13.47
N GLY C 615 -25.60 -31.22 -12.47
CA GLY C 615 -27.04 -31.29 -12.31
C GLY C 615 -27.75 -32.17 -13.30
N LEU C 616 -27.03 -33.09 -13.94
CA LEU C 616 -27.62 -33.96 -14.94
C LEU C 616 -28.11 -35.30 -14.38
N SER C 617 -28.02 -35.49 -13.07
CA SER C 617 -28.51 -36.70 -12.42
C SER C 617 -29.79 -36.38 -11.66
N GLU C 618 -30.82 -37.18 -11.89
CA GLU C 618 -32.11 -36.95 -11.27
C GLU C 618 -32.09 -37.38 -9.80
N VAL C 619 -32.98 -36.78 -9.01
CA VAL C 619 -33.09 -37.11 -7.60
C VAL C 619 -33.73 -38.48 -7.37
N THR C 620 -34.34 -39.07 -8.39
CA THR C 620 -34.91 -40.40 -8.28
C THR C 620 -33.85 -41.50 -8.25
N SER C 621 -32.57 -41.13 -8.34
CA SER C 621 -31.49 -42.11 -8.33
C SER C 621 -31.39 -42.84 -6.99
N VAL C 622 -31.96 -42.28 -5.93
CA VAL C 622 -31.87 -42.87 -4.60
C VAL C 622 -33.20 -43.47 -4.14
N VAL C 623 -34.19 -43.56 -5.03
CA VAL C 623 -35.52 -44.03 -4.70
C VAL C 623 -35.58 -45.54 -4.96
N LEU C 624 -36.03 -46.28 -3.95
CA LEU C 624 -36.20 -47.73 -4.05
C LEU C 624 -37.64 -48.08 -4.41
N LYS C 625 -37.83 -49.32 -4.84
CA LYS C 625 -39.16 -49.85 -5.08
C LYS C 625 -39.72 -50.57 -3.86
N TYR C 626 -38.86 -51.15 -3.03
CA TYR C 626 -39.30 -51.77 -1.78
C TYR C 626 -39.53 -50.70 -0.72
N ASP C 627 -40.21 -51.10 0.35
CA ASP C 627 -40.50 -50.19 1.45
C ASP C 627 -39.38 -50.20 2.50
N HIS C 628 -38.14 -50.05 2.03
CA HIS C 628 -36.99 -49.95 2.90
C HIS C 628 -36.59 -48.48 3.05
N LYS C 629 -37.39 -47.77 3.86
CA LYS C 629 -37.20 -46.33 4.01
C LYS C 629 -35.89 -45.98 4.69
N PHE C 630 -35.31 -46.90 5.46
CA PHE C 630 -34.00 -46.64 6.05
C PHE C 630 -32.94 -46.48 4.98
N ILE C 631 -32.90 -47.42 4.03
CA ILE C 631 -31.93 -47.35 2.93
C ILE C 631 -32.20 -46.12 2.05
N GLU C 632 -33.47 -45.88 1.73
CA GLU C 632 -33.81 -44.77 0.86
C GLU C 632 -33.47 -43.42 1.51
N ASN C 633 -33.78 -43.28 2.80
CA ASN C 633 -33.48 -42.02 3.49
C ASN C 633 -31.98 -41.82 3.64
N ILE C 634 -31.24 -42.90 3.89
CA ILE C 634 -29.78 -42.79 3.99
C ILE C 634 -29.19 -42.42 2.63
N GLY C 635 -29.73 -42.99 1.56
CA GLY C 635 -29.31 -42.58 0.22
C GLY C 635 -29.62 -41.12 -0.05
N TYR C 636 -30.79 -40.65 0.38
CA TYR C 636 -31.13 -39.25 0.24
C TYR C 636 -30.14 -38.36 1.00
N VAL C 637 -29.83 -38.74 2.24
CA VAL C 637 -28.93 -37.93 3.06
C VAL C 637 -27.52 -37.95 2.47
N LEU C 638 -27.03 -39.12 2.06
CA LEU C 638 -25.69 -39.22 1.51
C LEU C 638 -25.58 -38.45 0.18
N TYR C 639 -26.61 -38.56 -0.66
CA TYR C 639 -26.60 -37.80 -1.91
C TYR C 639 -26.63 -36.30 -1.65
N GLY C 640 -27.44 -35.87 -0.67
CA GLY C 640 -27.47 -34.46 -0.31
C GLY C 640 -26.15 -33.97 0.25
N ILE C 641 -25.52 -34.78 1.11
CA ILE C 641 -24.22 -34.41 1.66
C ILE C 641 -23.18 -34.35 0.55
N TYR C 642 -23.25 -35.27 -0.41
CA TYR C 642 -22.32 -35.23 -1.54
C TYR C 642 -22.52 -33.95 -2.36
N ASN C 643 -23.78 -33.56 -2.57
CA ASN C 643 -24.05 -32.33 -3.32
C ASN C 643 -23.54 -31.10 -2.58
N VAL C 644 -23.76 -31.04 -1.27
CA VAL C 644 -23.28 -29.90 -0.48
C VAL C 644 -21.75 -29.89 -0.45
N THR C 645 -21.14 -31.06 -0.30
CA THR C 645 -19.68 -31.15 -0.35
C THR C 645 -19.15 -30.71 -1.70
N MET C 646 -19.90 -31.02 -2.77
CA MET C 646 -19.52 -30.55 -4.10
C MET C 646 -19.49 -29.02 -4.14
N VAL C 647 -20.52 -28.38 -3.60
CA VAL C 647 -20.58 -26.92 -3.56
C VAL C 647 -19.44 -26.37 -2.72
N VAL C 648 -19.17 -26.99 -1.57
CA VAL C 648 -18.12 -26.51 -0.67
C VAL C 648 -16.76 -26.61 -1.34
N VAL C 649 -16.46 -27.73 -1.99
CA VAL C 649 -15.18 -27.90 -2.66
C VAL C 649 -15.05 -26.91 -3.81
N LEU C 650 -16.12 -26.75 -4.61
CA LEU C 650 -16.08 -25.79 -5.70
C LEU C 650 -15.87 -24.37 -5.17
N LEU C 651 -16.56 -24.01 -4.09
CA LEU C 651 -16.40 -22.68 -3.52
C LEU C 651 -14.99 -22.46 -2.99
N ASN C 652 -14.43 -23.45 -2.29
CA ASN C 652 -13.07 -23.31 -1.77
C ASN C 652 -12.06 -23.17 -2.90
N MET C 653 -12.24 -23.95 -3.97
CA MET C 653 -11.37 -23.83 -5.14
C MET C 653 -11.50 -22.44 -5.77
N LEU C 654 -12.72 -21.94 -5.87
CA LEU C 654 -12.94 -20.61 -6.45
C LEU C 654 -12.27 -19.53 -5.60
N ILE C 655 -12.40 -19.62 -4.28
CA ILE C 655 -11.76 -18.65 -3.40
C ILE C 655 -10.24 -18.71 -3.54
N ALA C 656 -9.69 -19.92 -3.67
CA ALA C 656 -8.25 -20.07 -3.85
C ALA C 656 -7.79 -19.43 -5.15
N MET C 657 -8.54 -19.66 -6.24
CA MET C 657 -8.18 -19.04 -7.51
C MET C 657 -8.23 -17.52 -7.42
N ILE C 658 -9.26 -16.99 -6.75
CA ILE C 658 -9.38 -15.55 -6.59
C ILE C 658 -8.21 -15.00 -5.78
N ASN C 659 -7.94 -15.62 -4.64
CA ASN C 659 -6.79 -15.21 -3.81
C ASN C 659 -5.55 -16.02 -4.15
N SER C 660 -5.26 -16.14 -5.44
CA SER C 660 -3.96 -16.60 -5.91
C SER C 660 -3.47 -15.80 -7.11
N SER C 661 -4.27 -14.88 -7.65
CA SER C 661 -3.87 -14.04 -8.75
C SER C 661 -3.99 -12.55 -8.46
N TYR C 662 -4.75 -12.16 -7.43
CA TYR C 662 -4.82 -10.76 -7.02
C TYR C 662 -3.55 -10.29 -6.34
N GLN C 663 -2.66 -11.20 -5.97
CA GLN C 663 -1.40 -10.83 -5.33
C GLN C 663 -0.49 -10.06 -6.29
N ASP C 667 1.27 -6.51 -14.78
CA ASP C 667 2.53 -6.73 -15.48
C ASP C 667 2.90 -8.21 -15.50
N ASP C 668 2.41 -8.95 -14.51
CA ASP C 668 2.70 -10.38 -14.44
C ASP C 668 2.10 -11.11 -15.62
N SER C 669 0.86 -10.78 -15.99
CA SER C 669 0.23 -11.42 -17.13
C SER C 669 0.94 -11.08 -18.43
N ASP C 670 1.34 -9.81 -18.60
CA ASP C 670 2.06 -9.41 -19.81
C ASP C 670 3.41 -10.11 -19.91
N VAL C 671 4.14 -10.19 -18.79
CA VAL C 671 5.41 -10.90 -18.79
C VAL C 671 5.20 -12.38 -19.10
N GLU C 672 4.14 -12.96 -18.53
CA GLU C 672 3.82 -14.36 -18.78
C GLU C 672 3.61 -14.62 -20.26
N TRP C 673 2.73 -13.85 -20.89
CA TRP C 673 2.44 -14.04 -22.30
C TRP C 673 3.66 -13.74 -23.17
N LYS C 674 4.42 -12.70 -22.83
CA LYS C 674 5.61 -12.37 -23.63
C LYS C 674 6.65 -13.47 -23.55
N PHE C 675 6.81 -14.09 -22.38
CA PHE C 675 7.72 -15.21 -22.26
C PHE C 675 7.27 -16.39 -23.11
N ALA C 676 5.97 -16.71 -23.08
CA ALA C 676 5.46 -17.80 -23.91
C ALA C 676 5.60 -17.50 -25.39
N ARG C 677 5.31 -16.27 -25.80
CA ARG C 677 5.45 -15.88 -27.19
C ARG C 677 6.92 -15.89 -27.63
N SER C 678 7.83 -15.53 -26.74
CA SER C 678 9.25 -15.60 -27.06
C SER C 678 9.69 -17.04 -27.28
N LYS C 679 9.17 -17.96 -26.47
CA LYS C 679 9.45 -19.38 -26.71
C LYS C 679 8.92 -19.81 -28.07
N LEU C 680 7.71 -19.37 -28.42
CA LEU C 680 7.15 -19.68 -29.73
C LEU C 680 8.03 -19.14 -30.86
N TRP C 681 8.49 -17.91 -30.73
CA TRP C 681 9.34 -17.30 -31.75
C TRP C 681 10.67 -18.05 -31.86
N LEU C 682 11.27 -18.37 -30.72
CA LEU C 682 12.56 -19.06 -30.72
C LEU C 682 12.45 -20.44 -31.35
N SER C 683 11.27 -21.07 -31.28
CA SER C 683 11.08 -22.36 -31.92
C SER C 683 11.19 -22.27 -33.45
N TYR C 684 10.97 -21.08 -34.01
CA TYR C 684 11.07 -20.87 -35.45
C TYR C 684 12.32 -20.11 -35.87
N PHE C 685 13.20 -19.77 -34.93
CA PHE C 685 14.39 -18.99 -35.28
C PHE C 685 15.45 -19.85 -35.94
N ASP C 686 15.58 -21.10 -35.52
CA ASP C 686 16.64 -21.96 -36.01
C ASP C 686 16.40 -22.36 -37.47
N ASP C 687 17.47 -22.81 -38.12
CA ASP C 687 17.36 -23.29 -39.49
C ASP C 687 16.49 -24.54 -39.55
N GLY C 688 15.84 -24.73 -40.69
CA GLY C 688 14.84 -25.76 -40.83
C GLY C 688 13.44 -25.20 -40.63
N LYS C 689 12.48 -26.12 -40.59
CA LYS C 689 11.06 -25.82 -40.43
C LYS C 689 10.53 -24.91 -41.53
N THR C 690 11.25 -24.78 -42.65
CA THR C 690 10.79 -23.91 -43.72
C THR C 690 9.49 -24.42 -44.33
N LEU C 691 9.39 -25.73 -44.54
CA LEU C 691 8.20 -26.34 -45.11
C LEU C 691 7.46 -27.10 -44.03
N PRO C 692 6.23 -26.71 -43.70
CA PRO C 692 5.49 -27.40 -42.64
C PRO C 692 5.06 -28.79 -43.08
N PRO C 693 4.77 -29.69 -42.13
CA PRO C 693 4.26 -31.00 -42.51
C PRO C 693 2.89 -30.87 -43.16
N PRO C 694 2.53 -31.80 -44.06
CA PRO C 694 3.29 -32.99 -44.42
C PRO C 694 4.30 -32.75 -45.53
N PHE C 695 4.51 -31.49 -45.92
CA PHE C 695 5.48 -31.20 -46.96
C PHE C 695 6.89 -31.14 -46.39
N SER C 696 7.25 -32.14 -45.60
CA SER C 696 8.59 -32.25 -45.04
C SER C 696 9.16 -33.66 -45.10
N LEU C 697 8.36 -34.67 -45.44
CA LEU C 697 8.86 -36.04 -45.51
C LEU C 697 9.89 -36.19 -46.60
N VAL C 698 9.67 -35.55 -47.74
CA VAL C 698 10.59 -35.64 -48.87
C VAL C 698 11.89 -34.92 -48.55
N GLN C 759 44.16 -4.54 -25.59
CA GLN C 759 44.11 -5.70 -24.70
C GLN C 759 42.69 -6.28 -24.51
N PRO C 760 41.71 -5.47 -24.11
CA PRO C 760 40.38 -6.02 -23.88
C PRO C 760 39.57 -6.11 -25.17
N THR C 761 38.76 -7.16 -25.27
CA THR C 761 37.91 -7.34 -26.43
C THR C 761 36.77 -6.33 -26.42
N ARG C 762 36.06 -6.26 -27.55
CA ARG C 762 34.91 -5.37 -27.64
C ARG C 762 33.83 -5.78 -26.64
N TYR C 763 33.62 -7.08 -26.47
CA TYR C 763 32.63 -7.54 -25.49
C TYR C 763 33.02 -7.13 -24.08
N GLN C 764 34.32 -7.21 -23.76
CA GLN C 764 34.77 -6.81 -22.43
C GLN C 764 34.55 -5.32 -22.20
N GLN C 765 34.84 -4.49 -23.21
CA GLN C 765 34.61 -3.06 -23.07
C GLN C 765 33.14 -2.73 -22.90
N ILE C 766 32.28 -3.39 -23.68
CA ILE C 766 30.85 -3.15 -23.57
C ILE C 766 30.34 -3.60 -22.20
N MET C 767 30.80 -4.75 -21.72
CA MET C 767 30.39 -5.23 -20.41
C MET C 767 30.88 -4.31 -19.30
N LYS C 768 32.11 -3.80 -19.42
CA LYS C 768 32.62 -2.85 -18.44
C LYS C 768 31.77 -1.58 -18.41
N ARG C 769 31.41 -1.06 -19.60
CA ARG C 769 30.57 0.13 -19.66
C ARG C 769 29.20 -0.13 -19.07
N LEU C 770 28.61 -1.28 -19.38
CA LEU C 770 27.28 -1.60 -18.86
C LEU C 770 27.29 -1.80 -17.35
N ILE C 771 28.35 -2.43 -16.82
CA ILE C 771 28.42 -2.66 -15.38
C ILE C 771 28.65 -1.35 -14.64
N LYS C 772 29.50 -0.47 -15.19
CA LYS C 772 29.66 0.85 -14.59
C LYS C 772 28.34 1.62 -14.59
N ARG C 773 27.59 1.54 -15.70
CA ARG C 773 26.27 2.16 -15.75
C ARG C 773 25.35 1.55 -14.70
N TYR C 774 25.41 0.23 -14.52
CA TYR C 774 24.57 -0.42 -13.51
C TYR C 774 24.93 0.04 -12.11
N VAL C 775 26.22 0.18 -11.82
CA VAL C 775 26.64 0.59 -10.48
C VAL C 775 26.16 2.01 -10.18
N LEU C 776 26.33 2.92 -11.14
CA LEU C 776 25.85 4.29 -10.93
C LEU C 776 24.34 4.33 -10.83
N LYS C 777 23.64 3.56 -11.65
CA LYS C 777 22.19 3.51 -11.59
C LYS C 777 21.72 2.94 -10.25
N ALA C 778 22.40 1.91 -9.76
CA ALA C 778 22.02 1.32 -8.47
C ALA C 778 22.22 2.31 -7.33
N GLN C 779 23.31 3.08 -7.38
CA GLN C 779 23.52 4.10 -6.36
C GLN C 779 22.46 5.19 -6.44
N VAL C 780 22.07 5.57 -7.66
CA VAL C 780 21.03 6.59 -7.83
C VAL C 780 19.71 6.10 -7.25
N ASP C 781 19.35 4.85 -7.55
CA ASP C 781 18.10 4.29 -7.00
C ASP C 781 18.19 4.10 -5.50
N LYS C 782 19.38 3.78 -4.98
CA LYS C 782 19.54 3.71 -3.53
C LYS C 782 19.29 5.06 -2.89
N GLU C 783 19.77 6.13 -3.51
CA GLU C 783 19.47 7.48 -3.05
C GLU C 783 18.00 7.84 -3.19
N ASN C 784 17.24 7.10 -4.00
CA ASN C 784 15.81 7.31 -4.13
C ASN C 784 15.00 6.54 -3.10
N ASP C 785 15.63 5.68 -2.31
CA ASP C 785 14.91 4.97 -1.25
C ASP C 785 14.50 5.94 -0.14
N GLU C 786 13.43 5.58 0.56
CA GLU C 786 12.92 6.43 1.62
C GLU C 786 13.92 6.53 2.76
N VAL C 787 13.94 7.70 3.40
CA VAL C 787 14.86 7.96 4.50
C VAL C 787 14.36 7.27 5.76
N ASN C 788 15.25 6.55 6.43
CA ASN C 788 14.93 5.88 7.67
C ASN C 788 15.50 6.65 8.86
N GLU C 789 15.13 6.20 10.07
CA GLU C 789 15.54 6.90 11.28
C GLU C 789 17.05 6.86 11.50
N GLY C 790 17.72 5.81 11.01
CA GLY C 790 19.15 5.71 11.21
C GLY C 790 19.94 6.81 10.53
N GLU C 791 19.60 7.11 9.27
CA GLU C 791 20.29 8.17 8.55
C GLU C 791 20.06 9.53 9.21
N LEU C 792 18.82 9.80 9.62
CA LEU C 792 18.53 11.07 10.28
C LEU C 792 19.26 11.17 11.61
N LYS C 793 19.34 10.06 12.36
CA LYS C 793 20.10 10.05 13.60
C LYS C 793 21.58 10.29 13.34
N GLU C 794 22.10 9.79 12.22
CA GLU C 794 23.49 10.04 11.87
C GLU C 794 23.75 11.53 11.67
N ILE C 795 22.84 12.22 10.97
CA ILE C 795 22.99 13.66 10.79
C ILE C 795 22.82 14.40 12.12
N LYS C 796 21.92 13.92 12.98
CA LYS C 796 21.82 14.51 14.31
C LYS C 796 23.13 14.39 15.07
N GLN C 797 23.80 13.24 14.94
CA GLN C 797 25.11 13.07 15.56
C GLN C 797 26.15 13.97 14.91
N ASP C 798 26.03 14.21 13.60
CA ASP C 798 26.92 15.16 12.93
C ASP C 798 26.78 16.55 13.54
N ILE C 799 25.55 16.99 13.77
CA ILE C 799 25.32 18.32 14.34
C ILE C 799 25.84 18.38 15.77
N SER C 800 25.60 17.32 16.56
CA SER C 800 26.09 17.31 17.94
C SER C 800 27.60 17.36 18.00
N SER C 801 28.28 16.57 17.17
CA SER C 801 29.73 16.59 17.14
C SER C 801 30.26 17.94 16.66
N LEU C 802 29.60 18.53 15.66
CA LEU C 802 30.00 19.85 15.18
C LEU C 802 29.84 20.89 16.27
N ARG C 803 28.77 20.80 17.06
CA ARG C 803 28.56 21.74 18.15
C ARG C 803 29.70 21.65 19.17
N TYR C 804 30.09 20.42 19.54
CA TYR C 804 31.18 20.27 20.50
C TYR C 804 32.48 20.85 19.96
N GLU C 805 32.79 20.55 18.70
CA GLU C 805 34.03 21.05 18.10
C GLU C 805 34.05 22.57 18.03
N LEU C 806 32.94 23.17 17.58
CA LEU C 806 32.89 24.61 17.42
C LEU C 806 32.92 25.32 18.78
N LEU C 807 32.20 24.79 19.76
CA LEU C 807 32.18 25.43 21.08
C LEU C 807 33.56 25.39 21.73
N GLU C 808 34.27 24.27 21.59
CA GLU C 808 35.62 24.21 22.15
C GLU C 808 36.59 25.11 21.39
N ASP C 809 36.41 25.23 20.07
CA ASP C 809 37.25 26.14 19.30
C ASP C 809 37.04 27.58 19.75
N LYS C 810 35.78 27.98 19.97
CA LYS C 810 35.50 29.32 20.49
C LYS C 810 36.10 29.52 21.88
N SER C 811 35.99 28.49 22.73
CA SER C 811 36.56 28.59 24.07
C SER C 811 38.07 28.77 24.03
N GLN C 812 38.75 28.01 23.15
CA GLN C 812 40.20 28.14 23.02
C GLN C 812 40.59 29.53 22.51
N ALA C 813 39.83 30.05 21.54
CA ALA C 813 40.12 31.39 21.04
C ALA C 813 39.96 32.43 22.13
N THR C 814 38.91 32.32 22.95
CA THR C 814 38.71 33.27 24.04
C THR C 814 39.82 33.14 25.08
N GLU C 815 40.31 31.92 25.31
CA GLU C 815 41.42 31.72 26.23
C GLU C 815 42.67 32.43 25.73
N GLU C 816 42.96 32.34 24.43
CA GLU C 816 44.08 33.07 23.86
C GLU C 816 43.88 34.57 23.99
N LEU C 817 42.65 35.04 23.81
CA LEU C 817 42.36 36.46 23.99
C LEU C 817 42.62 36.89 25.43
N ALA C 818 42.25 36.05 26.40
CA ALA C 818 42.50 36.39 27.80
C ALA C 818 44.00 36.43 28.08
N ILE C 819 44.77 35.53 27.47
CA ILE C 819 46.23 35.59 27.60
C ILE C 819 46.77 36.91 27.06
N LEU C 820 46.22 37.36 25.93
CA LEU C 820 46.60 38.66 25.39
C LEU C 820 46.24 39.79 26.36
N ILE C 821 45.06 39.69 26.99
CA ILE C 821 44.64 40.71 27.94
C ILE C 821 45.64 40.82 29.09
N HIS C 822 46.00 39.69 29.69
CA HIS C 822 46.90 39.72 30.84
C HIS C 822 48.29 40.17 30.45
N LYS C 823 48.78 39.73 29.28
CA LYS C 823 50.11 40.15 28.85
C LYS C 823 50.15 41.63 28.52
N LEU C 824 49.10 42.16 27.90
CA LEU C 824 49.05 43.58 27.58
C LEU C 824 48.95 44.44 28.84
N SER C 825 48.16 44.00 29.83
CA SER C 825 48.00 44.78 31.05
C SER C 825 49.31 44.93 31.82
N GLU C 826 50.17 43.92 31.79
CA GLU C 826 51.47 44.04 32.46
C GLU C 826 52.33 45.11 31.79
N LYS C 827 52.35 45.14 30.46
CA LYS C 827 53.12 46.17 29.76
C LYS C 827 52.54 47.56 30.00
N LEU C 828 51.21 47.67 30.03
CA LEU C 828 50.58 48.96 30.28
C LEU C 828 50.91 49.48 31.66
N ASN C 829 50.90 48.61 32.67
CA ASN C 829 51.21 49.01 34.04
C ASN C 829 52.71 48.92 34.31
N GLN D 1 56.58 9.05 25.83
CA GLN D 1 56.63 7.77 25.12
C GLN D 1 57.33 7.92 23.77
N VAL D 2 56.91 8.93 23.00
CA VAL D 2 57.49 9.18 21.70
C VAL D 2 58.77 10.00 21.88
N GLN D 3 59.88 9.48 21.37
CA GLN D 3 61.17 10.17 21.43
C GLN D 3 61.49 10.72 20.05
N LEU D 4 61.70 12.02 19.97
CA LEU D 4 61.98 12.70 18.71
C LEU D 4 63.41 13.25 18.74
N GLN D 5 64.13 13.04 17.64
CA GLN D 5 65.47 13.59 17.48
C GLN D 5 65.53 14.34 16.15
N GLU D 6 66.33 15.39 16.12
CA GLU D 6 66.45 16.25 14.95
C GLU D 6 67.87 16.21 14.40
N SER D 7 67.98 16.41 13.09
CA SER D 7 69.27 16.39 12.42
C SER D 7 69.17 17.23 11.14
N GLY D 8 70.33 17.56 10.59
CA GLY D 8 70.39 18.32 9.36
C GLY D 8 70.66 19.80 9.52
N GLY D 9 70.95 20.26 10.74
CA GLY D 9 71.27 21.66 10.95
C GLY D 9 72.51 22.10 10.20
N GLY D 10 72.40 23.20 9.46
CA GLY D 10 73.51 23.68 8.67
C GLY D 10 73.72 25.18 8.77
N SER D 11 74.43 25.76 7.80
CA SER D 11 74.68 27.20 7.79
C SER D 11 74.80 27.63 6.34
N VAL D 12 73.70 28.16 5.78
CA VAL D 12 73.67 28.63 4.41
C VAL D 12 73.06 30.03 4.39
N GLN D 13 73.31 30.76 3.31
CA GLN D 13 72.81 32.12 3.16
C GLN D 13 72.55 32.38 1.68
N SER D 14 71.91 33.54 1.43
CA SER D 14 71.65 34.02 0.07
C SER D 14 70.81 33.03 -0.74
N GLY D 15 69.60 32.79 -0.25
CA GLY D 15 68.65 31.95 -0.97
C GLY D 15 69.06 30.50 -1.10
N GLY D 16 69.57 29.89 -0.04
CA GLY D 16 69.98 28.50 -0.06
C GLY D 16 68.81 27.58 0.21
N SER D 17 69.15 26.30 0.41
CA SER D 17 68.17 25.28 0.74
C SER D 17 68.72 24.40 1.85
N LEU D 18 67.83 23.84 2.66
CA LEU D 18 68.26 22.99 3.77
C LEU D 18 67.15 22.02 4.14
N ARG D 19 67.52 20.76 4.37
CA ARG D 19 66.57 19.75 4.79
C ARG D 19 66.79 19.40 6.25
N LEU D 20 65.75 19.52 7.06
CA LEU D 20 65.79 19.12 8.46
C LEU D 20 65.04 17.80 8.62
N SER D 21 65.67 16.84 9.30
CA SER D 21 65.14 15.51 9.45
C SER D 21 64.77 15.25 10.90
N CYS D 22 63.63 14.60 11.10
CA CYS D 22 63.11 14.27 12.41
C CYS D 22 62.89 12.77 12.49
N ALA D 23 63.55 12.10 13.42
CA ALA D 23 63.41 10.66 13.61
C ALA D 23 62.60 10.40 14.87
N ALA D 24 61.56 9.59 14.73
CA ALA D 24 60.68 9.23 15.83
C ALA D 24 60.96 7.79 16.25
N SER D 25 61.13 7.57 17.55
CA SER D 25 61.40 6.25 18.10
C SER D 25 60.62 6.10 19.40
N GLY D 26 60.74 4.93 20.01
CA GLY D 26 60.02 4.65 21.24
C GLY D 26 58.70 3.96 20.97
N TYR D 27 57.61 4.55 21.48
CA TYR D 27 56.29 3.96 21.27
C TYR D 27 55.92 3.95 19.79
N THR D 28 55.79 5.15 19.20
CA THR D 28 55.61 5.37 17.77
C THR D 28 54.45 4.58 17.16
N TYR D 29 53.58 4.02 17.99
CA TYR D 29 52.43 3.28 17.49
C TYR D 29 51.45 4.21 16.81
N SER D 30 50.92 3.78 15.66
CA SER D 30 49.99 4.57 14.86
C SER D 30 50.60 5.92 14.49
N TYR D 31 51.87 5.91 14.10
CA TYR D 31 52.57 7.15 13.79
C TYR D 31 51.95 7.87 12.60
N SER D 32 51.31 7.14 11.68
CA SER D 32 50.74 7.75 10.49
C SER D 32 49.66 8.77 10.82
N GLY D 33 48.95 8.60 11.93
CA GLY D 33 47.92 9.53 12.35
C GLY D 33 48.39 10.65 13.26
N TYR D 34 49.68 10.71 13.56
CA TYR D 34 50.19 11.75 14.46
C TYR D 34 50.12 13.12 13.77
N CYS D 35 49.94 14.16 14.60
CA CYS D 35 50.05 15.53 14.14
C CYS D 35 51.48 16.00 14.41
N MET D 36 52.29 16.03 13.35
CA MET D 36 53.68 16.43 13.43
C MET D 36 53.82 17.93 13.21
N GLY D 37 54.94 18.49 13.66
CA GLY D 37 55.18 19.90 13.46
C GLY D 37 56.59 20.29 13.81
N TRP D 38 56.98 21.47 13.30
CA TRP D 38 58.23 22.12 13.63
C TRP D 38 57.93 23.50 14.21
N PHE D 39 58.64 23.86 15.27
CA PHE D 39 58.54 25.21 15.82
C PHE D 39 59.93 25.75 16.15
N ARG D 40 60.04 27.07 16.13
CA ARG D 40 61.31 27.77 16.24
C ARG D 40 61.54 28.28 17.66
N GLN D 41 62.80 28.58 17.95
CA GLN D 41 63.21 29.23 19.21
C GLN D 41 64.34 30.20 18.87
N ALA D 42 63.97 31.45 18.58
CA ALA D 42 64.97 32.46 18.29
C ALA D 42 65.77 32.79 19.55
N PRO D 43 67.03 33.19 19.40
CA PRO D 43 67.85 33.47 20.60
C PRO D 43 67.29 34.55 21.50
N GLY D 44 66.64 35.56 20.93
CA GLY D 44 66.10 36.65 21.73
C GLY D 44 64.58 36.71 21.75
N LYS D 45 63.93 35.83 20.99
CA LYS D 45 62.48 35.83 20.88
C LYS D 45 61.90 34.58 21.51
N GLU D 46 60.57 34.54 21.60
CA GLU D 46 59.87 33.42 22.20
C GLU D 46 59.68 32.30 21.18
N ARG D 47 59.12 31.19 21.65
CA ARG D 47 58.87 30.04 20.79
C ARG D 47 57.85 30.40 19.71
N GLU D 48 58.18 30.07 18.46
CA GLU D 48 57.35 30.39 17.31
C GLU D 48 57.11 29.13 16.50
N GLY D 49 55.84 28.84 16.22
CA GLY D 49 55.52 27.70 15.39
C GLY D 49 55.85 27.97 13.93
N VAL D 50 56.33 26.94 13.24
CA VAL D 50 56.78 27.05 11.86
C VAL D 50 55.86 26.30 10.91
N ALA D 51 55.73 24.99 11.10
CA ALA D 51 54.94 24.18 10.18
C ALA D 51 54.29 23.04 10.95
N THR D 52 53.23 22.49 10.36
CA THR D 52 52.52 21.37 10.96
C THR D 52 51.92 20.53 9.84
N ILE D 53 51.72 19.25 10.13
CA ILE D 53 51.10 18.32 9.18
C ILE D 53 50.31 17.29 9.97
N ASP D 54 49.10 16.98 9.51
CA ASP D 54 48.23 16.03 10.17
C ASP D 54 48.38 14.64 9.56
N GLY D 55 47.59 13.69 10.06
CA GLY D 55 47.63 12.34 9.53
C GLY D 55 47.13 12.25 8.10
N ALA D 56 46.10 13.02 7.77
CA ALA D 56 45.56 13.00 6.42
C ALA D 56 46.55 13.55 5.41
N GLY D 57 47.45 14.44 5.83
CA GLY D 57 48.42 15.06 4.95
C GLY D 57 48.25 16.55 4.77
N ASN D 58 47.26 17.16 5.42
CA ASN D 58 47.09 18.61 5.33
C ASN D 58 48.26 19.31 6.02
N THR D 59 48.85 20.28 5.33
CA THR D 59 50.00 21.01 5.82
C THR D 59 49.63 22.45 6.08
N LYS D 60 50.07 22.97 7.24
CA LYS D 60 49.85 24.35 7.62
C LYS D 60 51.19 25.00 7.93
N TYR D 61 51.33 26.27 7.56
CA TYR D 61 52.58 26.99 7.74
C TYR D 61 52.30 28.35 8.36
N ALA D 62 53.28 28.83 9.13
CA ALA D 62 53.23 30.21 9.63
C ALA D 62 53.41 31.18 8.47
N ASP D 63 52.86 32.38 8.64
CA ASP D 63 52.94 33.39 7.58
C ASP D 63 54.38 33.79 7.31
N SER D 64 55.24 33.74 8.33
CA SER D 64 56.64 34.14 8.14
C SER D 64 57.42 33.14 7.29
N VAL D 65 56.96 31.90 7.19
CA VAL D 65 57.63 30.86 6.42
C VAL D 65 56.78 30.30 5.30
N LYS D 66 55.57 30.83 5.10
CA LYS D 66 54.70 30.31 4.04
C LYS D 66 55.29 30.60 2.67
N GLY D 67 55.15 29.64 1.77
CA GLY D 67 55.68 29.74 0.42
C GLY D 67 57.07 29.18 0.26
N ARG D 68 57.93 29.39 1.26
CA ARG D 68 59.30 28.89 1.21
C ARG D 68 59.41 27.52 1.89
N PHE D 69 59.09 27.45 3.17
CA PHE D 69 59.18 26.20 3.90
C PHE D 69 58.08 25.24 3.44
N THR D 70 58.44 23.96 3.35
CA THR D 70 57.46 22.92 3.11
C THR D 70 57.75 21.74 4.03
N ILE D 71 56.69 21.10 4.51
CA ILE D 71 56.80 20.02 5.48
C ILE D 71 56.20 18.75 4.87
N SER D 72 56.90 17.64 5.04
CA SER D 72 56.44 16.34 4.55
C SER D 72 56.76 15.28 5.59
N ARG D 73 56.08 14.14 5.49
CA ARG D 73 56.29 13.05 6.41
C ARG D 73 56.41 11.75 5.65
N ASP D 74 57.31 10.88 6.11
CA ASP D 74 57.42 9.51 5.63
C ASP D 74 56.86 8.62 6.73
N ASN D 75 55.61 8.17 6.53
CA ASN D 75 54.94 7.37 7.55
C ASN D 75 55.62 6.01 7.71
N ALA D 76 56.07 5.41 6.61
CA ALA D 76 56.78 4.14 6.70
C ALA D 76 58.10 4.30 7.44
N LYS D 77 58.82 5.38 7.18
CA LYS D 77 60.12 5.62 7.80
C LYS D 77 60.00 6.29 9.17
N LYS D 78 58.79 6.66 9.59
CA LYS D 78 58.56 7.36 10.87
C LYS D 78 59.38 8.63 10.95
N THR D 79 59.47 9.35 9.83
CA THR D 79 60.33 10.52 9.74
C THR D 79 59.54 11.75 9.30
N LEU D 80 59.98 12.91 9.77
CA LEU D 80 59.38 14.19 9.42
C LEU D 80 60.46 15.07 8.78
N TYR D 81 60.20 15.55 7.57
CA TYR D 81 61.16 16.35 6.82
C TYR D 81 60.65 17.78 6.67
N LEU D 82 61.54 18.74 6.89
CA LEU D 82 61.27 20.15 6.68
C LEU D 82 62.23 20.68 5.63
N GLN D 83 61.74 20.87 4.41
CA GLN D 83 62.52 21.46 3.34
C GLN D 83 62.48 22.97 3.43
N MET D 84 63.64 23.59 3.36
CA MET D 84 63.82 25.02 3.53
C MET D 84 64.20 25.62 2.19
N ASN D 85 63.33 26.48 1.66
CA ASN D 85 63.65 27.26 0.47
C ASN D 85 64.50 28.45 0.88
N SER D 86 64.60 29.45 -0.01
CA SER D 86 65.46 30.61 0.19
C SER D 86 65.41 31.15 1.61
N LEU D 87 66.56 31.14 2.28
CA LEU D 87 66.63 31.49 3.70
C LEU D 87 66.68 33.01 3.89
N LYS D 88 66.53 33.41 5.14
CA LYS D 88 66.67 34.80 5.56
C LYS D 88 67.41 34.81 6.89
N PRO D 89 68.08 35.91 7.23
CA PRO D 89 68.78 35.99 8.52
C PRO D 89 67.85 35.78 9.70
N GLU D 90 66.57 36.13 9.58
CA GLU D 90 65.62 35.87 10.64
C GLU D 90 65.39 34.37 10.87
N ASP D 91 65.67 33.54 9.88
CA ASP D 91 65.51 32.09 10.01
C ASP D 91 66.73 31.47 10.67
N THR D 92 67.12 32.00 11.82
CA THR D 92 68.26 31.49 12.60
C THR D 92 67.77 31.21 14.01
N ALA D 93 67.61 29.93 14.36
CA ALA D 93 67.00 29.59 15.62
C ALA D 93 67.24 28.13 15.97
N MET D 94 66.86 27.78 17.19
CA MET D 94 66.73 26.41 17.68
C MET D 94 65.44 25.83 17.14
N TYR D 95 65.54 24.99 16.10
CA TYR D 95 64.35 24.36 15.54
C TYR D 95 64.06 23.07 16.29
N TYR D 96 62.88 22.97 16.89
CA TYR D 96 62.47 21.78 17.62
C TYR D 96 61.38 21.05 16.86
N CYS D 97 61.50 19.72 16.80
CA CYS D 97 60.41 18.87 16.35
C CYS D 97 59.34 18.79 17.43
N ALA D 98 58.13 18.41 17.01
CA ALA D 98 57.03 18.26 17.95
C ALA D 98 56.02 17.27 17.38
N ALA D 99 55.42 16.49 18.28
CA ALA D 99 54.47 15.46 17.89
C ALA D 99 53.27 15.50 18.83
N ARG D 100 52.08 15.30 18.26
CA ARG D 100 50.87 15.07 19.03
C ARG D 100 50.28 13.74 18.61
N VAL D 101 50.28 12.77 19.54
CA VAL D 101 49.82 11.43 19.22
C VAL D 101 48.32 11.44 18.94
N TYR D 102 47.54 12.06 19.81
CA TYR D 102 46.08 11.98 19.74
C TYR D 102 45.56 13.15 18.92
N SER D 103 45.43 12.92 17.61
CA SER D 103 44.88 13.90 16.69
C SER D 103 43.92 13.19 15.75
N TYR D 104 43.34 13.94 14.81
CA TYR D 104 42.38 13.39 13.89
C TYR D 104 42.44 14.20 12.60
N SER D 105 41.80 13.67 11.56
CA SER D 105 41.76 14.35 10.27
C SER D 105 41.10 15.72 10.42
N SER D 106 41.73 16.73 9.82
CA SER D 106 41.27 18.12 9.90
C SER D 106 41.13 18.57 11.36
N ASP D 107 42.11 18.20 12.18
CA ASP D 107 42.11 18.61 13.58
C ASP D 107 42.30 20.12 13.69
N VAL D 108 41.47 20.76 14.51
CA VAL D 108 41.59 22.21 14.69
C VAL D 108 42.86 22.57 15.44
N ASP D 109 43.36 21.67 16.29
CA ASP D 109 44.55 21.95 17.07
C ASP D 109 45.85 21.61 16.35
N CYS D 110 45.77 21.01 15.16
CA CYS D 110 46.96 20.73 14.36
C CYS D 110 47.31 22.00 13.58
N ARG D 111 47.91 22.96 14.29
CA ARG D 111 48.29 24.25 13.77
C ARG D 111 49.74 24.54 14.09
N PRO D 112 50.40 25.38 13.30
CA PRO D 112 51.76 25.80 13.66
C PRO D 112 51.82 26.51 15.02
N SER D 113 50.82 27.31 15.35
CA SER D 113 50.81 28.00 16.64
C SER D 113 50.74 27.00 17.79
N PHE D 114 49.93 25.96 17.64
CA PHE D 114 49.77 24.94 18.68
C PHE D 114 50.94 23.96 18.73
N THR D 115 51.84 24.01 17.75
CA THR D 115 52.98 23.10 17.74
C THR D 115 53.84 23.24 18.98
N THR D 116 53.90 24.45 19.55
CA THR D 116 54.69 24.68 20.76
C THR D 116 54.08 23.98 21.98
N ARG D 117 52.79 23.62 21.92
CA ARG D 117 52.11 22.99 23.04
C ARG D 117 51.94 21.49 22.86
N PHE D 118 52.64 20.89 21.90
CA PHE D 118 52.50 19.46 21.65
C PHE D 118 53.09 18.67 22.82
N PRO D 119 52.50 17.50 23.13
CA PRO D 119 52.98 16.72 24.28
C PRO D 119 54.44 16.32 24.20
N TYR D 120 54.94 16.03 23.01
CA TYR D 120 56.31 15.54 22.83
C TYR D 120 57.07 16.46 21.89
N SER D 121 58.35 16.66 22.19
CA SER D 121 59.21 17.51 21.38
C SER D 121 60.63 16.98 21.44
N GLY D 122 61.40 17.31 20.40
CA GLY D 122 62.77 16.89 20.32
C GLY D 122 63.72 17.83 21.05
N GLN D 123 65.01 17.47 21.01
CA GLN D 123 66.03 18.29 21.64
C GLN D 123 66.34 19.56 20.86
N GLY D 124 66.05 19.58 19.56
CA GLY D 124 66.28 20.77 18.77
C GLY D 124 67.62 20.76 18.06
N THR D 125 67.67 21.44 16.92
CA THR D 125 68.88 21.59 16.13
C THR D 125 69.05 23.05 15.76
N GLN D 126 70.31 23.50 15.66
CA GLN D 126 70.59 24.90 15.39
C GLN D 126 70.67 25.14 13.89
N VAL D 127 69.93 26.14 13.41
CA VAL D 127 70.03 26.61 12.04
C VAL D 127 70.49 28.06 12.10
N THR D 128 71.60 28.36 11.43
CA THR D 128 72.18 29.70 11.40
C THR D 128 72.24 30.19 9.97
N VAL D 129 71.71 31.38 9.73
CA VAL D 129 71.70 31.96 8.39
C VAL D 129 72.29 33.36 8.42
N PRO E 13 39.18 -6.74 -7.88
CA PRO E 13 37.96 -6.42 -8.64
C PRO E 13 38.05 -6.81 -10.11
N ALA E 14 36.95 -7.32 -10.66
CA ALA E 14 36.94 -7.76 -12.04
C ALA E 14 37.12 -6.59 -13.00
N PHE E 15 36.50 -5.45 -12.70
CA PHE E 15 36.53 -4.27 -13.56
C PHE E 15 37.22 -3.13 -12.84
N MET E 16 38.14 -2.46 -13.55
CA MET E 16 38.83 -1.29 -13.04
C MET E 16 38.21 -0.06 -13.70
N PHE E 17 37.25 0.54 -13.00
CA PHE E 17 36.49 1.67 -13.53
C PHE E 17 37.25 2.99 -13.48
N ASN E 18 38.42 3.02 -12.83
CA ASN E 18 39.20 4.24 -12.74
C ASN E 18 40.03 4.45 -14.01
N SER E 23 47.24 3.65 -10.04
CA SER E 23 47.03 3.88 -8.62
C SER E 23 47.14 5.37 -8.29
N LEU E 24 46.15 5.88 -7.56
CA LEU E 24 46.15 7.28 -7.18
C LEU E 24 47.26 7.57 -6.17
N THR E 25 47.89 8.73 -6.32
CA THR E 25 48.89 9.17 -5.35
C THR E 25 48.20 9.65 -4.07
N ALA E 26 49.00 9.84 -3.03
CA ALA E 26 48.46 10.35 -1.77
C ALA E 26 47.89 11.75 -1.95
N GLU E 27 48.57 12.59 -2.74
CA GLU E 27 48.07 13.93 -3.02
C GLU E 27 46.75 13.87 -3.76
N GLU E 28 46.64 13.00 -4.77
CA GLU E 28 45.39 12.87 -5.51
C GLU E 28 44.27 12.32 -4.64
N GLU E 29 44.59 11.36 -3.77
CA GLU E 29 43.59 10.82 -2.86
C GLU E 29 43.09 11.90 -1.90
N ARG E 30 44.00 12.72 -1.37
CA ARG E 30 43.59 13.82 -0.50
C ARG E 30 42.71 14.82 -1.24
N PHE E 31 43.09 15.15 -2.48
CA PHE E 31 42.30 16.11 -3.25
C PHE E 31 40.90 15.58 -3.55
N LEU E 32 40.80 14.30 -3.92
CA LEU E 32 39.49 13.72 -4.23
C LEU E 32 38.63 13.63 -2.97
N ASP E 33 39.24 13.27 -1.83
CA ASP E 33 38.48 13.23 -0.58
C ASP E 33 38.00 14.61 -0.18
N ALA E 34 38.85 15.63 -0.35
CA ALA E 34 38.44 16.99 -0.01
C ALA E 34 37.31 17.48 -0.91
N ALA E 35 37.39 17.18 -2.21
CA ALA E 35 36.33 17.60 -3.12
C ALA E 35 35.03 16.86 -2.84
N GLU E 36 35.11 15.58 -2.53
CA GLU E 36 33.91 14.78 -2.31
C GLU E 36 33.13 15.24 -1.09
N TYR E 37 33.83 15.58 -0.01
CA TYR E 37 33.19 15.95 1.24
C TYR E 37 33.15 17.46 1.47
N GLY E 38 33.45 18.25 0.45
CA GLY E 38 33.32 19.69 0.56
C GLY E 38 34.34 20.37 1.45
N ASN E 39 35.55 19.80 1.56
CA ASN E 39 36.63 20.44 2.29
C ASN E 39 37.15 21.59 1.44
N ILE E 40 36.42 22.70 1.49
CA ILE E 40 36.73 23.84 0.63
C ILE E 40 38.13 24.40 0.87
N PRO E 41 38.56 24.66 2.12
CA PRO E 41 39.92 25.21 2.30
C PRO E 41 41.01 24.32 1.75
N VAL E 42 40.90 23.00 1.93
CA VAL E 42 41.92 22.10 1.40
C VAL E 42 41.91 22.11 -0.11
N VAL E 43 40.73 22.05 -0.73
CA VAL E 43 40.63 22.09 -2.19
C VAL E 43 41.26 23.36 -2.74
N ARG E 44 40.96 24.49 -2.11
CA ARG E 44 41.53 25.76 -2.54
C ARG E 44 43.04 25.77 -2.38
N LYS E 45 43.54 25.22 -1.27
CA LYS E 45 44.99 25.18 -1.05
C LYS E 45 45.69 24.32 -2.10
N MET E 46 45.13 23.16 -2.42
CA MET E 46 45.74 22.29 -3.42
C MET E 46 45.68 22.94 -4.81
N LEU E 47 44.57 23.60 -5.14
CA LEU E 47 44.48 24.25 -6.44
C LEU E 47 45.44 25.43 -6.55
N GLU E 48 45.68 26.13 -5.44
CA GLU E 48 46.50 27.33 -5.47
C GLU E 48 47.99 27.03 -5.36
N GLU E 49 48.37 25.97 -4.65
CA GLU E 49 49.77 25.74 -4.32
C GLU E 49 50.37 24.50 -4.96
N SER E 50 49.60 23.45 -5.20
CA SER E 50 50.16 22.20 -5.69
C SER E 50 50.37 22.30 -7.20
N LYS E 51 51.62 22.23 -7.62
CA LYS E 51 51.97 22.25 -9.05
C LYS E 51 52.03 20.86 -9.66
N THR E 52 51.95 19.80 -8.85
CA THR E 52 52.03 18.42 -9.34
C THR E 52 50.73 17.68 -9.15
N LEU E 53 49.61 18.39 -9.01
CA LEU E 53 48.31 17.78 -8.79
C LEU E 53 47.54 17.73 -10.10
N ASN E 54 47.08 16.54 -10.48
CA ASN E 54 46.24 16.37 -11.65
C ASN E 54 44.79 16.63 -11.24
N VAL E 55 44.23 17.76 -11.69
CA VAL E 55 42.87 18.12 -11.32
C VAL E 55 41.85 17.18 -11.93
N ASN E 56 42.25 16.36 -12.91
CA ASN E 56 41.35 15.45 -13.58
C ASN E 56 41.49 14.01 -13.09
N CYS E 57 42.18 13.80 -11.97
CA CYS E 57 42.27 12.46 -11.39
C CYS E 57 40.89 11.97 -10.97
N VAL E 58 40.67 10.67 -11.12
CA VAL E 58 39.36 10.07 -10.91
C VAL E 58 39.42 9.09 -9.75
N ASP E 59 38.26 8.82 -9.18
CA ASP E 59 38.13 7.87 -8.08
C ASP E 59 37.99 6.45 -8.62
N TYR E 60 37.61 5.50 -7.76
CA TYR E 60 37.49 4.11 -8.19
C TYR E 60 36.41 3.93 -9.24
N MET E 61 35.40 4.80 -9.27
CA MET E 61 34.33 4.72 -10.25
C MET E 61 34.55 5.63 -11.45
N GLY E 62 35.75 6.19 -11.61
CA GLY E 62 36.04 7.05 -12.74
C GLY E 62 35.47 8.44 -12.64
N GLN E 63 35.14 8.91 -11.44
CA GLN E 63 34.60 10.24 -11.25
C GLN E 63 35.70 11.17 -10.75
N ASN E 64 35.88 12.29 -11.45
CA ASN E 64 36.89 13.26 -11.06
C ASN E 64 36.36 14.17 -9.95
N ALA E 65 37.17 15.17 -9.58
CA ALA E 65 36.79 16.05 -8.48
C ALA E 65 35.53 16.83 -8.80
N LEU E 66 35.38 17.28 -10.05
CA LEU E 66 34.20 18.05 -10.43
C LEU E 66 32.94 17.21 -10.31
N GLN E 67 32.98 15.96 -10.79
CA GLN E 67 31.80 15.11 -10.71
C GLN E 67 31.46 14.77 -9.26
N LEU E 68 32.47 14.52 -8.43
CA LEU E 68 32.21 14.25 -7.01
C LEU E 68 31.62 15.46 -6.32
N ALA E 69 32.16 16.66 -6.60
CA ALA E 69 31.64 17.88 -5.96
C ALA E 69 30.21 18.16 -6.40
N VAL E 70 29.91 17.98 -7.68
CA VAL E 70 28.55 18.21 -8.17
C VAL E 70 27.60 17.19 -7.58
N GLY E 71 28.01 15.92 -7.51
CA GLY E 71 27.14 14.90 -6.97
C GLY E 71 26.79 15.11 -5.51
N ASN E 72 27.68 15.76 -4.76
CA ASN E 72 27.46 16.05 -3.35
C ASN E 72 26.99 17.47 -3.10
N GLU E 73 26.62 18.20 -4.16
CA GLU E 73 26.10 19.56 -4.05
C GLU E 73 27.08 20.50 -3.34
N HIS E 74 28.36 20.39 -3.70
CA HIS E 74 29.37 21.29 -3.15
C HIS E 74 29.58 22.43 -4.14
N LEU E 75 28.75 23.47 -4.00
CA LEU E 75 28.79 24.58 -4.94
C LEU E 75 30.13 25.33 -4.88
N GLU E 76 30.64 25.56 -3.68
CA GLU E 76 31.89 26.30 -3.54
C GLU E 76 33.06 25.52 -4.14
N VAL E 77 33.10 24.21 -3.91
CA VAL E 77 34.14 23.38 -4.53
C VAL E 77 34.01 23.41 -6.04
N THR E 78 32.78 23.34 -6.54
CA THR E 78 32.55 23.40 -7.99
C THR E 78 33.04 24.74 -8.55
N GLU E 79 32.76 25.83 -7.87
CA GLU E 79 33.23 27.14 -8.33
C GLU E 79 34.75 27.21 -8.35
N LEU E 80 35.40 26.66 -7.32
CA LEU E 80 36.85 26.63 -7.29
C LEU E 80 37.41 25.80 -8.44
N LEU E 81 36.81 24.63 -8.71
CA LEU E 81 37.30 23.77 -9.77
C LEU E 81 37.08 24.37 -11.15
N LEU E 82 35.98 25.10 -11.35
CA LEU E 82 35.66 25.68 -12.65
C LEU E 82 36.67 26.74 -13.09
N LYS E 83 37.51 27.22 -12.17
CA LYS E 83 38.57 28.17 -12.53
C LYS E 83 39.79 27.51 -13.13
N LYS E 84 39.83 26.18 -13.18
CA LYS E 84 40.88 25.46 -13.88
C LYS E 84 40.48 25.30 -15.34
N GLU E 85 41.32 25.80 -16.24
CA GLU E 85 41.01 25.73 -17.66
C GLU E 85 40.99 24.28 -18.15
N ASN E 86 41.93 23.47 -17.68
CA ASN E 86 42.06 22.09 -18.12
C ASN E 86 41.09 21.14 -17.40
N LEU E 87 40.13 21.67 -16.65
CA LEU E 87 39.16 20.82 -15.99
C LEU E 87 38.28 20.10 -17.02
N ALA E 88 38.04 18.82 -16.79
CA ALA E 88 37.30 17.98 -17.72
C ALA E 88 35.93 17.63 -17.17
N ARG E 89 35.14 16.97 -18.01
CA ARG E 89 33.80 16.49 -17.65
C ARG E 89 32.88 17.64 -17.24
N ILE E 90 33.02 18.79 -17.91
CA ILE E 90 32.14 19.91 -17.65
C ILE E 90 30.71 19.60 -18.07
N GLY E 91 30.55 19.03 -19.27
CA GLY E 91 29.22 18.71 -19.75
C GLY E 91 28.53 17.65 -18.90
N ASP E 92 29.27 16.62 -18.52
CA ASP E 92 28.70 15.61 -17.63
C ASP E 92 28.34 16.20 -16.28
N ALA E 93 29.15 17.14 -15.78
CA ALA E 93 28.84 17.80 -14.53
C ALA E 93 27.53 18.58 -14.63
N LEU E 94 27.31 19.26 -15.76
CA LEU E 94 26.04 19.96 -15.96
C LEU E 94 24.88 18.97 -15.98
N LEU E 95 25.05 17.85 -16.68
CA LEU E 95 23.97 16.86 -16.75
C LEU E 95 23.68 16.28 -15.38
N LEU E 96 24.71 15.97 -14.61
CA LEU E 96 24.51 15.44 -13.26
C LEU E 96 23.82 16.46 -12.37
N ALA E 97 24.23 17.72 -12.44
CA ALA E 97 23.60 18.77 -11.64
C ALA E 97 22.15 18.96 -12.03
N ILE E 98 21.85 18.91 -13.33
CA ILE E 98 20.47 19.03 -13.81
C ILE E 98 19.64 17.87 -13.29
N SER E 99 20.19 16.65 -13.38
CA SER E 99 19.45 15.48 -12.93
C SER E 99 19.17 15.52 -11.44
N LYS E 100 20.08 16.08 -10.65
CA LYS E 100 19.89 16.22 -9.22
C LYS E 100 19.18 17.52 -8.83
N GLY E 101 18.90 18.40 -9.80
CA GLY E 101 18.22 19.64 -9.52
C GLY E 101 18.99 20.64 -8.68
N TYR E 102 20.30 20.75 -8.91
CA TYR E 102 21.14 21.69 -8.17
C TYR E 102 21.24 22.97 -8.99
N VAL E 103 20.32 23.90 -8.72
CA VAL E 103 20.13 25.06 -9.59
C VAL E 103 21.38 25.96 -9.57
N ARG E 104 21.91 26.22 -8.37
CA ARG E 104 23.07 27.10 -8.27
C ARG E 104 24.29 26.52 -8.95
N ILE E 105 24.50 25.20 -8.79
CA ILE E 105 25.61 24.54 -9.48
C ILE E 105 25.38 24.57 -10.99
N VAL E 106 24.14 24.44 -11.42
CA VAL E 106 23.82 24.56 -12.85
C VAL E 106 24.19 25.95 -13.35
N GLU E 107 23.87 26.99 -12.57
CA GLU E 107 24.25 28.35 -12.94
C GLU E 107 25.75 28.47 -13.10
N ALA E 108 26.51 27.96 -12.12
CA ALA E 108 27.96 28.07 -12.16
C ALA E 108 28.54 27.35 -13.37
N ILE E 109 28.03 26.15 -13.66
CA ILE E 109 28.54 25.39 -14.80
C ILE E 109 28.13 26.07 -16.11
N LEU E 110 26.93 26.64 -16.17
CA LEU E 110 26.50 27.35 -17.37
C LEU E 110 27.32 28.61 -17.62
N ASN E 111 28.00 29.13 -16.60
CA ASN E 111 28.91 30.24 -16.80
C ASN E 111 30.26 29.83 -17.36
N HIS E 112 30.52 28.53 -17.49
CA HIS E 112 31.77 28.06 -18.04
C HIS E 112 31.90 28.46 -19.50
N PRO E 113 33.13 28.73 -19.98
CA PRO E 113 33.30 29.08 -21.40
C PRO E 113 32.80 28.03 -22.37
N GLY E 114 32.77 26.75 -21.96
CA GLY E 114 32.25 25.71 -22.81
C GLY E 114 30.77 25.82 -23.09
N PHE E 115 30.04 26.64 -22.34
CA PHE E 115 28.63 26.89 -22.57
C PHE E 115 28.34 28.33 -22.95
N ALA E 116 28.90 29.29 -22.22
CA ALA E 116 28.62 30.70 -22.51
C ALA E 116 29.19 31.12 -23.87
N ALA E 117 30.40 30.66 -24.20
CA ALA E 117 31.07 31.02 -25.45
C ALA E 117 30.81 30.03 -26.57
N SER E 118 29.67 29.35 -26.55
CA SER E 118 29.34 28.37 -27.57
C SER E 118 27.83 28.21 -27.62
N LYS E 119 27.36 27.56 -28.69
CA LYS E 119 25.94 27.27 -28.89
C LYS E 119 25.60 25.85 -28.49
N ARG E 120 26.27 25.31 -27.46
CA ARG E 120 26.06 23.93 -27.07
C ARG E 120 24.63 23.67 -26.61
N LEU E 121 24.05 24.61 -25.86
CA LEU E 121 22.70 24.42 -25.32
C LEU E 121 21.64 24.44 -26.41
N THR E 122 21.92 25.04 -27.57
CA THR E 122 20.98 25.12 -28.67
C THR E 122 21.20 24.03 -29.70
N LEU E 123 21.90 22.95 -29.34
CA LEU E 123 22.18 21.87 -30.26
C LEU E 123 21.15 20.76 -30.09
N SER E 124 20.59 20.31 -31.21
CA SER E 124 19.68 19.18 -31.19
C SER E 124 20.46 17.89 -30.91
N PRO E 125 19.77 16.84 -30.45
CA PRO E 125 20.48 15.57 -30.22
C PRO E 125 21.18 15.05 -31.46
N CYS E 126 20.57 15.18 -32.63
CA CYS E 126 21.25 14.81 -33.87
C CYS E 126 22.44 15.72 -34.13
N GLU E 127 22.25 17.03 -33.92
CA GLU E 127 23.35 17.97 -34.13
C GLU E 127 24.47 17.77 -33.13
N GLN E 128 24.13 17.52 -31.86
CA GLN E 128 25.17 17.29 -30.86
C GLN E 128 25.87 15.95 -31.09
N GLU E 129 25.20 14.99 -31.73
CA GLU E 129 25.85 13.75 -32.11
C GLU E 129 26.60 13.84 -33.43
N LEU E 130 26.39 14.92 -34.19
CA LEU E 130 27.08 15.07 -35.47
C LEU E 130 28.58 15.20 -35.27
N GLN E 131 29.01 15.98 -34.28
CA GLN E 131 30.42 16.15 -33.97
C GLN E 131 30.78 15.29 -32.76
N ASP E 132 31.92 14.60 -32.85
CA ASP E 132 32.36 13.70 -31.80
C ASP E 132 33.39 14.37 -30.89
N ASP E 133 32.93 15.42 -30.20
CA ASP E 133 33.79 16.14 -29.27
C ASP E 133 33.86 15.47 -27.90
N ASP E 134 32.98 14.53 -27.60
CA ASP E 134 32.92 13.86 -26.30
C ASP E 134 32.79 14.88 -25.16
N PHE E 135 32.02 15.94 -25.42
CA PHE E 135 31.87 17.01 -24.43
C PHE E 135 31.09 16.54 -23.21
N TYR E 136 30.06 15.73 -23.41
CA TYR E 136 29.21 15.26 -22.33
C TYR E 136 29.63 13.89 -21.79
N ALA E 137 30.73 13.33 -22.29
CA ALA E 137 31.18 12.02 -21.81
C ALA E 137 31.62 12.11 -20.36
N TYR E 138 31.17 11.16 -19.55
CA TYR E 138 31.54 11.10 -18.14
C TYR E 138 32.77 10.25 -17.89
N ASP E 139 33.32 9.63 -18.93
CA ASP E 139 34.56 8.85 -18.84
C ASP E 139 35.11 8.70 -20.26
N GLU E 140 36.09 7.82 -20.41
CA GLU E 140 36.70 7.60 -21.72
C GLU E 140 35.80 6.84 -22.68
N ASP E 141 34.69 6.27 -22.21
CA ASP E 141 33.80 5.46 -23.05
C ASP E 141 32.35 5.72 -22.63
N GLY E 142 31.68 6.62 -23.34
CA GLY E 142 30.26 6.82 -23.16
C GLY E 142 29.93 7.99 -22.25
N THR E 143 28.64 8.22 -22.10
CA THR E 143 28.10 9.31 -21.30
C THR E 143 27.29 8.75 -20.14
N ARG E 144 27.05 9.60 -19.14
CA ARG E 144 26.26 9.17 -17.98
C ARG E 144 24.83 8.82 -18.39
N PHE E 145 24.23 9.62 -19.25
CA PHE E 145 22.90 9.37 -19.79
C PHE E 145 23.02 9.01 -21.27
N SER E 146 21.88 8.76 -21.89
CA SER E 146 21.87 8.44 -23.31
C SER E 146 22.38 9.63 -24.11
N PRO E 147 23.14 9.39 -25.18
CA PRO E 147 23.72 10.52 -25.95
C PRO E 147 22.67 11.46 -26.52
N ASP E 148 21.48 10.96 -26.84
CA ASP E 148 20.43 11.81 -27.39
C ASP E 148 19.79 12.72 -26.34
N ILE E 149 20.08 12.51 -25.06
CA ILE E 149 19.47 13.32 -24.01
C ILE E 149 20.26 14.62 -23.89
N THR E 150 19.63 15.73 -24.27
CA THR E 150 20.21 17.05 -24.13
C THR E 150 19.94 17.60 -22.73
N PRO E 151 20.64 18.66 -22.33
CA PRO E 151 20.33 19.27 -21.02
C PRO E 151 18.87 19.68 -20.87
N ILE E 152 18.24 20.20 -21.91
CA ILE E 152 16.83 20.59 -21.80
C ILE E 152 15.95 19.35 -21.69
N ILE E 153 16.27 18.29 -22.44
CA ILE E 153 15.51 17.05 -22.34
C ILE E 153 15.68 16.45 -20.96
N LEU E 154 16.90 16.44 -20.43
CA LEU E 154 17.14 15.92 -19.09
C LEU E 154 16.41 16.73 -18.03
N ALA E 155 16.41 18.05 -18.18
CA ALA E 155 15.68 18.91 -17.23
C ALA E 155 14.19 18.62 -17.28
N ALA E 156 13.64 18.42 -18.48
CA ALA E 156 12.24 18.06 -18.60
C ALA E 156 11.96 16.69 -17.97
N HIS E 157 12.87 15.73 -18.16
CA HIS E 157 12.69 14.40 -17.58
C HIS E 157 12.62 14.46 -16.07
N CYS E 158 13.45 15.29 -15.45
CA CYS E 158 13.51 15.38 -14.00
C CYS E 158 12.54 16.41 -13.43
N GLN E 159 11.73 17.04 -14.27
CA GLN E 159 10.71 18.00 -13.84
C GLN E 159 11.32 19.15 -13.03
N LYS E 160 12.48 19.62 -13.48
CA LYS E 160 13.16 20.75 -12.84
C LYS E 160 12.68 22.03 -13.50
N TYR E 161 11.66 22.65 -12.90
CA TYR E 161 11.02 23.80 -13.54
C TYR E 161 11.98 24.97 -13.71
N GLU E 162 12.75 25.28 -12.66
CA GLU E 162 13.70 26.38 -12.75
C GLU E 162 14.79 26.09 -13.79
N VAL E 163 15.28 24.85 -13.82
CA VAL E 163 16.30 24.49 -14.80
C VAL E 163 15.73 24.53 -16.21
N VAL E 164 14.49 24.06 -16.38
CA VAL E 164 13.85 24.10 -17.69
C VAL E 164 13.70 25.55 -18.15
N HIS E 165 13.25 26.43 -17.26
CA HIS E 165 13.11 27.84 -17.61
C HIS E 165 14.47 28.45 -17.96
N MET E 166 15.50 28.11 -17.19
CA MET E 166 16.84 28.62 -17.45
C MET E 166 17.32 28.22 -18.84
N LEU E 167 17.13 26.95 -19.19
CA LEU E 167 17.58 26.48 -20.50
C LEU E 167 16.73 27.05 -21.62
N LEU E 168 15.44 27.29 -21.37
CA LEU E 168 14.60 27.93 -22.38
C LEU E 168 15.06 29.37 -22.64
N MET E 169 15.47 30.08 -21.58
CA MET E 169 16.00 31.43 -21.77
C MET E 169 17.27 31.42 -22.61
N LYS E 170 18.04 30.34 -22.55
CA LYS E 170 19.27 30.23 -23.32
C LYS E 170 19.03 29.74 -24.74
N GLY E 171 17.78 29.46 -25.11
CA GLY E 171 17.46 29.02 -26.45
C GLY E 171 17.29 27.54 -26.62
N ALA E 172 17.47 26.74 -25.57
CA ALA E 172 17.32 25.30 -25.67
C ALA E 172 15.86 24.92 -25.87
N ARG E 173 15.60 24.05 -26.85
CA ARG E 173 14.28 23.53 -27.12
C ARG E 173 14.37 22.04 -27.37
N ILE E 174 13.27 21.34 -27.14
CA ILE E 174 13.18 19.92 -27.43
C ILE E 174 12.59 19.76 -28.83
N GLU E 175 13.37 19.18 -29.73
CA GLU E 175 12.91 18.99 -31.10
C GLU E 175 11.84 17.90 -31.15
N ARG E 176 10.75 18.18 -31.82
CA ARG E 176 9.68 17.20 -31.96
C ARG E 176 10.16 16.05 -32.83
N PRO E 177 10.04 14.80 -32.37
CA PRO E 177 10.43 13.68 -33.22
C PRO E 177 9.57 13.60 -34.47
N HIS E 178 10.17 13.12 -35.56
CA HIS E 178 9.43 12.96 -36.79
C HIS E 178 8.38 11.87 -36.64
N ASP E 179 7.51 11.78 -37.64
CA ASP E 179 6.50 10.73 -37.65
C ASP E 179 7.17 9.35 -37.71
N TYR E 180 6.49 8.36 -37.14
CA TYR E 180 7.05 7.01 -37.14
C TYR E 180 7.25 6.48 -38.56
N PHE E 181 6.43 6.95 -39.50
CA PHE E 181 6.53 6.56 -40.90
C PHE E 181 7.19 7.63 -41.76
N CYS E 182 7.95 8.54 -41.14
CA CYS E 182 8.65 9.56 -41.91
C CYS E 182 9.72 8.92 -42.79
N LYS E 183 9.81 9.40 -44.02
CA LYS E 183 10.73 8.85 -45.01
C LYS E 183 11.91 9.78 -45.29
N CYS E 184 12.19 10.72 -44.40
CA CYS E 184 13.31 11.62 -44.58
C CYS E 184 14.62 10.85 -44.45
N GLY E 185 15.68 11.42 -45.02
CA GLY E 185 16.97 10.73 -45.05
C GLY E 185 17.52 10.44 -43.68
N ASP E 186 17.36 11.39 -42.74
CA ASP E 186 17.87 11.19 -41.39
C ASP E 186 17.16 10.03 -40.69
N CYS E 187 15.83 9.95 -40.84
CA CYS E 187 15.08 8.88 -40.20
C CYS E 187 15.45 7.52 -40.77
N MET E 188 15.58 7.43 -42.10
CA MET E 188 15.95 6.16 -42.71
C MET E 188 17.37 5.75 -42.31
N GLU E 189 18.30 6.71 -42.27
CA GLU E 189 19.67 6.38 -41.88
C GLU E 189 19.73 5.94 -40.42
N LYS E 190 18.92 6.56 -39.56
CA LYS E 190 18.89 6.15 -38.15
C LYS E 190 18.27 4.77 -37.99
N GLN E 191 17.20 4.49 -38.73
CA GLN E 191 16.56 3.19 -38.65
C GLN E 191 17.48 2.09 -39.19
N ARG E 192 18.18 2.34 -40.28
CA ARG E 192 19.07 1.34 -40.85
C ARG E 192 20.36 1.17 -40.06
N HIS E 193 20.78 2.19 -39.31
CA HIS E 193 21.98 2.05 -38.49
C HIS E 193 21.66 1.35 -37.18
N ASP E 194 20.71 1.90 -36.41
CA ASP E 194 20.34 1.32 -35.12
C ASP E 194 18.88 1.65 -34.88
N SER E 195 17.99 0.70 -35.20
CA SER E 195 16.56 0.91 -34.98
C SER E 195 16.24 1.02 -33.50
N PHE E 196 16.89 0.22 -32.66
CA PHE E 196 16.65 0.28 -31.22
C PHE E 196 17.06 1.64 -30.66
N SER E 197 18.21 2.15 -31.07
CA SER E 197 18.64 3.47 -30.62
C SER E 197 17.71 4.56 -31.12
N HIS E 198 17.21 4.42 -32.35
CA HIS E 198 16.24 5.38 -32.88
C HIS E 198 14.96 5.39 -32.05
N SER E 199 14.46 4.20 -31.69
CA SER E 199 13.26 4.13 -30.87
C SER E 199 13.50 4.72 -29.48
N ARG E 200 14.65 4.42 -28.87
CA ARG E 200 14.95 4.95 -27.55
C ARG E 200 15.09 6.48 -27.60
N SER E 201 15.73 7.00 -28.64
CA SER E 201 15.86 8.44 -28.76
C SER E 201 14.50 9.11 -28.94
N ARG E 202 13.62 8.51 -29.73
CA ARG E 202 12.28 9.06 -29.90
C ARG E 202 11.52 9.03 -28.57
N ILE E 203 11.65 7.95 -27.81
CA ILE E 203 10.98 7.85 -26.51
C ILE E 203 11.51 8.92 -25.56
N ASN E 204 12.83 9.14 -25.54
CA ASN E 204 13.41 10.14 -24.67
C ASN E 204 12.93 11.54 -25.03
N ALA E 205 12.88 11.85 -26.33
CA ALA E 205 12.39 13.16 -26.76
C ALA E 205 10.94 13.36 -26.37
N TYR E 206 10.10 12.34 -26.56
CA TYR E 206 8.70 12.46 -26.19
C TYR E 206 8.53 12.53 -24.68
N LYS E 207 9.38 11.84 -23.92
CA LYS E 207 9.34 11.95 -22.47
C LYS E 207 9.64 13.38 -22.02
N GLY E 208 10.57 14.03 -22.71
CA GLY E 208 10.81 15.45 -22.44
C GLY E 208 9.62 16.31 -22.82
N LEU E 209 9.03 16.05 -23.98
CA LEU E 209 7.89 16.85 -24.44
C LEU E 209 6.67 16.64 -23.55
N ALA E 210 6.42 15.40 -23.14
CA ALA E 210 5.27 15.09 -22.29
C ALA E 210 5.45 15.57 -20.85
N SER E 211 6.63 16.06 -20.49
CA SER E 211 6.87 16.52 -19.13
C SER E 211 6.00 17.75 -18.84
N PRO E 212 5.30 17.78 -17.72
CA PRO E 212 4.51 18.98 -17.39
C PRO E 212 5.34 20.24 -17.26
N ALA E 213 6.60 20.13 -16.83
CA ALA E 213 7.46 21.31 -16.73
C ALA E 213 7.70 21.92 -18.11
N TYR E 214 8.11 21.10 -19.08
CA TYR E 214 8.33 21.60 -20.43
C TYR E 214 7.02 22.05 -21.07
N LEU E 215 5.94 21.29 -20.83
CA LEU E 215 4.64 21.65 -21.40
C LEU E 215 4.19 23.02 -20.91
N SER E 216 4.34 23.28 -19.61
CA SER E 216 3.85 24.54 -19.05
C SER E 216 4.75 25.71 -19.40
N LEU E 217 6.06 25.48 -19.58
CA LEU E 217 7.00 26.56 -19.77
C LEU E 217 7.37 26.84 -21.22
N SER E 218 7.02 25.94 -22.15
CA SER E 218 7.45 26.11 -23.54
C SER E 218 6.31 26.38 -24.52
N SER E 219 5.06 26.08 -24.15
CA SER E 219 3.93 26.24 -25.05
C SER E 219 3.07 27.42 -24.61
N GLU E 220 2.69 28.26 -25.57
CA GLU E 220 1.78 29.36 -25.27
C GLU E 220 0.39 28.85 -24.90
N ASP E 221 0.01 27.68 -25.39
CA ASP E 221 -1.26 27.03 -25.06
C ASP E 221 -0.93 25.63 -24.58
N PRO E 222 -0.48 25.47 -23.34
CA PRO E 222 -0.06 24.15 -22.87
C PRO E 222 -1.17 23.12 -22.86
N VAL E 223 -2.42 23.53 -22.63
CA VAL E 223 -3.52 22.57 -22.59
C VAL E 223 -3.72 21.93 -23.96
N LEU E 224 -3.79 22.75 -25.01
CA LEU E 224 -3.94 22.21 -26.36
C LEU E 224 -2.74 21.38 -26.77
N THR E 225 -1.54 21.84 -26.44
CA THR E 225 -0.33 21.09 -26.76
C THR E 225 -0.33 19.72 -26.09
N ALA E 226 -0.72 19.68 -24.82
CA ALA E 226 -0.74 18.41 -24.10
C ALA E 226 -1.82 17.48 -24.62
N LEU E 227 -2.97 18.04 -25.03
CA LEU E 227 -4.03 17.20 -25.61
C LEU E 227 -3.57 16.55 -26.90
N GLU E 228 -2.98 17.34 -27.81
CA GLU E 228 -2.48 16.79 -29.06
C GLU E 228 -1.35 15.80 -28.80
N LEU E 229 -0.47 16.12 -27.85
CA LEU E 229 0.63 15.21 -27.53
C LEU E 229 0.11 13.90 -26.96
N SER E 230 -0.92 13.95 -26.13
CA SER E 230 -1.51 12.74 -25.58
C SER E 230 -2.08 11.85 -26.69
N ASN E 231 -2.77 12.46 -27.65
CA ASN E 231 -3.30 11.68 -28.78
C ASN E 231 -2.17 11.07 -29.59
N GLU E 232 -1.12 11.84 -29.87
CA GLU E 232 0.00 11.33 -30.64
C GLU E 232 0.70 10.19 -29.91
N LEU E 233 0.88 10.33 -28.60
CA LEU E 233 1.54 9.29 -27.82
C LEU E 233 0.70 8.01 -27.78
N ALA E 234 -0.63 8.16 -27.68
CA ALA E 234 -1.49 6.98 -27.72
C ALA E 234 -1.38 6.26 -29.07
N LYS E 235 -1.34 7.02 -30.16
CA LYS E 235 -1.17 6.42 -31.48
C LYS E 235 0.17 5.70 -31.57
N LEU E 236 1.24 6.31 -31.05
CA LEU E 236 2.55 5.68 -31.07
C LEU E 236 2.57 4.41 -30.21
N ALA E 237 1.83 4.42 -29.10
CA ALA E 237 1.71 3.21 -28.30
C ALA E 237 1.05 2.10 -29.10
N ASN E 238 0.05 2.45 -29.93
CA ASN E 238 -0.56 1.46 -30.81
C ASN E 238 0.43 0.96 -31.86
N ILE E 239 1.30 1.85 -32.36
CA ILE E 239 2.22 1.47 -33.42
C ILE E 239 3.42 0.72 -32.86
N GLU E 240 4.19 1.38 -31.99
CA GLU E 240 5.39 0.77 -31.40
C GLU E 240 4.95 -0.12 -30.25
N LYS E 241 4.71 -1.39 -30.57
CA LYS E 241 4.11 -2.31 -29.61
C LYS E 241 5.10 -2.70 -28.51
N GLU E 242 6.39 -2.83 -28.85
CA GLU E 242 7.37 -3.25 -27.86
C GLU E 242 7.51 -2.24 -26.73
N PHE E 243 7.52 -0.95 -27.06
CA PHE E 243 7.59 0.12 -26.06
C PHE E 243 6.23 0.73 -25.79
N LYS E 244 5.17 -0.08 -25.80
CA LYS E 244 3.81 0.42 -25.61
C LYS E 244 3.64 1.03 -24.23
N ASN E 245 4.20 0.39 -23.20
CA ASN E 245 4.00 0.86 -21.84
C ASN E 245 4.56 2.26 -21.64
N ASP E 246 5.74 2.54 -22.21
CA ASP E 246 6.34 3.87 -22.09
C ASP E 246 5.47 4.94 -22.73
N TYR E 247 4.95 4.66 -23.93
CA TYR E 247 4.12 5.64 -24.62
C TYR E 247 2.80 5.86 -23.90
N ARG E 248 2.20 4.80 -23.36
CA ARG E 248 0.98 4.98 -22.56
C ARG E 248 1.26 5.81 -21.31
N LYS E 249 2.40 5.57 -20.66
CA LYS E 249 2.75 6.38 -19.49
C LYS E 249 2.88 7.85 -19.84
N LEU E 250 3.52 8.15 -20.97
CA LEU E 250 3.64 9.54 -21.39
C LEU E 250 2.29 10.15 -21.74
N SER E 251 1.42 9.36 -22.39
CA SER E 251 0.08 9.85 -22.70
C SER E 251 -0.71 10.15 -21.44
N MET E 252 -0.61 9.27 -20.43
CA MET E 252 -1.25 9.55 -19.16
C MET E 252 -0.66 10.78 -18.48
N GLN E 253 0.64 11.03 -18.69
CA GLN E 253 1.25 12.24 -18.14
C GLN E 253 0.62 13.49 -18.74
N CYS E 254 0.43 13.50 -20.06
CA CYS E 254 -0.22 14.64 -20.70
C CYS E 254 -1.65 14.82 -20.21
N LYS E 255 -2.39 13.72 -20.07
CA LYS E 255 -3.76 13.81 -19.56
C LYS E 255 -3.78 14.34 -18.14
N ASP E 256 -2.85 13.88 -17.30
CA ASP E 256 -2.77 14.39 -15.94
C ASP E 256 -2.46 15.87 -15.91
N PHE E 257 -1.65 16.34 -16.86
CA PHE E 257 -1.32 17.76 -16.93
C PHE E 257 -2.56 18.60 -17.20
N VAL E 258 -3.34 18.23 -18.22
CA VAL E 258 -4.53 19.02 -18.55
C VAL E 258 -5.56 18.93 -17.42
N VAL E 259 -5.65 17.78 -16.77
CA VAL E 259 -6.58 17.64 -15.64
C VAL E 259 -6.16 18.55 -14.50
N GLY E 260 -4.86 18.62 -14.20
CA GLY E 260 -4.39 19.51 -13.15
C GLY E 260 -4.65 20.97 -13.46
N VAL E 261 -4.44 21.36 -14.72
CA VAL E 261 -4.70 22.75 -15.11
C VAL E 261 -6.16 23.09 -14.93
N LEU E 262 -7.07 22.19 -15.35
CA LEU E 262 -8.49 22.42 -15.13
C LEU E 262 -8.83 22.41 -13.65
N ASP E 263 -8.14 21.58 -12.87
CA ASP E 263 -8.40 21.50 -11.45
C ASP E 263 -8.05 22.80 -10.73
N LEU E 264 -7.16 23.60 -11.30
CA LEU E 264 -6.73 24.84 -10.67
C LEU E 264 -7.59 26.05 -11.03
N CYS E 265 -8.64 25.86 -11.83
CA CYS E 265 -9.52 26.97 -12.16
C CYS E 265 -10.33 27.40 -10.95
N ARG E 266 -10.53 28.71 -10.80
CA ARG E 266 -11.20 29.27 -9.64
C ARG E 266 -12.54 29.92 -9.96
N ASP E 267 -12.62 30.68 -11.05
CA ASP E 267 -13.85 31.35 -11.45
C ASP E 267 -14.33 30.80 -12.80
N SER E 268 -15.47 31.33 -13.25
CA SER E 268 -16.05 30.84 -14.51
C SER E 268 -15.19 31.22 -15.70
N GLU E 269 -14.52 32.37 -15.66
CA GLU E 269 -13.72 32.80 -16.80
C GLU E 269 -12.58 31.84 -17.08
N GLU E 270 -11.88 31.38 -16.03
CA GLU E 270 -10.81 30.41 -16.22
C GLU E 270 -11.35 29.09 -16.75
N VAL E 271 -12.51 28.66 -16.23
CA VAL E 271 -13.12 27.42 -16.70
C VAL E 271 -13.49 27.54 -18.18
N GLU E 272 -14.07 28.67 -18.58
CA GLU E 272 -14.43 28.86 -19.98
C GLU E 272 -13.19 28.88 -20.87
N ALA E 273 -12.11 29.50 -20.41
CA ALA E 273 -10.88 29.53 -21.17
C ALA E 273 -10.33 28.12 -21.37
N ILE E 274 -10.37 27.30 -20.32
CA ILE E 274 -9.86 25.94 -20.42
C ILE E 274 -10.75 25.07 -21.29
N LEU E 275 -12.08 25.17 -21.11
CA LEU E 275 -13.00 24.27 -21.80
C LEU E 275 -13.24 24.68 -23.25
N ASN E 276 -13.17 25.97 -23.58
CA ASN E 276 -13.49 26.44 -24.91
C ASN E 276 -12.27 26.79 -25.76
N GLY E 277 -11.11 27.05 -25.14
CA GLY E 277 -9.91 27.36 -25.88
C GLY E 277 -9.72 28.82 -26.21
N ASP E 278 -10.69 29.67 -25.92
CA ASP E 278 -10.57 31.11 -26.14
C ASP E 278 -11.72 31.79 -25.40
N LEU E 279 -11.72 33.12 -25.44
CA LEU E 279 -12.75 33.90 -24.77
C LEU E 279 -13.65 34.61 -25.79
N ALA E 292 -20.06 29.14 -25.97
CA ALA E 292 -19.84 27.85 -25.33
C ALA E 292 -19.59 26.76 -26.37
N SER E 293 -18.50 26.90 -27.11
CA SER E 293 -18.17 25.91 -28.14
C SER E 293 -17.74 24.59 -27.50
N LEU E 294 -17.10 24.63 -26.34
CA LEU E 294 -16.58 23.44 -25.66
C LEU E 294 -15.66 22.64 -26.58
N SER E 295 -14.82 23.35 -27.34
CA SER E 295 -13.93 22.70 -28.28
C SER E 295 -12.93 21.80 -27.57
N ARG E 296 -12.40 22.26 -26.43
CA ARG E 296 -11.46 21.43 -25.68
C ARG E 296 -12.16 20.24 -25.02
N VAL E 297 -13.42 20.41 -24.61
CA VAL E 297 -14.18 19.29 -24.07
C VAL E 297 -14.41 18.23 -25.16
N LYS E 298 -14.77 18.68 -26.36
CA LYS E 298 -14.95 17.75 -27.47
C LYS E 298 -13.64 17.07 -27.83
N LEU E 299 -12.54 17.82 -27.81
CA LEU E 299 -11.24 17.22 -28.08
C LEU E 299 -10.86 16.20 -27.03
N ALA E 300 -11.16 16.49 -25.76
CA ALA E 300 -10.90 15.53 -24.69
C ALA E 300 -11.74 14.26 -24.85
N ILE E 301 -12.99 14.42 -25.29
CA ILE E 301 -13.82 13.25 -25.57
C ILE E 301 -13.25 12.45 -26.72
N LYS E 302 -12.84 13.14 -27.79
CA LYS E 302 -12.25 12.45 -28.94
C LYS E 302 -10.95 11.74 -28.55
N TYR E 303 -10.13 12.39 -27.74
CA TYR E 303 -8.87 11.82 -27.29
C TYR E 303 -9.01 10.97 -26.03
N GLU E 304 -10.25 10.78 -25.56
CA GLU E 304 -10.55 9.91 -24.43
C GLU E 304 -9.84 10.37 -23.15
N VAL E 305 -9.79 11.68 -22.95
CA VAL E 305 -9.26 12.26 -21.71
C VAL E 305 -10.44 12.31 -20.75
N LYS E 306 -10.69 11.18 -20.08
CA LYS E 306 -11.92 11.03 -19.31
C LYS E 306 -11.90 11.90 -18.06
N LYS E 307 -10.78 11.95 -17.34
CA LYS E 307 -10.71 12.74 -16.12
C LYS E 307 -10.84 14.24 -16.37
N PHE E 308 -10.58 14.69 -17.60
CA PHE E 308 -10.78 16.09 -17.93
C PHE E 308 -12.26 16.45 -17.97
N VAL E 309 -13.06 15.62 -18.65
CA VAL E 309 -14.49 15.92 -18.74
C VAL E 309 -15.23 15.47 -17.48
N ALA E 310 -14.69 14.49 -16.76
CA ALA E 310 -15.31 14.03 -15.52
C ALA E 310 -14.95 14.89 -14.32
N HIS E 311 -14.05 15.85 -14.49
CA HIS E 311 -13.69 16.73 -13.39
C HIS E 311 -14.89 17.60 -13.02
N PRO E 312 -15.11 17.86 -11.72
CA PRO E 312 -16.26 18.69 -11.33
C PRO E 312 -16.24 20.08 -11.94
N ASN E 313 -15.06 20.65 -12.20
CA ASN E 313 -14.99 21.97 -12.81
C ASN E 313 -15.61 21.96 -14.21
N CYS E 314 -15.34 20.91 -14.98
CA CYS E 314 -15.98 20.77 -16.29
C CYS E 314 -17.42 20.32 -16.15
N GLN E 315 -17.71 19.48 -15.15
CA GLN E 315 -19.05 18.93 -14.98
C GLN E 315 -20.06 20.03 -14.66
N GLN E 316 -19.69 20.99 -13.81
CA GLN E 316 -20.64 22.04 -13.43
C GLN E 316 -21.01 22.90 -14.63
N GLN E 317 -20.04 23.20 -15.50
CA GLN E 317 -20.36 23.94 -16.72
C GLN E 317 -21.24 23.11 -17.65
N LEU E 318 -20.97 21.81 -17.74
CA LEU E 318 -21.82 20.93 -18.54
C LEU E 318 -23.24 20.89 -18.00
N LEU E 319 -23.40 20.88 -16.67
CA LEU E 319 -24.72 20.93 -16.08
C LEU E 319 -25.42 22.25 -16.38
N THR E 320 -24.66 23.35 -16.36
CA THR E 320 -25.25 24.65 -16.67
C THR E 320 -25.82 24.68 -18.08
N ILE E 321 -25.08 24.14 -19.05
CA ILE E 321 -25.60 24.06 -20.41
C ILE E 321 -26.73 23.04 -20.48
N TRP E 322 -26.60 21.95 -19.73
CA TRP E 322 -27.60 20.88 -19.76
C TRP E 322 -28.96 21.37 -19.28
N TYR E 323 -28.99 22.15 -18.21
CA TYR E 323 -30.22 22.65 -17.61
C TYR E 323 -30.51 24.09 -18.00
N GLU E 324 -30.12 24.50 -19.21
CA GLU E 324 -30.38 25.87 -19.65
C GLU E 324 -31.88 26.12 -19.74
N ASN E 325 -32.29 27.33 -19.35
CA ASN E 325 -33.69 27.75 -19.34
C ASN E 325 -34.57 26.88 -18.43
N LEU E 326 -33.95 26.14 -17.51
CA LEU E 326 -34.67 25.31 -16.54
C LEU E 326 -34.12 25.53 -15.15
N SER E 327 -33.95 26.80 -14.77
CA SER E 327 -33.48 27.14 -13.43
C SER E 327 -34.54 26.75 -12.41
N GLY E 328 -34.23 25.77 -11.58
CA GLY E 328 -35.19 25.25 -10.62
C GLY E 328 -35.50 23.80 -10.84
N LEU E 329 -35.61 23.39 -12.11
CA LEU E 329 -35.83 21.98 -12.44
C LEU E 329 -34.61 21.14 -12.08
N ARG E 330 -33.42 21.74 -12.07
CA ARG E 330 -32.21 21.01 -11.73
C ARG E 330 -32.25 20.49 -10.30
N GLU E 331 -32.75 21.31 -9.37
CA GLU E 331 -32.77 20.95 -7.96
C GLU E 331 -33.86 19.94 -7.60
N GLN E 332 -34.78 19.65 -8.52
CA GLN E 332 -35.85 18.71 -8.23
C GLN E 332 -35.31 17.28 -8.12
N THR E 333 -36.09 16.42 -7.47
CA THR E 333 -35.70 15.05 -7.22
C THR E 333 -35.86 14.21 -8.50
N ILE E 334 -35.46 12.94 -8.40
CA ILE E 334 -35.59 12.02 -9.54
C ILE E 334 -37.05 11.75 -9.84
N ALA E 335 -37.90 11.67 -8.81
CA ALA E 335 -39.32 11.41 -9.03
C ALA E 335 -39.96 12.53 -9.83
N ILE E 336 -39.62 13.78 -9.53
CA ILE E 336 -40.17 14.91 -10.27
C ILE E 336 -39.75 14.84 -11.74
N LYS E 337 -38.48 14.53 -11.99
CA LYS E 337 -38.01 14.42 -13.37
C LYS E 337 -38.69 13.27 -14.10
N CYS E 338 -38.92 12.14 -13.41
CA CYS E 338 -39.63 11.03 -14.02
C CYS E 338 -41.07 11.42 -14.35
N LEU E 339 -41.73 12.16 -13.46
CA LEU E 339 -43.07 12.65 -13.75
C LEU E 339 -43.05 13.61 -14.94
N VAL E 340 -42.00 14.43 -15.04
CA VAL E 340 -41.87 15.33 -16.18
C VAL E 340 -41.76 14.53 -17.47
N VAL E 341 -40.96 13.46 -17.45
CA VAL E 341 -40.85 12.60 -18.63
C VAL E 341 -42.20 11.98 -18.97
N LEU E 342 -42.94 11.53 -17.95
CA LEU E 342 -44.23 10.89 -18.20
C LEU E 342 -45.22 11.88 -18.81
N VAL E 343 -45.30 13.10 -18.27
CA VAL E 343 -46.25 14.07 -18.81
C VAL E 343 -45.81 14.55 -20.19
N VAL E 344 -44.50 14.59 -20.45
CA VAL E 344 -44.03 14.90 -21.79
C VAL E 344 -44.46 13.82 -22.77
N ALA E 345 -44.35 12.55 -22.37
CA ALA E 345 -44.80 11.46 -23.23
C ALA E 345 -46.30 11.56 -23.50
N LEU E 346 -47.09 11.86 -22.46
CA LEU E 346 -48.53 11.98 -22.65
C LEU E 346 -48.87 13.15 -23.56
N GLY E 347 -48.19 14.27 -23.40
CA GLY E 347 -48.48 15.46 -24.18
C GLY E 347 -47.49 15.76 -25.28
N LEU E 348 -46.81 14.72 -25.77
CA LEU E 348 -45.82 14.93 -26.83
C LEU E 348 -46.42 15.52 -28.11
N PRO E 349 -47.54 15.02 -28.65
CA PRO E 349 -48.12 15.69 -29.83
C PRO E 349 -48.49 17.14 -29.58
N PHE E 350 -48.99 17.46 -28.38
CA PHE E 350 -49.31 18.85 -28.06
C PHE E 350 -48.05 19.71 -28.03
N LEU E 351 -46.96 19.20 -27.46
CA LEU E 351 -45.72 19.94 -27.44
C LEU E 351 -45.17 20.14 -28.85
N ALA E 352 -45.28 19.13 -29.70
CA ALA E 352 -44.82 19.26 -31.07
C ALA E 352 -45.64 20.31 -31.82
N ILE E 353 -46.96 20.30 -31.63
CA ILE E 353 -47.81 21.30 -32.28
C ILE E 353 -47.46 22.69 -31.79
N GLY E 354 -47.29 22.86 -30.48
CA GLY E 354 -46.94 24.16 -29.93
C GLY E 354 -45.58 24.65 -30.42
N TYR E 355 -44.62 23.74 -30.54
CA TYR E 355 -43.31 24.12 -31.07
C TYR E 355 -43.42 24.53 -32.54
N TRP E 356 -44.24 23.83 -33.32
CA TRP E 356 -44.41 24.18 -34.73
C TRP E 356 -45.05 25.54 -34.90
N ILE E 357 -46.15 25.79 -34.17
CA ILE E 357 -46.86 27.06 -34.34
C ILE E 357 -46.06 28.22 -33.75
N ALA E 358 -45.40 28.00 -32.62
CA ALA E 358 -44.67 29.05 -31.91
C ALA E 358 -43.25 28.56 -31.61
N PRO E 359 -42.37 28.57 -32.61
CA PRO E 359 -40.98 28.18 -32.34
C PRO E 359 -40.28 29.08 -31.33
N CYS E 360 -40.60 30.37 -31.31
CA CYS E 360 -39.97 31.33 -30.40
C CYS E 360 -41.00 31.75 -29.35
N SER E 361 -40.93 31.12 -28.19
CA SER E 361 -41.83 31.41 -27.07
C SER E 361 -41.24 30.74 -25.84
N ARG E 362 -41.97 30.80 -24.73
CA ARG E 362 -41.53 30.09 -23.52
C ARG E 362 -41.48 28.59 -23.74
N LEU E 363 -42.49 28.05 -24.44
CA LEU E 363 -42.47 26.63 -24.76
C LEU E 363 -41.29 26.28 -25.67
N GLY E 364 -41.03 27.11 -26.67
CA GLY E 364 -39.89 26.87 -27.56
C GLY E 364 -38.57 26.97 -26.83
N LYS E 365 -38.44 27.95 -25.93
CA LYS E 365 -37.21 28.09 -25.15
C LYS E 365 -36.99 26.88 -24.26
N ILE E 366 -38.06 26.39 -23.61
CA ILE E 366 -37.95 25.22 -22.75
C ILE E 366 -37.59 23.98 -23.58
N LEU E 367 -38.24 23.80 -24.72
CA LEU E 367 -38.01 22.60 -25.53
C LEU E 367 -36.59 22.55 -26.07
N ARG E 368 -36.00 23.70 -26.38
CA ARG E 368 -34.64 23.74 -26.90
C ARG E 368 -33.58 23.40 -25.85
N SER E 369 -33.96 23.31 -24.59
CA SER E 369 -33.00 22.94 -23.54
C SER E 369 -32.52 21.51 -23.78
N PRO E 370 -31.21 21.26 -23.68
CA PRO E 370 -30.71 19.90 -23.96
C PRO E 370 -31.34 18.83 -23.09
N PHE E 371 -31.59 19.14 -21.81
CA PHE E 371 -32.27 18.19 -20.95
C PHE E 371 -33.68 17.91 -21.45
N MET E 372 -34.39 18.95 -21.91
CA MET E 372 -35.74 18.74 -22.42
C MET E 372 -35.72 17.98 -23.74
N LYS E 373 -34.73 18.22 -24.60
CA LYS E 373 -34.61 17.45 -25.82
C LYS E 373 -34.36 15.98 -25.53
N PHE E 374 -33.48 15.70 -24.57
CA PHE E 374 -33.22 14.32 -24.17
C PHE E 374 -34.47 13.68 -23.54
N VAL E 375 -35.20 14.45 -22.74
CA VAL E 375 -36.44 13.95 -22.14
C VAL E 375 -37.46 13.64 -23.24
N ALA E 376 -37.58 14.51 -24.23
CA ALA E 376 -38.51 14.27 -25.33
C ALA E 376 -38.12 13.04 -26.12
N HIS E 377 -36.82 12.85 -26.38
CA HIS E 377 -36.38 11.67 -27.11
C HIS E 377 -36.66 10.39 -26.32
N ALA E 378 -36.36 10.40 -25.02
CA ALA E 378 -36.66 9.24 -24.19
C ALA E 378 -38.15 8.96 -24.14
N ALA E 379 -38.96 10.00 -23.97
CA ALA E 379 -40.41 9.83 -23.94
C ALA E 379 -40.94 9.28 -25.27
N SER E 380 -40.38 9.77 -26.39
CA SER E 380 -40.80 9.27 -27.69
C SER E 380 -40.50 7.79 -27.83
N PHE E 381 -39.33 7.34 -27.37
CA PHE E 381 -39.03 5.92 -27.47
C PHE E 381 -39.87 5.10 -26.50
N ILE E 382 -40.21 5.64 -25.34
CA ILE E 382 -41.12 4.94 -24.44
C ILE E 382 -42.49 4.78 -25.09
N ILE E 383 -42.94 5.80 -25.82
CA ILE E 383 -44.19 5.69 -26.57
C ILE E 383 -44.05 4.60 -27.64
N PHE E 384 -42.90 4.51 -28.29
CA PHE E 384 -42.68 3.47 -29.29
C PHE E 384 -42.74 2.08 -28.67
N LEU E 385 -42.12 1.89 -27.50
CA LEU E 385 -42.18 0.61 -26.82
C LEU E 385 -43.60 0.29 -26.39
N GLY E 386 -44.33 1.29 -25.89
CA GLY E 386 -45.72 1.08 -25.55
C GLY E 386 -46.57 0.73 -26.76
N LEU E 387 -46.24 1.30 -27.92
CA LEU E 387 -46.92 0.95 -29.16
C LEU E 387 -46.67 -0.51 -29.53
N LEU E 388 -45.43 -0.97 -29.38
CA LEU E 388 -45.13 -2.37 -29.66
C LEU E 388 -45.90 -3.30 -28.72
N VAL E 389 -45.97 -2.95 -27.44
CA VAL E 389 -46.73 -3.77 -26.50
C VAL E 389 -48.22 -3.73 -26.82
N PHE E 390 -48.75 -2.54 -27.11
CA PHE E 390 -50.17 -2.41 -27.42
C PHE E 390 -50.54 -3.13 -28.70
N ASN E 391 -49.59 -3.27 -29.63
CA ASN E 391 -49.86 -3.99 -30.87
C ASN E 391 -50.16 -5.46 -30.61
N ALA E 392 -49.52 -6.05 -29.60
CA ALA E 392 -49.75 -7.43 -29.22
C ALA E 392 -50.70 -7.56 -28.03
N SER E 393 -51.28 -6.45 -27.56
CA SER E 393 -52.19 -6.50 -26.42
C SER E 393 -53.40 -7.39 -26.66
N ASP E 394 -53.77 -7.63 -27.92
CA ASP E 394 -54.92 -8.48 -28.20
C ASP E 394 -54.66 -9.94 -27.83
N ARG E 395 -53.40 -10.37 -27.83
CA ARG E 395 -53.03 -11.74 -27.55
C ARG E 395 -52.46 -11.94 -26.15
N PHE E 396 -52.68 -10.96 -25.25
CA PHE E 396 -52.03 -10.99 -23.95
C PHE E 396 -52.40 -12.26 -23.17
N GLU E 397 -53.68 -12.62 -23.16
CA GLU E 397 -54.13 -13.83 -22.50
C GLU E 397 -54.14 -15.03 -23.43
N GLY E 398 -53.67 -14.88 -24.65
CA GLY E 398 -53.62 -15.94 -25.62
C GLY E 398 -54.69 -15.78 -26.69
N ILE E 399 -54.42 -16.37 -27.85
CA ILE E 399 -55.37 -16.32 -28.95
C ILE E 399 -56.60 -17.16 -28.61
N THR E 400 -57.78 -16.66 -28.95
CA THR E 400 -59.02 -17.34 -28.65
C THR E 400 -59.41 -18.37 -29.70
N THR E 401 -58.65 -18.48 -30.79
CA THR E 401 -58.93 -19.44 -31.85
C THR E 401 -57.71 -20.31 -32.09
N LEU E 402 -57.97 -21.57 -32.44
CA LEU E 402 -56.89 -22.51 -32.70
C LEU E 402 -56.13 -22.12 -33.96
N PRO E 403 -54.83 -22.39 -34.02
CA PRO E 403 -54.04 -22.00 -35.20
C PRO E 403 -54.47 -22.70 -36.48
N ASN E 404 -55.14 -23.84 -36.40
CA ASN E 404 -55.57 -24.57 -37.58
C ASN E 404 -56.99 -24.22 -38.03
N ILE E 405 -57.62 -23.24 -37.39
CA ILE E 405 -58.99 -22.83 -37.70
C ILE E 405 -58.95 -21.42 -38.25
N THR E 406 -59.64 -21.20 -39.37
CA THR E 406 -59.72 -19.89 -40.00
C THR E 406 -61.02 -19.21 -39.58
N VAL E 407 -60.91 -18.02 -38.99
CA VAL E 407 -62.05 -17.20 -38.61
C VAL E 407 -61.95 -15.88 -39.36
N THR E 408 -63.03 -15.51 -40.05
CA THR E 408 -63.07 -14.29 -40.84
C THR E 408 -64.28 -13.46 -40.46
N ASP E 409 -64.43 -12.31 -41.11
CA ASP E 409 -65.55 -11.41 -40.84
C ASP E 409 -66.73 -11.71 -41.75
N TYR E 410 -66.53 -11.62 -43.07
CA TYR E 410 -67.57 -11.96 -44.01
C TYR E 410 -67.18 -13.20 -44.82
N PRO E 411 -68.16 -13.98 -45.31
CA PRO E 411 -67.82 -15.23 -45.99
C PRO E 411 -66.93 -15.05 -47.22
N LYS E 412 -67.04 -13.91 -47.91
CA LYS E 412 -66.26 -13.66 -49.11
C LYS E 412 -64.90 -13.04 -48.81
N GLN E 413 -64.37 -13.23 -47.60
CA GLN E 413 -63.10 -12.64 -47.21
C GLN E 413 -61.99 -13.67 -47.25
N ILE E 414 -60.86 -13.28 -47.83
CA ILE E 414 -59.67 -14.12 -47.79
C ILE E 414 -59.07 -14.06 -46.39
N PHE E 415 -58.74 -15.24 -45.84
CA PHE E 415 -58.21 -15.29 -44.48
C PHE E 415 -56.89 -14.55 -44.37
N ARG E 416 -56.01 -14.70 -45.37
CA ARG E 416 -54.73 -14.02 -45.33
C ARG E 416 -54.88 -12.50 -45.37
N VAL E 417 -56.01 -12.02 -45.90
CA VAL E 417 -56.24 -10.57 -45.93
C VAL E 417 -56.33 -10.02 -44.51
N LYS E 418 -57.11 -10.67 -43.65
CA LYS E 418 -57.25 -10.17 -42.29
C LYS E 418 -56.02 -10.48 -41.44
N THR E 419 -55.30 -11.56 -41.73
CA THR E 419 -54.08 -11.84 -40.98
C THR E 419 -52.96 -10.86 -41.35
N THR E 420 -52.92 -10.41 -42.61
CA THR E 420 -51.83 -9.55 -43.06
C THR E 420 -52.19 -8.08 -43.12
N GLN E 421 -53.44 -7.72 -42.84
CA GLN E 421 -53.83 -6.30 -42.87
C GLN E 421 -53.14 -5.54 -41.75
N PHE E 422 -52.77 -4.30 -42.03
CA PHE E 422 -52.03 -3.48 -41.08
C PHE E 422 -53.00 -2.72 -40.19
N THR E 423 -52.80 -2.82 -38.88
CA THR E 423 -53.61 -2.08 -37.93
C THR E 423 -53.12 -0.65 -37.80
N TRP E 424 -53.92 0.17 -37.13
CA TRP E 424 -53.54 1.56 -36.88
C TRP E 424 -52.29 1.64 -36.01
N THR E 425 -52.21 0.78 -35.00
CA THR E 425 -51.01 0.72 -34.18
C THR E 425 -49.80 0.31 -35.00
N GLU E 426 -49.97 -0.64 -35.92
CA GLU E 426 -48.88 -1.05 -36.79
C GLU E 426 -48.43 0.11 -37.68
N MET E 427 -49.38 0.88 -38.22
CA MET E 427 -49.02 2.03 -39.03
C MET E 427 -48.26 3.07 -38.22
N LEU E 428 -48.66 3.29 -36.97
CA LEU E 428 -47.92 4.18 -36.09
C LEU E 428 -46.51 3.66 -35.84
N ILE E 429 -46.37 2.34 -35.72
CA ILE E 429 -45.05 1.73 -35.52
C ILE E 429 -44.18 1.97 -36.74
N MET E 430 -44.75 1.80 -37.95
CA MET E 430 -43.99 2.08 -39.16
C MET E 430 -43.57 3.55 -39.24
N VAL E 431 -44.46 4.46 -38.86
CA VAL E 431 -44.13 5.87 -38.86
C VAL E 431 -42.97 6.15 -37.90
N TRP E 432 -43.03 5.57 -36.70
CA TRP E 432 -41.95 5.74 -35.74
C TRP E 432 -40.64 5.18 -36.28
N VAL E 433 -40.69 3.98 -36.87
CA VAL E 433 -39.48 3.35 -37.39
C VAL E 433 -38.89 4.17 -38.53
N LEU E 434 -39.74 4.69 -39.41
CA LEU E 434 -39.26 5.54 -40.49
C LEU E 434 -38.63 6.82 -39.95
N GLY E 435 -39.19 7.37 -38.87
CA GLY E 435 -38.60 8.54 -38.26
C GLY E 435 -37.21 8.29 -37.72
N MET E 436 -37.04 7.18 -37.00
CA MET E 436 -35.72 6.85 -36.47
C MET E 436 -34.74 6.49 -37.59
N MET E 437 -35.21 5.83 -38.64
CA MET E 437 -34.36 5.58 -39.80
C MET E 437 -33.92 6.89 -40.45
N TRP E 438 -34.82 7.86 -40.54
CA TRP E 438 -34.43 9.16 -41.11
C TRP E 438 -33.40 9.85 -40.24
N SER E 439 -33.56 9.76 -38.92
CA SER E 439 -32.56 10.33 -38.02
C SER E 439 -31.21 9.65 -38.18
N GLU E 440 -31.21 8.32 -38.26
CA GLU E 440 -29.96 7.59 -38.44
C GLU E 440 -29.32 7.91 -39.79
N CYS E 441 -30.14 8.03 -40.83
CA CYS E 441 -29.62 8.40 -42.15
C CYS E 441 -29.04 9.81 -42.14
N LYS E 442 -29.68 10.74 -41.43
CA LYS E 442 -29.15 12.08 -41.30
C LYS E 442 -27.80 12.07 -40.59
N GLU E 443 -27.68 11.29 -39.51
CA GLU E 443 -26.40 11.16 -38.83
C GLU E 443 -25.34 10.54 -39.74
N LEU E 444 -25.72 9.51 -40.51
CA LEU E 444 -24.79 8.86 -41.41
C LEU E 444 -24.30 9.82 -42.49
N TRP E 445 -25.20 10.62 -43.05
CA TRP E 445 -24.82 11.53 -44.13
C TRP E 445 -24.04 12.73 -43.60
N LEU E 446 -24.33 13.18 -42.38
CA LEU E 446 -23.70 14.36 -41.81
C LEU E 446 -22.46 14.04 -40.99
N GLU E 447 -22.10 12.77 -40.85
CA GLU E 447 -20.93 12.41 -40.04
C GLU E 447 -20.04 11.37 -40.72
N GLY E 448 -20.32 10.99 -41.96
CA GLY E 448 -19.47 10.08 -42.69
C GLY E 448 -19.78 8.62 -42.39
N PRO E 449 -19.89 7.82 -43.45
CA PRO E 449 -20.20 6.38 -43.25
C PRO E 449 -19.15 5.64 -42.43
N ARG E 450 -17.88 6.01 -42.54
CA ARG E 450 -16.83 5.27 -41.83
C ARG E 450 -16.90 5.49 -40.32
N GLU E 451 -17.06 6.74 -39.89
CA GLU E 451 -17.12 7.04 -38.47
C GLU E 451 -18.44 6.60 -37.84
N TYR E 452 -19.51 6.50 -38.63
CA TYR E 452 -20.80 6.09 -38.10
C TYR E 452 -20.74 4.68 -37.52
N ILE E 453 -20.05 3.77 -38.22
CA ILE E 453 -19.95 2.38 -37.76
C ILE E 453 -19.08 2.22 -36.52
N LEU E 454 -18.31 3.24 -36.15
CA LEU E 454 -17.44 3.14 -34.99
C LEU E 454 -18.24 2.97 -33.71
N GLN E 455 -19.31 3.76 -33.55
CA GLN E 455 -20.12 3.67 -32.34
C GLN E 455 -20.99 2.43 -32.38
N LEU E 456 -20.99 1.67 -31.27
CA LEU E 456 -21.83 0.49 -31.18
C LEU E 456 -23.31 0.85 -31.20
N TRP E 457 -23.66 1.99 -30.61
CA TRP E 457 -25.07 2.39 -30.57
C TRP E 457 -25.62 2.66 -31.96
N ASN E 458 -24.83 3.32 -32.81
CA ASN E 458 -25.30 3.66 -34.16
C ASN E 458 -25.54 2.41 -34.99
N VAL E 459 -24.60 1.47 -34.96
CA VAL E 459 -24.74 0.26 -35.77
C VAL E 459 -25.87 -0.62 -35.22
N LEU E 460 -26.00 -0.68 -33.89
CA LEU E 460 -27.10 -1.45 -33.31
C LEU E 460 -28.46 -0.83 -33.67
N ASP E 461 -28.55 0.49 -33.62
CA ASP E 461 -29.79 1.16 -34.03
C ASP E 461 -30.10 0.92 -35.50
N PHE E 462 -29.08 1.01 -36.35
CA PHE E 462 -29.29 0.76 -37.78
C PHE E 462 -29.75 -0.67 -38.02
N GLY E 463 -29.13 -1.64 -37.33
CA GLY E 463 -29.55 -3.02 -37.50
C GLY E 463 -30.97 -3.27 -37.02
N MET E 464 -31.33 -2.71 -35.86
CA MET E 464 -32.69 -2.87 -35.34
C MET E 464 -33.71 -2.27 -36.30
N LEU E 465 -33.44 -1.07 -36.80
CA LEU E 465 -34.38 -0.42 -37.70
C LEU E 465 -34.44 -1.13 -39.05
N SER E 466 -33.31 -1.63 -39.54
CA SER E 466 -33.31 -2.39 -40.79
C SER E 466 -34.11 -3.68 -40.65
N ILE E 467 -34.00 -4.36 -39.51
CA ILE E 467 -34.79 -5.56 -39.27
C ILE E 467 -36.27 -5.20 -39.20
N PHE E 468 -36.61 -4.06 -38.60
CA PHE E 468 -38.00 -3.61 -38.59
C PHE E 468 -38.50 -3.36 -40.01
N ILE E 469 -37.69 -2.71 -40.83
CA ILE E 469 -38.09 -2.43 -42.21
C ILE E 469 -38.26 -3.73 -42.99
N ALA E 470 -37.35 -4.69 -42.78
CA ALA E 470 -37.47 -5.98 -43.45
C ALA E 470 -38.73 -6.71 -43.02
N ALA E 471 -39.04 -6.68 -41.73
CA ALA E 471 -40.24 -7.35 -41.23
C ALA E 471 -41.50 -6.73 -41.82
N PHE E 472 -41.57 -5.39 -41.83
CA PHE E 472 -42.75 -4.73 -42.37
C PHE E 472 -42.82 -4.88 -43.89
N THR E 473 -41.67 -4.94 -44.56
CA THR E 473 -41.67 -5.21 -46.00
C THR E 473 -42.22 -6.61 -46.30
N ALA E 474 -41.79 -7.61 -45.53
CA ALA E 474 -42.30 -8.97 -45.73
C ALA E 474 -43.80 -9.02 -45.46
N ARG E 475 -44.25 -8.34 -44.41
CA ARG E 475 -45.69 -8.27 -44.15
C ARG E 475 -46.42 -7.56 -45.28
N PHE E 476 -45.78 -6.55 -45.88
CA PHE E 476 -46.39 -5.85 -47.00
C PHE E 476 -46.53 -6.75 -48.22
N LEU E 477 -45.51 -7.57 -48.50
CA LEU E 477 -45.63 -8.52 -49.61
C LEU E 477 -46.72 -9.55 -49.34
N ALA E 478 -46.82 -10.02 -48.10
CA ALA E 478 -47.90 -10.94 -47.75
C ALA E 478 -49.26 -10.29 -47.92
N PHE E 479 -49.37 -9.02 -47.51
CA PHE E 479 -50.62 -8.29 -47.68
C PHE E 479 -50.96 -8.08 -49.15
N LEU E 480 -49.93 -7.80 -49.97
CA LEU E 480 -50.16 -7.61 -51.40
C LEU E 480 -50.67 -8.90 -52.05
N GLN E 481 -50.06 -10.04 -51.69
CA GLN E 481 -50.53 -11.32 -52.22
C GLN E 481 -51.95 -11.62 -51.75
N ALA E 482 -52.24 -11.34 -50.48
CA ALA E 482 -53.59 -11.56 -49.96
C ALA E 482 -54.61 -10.69 -50.67
N THR E 483 -54.26 -9.43 -50.93
CA THR E 483 -55.18 -8.55 -51.64
C THR E 483 -55.38 -8.99 -53.08
N LYS E 484 -54.34 -9.53 -53.72
CA LYS E 484 -54.50 -10.09 -55.06
C LYS E 484 -55.48 -11.25 -55.05
N ALA E 485 -55.36 -12.13 -54.06
CA ALA E 485 -56.32 -13.23 -53.92
C ALA E 485 -57.72 -12.71 -53.66
N GLN E 486 -57.85 -11.68 -52.83
CA GLN E 486 -59.16 -11.09 -52.56
C GLN E 486 -59.77 -10.48 -53.81
N GLN E 487 -58.95 -9.83 -54.63
CA GLN E 487 -59.44 -9.28 -55.89
C GLN E 487 -59.92 -10.38 -56.82
N TYR E 488 -59.18 -11.50 -56.89
CA TYR E 488 -59.62 -12.63 -57.69
C TYR E 488 -60.95 -13.17 -57.19
N VAL E 489 -61.11 -13.28 -55.87
CA VAL E 489 -62.36 -13.77 -55.30
C VAL E 489 -63.50 -12.82 -55.62
N ASP E 490 -63.26 -11.51 -55.47
CA ASP E 490 -64.31 -10.52 -55.72
C ASP E 490 -64.66 -10.41 -57.20
N SER E 491 -63.77 -10.85 -58.09
CA SER E 491 -64.01 -10.71 -59.53
C SER E 491 -64.60 -11.97 -60.15
N TYR E 492 -63.92 -13.10 -60.01
CA TYR E 492 -64.27 -14.32 -60.73
C TYR E 492 -64.99 -15.33 -59.87
N VAL E 493 -65.39 -14.98 -58.65
CA VAL E 493 -66.13 -15.88 -57.76
C VAL E 493 -67.39 -15.16 -57.29
N GLN E 494 -68.55 -15.77 -57.55
CA GLN E 494 -69.84 -15.23 -57.11
C GLN E 494 -70.65 -16.39 -56.53
N GLU E 495 -70.47 -16.65 -55.24
CA GLU E 495 -71.22 -17.70 -54.56
C GLU E 495 -71.69 -17.30 -53.17
N SER E 496 -71.33 -16.12 -52.67
CA SER E 496 -71.71 -15.61 -51.35
C SER E 496 -71.24 -16.51 -50.22
N ASP E 497 -70.36 -17.47 -50.49
CA ASP E 497 -69.85 -18.37 -49.46
C ASP E 497 -68.57 -19.01 -49.97
N LEU E 498 -67.47 -18.78 -49.28
CA LEU E 498 -66.18 -19.35 -49.67
C LEU E 498 -65.91 -20.67 -48.98
N SER E 499 -66.88 -21.60 -49.08
CA SER E 499 -66.74 -22.92 -48.49
C SER E 499 -67.11 -24.06 -49.43
N GLU E 500 -67.93 -23.82 -50.46
CA GLU E 500 -68.32 -24.85 -51.42
C GLU E 500 -67.69 -24.63 -52.79
N VAL E 501 -66.76 -23.68 -52.92
CA VAL E 501 -66.13 -23.35 -54.18
C VAL E 501 -64.68 -23.79 -54.12
N THR E 502 -64.25 -24.56 -55.12
CA THR E 502 -62.86 -25.03 -55.22
C THR E 502 -62.06 -23.97 -55.95
N LEU E 503 -61.45 -23.06 -55.18
CA LEU E 503 -60.66 -22.00 -55.76
C LEU E 503 -59.36 -22.55 -56.34
N PRO E 504 -58.77 -21.87 -57.31
CA PRO E 504 -57.48 -22.33 -57.84
C PRO E 504 -56.42 -22.28 -56.77
N PRO E 505 -55.40 -23.15 -56.88
CA PRO E 505 -54.39 -23.23 -55.80
C PRO E 505 -53.70 -21.90 -55.51
N GLU E 506 -53.43 -21.09 -56.53
CA GLU E 506 -52.82 -19.79 -56.31
C GLU E 506 -53.71 -18.87 -55.48
N ILE E 507 -55.02 -19.14 -55.45
CA ILE E 507 -55.93 -18.40 -54.59
C ILE E 507 -56.43 -19.25 -53.44
N GLN E 508 -56.46 -20.58 -53.58
CA GLN E 508 -56.88 -21.44 -52.47
C GLN E 508 -55.87 -21.43 -51.34
N TYR E 509 -54.58 -21.20 -51.65
CA TYR E 509 -53.55 -21.20 -50.62
C TYR E 509 -53.80 -20.11 -49.59
N PHE E 510 -54.45 -19.02 -49.97
CA PHE E 510 -54.68 -17.89 -49.08
C PHE E 510 -55.91 -18.07 -48.20
N THR E 511 -56.63 -19.18 -48.34
CA THR E 511 -57.70 -19.51 -47.42
C THR E 511 -57.25 -20.47 -46.32
N TYR E 512 -56.00 -20.92 -46.36
CA TYR E 512 -55.50 -21.88 -45.39
C TYR E 512 -55.18 -21.21 -44.05
N ALA E 513 -55.22 -22.00 -42.99
CA ALA E 513 -54.83 -21.54 -41.67
C ALA E 513 -53.32 -21.60 -41.54
N ARG E 514 -52.82 -21.18 -40.37
CA ARG E 514 -51.38 -21.10 -40.15
C ARG E 514 -50.70 -22.46 -40.29
N ASP E 515 -51.43 -23.54 -40.02
CA ASP E 515 -50.83 -24.87 -40.12
C ASP E 515 -50.39 -25.20 -41.53
N LYS E 516 -51.12 -24.75 -42.54
CA LYS E 516 -50.84 -25.07 -43.93
C LYS E 516 -49.96 -24.05 -44.63
N TRP E 517 -49.50 -23.02 -43.91
CA TRP E 517 -48.61 -22.03 -44.52
C TRP E 517 -47.27 -22.67 -44.85
N LEU E 518 -46.67 -22.21 -45.94
CA LEU E 518 -45.36 -22.68 -46.32
C LEU E 518 -44.31 -22.16 -45.34
N PRO E 519 -43.21 -22.91 -45.14
CA PRO E 519 -42.15 -22.41 -44.26
C PRO E 519 -41.56 -21.08 -44.69
N SER E 520 -41.54 -20.80 -45.99
CA SER E 520 -41.03 -19.55 -46.52
C SER E 520 -42.13 -18.50 -46.71
N ASP E 521 -43.21 -18.60 -45.94
CA ASP E 521 -44.30 -17.64 -46.05
C ASP E 521 -43.80 -16.25 -45.63
N PRO E 522 -44.09 -15.20 -46.40
CA PRO E 522 -43.62 -13.86 -46.02
C PRO E 522 -44.14 -13.40 -44.67
N GLN E 523 -45.33 -13.83 -44.27
CA GLN E 523 -45.85 -13.45 -42.95
C GLN E 523 -45.06 -14.12 -41.84
N ILE E 524 -44.64 -15.37 -42.05
CA ILE E 524 -43.81 -16.06 -41.06
C ILE E 524 -42.46 -15.36 -40.92
N ILE E 525 -41.85 -15.00 -42.05
CA ILE E 525 -40.60 -14.25 -42.02
C ILE E 525 -40.80 -12.92 -41.31
N SER E 526 -41.91 -12.24 -41.62
CA SER E 526 -42.20 -10.96 -41.00
C SER E 526 -42.36 -11.09 -39.49
N GLU E 527 -43.06 -12.14 -39.04
CA GLU E 527 -43.28 -12.32 -37.61
C GLU E 527 -41.96 -12.60 -36.88
N GLY E 528 -41.10 -13.45 -37.45
CA GLY E 528 -39.83 -13.72 -36.81
C GLY E 528 -38.93 -12.51 -36.75
N LEU E 529 -38.83 -11.77 -37.87
CA LEU E 529 -38.03 -10.56 -37.87
C LEU E 529 -38.60 -9.50 -36.94
N TYR E 530 -39.93 -9.43 -36.85
CA TYR E 530 -40.57 -8.49 -35.93
C TYR E 530 -40.24 -8.83 -34.49
N ALA E 531 -40.23 -10.12 -34.14
CA ALA E 531 -39.85 -10.51 -32.79
C ALA E 531 -38.42 -10.12 -32.47
N ILE E 532 -37.50 -10.33 -33.41
CA ILE E 532 -36.11 -9.93 -33.20
C ILE E 532 -36.01 -8.42 -33.04
N ALA E 533 -36.72 -7.68 -33.89
CA ALA E 533 -36.69 -6.22 -33.81
C ALA E 533 -37.29 -5.71 -32.51
N VAL E 534 -38.32 -6.38 -31.98
CA VAL E 534 -38.89 -5.98 -30.71
C VAL E 534 -37.89 -6.19 -29.58
N VAL E 535 -37.20 -7.33 -29.58
CA VAL E 535 -36.18 -7.59 -28.56
C VAL E 535 -35.08 -6.54 -28.63
N LEU E 536 -34.63 -6.21 -29.85
CA LEU E 536 -33.62 -5.17 -30.01
C LEU E 536 -34.15 -3.80 -29.63
N SER E 537 -35.44 -3.55 -29.86
CA SER E 537 -36.03 -2.26 -29.49
C SER E 537 -36.01 -2.07 -27.98
N PHE E 538 -36.32 -3.11 -27.22
CA PHE E 538 -36.26 -2.99 -25.77
C PHE E 538 -34.82 -3.15 -25.31
N SER E 539 -33.91 -2.45 -25.97
CA SER E 539 -32.51 -2.37 -25.57
C SER E 539 -31.96 -0.96 -25.64
N ARG E 540 -32.68 -0.02 -26.28
CA ARG E 540 -32.29 1.38 -26.31
C ARG E 540 -32.63 2.11 -25.02
N ILE E 541 -33.17 1.42 -24.01
CA ILE E 541 -33.27 2.00 -22.69
C ILE E 541 -31.89 2.30 -22.13
N ALA E 542 -30.87 1.55 -22.58
CA ALA E 542 -29.49 1.84 -22.23
C ALA E 542 -28.98 3.10 -22.91
N TYR E 543 -29.71 3.66 -23.88
CA TYR E 543 -29.44 5.02 -24.33
C TYR E 543 -29.74 6.03 -23.24
N ILE E 544 -30.67 5.71 -22.33
CA ILE E 544 -31.16 6.63 -21.32
C ILE E 544 -30.48 6.35 -19.99
N LEU E 545 -30.01 5.12 -19.81
CA LEU E 545 -29.42 4.70 -18.54
C LEU E 545 -28.25 5.57 -18.07
N PRO E 546 -27.28 5.93 -18.90
CA PRO E 546 -26.14 6.71 -18.37
C PRO E 546 -26.52 8.08 -17.82
N ALA E 547 -27.68 8.62 -18.21
CA ALA E 547 -28.10 9.91 -17.66
C ALA E 547 -28.41 9.82 -16.18
N ASN E 548 -28.90 8.67 -15.72
CA ASN E 548 -29.24 8.48 -14.32
C ASN E 548 -27.99 8.20 -13.49
N GLU E 549 -27.95 8.77 -12.28
CA GLU E 549 -26.78 8.61 -11.43
C GLU E 549 -26.71 7.22 -10.81
N SER E 550 -27.86 6.60 -10.56
CA SER E 550 -27.88 5.28 -9.91
C SER E 550 -27.68 4.14 -10.89
N PHE E 551 -28.10 4.30 -12.15
CA PHE E 551 -28.03 3.23 -13.12
C PHE E 551 -26.96 3.42 -14.19
N GLY E 552 -26.43 4.64 -14.32
CA GLY E 552 -25.38 4.91 -15.29
C GLY E 552 -24.11 4.11 -15.08
N PRO E 553 -23.56 4.15 -13.87
CA PRO E 553 -22.38 3.31 -13.59
C PRO E 553 -22.63 1.85 -13.80
N LEU E 554 -23.85 1.38 -13.52
CA LEU E 554 -24.19 -0.02 -13.79
C LEU E 554 -24.12 -0.32 -15.27
N GLN E 555 -24.61 0.61 -16.11
CA GLN E 555 -24.53 0.43 -17.55
C GLN E 555 -23.07 0.38 -18.02
N ILE E 556 -22.23 1.25 -17.49
CA ILE E 556 -20.82 1.27 -17.89
C ILE E 556 -20.14 -0.03 -17.47
N SER E 557 -20.40 -0.49 -16.25
CA SER E 557 -19.83 -1.75 -15.78
C SER E 557 -20.29 -2.93 -16.63
N LEU E 558 -21.58 -2.94 -16.98
CA LEU E 558 -22.10 -4.02 -17.83
C LEU E 558 -21.46 -4.01 -19.20
N GLY E 559 -21.27 -2.81 -19.78
CA GLY E 559 -20.62 -2.73 -21.08
C GLY E 559 -19.18 -3.20 -21.03
N ARG E 560 -18.44 -2.81 -19.98
CA ARG E 560 -17.08 -3.29 -19.82
C ARG E 560 -17.04 -4.80 -19.65
N THR E 561 -17.99 -5.34 -18.89
CA THR E 561 -18.07 -6.79 -18.72
C THR E 561 -18.29 -7.49 -20.06
N VAL E 562 -19.18 -6.94 -20.90
CA VAL E 562 -19.42 -7.52 -22.22
C VAL E 562 -18.16 -7.47 -23.07
N LYS E 563 -17.45 -6.34 -23.04
CA LYS E 563 -16.25 -6.20 -23.86
C LYS E 563 -15.19 -7.23 -23.47
N ASP E 564 -14.99 -7.44 -22.17
CA ASP E 564 -14.07 -8.48 -21.74
C ASP E 564 -14.64 -9.87 -21.94
N ILE E 565 -15.97 -9.99 -22.02
CA ILE E 565 -16.61 -11.28 -22.24
C ILE E 565 -16.32 -11.81 -23.64
N PHE E 566 -16.25 -10.90 -24.62
CA PHE E 566 -16.13 -11.32 -26.02
C PHE E 566 -14.86 -12.15 -26.25
N LYS E 567 -13.75 -11.76 -25.64
CA LYS E 567 -12.50 -12.49 -25.82
C LYS E 567 -12.64 -13.93 -25.33
N PHE E 568 -13.24 -14.13 -24.16
CA PHE E 568 -13.44 -15.47 -23.65
C PHE E 568 -14.51 -16.22 -24.42
N MET E 569 -15.43 -15.51 -25.08
CA MET E 569 -16.34 -16.18 -26.00
C MET E 569 -15.58 -16.79 -27.17
N VAL E 570 -14.61 -16.07 -27.73
CA VAL E 570 -13.78 -16.63 -28.79
C VAL E 570 -13.00 -17.84 -28.28
N LEU E 571 -12.44 -17.72 -27.08
CA LEU E 571 -11.71 -18.83 -26.48
C LEU E 571 -12.62 -20.04 -26.29
N PHE E 572 -13.85 -19.81 -25.83
CA PHE E 572 -14.81 -20.90 -25.67
C PHE E 572 -15.29 -21.42 -27.02
N ILE E 573 -15.31 -20.58 -28.05
CA ILE E 573 -15.81 -21.00 -29.35
C ILE E 573 -14.92 -22.08 -29.95
N MET E 574 -13.61 -21.93 -29.80
CA MET E 574 -12.71 -22.93 -30.39
C MET E 574 -12.90 -24.30 -29.76
N VAL E 575 -12.96 -24.37 -28.43
CA VAL E 575 -13.17 -25.66 -27.76
C VAL E 575 -14.57 -26.19 -28.02
N PHE E 576 -15.56 -25.28 -28.09
CA PHE E 576 -16.93 -25.68 -28.43
C PHE E 576 -16.97 -26.34 -29.80
N PHE E 577 -16.29 -25.73 -30.78
CA PHE E 577 -16.23 -26.31 -32.11
C PHE E 577 -15.50 -27.65 -32.09
N ALA E 578 -14.47 -27.77 -31.26
CA ALA E 578 -13.74 -29.02 -31.13
C ALA E 578 -14.67 -30.16 -30.73
N PHE E 579 -15.42 -29.97 -29.65
CA PHE E 579 -16.29 -31.03 -29.16
C PHE E 579 -17.50 -31.23 -30.07
N MET E 580 -17.99 -30.15 -30.70
CA MET E 580 -19.11 -30.28 -31.62
C MET E 580 -18.73 -31.19 -32.80
N ILE E 581 -17.59 -30.91 -33.43
CA ILE E 581 -17.16 -31.72 -34.57
C ILE E 581 -16.86 -33.15 -34.13
N GLY E 582 -16.19 -33.30 -32.99
CA GLY E 582 -15.83 -34.64 -32.54
C GLY E 582 -17.03 -35.51 -32.22
N MET E 583 -18.00 -34.96 -31.47
CA MET E 583 -19.18 -35.74 -31.12
C MET E 583 -20.08 -35.97 -32.33
N PHE E 584 -20.15 -34.99 -33.24
CA PHE E 584 -20.90 -35.20 -34.48
C PHE E 584 -20.30 -36.33 -35.30
N ILE E 585 -18.96 -36.37 -35.41
CA ILE E 585 -18.32 -37.45 -36.14
C ILE E 585 -18.59 -38.79 -35.46
N LEU E 586 -18.55 -38.81 -34.12
CA LEU E 586 -18.78 -40.05 -33.39
C LEU E 586 -20.20 -40.58 -33.58
N TYR E 587 -21.19 -39.69 -33.58
CA TYR E 587 -22.59 -40.11 -33.54
C TYR E 587 -23.35 -39.90 -34.84
N SER E 588 -22.67 -39.50 -35.93
CA SER E 588 -23.39 -39.27 -37.18
C SER E 588 -23.91 -40.56 -37.79
N TYR E 589 -23.27 -41.69 -37.51
CA TYR E 589 -23.67 -42.97 -38.08
C TYR E 589 -24.79 -43.65 -37.30
N TYR E 590 -25.26 -43.05 -36.22
CA TYR E 590 -26.32 -43.61 -35.38
C TYR E 590 -27.52 -42.68 -35.33
N LEU E 591 -27.91 -42.15 -36.50
CA LEU E 591 -29.04 -41.21 -36.54
C LEU E 591 -30.34 -41.88 -36.10
N GLY E 592 -30.58 -43.11 -36.56
CA GLY E 592 -31.76 -43.85 -36.20
C GLY E 592 -31.57 -44.84 -35.08
N ALA E 593 -30.42 -44.84 -34.39
CA ALA E 593 -30.11 -45.80 -33.36
C ALA E 593 -29.73 -45.11 -32.05
N LYS E 594 -30.36 -43.98 -31.76
CA LYS E 594 -30.08 -43.21 -30.56
C LYS E 594 -31.38 -42.89 -29.83
N VAL E 595 -31.25 -42.62 -28.53
CA VAL E 595 -32.42 -42.24 -27.74
C VAL E 595 -33.02 -40.94 -28.25
N ASN E 596 -32.16 -39.96 -28.53
CA ASN E 596 -32.61 -38.70 -29.12
C ASN E 596 -31.76 -38.37 -30.35
N ALA E 597 -31.97 -37.19 -30.93
CA ALA E 597 -31.31 -36.81 -32.17
C ALA E 597 -30.00 -36.07 -31.94
N ALA E 598 -29.53 -35.97 -30.70
CA ALA E 598 -28.34 -35.20 -30.40
C ALA E 598 -27.11 -35.80 -31.09
N PHE E 599 -26.24 -34.92 -31.58
CA PHE E 599 -24.97 -35.24 -32.21
C PHE E 599 -25.14 -36.04 -33.51
N THR E 600 -26.36 -36.23 -33.98
CA THR E 600 -26.57 -36.92 -35.25
C THR E 600 -26.22 -36.03 -36.44
N THR E 601 -26.47 -34.73 -36.31
CA THR E 601 -26.11 -33.75 -37.32
C THR E 601 -25.28 -32.64 -36.68
N VAL E 602 -24.74 -31.76 -37.52
CA VAL E 602 -23.97 -30.64 -37.01
C VAL E 602 -24.86 -29.70 -36.19
N GLU E 603 -26.07 -29.43 -36.70
CA GLU E 603 -27.00 -28.58 -35.97
C GLU E 603 -27.40 -29.22 -34.63
N GLU E 604 -27.66 -30.53 -34.64
CA GLU E 604 -28.01 -31.21 -33.41
C GLU E 604 -26.86 -31.18 -32.40
N SER E 605 -25.63 -31.39 -32.88
CA SER E 605 -24.47 -31.31 -32.01
C SER E 605 -24.32 -29.91 -31.41
N PHE E 606 -24.52 -28.89 -32.24
CA PHE E 606 -24.44 -27.50 -31.76
C PHE E 606 -25.50 -27.25 -30.69
N LYS E 607 -26.73 -27.69 -30.94
CA LYS E 607 -27.81 -27.44 -29.99
C LYS E 607 -27.53 -28.13 -28.67
N THR E 608 -27.13 -29.41 -28.72
CA THR E 608 -26.88 -30.15 -27.49
C THR E 608 -25.74 -29.53 -26.69
N LEU E 609 -24.65 -29.17 -27.37
CA LEU E 609 -23.50 -28.65 -26.66
C LEU E 609 -23.78 -27.25 -26.10
N PHE E 610 -24.49 -26.42 -26.86
CA PHE E 610 -24.80 -25.08 -26.37
C PHE E 610 -25.72 -25.13 -25.17
N TRP E 611 -26.74 -25.99 -25.21
CA TRP E 611 -27.66 -26.09 -24.09
C TRP E 611 -27.08 -26.90 -22.93
N SER E 612 -25.93 -27.55 -23.13
CA SER E 612 -25.19 -28.11 -22.01
C SER E 612 -24.55 -27.05 -21.14
N ILE E 613 -24.37 -25.83 -21.68
CA ILE E 613 -23.80 -24.75 -20.88
C ILE E 613 -24.71 -24.42 -19.72
N PHE E 614 -26.02 -24.39 -19.96
CA PHE E 614 -27.00 -24.05 -18.94
C PHE E 614 -27.67 -25.28 -18.35
N GLY E 615 -27.16 -26.48 -18.63
CA GLY E 615 -27.72 -27.69 -18.07
C GLY E 615 -29.04 -28.11 -18.67
N LEU E 616 -29.36 -27.63 -19.87
CA LEU E 616 -30.62 -27.95 -20.51
C LEU E 616 -30.54 -29.16 -21.44
N SER E 617 -29.38 -29.81 -21.53
CA SER E 617 -29.21 -31.00 -22.34
C SER E 617 -29.13 -32.23 -21.44
N GLU E 618 -29.94 -33.24 -21.74
CA GLU E 618 -29.99 -34.44 -20.93
C GLU E 618 -28.76 -35.32 -21.18
N VAL E 619 -28.44 -36.14 -20.18
CA VAL E 619 -27.31 -37.05 -20.29
C VAL E 619 -27.59 -38.22 -21.23
N THR E 620 -28.85 -38.43 -21.61
CA THR E 620 -29.19 -39.48 -22.56
C THR E 620 -28.80 -39.13 -23.99
N SER E 621 -28.21 -37.95 -24.21
CA SER E 621 -27.80 -37.54 -25.54
C SER E 621 -26.69 -38.41 -26.11
N VAL E 622 -25.97 -39.15 -25.25
CA VAL E 622 -24.85 -39.97 -25.69
C VAL E 622 -25.18 -41.46 -25.62
N VAL E 623 -26.44 -41.82 -25.38
CA VAL E 623 -26.85 -43.20 -25.20
C VAL E 623 -27.29 -43.75 -26.56
N LEU E 624 -26.74 -44.89 -26.94
CA LEU E 624 -27.09 -45.57 -28.18
C LEU E 624 -28.14 -46.65 -27.93
N LYS E 625 -28.77 -47.09 -29.02
CA LYS E 625 -29.68 -48.22 -28.96
C LYS E 625 -29.00 -49.54 -29.25
N TYR E 626 -27.92 -49.53 -30.04
CA TYR E 626 -27.14 -50.73 -30.29
C TYR E 626 -26.19 -50.99 -29.12
N ASP E 627 -25.65 -52.20 -29.09
CA ASP E 627 -24.71 -52.58 -28.03
C ASP E 627 -23.27 -52.24 -28.41
N HIS E 628 -23.06 -51.00 -28.84
CA HIS E 628 -21.73 -50.50 -29.14
C HIS E 628 -21.23 -49.65 -27.97
N LYS E 629 -20.82 -50.37 -26.91
CA LYS E 629 -20.42 -49.70 -25.68
C LYS E 629 -19.15 -48.88 -25.85
N PHE E 630 -18.32 -49.20 -26.84
CA PHE E 630 -17.13 -48.38 -27.09
C PHE E 630 -17.54 -46.97 -27.51
N ILE E 631 -18.46 -46.86 -28.47
CA ILE E 631 -18.93 -45.55 -28.92
C ILE E 631 -19.66 -44.82 -27.80
N GLU E 632 -20.53 -45.54 -27.08
CA GLU E 632 -21.31 -44.91 -26.02
C GLU E 632 -20.41 -44.41 -24.89
N ASN E 633 -19.42 -45.22 -24.49
CA ASN E 633 -18.52 -44.80 -23.42
C ASN E 633 -17.64 -43.65 -23.85
N ILE E 634 -17.20 -43.65 -25.11
CA ILE E 634 -16.39 -42.53 -25.61
C ILE E 634 -17.24 -41.26 -25.67
N GLY E 635 -18.51 -41.39 -26.07
CA GLY E 635 -19.40 -40.24 -26.01
C GLY E 635 -19.61 -39.74 -24.59
N TYR E 636 -19.74 -40.66 -23.63
CA TYR E 636 -19.84 -40.27 -22.24
C TYR E 636 -18.59 -39.51 -21.78
N VAL E 637 -17.41 -40.04 -22.12
CA VAL E 637 -16.17 -39.41 -21.69
C VAL E 637 -16.00 -38.05 -22.36
N LEU E 638 -16.27 -37.96 -23.66
CA LEU E 638 -16.11 -36.69 -24.37
C LEU E 638 -17.11 -35.65 -23.87
N TYR E 639 -18.35 -36.07 -23.61
CA TYR E 639 -19.33 -35.14 -23.06
C TYR E 639 -18.93 -34.67 -21.66
N GLY E 640 -18.42 -35.58 -20.84
CA GLY E 640 -17.94 -35.20 -19.52
C GLY E 640 -16.76 -34.26 -19.58
N ILE E 641 -15.81 -34.54 -20.48
CA ILE E 641 -14.66 -33.65 -20.64
C ILE E 641 -15.11 -32.28 -21.14
N TYR E 642 -16.09 -32.25 -22.04
CA TYR E 642 -16.61 -30.97 -22.50
C TYR E 642 -17.26 -30.19 -21.35
N ASN E 643 -18.00 -30.90 -20.49
CA ASN E 643 -18.62 -30.23 -19.35
C ASN E 643 -17.57 -29.68 -18.38
N VAL E 644 -16.54 -30.47 -18.10
CA VAL E 644 -15.48 -30.01 -17.19
C VAL E 644 -14.72 -28.85 -17.82
N THR E 645 -14.44 -28.94 -19.12
CA THR E 645 -13.79 -27.84 -19.82
C THR E 645 -14.65 -26.58 -19.79
N MET E 646 -15.97 -26.77 -19.85
CA MET E 646 -16.88 -25.63 -19.73
C MET E 646 -16.71 -24.95 -18.38
N VAL E 647 -16.65 -25.74 -17.30
CA VAL E 647 -16.47 -25.19 -15.97
C VAL E 647 -15.11 -24.51 -15.85
N VAL E 648 -14.07 -25.12 -16.42
CA VAL E 648 -12.72 -24.56 -16.33
C VAL E 648 -12.65 -23.23 -17.06
N VAL E 649 -13.22 -23.15 -18.27
CA VAL E 649 -13.20 -21.90 -19.03
C VAL E 649 -14.01 -20.83 -18.30
N LEU E 650 -15.19 -21.19 -17.79
CA LEU E 650 -16.00 -20.24 -17.05
C LEU E 650 -15.26 -19.74 -15.81
N LEU E 651 -14.61 -20.65 -15.08
CA LEU E 651 -13.87 -20.26 -13.89
C LEU E 651 -12.70 -19.34 -14.24
N ASN E 652 -11.95 -19.66 -15.29
CA ASN E 652 -10.82 -18.82 -15.68
C ASN E 652 -11.30 -17.43 -16.10
N MET E 653 -12.41 -17.37 -16.84
CA MET E 653 -12.98 -16.08 -17.21
C MET E 653 -13.41 -15.31 -15.97
N LEU E 654 -14.03 -15.98 -15.01
CA LEU E 654 -14.47 -15.31 -13.78
C LEU E 654 -13.27 -14.77 -13.01
N ILE E 655 -12.20 -15.55 -12.89
CA ILE E 655 -11.01 -15.08 -12.20
C ILE E 655 -10.40 -13.88 -12.91
N ALA E 656 -10.40 -13.90 -14.24
CA ALA E 656 -9.88 -12.76 -15.00
C ALA E 656 -10.70 -11.51 -14.76
N MET E 657 -12.04 -11.64 -14.76
CA MET E 657 -12.89 -10.49 -14.49
C MET E 657 -12.64 -9.95 -13.08
N ILE E 658 -12.49 -10.84 -12.10
CA ILE E 658 -12.22 -10.41 -10.73
C ILE E 658 -10.89 -9.69 -10.66
N ASN E 659 -9.84 -10.30 -11.20
CA ASN E 659 -8.52 -9.65 -11.24
C ASN E 659 -8.32 -8.86 -12.53
N SER E 660 -9.31 -8.06 -12.89
CA SER E 660 -9.14 -7.02 -13.90
C SER E 660 -9.85 -5.73 -13.51
N SER E 661 -10.58 -5.70 -12.40
CA SER E 661 -11.24 -4.50 -11.92
C SER E 661 -10.85 -4.12 -10.50
N TYR E 662 -10.28 -5.05 -9.72
CA TYR E 662 -9.78 -4.72 -8.39
C TYR E 662 -8.52 -3.88 -8.43
N GLN E 663 -7.88 -3.75 -9.58
CA GLN E 663 -6.67 -2.95 -9.71
C GLN E 663 -6.97 -1.47 -9.51
N ASP E 667 -13.01 5.51 -7.92
CA ASP E 667 -13.04 6.73 -8.72
C ASP E 667 -13.07 6.41 -10.20
N ASP E 668 -12.54 5.25 -10.56
CA ASP E 668 -12.53 4.84 -11.97
C ASP E 668 -13.93 4.65 -12.50
N SER E 669 -14.81 4.02 -11.71
CA SER E 669 -16.18 3.83 -12.14
C SER E 669 -16.92 5.15 -12.27
N ASP E 670 -16.71 6.06 -11.31
CA ASP E 670 -17.36 7.37 -11.37
C ASP E 670 -16.88 8.17 -12.58
N VAL E 671 -15.57 8.15 -12.85
CA VAL E 671 -15.05 8.84 -14.03
C VAL E 671 -15.60 8.21 -15.30
N GLU E 672 -15.70 6.88 -15.32
CA GLU E 672 -16.25 6.17 -16.48
C GLU E 672 -17.67 6.63 -16.77
N TRP E 673 -18.53 6.58 -15.77
CA TRP E 673 -19.92 6.97 -15.96
C TRP E 673 -20.05 8.45 -16.30
N LYS E 674 -19.26 9.31 -15.65
CA LYS E 674 -19.33 10.74 -15.93
C LYS E 674 -18.90 11.04 -17.35
N PHE E 675 -17.89 10.34 -17.85
CA PHE E 675 -17.48 10.52 -19.24
C PHE E 675 -18.59 10.10 -20.20
N ALA E 676 -19.23 8.96 -19.93
CA ALA E 676 -20.34 8.51 -20.79
C ALA E 676 -21.51 9.47 -20.73
N ARG E 677 -21.85 9.96 -19.54
CA ARG E 677 -22.94 10.91 -19.40
C ARG E 677 -22.62 12.25 -20.07
N SER E 678 -21.35 12.66 -20.03
CA SER E 678 -20.95 13.88 -20.73
C SER E 678 -21.12 13.73 -22.23
N LYS E 679 -20.78 12.56 -22.76
CA LYS E 679 -21.04 12.29 -24.18
C LYS E 679 -22.52 12.37 -24.49
N LEU E 680 -23.36 11.80 -23.61
CA LEU E 680 -24.81 11.88 -23.80
C LEU E 680 -25.28 13.33 -23.79
N TRP E 681 -24.79 14.13 -22.85
CA TRP E 681 -25.19 15.54 -22.78
C TRP E 681 -24.73 16.30 -24.02
N LEU E 682 -23.50 16.08 -24.45
CA LEU E 682 -22.96 16.78 -25.61
C LEU E 682 -23.74 16.43 -26.87
N SER E 683 -24.33 15.23 -26.94
CA SER E 683 -25.14 14.86 -28.09
C SER E 683 -26.40 15.73 -28.20
N TYR E 684 -26.84 16.33 -27.10
CA TYR E 684 -28.02 17.20 -27.10
C TYR E 684 -27.67 18.68 -26.99
N PHE E 685 -26.39 19.03 -26.96
CA PHE E 685 -26.02 20.44 -26.78
C PHE E 685 -26.18 21.22 -28.08
N ASP E 686 -25.92 20.60 -29.22
CA ASP E 686 -25.95 21.31 -30.49
C ASP E 686 -27.37 21.66 -30.89
N ASP E 687 -27.48 22.61 -31.82
CA ASP E 687 -28.78 23.00 -32.34
C ASP E 687 -29.41 21.84 -33.11
N GLY E 688 -30.73 21.82 -33.12
CA GLY E 688 -31.47 20.70 -33.64
C GLY E 688 -31.90 19.76 -32.53
N LYS E 689 -32.45 18.62 -32.95
CA LYS E 689 -32.95 17.57 -32.07
C LYS E 689 -34.05 18.08 -31.14
N THR E 690 -34.66 19.24 -31.43
CA THR E 690 -35.70 19.77 -30.57
C THR E 690 -36.92 18.86 -30.54
N LEU E 691 -37.31 18.34 -31.70
CA LEU E 691 -38.46 17.45 -31.80
C LEU E 691 -37.98 16.04 -32.07
N PRO E 692 -38.24 15.10 -31.17
CA PRO E 692 -37.77 13.72 -31.37
C PRO E 692 -38.53 13.04 -32.49
N PRO E 693 -37.97 11.98 -33.08
CA PRO E 693 -38.71 11.23 -34.08
C PRO E 693 -39.91 10.55 -33.45
N PRO E 694 -40.99 10.33 -34.23
CA PRO E 694 -41.08 10.60 -35.66
C PRO E 694 -41.52 12.02 -35.99
N PHE E 695 -41.60 12.89 -34.98
CA PHE E 695 -42.00 14.26 -35.23
C PHE E 695 -40.81 15.09 -35.71
N SER E 696 -40.08 14.56 -36.69
CA SER E 696 -38.97 15.28 -37.29
C SER E 696 -38.92 15.16 -38.80
N LEU E 697 -39.74 14.29 -39.42
CA LEU E 697 -39.72 14.14 -40.87
C LEU E 697 -40.19 15.41 -41.55
N VAL E 698 -41.21 16.06 -40.99
CA VAL E 698 -41.75 17.28 -41.58
C VAL E 698 -40.75 18.42 -41.45
N GLN E 759 -1.39 44.53 -25.31
CA GLN E 759 -0.79 43.58 -26.24
C GLN E 759 -1.39 42.16 -26.15
N PRO E 760 -1.42 41.55 -24.96
CA PRO E 760 -1.93 40.18 -24.88
C PRO E 760 -3.45 40.16 -24.75
N THR E 761 -4.06 39.15 -25.36
CA THR E 761 -5.50 38.99 -25.29
C THR E 761 -5.92 38.53 -23.89
N ARG E 762 -7.23 38.56 -23.65
CA ARG E 762 -7.75 38.09 -22.37
C ARG E 762 -7.46 36.61 -22.18
N TYR E 763 -7.58 35.82 -23.24
CA TYR E 763 -7.27 34.39 -23.15
C TYR E 763 -5.80 34.18 -22.79
N GLN E 764 -4.90 34.97 -23.38
CA GLN E 764 -3.48 34.84 -23.07
C GLN E 764 -3.20 35.17 -21.61
N GLN E 765 -3.83 36.23 -21.10
CA GLN E 765 -3.64 36.59 -19.69
C GLN E 765 -4.16 35.51 -18.76
N ILE E 766 -5.34 34.96 -19.07
CA ILE E 766 -5.90 33.90 -18.25
C ILE E 766 -5.02 32.66 -18.29
N MET E 767 -4.53 32.30 -19.48
CA MET E 767 -3.66 31.14 -19.60
C MET E 767 -2.34 31.35 -18.86
N LYS E 768 -1.78 32.58 -18.93
CA LYS E 768 -0.56 32.88 -18.19
C LYS E 768 -0.79 32.73 -16.69
N ARG E 769 -1.92 33.26 -16.19
CA ARG E 769 -2.23 33.14 -14.77
C ARG E 769 -2.41 31.69 -14.37
N LEU E 770 -3.12 30.91 -15.18
CA LEU E 770 -3.35 29.50 -14.86
C LEU E 770 -2.06 28.69 -14.89
N ILE E 771 -1.17 28.99 -15.85
CA ILE E 771 0.08 28.24 -15.95
C ILE E 771 1.00 28.59 -14.78
N LYS E 772 1.04 29.88 -14.40
CA LYS E 772 1.81 30.26 -13.22
C LYS E 772 1.27 29.56 -11.97
N ARG E 773 -0.06 29.50 -11.83
CA ARG E 773 -0.67 28.76 -10.73
C ARG E 773 -0.28 27.29 -10.78
N TYR E 774 -0.26 26.70 -11.98
CA TYR E 774 0.13 25.30 -12.11
C TYR E 774 1.57 25.08 -11.70
N VAL E 775 2.47 25.98 -12.09
CA VAL E 775 3.88 25.81 -11.76
C VAL E 775 4.09 25.89 -10.25
N LEU E 776 3.46 26.87 -9.60
CA LEU E 776 3.57 26.97 -8.15
C LEU E 776 2.94 25.77 -7.45
N LYS E 777 1.79 25.32 -7.94
CA LYS E 777 1.14 24.15 -7.37
C LYS E 777 2.00 22.90 -7.54
N ALA E 778 2.62 22.75 -8.71
CA ALA E 778 3.47 21.59 -8.95
C ALA E 778 4.68 21.59 -8.03
N GLN E 779 5.27 22.77 -7.80
CA GLN E 779 6.38 22.86 -6.86
C GLN E 779 5.94 22.54 -5.44
N VAL E 780 4.74 22.99 -5.06
CA VAL E 780 4.22 22.70 -3.72
C VAL E 780 4.02 21.20 -3.55
N ASP E 781 3.43 20.55 -4.55
CA ASP E 781 3.23 19.10 -4.48
C ASP E 781 4.56 18.35 -4.53
N LYS E 782 5.54 18.87 -5.26
CA LYS E 782 6.87 18.26 -5.25
C LYS E 782 7.47 18.32 -3.86
N GLU E 783 7.29 19.43 -3.16
CA GLU E 783 7.72 19.54 -1.77
C GLU E 783 6.93 18.62 -0.84
N ASN E 784 5.78 18.13 -1.27
CA ASN E 784 5.00 17.18 -0.49
C ASN E 784 5.40 15.73 -0.74
N ASP E 785 6.28 15.48 -1.69
CA ASP E 785 6.76 14.12 -1.93
C ASP E 785 7.64 13.66 -0.77
N GLU E 786 7.69 12.34 -0.56
CA GLU E 786 8.47 11.78 0.52
C GLU E 786 9.96 12.03 0.31
N VAL E 787 10.67 12.22 1.42
CA VAL E 787 12.10 12.50 1.38
C VAL E 787 12.86 11.21 1.10
N ASN E 788 13.77 11.27 0.14
CA ASN E 788 14.61 10.13 -0.20
C ASN E 788 16.02 10.32 0.37
N GLU E 789 16.83 9.26 0.25
CA GLU E 789 18.16 9.27 0.83
C GLU E 789 19.07 10.30 0.18
N GLY E 790 18.84 10.62 -1.10
CA GLY E 790 19.69 11.58 -1.77
C GLY E 790 19.62 12.97 -1.18
N GLU E 791 18.41 13.45 -0.90
CA GLU E 791 18.26 14.78 -0.31
C GLU E 791 18.89 14.84 1.08
N LEU E 792 18.68 13.80 1.89
CA LEU E 792 19.27 13.77 3.22
C LEU E 792 20.79 13.73 3.14
N LYS E 793 21.33 12.97 2.19
CA LYS E 793 22.78 12.93 1.99
C LYS E 793 23.30 14.30 1.55
N GLU E 794 22.52 15.03 0.77
CA GLU E 794 22.92 16.38 0.37
C GLU E 794 23.05 17.29 1.58
N ILE E 795 22.10 17.22 2.52
CA ILE E 795 22.20 18.02 3.73
C ILE E 795 23.36 17.55 4.61
N LYS E 796 23.61 16.24 4.65
CA LYS E 796 24.79 15.75 5.36
C LYS E 796 26.06 16.34 4.77
N GLN E 797 26.14 16.44 3.44
CA GLN E 797 27.28 17.07 2.79
C GLN E 797 27.34 18.56 3.10
N ASP E 798 26.17 19.21 3.23
CA ASP E 798 26.14 20.61 3.65
C ASP E 798 26.79 20.78 5.02
N ILE E 799 26.45 19.91 5.96
CA ILE E 799 27.00 20.00 7.31
C ILE E 799 28.50 19.73 7.30
N SER E 800 28.92 18.72 6.53
CA SER E 800 30.35 18.41 6.45
C SER E 800 31.15 19.57 5.87
N SER E 801 30.65 20.16 4.78
CA SER E 801 31.33 21.31 4.19
C SER E 801 31.34 22.50 5.13
N LEU E 802 30.23 22.73 5.83
CA LEU E 802 30.17 23.82 6.81
C LEU E 802 31.18 23.59 7.93
N ARG E 803 31.33 22.35 8.38
CA ARG E 803 32.30 22.04 9.42
C ARG E 803 33.72 22.38 8.97
N TYR E 804 34.07 21.99 7.73
CA TYR E 804 35.41 22.30 7.24
C TYR E 804 35.64 23.80 7.16
N GLU E 805 34.66 24.53 6.63
CA GLU E 805 34.81 25.98 6.49
C GLU E 805 34.95 26.66 7.85
N LEU E 806 34.10 26.27 8.81
CA LEU E 806 34.13 26.91 10.12
C LEU E 806 35.40 26.57 10.88
N LEU E 807 35.84 25.31 10.81
CA LEU E 807 37.05 24.92 11.52
C LEU E 807 38.28 25.64 10.97
N GLU E 808 38.36 25.79 9.65
CA GLU E 808 39.49 26.52 9.09
C GLU E 808 39.41 28.02 9.41
N ASP E 809 38.20 28.57 9.46
CA ASP E 809 38.05 29.97 9.85
C ASP E 809 38.53 30.19 11.28
N LYS E 810 38.16 29.28 12.19
CA LYS E 810 38.64 29.36 13.57
C LYS E 810 40.16 29.23 13.64
N SER E 811 40.72 28.30 12.85
CA SER E 811 42.17 28.12 12.84
C SER E 811 42.88 29.38 12.36
N GLN E 812 42.35 30.01 11.30
CA GLN E 812 42.96 31.24 10.79
C GLN E 812 42.88 32.36 11.83
N ALA E 813 41.74 32.48 12.52
CA ALA E 813 41.61 33.50 13.54
C ALA E 813 42.61 33.27 14.67
N THR E 814 42.80 32.02 15.10
CA THR E 814 43.77 31.73 16.14
C THR E 814 45.19 32.01 15.67
N GLU E 815 45.47 31.77 14.38
CA GLU E 815 46.78 32.09 13.83
C GLU E 815 47.05 33.60 13.89
N GLU E 816 46.04 34.41 13.56
CA GLU E 816 46.19 35.85 13.68
C GLU E 816 46.39 36.26 15.13
N LEU E 817 45.70 35.60 16.06
CA LEU E 817 45.91 35.87 17.48
C LEU E 817 47.33 35.55 17.91
N ALA E 818 47.88 34.44 17.40
CA ALA E 818 49.26 34.09 17.74
C ALA E 818 50.23 35.12 17.18
N ILE E 819 49.96 35.64 15.98
CA ILE E 819 50.79 36.71 15.43
C ILE E 819 50.75 37.94 16.34
N LEU E 820 49.56 38.26 16.86
CA LEU E 820 49.45 39.35 17.82
C LEU E 820 50.25 39.07 19.09
N ILE E 821 50.21 37.82 19.56
CA ILE E 821 50.97 37.45 20.75
C ILE E 821 52.45 37.70 20.55
N HIS E 822 53.01 37.21 19.44
CA HIS E 822 54.44 37.35 19.20
C HIS E 822 54.83 38.80 18.98
N LYS E 823 54.00 39.56 18.27
CA LYS E 823 54.32 40.97 18.04
C LYS E 823 54.25 41.77 19.32
N LEU E 824 53.27 41.49 20.18
CA LEU E 824 53.15 42.20 21.45
C LEU E 824 54.31 41.86 22.39
N SER E 825 54.72 40.59 22.42
CA SER E 825 55.80 40.19 23.32
C SER E 825 57.12 40.88 22.99
N GLU E 826 57.39 41.14 21.71
CA GLU E 826 58.61 41.86 21.34
C GLU E 826 58.57 43.29 21.88
N LYS E 827 57.44 43.97 21.76
CA LYS E 827 57.33 45.33 22.29
C LYS E 827 57.44 45.34 23.81
N LEU E 828 56.84 44.35 24.47
CA LEU E 828 56.91 44.28 25.93
C LEU E 828 58.34 44.08 26.40
N ASN E 829 59.09 43.21 25.72
CA ASN E 829 60.48 42.95 26.09
C ASN E 829 61.43 43.92 25.40
N GLN F 1 50.87 34.53 -13.03
CA GLN F 1 50.12 34.39 -14.27
C GLN F 1 49.31 35.65 -14.57
N VAL F 2 48.57 36.12 -13.57
CA VAL F 2 47.75 37.31 -13.71
C VAL F 2 48.63 38.54 -13.49
N GLN F 3 48.66 39.43 -14.48
CA GLN F 3 49.43 40.68 -14.40
C GLN F 3 48.45 41.82 -14.18
N LEU F 4 48.65 42.56 -13.10
CA LEU F 4 47.79 43.67 -12.74
C LEU F 4 48.57 44.98 -12.84
N GLN F 5 47.94 45.99 -13.44
CA GLN F 5 48.52 47.32 -13.53
C GLN F 5 47.49 48.33 -13.02
N GLU F 6 47.99 49.40 -12.41
CA GLU F 6 47.14 50.42 -11.80
C GLU F 6 47.34 51.76 -12.50
N SER F 7 46.29 52.57 -12.50
CA SER F 7 46.33 53.88 -13.12
C SER F 7 45.28 54.77 -12.46
N GLY F 8 45.40 56.07 -12.71
CA GLY F 8 44.47 57.03 -12.17
C GLY F 8 44.93 57.77 -10.94
N GLY F 9 46.18 57.59 -10.52
CA GLY F 9 46.70 58.31 -9.37
C GLY F 9 46.71 59.81 -9.57
N GLY F 10 46.15 60.55 -8.61
CA GLY F 10 46.06 61.99 -8.72
C GLY F 10 46.44 62.71 -7.45
N SER F 11 46.02 63.98 -7.33
CA SER F 11 46.32 64.77 -6.14
C SER F 11 45.17 65.75 -5.95
N VAL F 12 44.22 65.40 -5.07
CA VAL F 12 43.08 66.24 -4.76
C VAL F 12 42.95 66.36 -3.25
N GLN F 13 42.23 67.38 -2.81
CA GLN F 13 42.03 67.64 -1.40
C GLN F 13 40.65 68.26 -1.20
N SER F 14 40.27 68.38 0.09
CA SER F 14 39.03 69.05 0.50
C SER F 14 37.80 68.39 -0.13
N GLY F 15 37.61 67.12 0.22
CA GLY F 15 36.42 66.40 -0.21
C GLY F 15 36.32 66.18 -1.71
N GLY F 16 37.40 65.80 -2.36
CA GLY F 16 37.41 65.54 -3.78
C GLY F 16 36.96 64.13 -4.10
N SER F 17 37.13 63.76 -5.37
CA SER F 17 36.82 62.43 -5.85
C SER F 17 37.94 61.94 -6.76
N LEU F 18 38.13 60.63 -6.81
CA LEU F 18 39.20 60.07 -7.64
C LEU F 18 38.86 58.63 -8.01
N ARG F 19 39.07 58.28 -9.27
CA ARG F 19 38.84 56.93 -9.74
C ARG F 19 40.18 56.24 -10.00
N LEU F 20 40.39 55.09 -9.38
CA LEU F 20 41.57 54.27 -9.60
C LEU F 20 41.17 53.08 -10.47
N SER F 21 41.94 52.83 -11.52
CA SER F 21 41.65 51.80 -12.49
C SER F 21 42.69 50.69 -12.41
N CYS F 22 42.23 49.45 -12.50
CA CYS F 22 43.08 48.27 -12.45
C CYS F 22 42.84 47.44 -13.70
N ALA F 23 43.88 47.22 -14.48
CA ALA F 23 43.80 46.42 -15.70
C ALA F 23 44.46 45.08 -15.46
N ALA F 24 43.74 44.01 -15.77
CA ALA F 24 44.22 42.65 -15.62
C ALA F 24 44.53 42.06 -16.98
N SER F 25 45.71 41.46 -17.12
CA SER F 25 46.15 40.86 -18.37
C SER F 25 46.88 39.55 -18.04
N GLY F 26 47.32 38.87 -19.08
CA GLY F 26 48.00 37.59 -18.91
C GLY F 26 47.04 36.43 -19.00
N TYR F 27 47.03 35.59 -17.96
CA TYR F 27 46.14 34.44 -17.96
C TYR F 27 44.68 34.86 -17.95
N THR F 28 44.25 35.56 -16.89
CA THR F 28 42.95 36.21 -16.76
C THR F 28 41.76 35.29 -17.04
N TYR F 29 42.00 33.98 -17.10
CA TYR F 29 40.91 33.04 -17.33
C TYR F 29 39.96 33.00 -16.15
N SER F 30 38.66 32.98 -16.43
CA SER F 30 37.61 32.98 -15.41
C SER F 30 37.76 34.20 -14.49
N TYR F 31 38.04 35.36 -15.07
CA TYR F 31 38.26 36.56 -14.28
C TYR F 31 37.03 36.96 -13.49
N SER F 32 35.83 36.62 -13.98
CA SER F 32 34.60 37.02 -13.30
C SER F 32 34.49 36.45 -11.90
N GLY F 33 35.09 35.29 -11.64
CA GLY F 33 35.08 34.69 -10.33
C GLY F 33 36.23 35.06 -9.42
N TYR F 34 37.13 35.93 -9.88
CA TYR F 34 38.28 36.31 -9.06
C TYR F 34 37.83 37.16 -7.88
N CYS F 35 38.59 37.05 -6.78
CA CYS F 35 38.42 37.93 -5.64
C CYS F 35 39.40 39.08 -5.78
N MET F 36 38.89 40.24 -6.21
CA MET F 36 39.68 41.43 -6.42
C MET F 36 39.74 42.27 -5.15
N GLY F 37 40.74 43.14 -5.08
CA GLY F 37 40.87 44.00 -3.93
C GLY F 37 41.90 45.08 -4.13
N TRP F 38 41.80 46.11 -3.28
CA TRP F 38 42.77 47.18 -3.19
C TRP F 38 43.30 47.24 -1.76
N PHE F 39 44.61 47.42 -1.62
CA PHE F 39 45.21 47.62 -0.31
C PHE F 39 46.24 48.76 -0.38
N ARG F 40 46.44 49.40 0.76
CA ARG F 40 47.24 50.61 0.87
C ARG F 40 48.64 50.30 1.38
N GLN F 41 49.55 51.25 1.15
CA GLN F 41 50.91 51.22 1.70
C GLN F 41 51.29 52.65 2.06
N ALA F 42 51.03 53.03 3.31
CA ALA F 42 51.38 54.36 3.77
C ALA F 42 52.90 54.49 3.86
N PRO F 43 53.44 55.70 3.67
CA PRO F 43 54.90 55.86 3.70
C PRO F 43 55.55 55.43 5.00
N GLY F 44 54.87 55.63 6.13
CA GLY F 44 55.44 55.28 7.42
C GLY F 44 54.74 54.12 8.11
N LYS F 45 53.65 53.63 7.52
CA LYS F 45 52.85 52.57 8.12
C LYS F 45 52.96 51.30 7.30
N GLU F 46 52.39 50.23 7.84
CA GLU F 46 52.42 48.93 7.18
C GLU F 46 51.31 48.82 6.14
N ARG F 47 51.30 47.70 5.43
CA ARG F 47 50.29 47.45 4.41
C ARG F 47 48.91 47.35 5.06
N GLU F 48 47.95 48.08 4.49
CA GLU F 48 46.59 48.13 5.01
C GLU F 48 45.61 47.82 3.90
N GLY F 49 44.72 46.86 4.14
CA GLY F 49 43.70 46.55 3.17
C GLY F 49 42.62 47.63 3.12
N VAL F 50 42.13 47.91 1.91
CA VAL F 50 41.17 48.98 1.68
C VAL F 50 39.81 48.43 1.29
N ALA F 51 39.73 47.69 0.19
CA ALA F 51 38.45 47.20 -0.30
C ALA F 51 38.66 45.85 -0.98
N THR F 52 37.57 45.10 -1.08
CA THR F 52 37.60 43.80 -1.74
C THR F 52 36.24 43.53 -2.35
N ILE F 53 36.22 42.71 -3.39
CA ILE F 53 34.99 42.31 -4.07
C ILE F 53 35.16 40.89 -4.59
N ASP F 54 34.13 40.06 -4.40
CA ASP F 54 34.17 38.68 -4.82
C ASP F 54 33.53 38.52 -6.20
N GLY F 55 33.46 37.27 -6.67
CA GLY F 55 32.85 37.00 -7.96
C GLY F 55 31.36 37.28 -7.98
N ALA F 56 30.67 36.97 -6.88
CA ALA F 56 29.24 37.21 -6.81
C ALA F 56 28.91 38.69 -6.83
N GLY F 57 29.83 39.54 -6.37
CA GLY F 57 29.61 40.97 -6.31
C GLY F 57 29.57 41.55 -4.92
N ASN F 58 29.73 40.73 -3.89
CA ASN F 58 29.75 41.24 -2.51
C ASN F 58 31.00 42.09 -2.31
N THR F 59 30.81 43.28 -1.75
CA THR F 59 31.88 44.23 -1.53
C THR F 59 32.12 44.42 -0.04
N LYS F 60 33.40 44.40 0.35
CA LYS F 60 33.80 44.62 1.73
C LYS F 60 34.80 45.76 1.79
N TYR F 61 34.71 46.58 2.83
CA TYR F 61 35.56 47.74 2.98
C TYR F 61 36.14 47.79 4.38
N ALA F 62 37.33 48.36 4.48
CA ALA F 62 37.92 48.65 5.79
C ALA F 62 37.13 49.76 6.48
N ASP F 63 37.16 49.75 7.81
CA ASP F 63 36.41 50.75 8.57
C ASP F 63 36.92 52.16 8.31
N SER F 64 38.21 52.30 8.00
CA SER F 64 38.78 53.62 7.75
C SER F 64 38.29 54.23 6.43
N VAL F 65 37.82 53.41 5.50
CA VAL F 65 37.35 53.87 4.20
C VAL F 65 35.90 53.54 3.94
N LYS F 66 35.20 52.92 4.90
CA LYS F 66 33.81 52.56 4.70
C LYS F 66 32.93 53.80 4.57
N GLY F 67 31.97 53.74 3.67
CA GLY F 67 31.07 54.85 3.40
C GLY F 67 31.53 55.76 2.29
N ARG F 68 32.84 56.02 2.22
CA ARG F 68 33.39 56.88 1.19
C ARG F 68 33.86 56.08 -0.03
N PHE F 69 34.81 55.17 0.18
CA PHE F 69 35.32 54.36 -0.90
C PHE F 69 34.27 53.34 -1.36
N THR F 70 34.20 53.14 -2.67
CA THR F 70 33.39 52.07 -3.23
C THR F 70 34.18 51.35 -4.31
N ILE F 71 34.00 50.04 -4.40
CA ILE F 71 34.75 49.20 -5.31
C ILE F 71 33.78 48.52 -6.27
N SER F 72 34.12 48.51 -7.55
CA SER F 72 33.30 47.86 -8.57
C SER F 72 34.23 47.15 -9.56
N ARG F 73 33.66 46.21 -10.31
CA ARG F 73 34.43 45.47 -11.29
C ARG F 73 33.66 45.39 -12.59
N ASP F 74 34.38 45.50 -13.70
CA ASP F 74 33.85 45.25 -15.03
C ASP F 74 34.41 43.92 -15.48
N ASN F 75 33.58 42.87 -15.38
CA ASN F 75 34.04 41.52 -15.73
C ASN F 75 34.33 41.40 -17.22
N ALA F 76 33.52 42.03 -18.06
CA ALA F 76 33.78 42.01 -19.49
C ALA F 76 35.08 42.73 -19.83
N LYS F 77 35.33 43.86 -19.19
CA LYS F 77 36.54 44.65 -19.45
C LYS F 77 37.75 44.16 -18.66
N LYS F 78 37.57 43.18 -17.77
CA LYS F 78 38.66 42.67 -16.92
C LYS F 78 39.28 43.79 -16.10
N THR F 79 38.45 44.71 -15.61
CA THR F 79 38.94 45.90 -14.93
C THR F 79 38.34 46.01 -13.54
N LEU F 80 39.10 46.60 -12.62
CA LEU F 80 38.67 46.85 -11.25
C LEU F 80 38.75 48.35 -10.98
N TYR F 81 37.64 48.94 -10.56
CA TYR F 81 37.56 50.37 -10.32
C TYR F 81 37.36 50.65 -8.83
N LEU F 82 38.11 51.62 -8.32
CA LEU F 82 37.97 52.10 -6.95
C LEU F 82 37.59 53.57 -6.99
N GLN F 83 36.33 53.86 -6.74
CA GLN F 83 35.85 55.24 -6.65
C GLN F 83 36.10 55.78 -5.26
N MET F 84 36.68 56.97 -5.20
CA MET F 84 37.10 57.62 -3.96
C MET F 84 36.20 58.81 -3.72
N ASN F 85 35.43 58.76 -2.63
CA ASN F 85 34.65 59.91 -2.19
C ASN F 85 35.56 60.86 -1.43
N SER F 86 34.97 61.78 -0.66
CA SER F 86 35.71 62.83 0.04
C SER F 86 36.98 62.31 0.69
N LEU F 87 38.12 62.86 0.27
CA LEU F 87 39.42 62.37 0.70
C LEU F 87 39.80 62.94 2.07
N LYS F 88 40.87 62.39 2.62
CA LYS F 88 41.48 62.85 3.86
C LYS F 88 42.99 62.78 3.68
N PRO F 89 43.74 63.59 4.44
CA PRO F 89 45.21 63.52 4.34
C PRO F 89 45.76 62.15 4.66
N GLU F 90 45.09 61.37 5.51
CA GLU F 90 45.51 60.01 5.78
C GLU F 90 45.41 59.10 4.56
N ASP F 91 44.58 59.46 3.58
CA ASP F 91 44.43 58.67 2.36
C ASP F 91 45.51 59.03 1.35
N THR F 92 46.76 58.99 1.78
CA THR F 92 47.92 59.27 0.92
C THR F 92 48.87 58.08 1.03
N ALA F 93 48.93 57.26 -0.03
CA ALA F 93 49.69 56.03 0.06
C ALA F 93 49.92 55.45 -1.33
N MET F 94 50.75 54.41 -1.35
CA MET F 94 50.94 53.51 -2.49
C MET F 94 49.77 52.54 -2.53
N TYR F 95 48.81 52.77 -3.43
CA TYR F 95 47.67 51.87 -3.55
C TYR F 95 48.01 50.75 -4.52
N TYR F 96 47.95 49.51 -4.04
CA TYR F 96 48.23 48.34 -4.87
C TYR F 96 46.95 47.58 -5.15
N CYS F 97 46.79 47.15 -6.40
CA CYS F 97 45.77 46.17 -6.76
C CYS F 97 46.18 44.79 -6.27
N ALA F 98 45.18 43.91 -6.14
CA ALA F 98 45.44 42.55 -5.72
C ALA F 98 44.33 41.65 -6.25
N ALA F 99 44.72 40.42 -6.60
CA ALA F 99 43.79 39.46 -7.17
C ALA F 99 44.03 38.09 -6.53
N ARG F 100 42.94 37.37 -6.27
CA ARG F 100 42.99 35.97 -5.89
C ARG F 100 42.18 35.17 -6.89
N VAL F 101 42.86 34.32 -7.66
CA VAL F 101 42.19 33.56 -8.71
C VAL F 101 41.22 32.56 -8.10
N TYR F 102 41.68 31.79 -7.12
CA TYR F 102 40.90 30.67 -6.59
C TYR F 102 40.09 31.16 -5.40
N SER F 103 38.86 31.60 -5.68
CA SER F 103 37.92 32.03 -4.66
C SER F 103 36.55 31.47 -5.00
N TYR F 104 35.56 31.79 -4.18
CA TYR F 104 34.22 31.27 -4.35
C TYR F 104 33.24 32.28 -3.78
N SER F 105 31.96 32.08 -4.10
CA SER F 105 30.91 32.96 -3.60
C SER F 105 30.89 32.96 -2.08
N SER F 106 30.81 34.15 -1.49
CA SER F 106 30.84 34.34 -0.04
C SER F 106 32.09 33.70 0.58
N ASP F 107 33.22 33.90 -0.08
CA ASP F 107 34.49 33.38 0.43
C ASP F 107 34.87 34.10 1.72
N VAL F 108 35.26 33.33 2.73
CA VAL F 108 35.66 33.93 4.01
C VAL F 108 36.97 34.69 3.87
N ASP F 109 37.83 34.28 2.94
CA ASP F 109 39.12 34.93 2.77
C ASP F 109 39.07 36.14 1.85
N CYS F 110 37.93 36.41 1.22
CA CYS F 110 37.78 37.60 0.37
C CYS F 110 37.43 38.78 1.30
N ARG F 111 38.46 39.28 1.98
CA ARG F 111 38.35 40.37 2.93
C ARG F 111 39.37 41.44 2.62
N PRO F 112 39.12 42.69 3.01
CA PRO F 112 40.14 43.73 2.86
C PRO F 112 41.44 43.41 3.60
N SER F 113 41.34 42.80 4.78
CA SER F 113 42.54 42.45 5.54
C SER F 113 43.38 41.42 4.79
N PHE F 114 42.72 40.44 4.17
CA PHE F 114 43.42 39.39 3.44
C PHE F 114 43.90 39.86 2.06
N THR F 115 43.50 41.04 1.62
CA THR F 115 43.92 41.55 0.32
C THR F 115 45.43 41.66 0.22
N THR F 116 46.10 41.93 1.33
CA THR F 116 47.56 42.03 1.34
C THR F 116 48.23 40.68 1.10
N ARG F 117 47.52 39.58 1.30
CA ARG F 117 48.07 38.24 1.14
C ARG F 117 47.64 37.58 -0.17
N PHE F 118 47.07 38.33 -1.10
CA PHE F 118 46.61 37.76 -2.36
C PHE F 118 47.80 37.31 -3.20
N PRO F 119 47.64 36.22 -3.97
CA PRO F 119 48.77 35.70 -4.75
C PRO F 119 49.36 36.69 -5.74
N TYR F 120 48.53 37.54 -6.34
CA TYR F 120 48.98 38.48 -7.37
C TYR F 120 48.65 39.90 -6.96
N SER F 121 49.55 40.82 -7.28
CA SER F 121 49.37 42.23 -6.96
C SER F 121 50.04 43.08 -8.03
N GLY F 122 49.55 44.31 -8.17
CA GLY F 122 50.09 45.23 -9.14
C GLY F 122 51.31 45.99 -8.61
N GLN F 123 51.85 46.85 -9.48
CA GLN F 123 52.99 47.67 -9.11
C GLN F 123 52.63 48.81 -8.17
N GLY F 124 51.37 49.23 -8.17
CA GLY F 124 50.94 50.29 -7.27
C GLY F 124 50.97 51.66 -7.92
N THR F 125 50.10 52.53 -7.44
CA THR F 125 50.02 53.91 -7.89
C THR F 125 49.96 54.83 -6.69
N GLN F 126 50.54 56.03 -6.82
CA GLN F 126 50.62 56.96 -5.71
C GLN F 126 49.39 57.85 -5.68
N VAL F 127 48.75 57.93 -4.52
CA VAL F 127 47.67 58.87 -4.28
C VAL F 127 48.13 59.80 -3.16
N THR F 128 48.12 61.10 -3.42
CA THR F 128 48.55 62.11 -2.46
C THR F 128 47.40 63.07 -2.20
N VAL F 129 47.09 63.27 -0.92
CA VAL F 129 46.00 64.16 -0.53
C VAL F 129 46.49 65.17 0.49
N PRO G 13 11.25 31.13 -23.38
CA PRO G 13 10.05 30.70 -22.65
C PRO G 13 8.77 31.33 -23.20
N ALA G 14 7.70 30.54 -23.25
CA ALA G 14 6.44 31.03 -23.78
C ALA G 14 5.85 32.12 -22.90
N PHE G 15 5.95 31.97 -21.58
CA PHE G 15 5.37 32.90 -20.62
C PHE G 15 6.47 33.56 -19.81
N MET G 16 6.39 34.88 -19.67
CA MET G 16 7.32 35.65 -18.85
C MET G 16 6.60 36.00 -17.55
N PHE G 17 6.81 35.17 -16.53
CA PHE G 17 6.13 35.32 -15.25
C PHE G 17 6.71 36.42 -14.37
N ASN G 18 7.84 37.01 -14.77
CA ASN G 18 8.45 38.08 -13.99
C ASN G 18 7.79 39.42 -14.28
N SER G 23 14.60 42.68 -17.63
CA SER G 23 15.76 41.92 -17.19
C SER G 23 16.29 42.46 -15.86
N LEU G 24 16.51 41.56 -14.91
CA LEU G 24 17.02 41.95 -13.60
C LEU G 24 18.46 42.43 -13.71
N THR G 25 18.79 43.47 -12.95
CA THR G 25 20.16 43.94 -12.87
C THR G 25 21.00 42.98 -12.02
N ALA G 26 22.32 43.17 -12.07
CA ALA G 26 23.21 42.34 -11.26
C ALA G 26 22.96 42.58 -9.78
N GLU G 27 22.71 43.83 -9.39
CA GLU G 27 22.40 44.13 -8.00
C GLU G 27 21.11 43.46 -7.57
N GLU G 28 20.07 43.51 -8.41
CA GLU G 28 18.81 42.86 -8.08
C GLU G 28 18.95 41.35 -8.01
N GLU G 29 19.74 40.78 -8.93
CA GLU G 29 19.98 39.33 -8.90
C GLU G 29 20.70 38.93 -7.61
N ARG G 30 21.70 39.71 -7.21
CA ARG G 30 22.39 39.43 -5.96
C ARG G 30 21.46 39.52 -4.76
N PHE G 31 20.61 40.56 -4.74
CA PHE G 31 19.68 40.73 -3.63
C PHE G 31 18.68 39.58 -3.55
N LEU G 32 18.15 39.16 -4.69
CA LEU G 32 17.18 38.06 -4.70
C LEU G 32 17.84 36.74 -4.29
N ASP G 33 19.07 36.51 -4.75
CA ASP G 33 19.79 35.30 -4.34
C ASP G 33 20.07 35.31 -2.85
N ALA G 34 20.47 36.46 -2.31
CA ALA G 34 20.74 36.55 -0.88
C ALA G 34 19.47 36.32 -0.05
N ALA G 35 18.35 36.89 -0.49
CA ALA G 35 17.10 36.70 0.25
C ALA G 35 16.62 35.26 0.16
N GLU G 36 16.77 34.63 -1.01
CA GLU G 36 16.27 33.28 -1.20
C GLU G 36 17.01 32.28 -0.33
N TYR G 37 18.33 32.42 -0.20
CA TYR G 37 19.15 31.47 0.53
C TYR G 37 19.53 31.95 1.92
N GLY G 38 18.88 33.01 2.41
CA GLY G 38 19.10 33.45 3.77
C GLY G 38 20.45 34.08 4.05
N ASN G 39 21.05 34.72 3.04
CA ASN G 39 22.30 35.46 3.23
C ASN G 39 21.96 36.75 3.96
N ILE G 40 21.79 36.62 5.28
CA ILE G 40 21.34 37.76 6.08
C ILE G 40 22.30 38.94 6.02
N PRO G 41 23.62 38.77 6.20
CA PRO G 41 24.50 39.95 6.15
C PRO G 41 24.44 40.69 4.82
N VAL G 42 24.37 39.97 3.71
CA VAL G 42 24.29 40.64 2.41
C VAL G 42 22.98 41.38 2.27
N VAL G 43 21.87 40.75 2.65
CA VAL G 43 20.56 41.40 2.57
C VAL G 43 20.55 42.68 3.39
N ARG G 44 21.10 42.61 4.61
CA ARG G 44 21.15 43.78 5.47
C ARG G 44 22.03 44.87 4.86
N LYS G 45 23.16 44.48 4.26
CA LYS G 45 24.05 45.47 3.64
C LYS G 45 23.36 46.17 2.47
N MET G 46 22.67 45.41 1.62
CA MET G 46 21.99 46.02 0.48
C MET G 46 20.84 46.92 0.94
N LEU G 47 20.10 46.50 1.97
CA LEU G 47 19.02 47.34 2.47
C LEU G 47 19.54 48.61 3.11
N GLU G 48 20.70 48.54 3.76
CA GLU G 48 21.22 49.68 4.49
C GLU G 48 22.00 50.65 3.61
N GLU G 49 22.66 50.16 2.56
CA GLU G 49 23.60 50.97 1.80
C GLU G 49 23.18 51.23 0.36
N SER G 50 22.47 50.32 -0.29
CA SER G 50 22.15 50.47 -1.70
C SER G 50 20.96 51.41 -1.85
N LYS G 51 21.18 52.55 -2.49
CA LYS G 51 20.12 53.52 -2.76
C LYS G 51 19.44 53.30 -4.10
N THR G 52 19.97 52.41 -4.94
CA THR G 52 19.41 52.13 -6.26
C THR G 52 18.85 50.73 -6.37
N LEU G 53 18.52 50.10 -5.23
CA LEU G 53 18.01 48.74 -5.22
C LEU G 53 16.49 48.77 -5.08
N ASN G 54 15.79 48.11 -5.99
CA ASN G 54 14.35 47.97 -5.91
C ASN G 54 14.04 46.76 -5.03
N VAL G 55 13.52 47.02 -3.82
CA VAL G 55 13.23 45.95 -2.88
C VAL G 55 12.09 45.07 -3.36
N ASN G 56 11.33 45.52 -4.37
CA ASN G 56 10.19 44.78 -4.88
C ASN G 56 10.51 44.05 -6.18
N CYS G 57 11.78 43.94 -6.55
CA CYS G 57 12.16 43.18 -7.74
C CYS G 57 11.79 41.71 -7.56
N VAL G 58 11.39 41.07 -8.64
CA VAL G 58 10.86 39.72 -8.61
C VAL G 58 11.77 38.79 -9.41
N ASP G 59 11.67 37.50 -9.10
CA ASP G 59 12.44 36.48 -9.79
C ASP G 59 11.72 36.05 -11.07
N TYR G 60 12.16 34.94 -11.67
CA TYR G 60 11.56 34.49 -12.92
C TYR G 60 10.10 34.09 -12.74
N MET G 61 9.70 33.69 -11.53
CA MET G 61 8.32 33.32 -11.25
C MET G 61 7.51 34.45 -10.64
N GLY G 62 8.02 35.68 -10.67
CA GLY G 62 7.29 36.81 -10.13
C GLY G 62 7.27 36.90 -8.63
N GLN G 63 8.21 36.26 -7.94
CA GLN G 63 8.29 36.30 -6.49
C GLN G 63 9.37 37.28 -6.07
N ASN G 64 9.00 38.23 -5.20
CA ASN G 64 9.94 39.22 -4.71
C ASN G 64 10.76 38.65 -3.56
N ALA G 65 11.60 39.49 -2.96
CA ALA G 65 12.48 39.03 -1.89
C ALA G 65 11.70 38.54 -0.69
N LEU G 66 10.60 39.23 -0.35
CA LEU G 66 9.80 38.82 0.80
C LEU G 66 9.19 37.45 0.58
N GLN G 67 8.63 37.20 -0.61
CA GLN G 67 8.03 35.90 -0.87
C GLN G 67 9.07 34.79 -0.88
N LEU G 68 10.25 35.06 -1.45
CA LEU G 68 11.31 34.06 -1.44
C LEU G 68 11.79 33.76 -0.03
N ALA G 69 11.95 34.81 0.80
CA ALA G 69 12.41 34.61 2.18
C ALA G 69 11.38 33.84 2.99
N VAL G 70 10.10 34.16 2.82
CA VAL G 70 9.05 33.46 3.55
C VAL G 70 8.97 32.01 3.09
N GLY G 71 9.06 31.77 1.79
CA GLY G 71 8.98 30.41 1.29
C GLY G 71 10.10 29.51 1.77
N ASN G 72 11.27 30.10 2.06
CA ASN G 72 12.42 29.36 2.55
C ASN G 72 12.58 29.47 4.07
N GLU G 73 11.58 30.00 4.76
CA GLU G 73 11.60 30.12 6.22
C GLU G 73 12.81 30.90 6.73
N HIS G 74 13.11 32.02 6.06
CA HIS G 74 14.19 32.90 6.49
C HIS G 74 13.57 34.02 7.33
N LEU G 75 13.42 33.75 8.64
CA LEU G 75 12.77 34.69 9.53
C LEU G 75 13.57 36.00 9.64
N GLU G 76 14.88 35.90 9.76
CA GLU G 76 15.70 37.10 9.91
C GLU G 76 15.66 37.96 8.66
N VAL G 77 15.70 37.35 7.48
CA VAL G 77 15.56 38.10 6.24
C VAL G 77 14.19 38.75 6.16
N THR G 78 13.15 38.02 6.56
CA THR G 78 11.80 38.57 6.57
C THR G 78 11.72 39.79 7.50
N GLU G 79 12.32 39.69 8.68
CA GLU G 79 12.31 40.82 9.62
C GLU G 79 13.04 42.03 9.04
N LEU G 80 14.17 41.79 8.37
CA LEU G 80 14.89 42.88 7.73
C LEU G 80 14.06 43.54 6.63
N LEU G 81 13.39 42.71 5.81
CA LEU G 81 12.60 43.25 4.72
C LEU G 81 11.37 44.01 5.21
N LEU G 82 10.76 43.56 6.31
CA LEU G 82 9.56 44.20 6.83
C LEU G 82 9.80 45.62 7.32
N LYS G 83 11.06 46.02 7.49
CA LYS G 83 11.38 47.40 7.87
C LYS G 83 11.37 48.35 6.69
N LYS G 84 11.18 47.86 5.47
CA LYS G 84 10.99 48.71 4.30
C LYS G 84 9.51 49.05 4.18
N GLU G 85 9.20 50.34 4.19
CA GLU G 85 7.80 50.77 4.11
C GLU G 85 7.19 50.39 2.76
N ASN G 86 7.94 50.55 1.68
CA ASN G 86 7.45 50.29 0.34
C ASN G 86 7.48 48.81 -0.03
N LEU G 87 7.74 47.92 0.93
CA LEU G 87 7.73 46.50 0.63
C LEU G 87 6.32 46.04 0.25
N ALA G 88 6.24 45.20 -0.77
CA ALA G 88 4.97 44.75 -1.32
C ALA G 88 4.75 43.28 -0.99
N ARG G 89 3.55 42.80 -1.35
CA ARG G 89 3.16 41.41 -1.18
C ARG G 89 3.21 40.97 0.29
N ILE G 90 2.84 41.89 1.19
CA ILE G 90 2.79 41.55 2.60
C ILE G 90 1.69 40.53 2.88
N GLY G 91 0.51 40.76 2.32
CA GLY G 91 -0.59 39.84 2.53
C GLY G 91 -0.33 38.46 1.96
N ASP G 92 0.23 38.40 0.76
CA ASP G 92 0.59 37.12 0.17
C ASP G 92 1.67 36.43 1.00
N ALA G 93 2.60 37.19 1.55
CA ALA G 93 3.63 36.61 2.41
C ALA G 93 3.00 35.99 3.65
N LEU G 94 2.01 36.65 4.25
CA LEU G 94 1.31 36.06 5.39
C LEU G 94 0.60 34.78 4.98
N LEU G 95 -0.07 34.78 3.83
CA LEU G 95 -0.77 33.58 3.39
C LEU G 95 0.20 32.44 3.13
N LEU G 96 1.33 32.73 2.49
CA LEU G 96 2.34 31.69 2.23
C LEU G 96 2.90 31.15 3.54
N ALA G 97 3.20 32.03 4.49
CA ALA G 97 3.73 31.58 5.78
C ALA G 97 2.70 30.74 6.52
N ILE G 98 1.42 31.13 6.47
CA ILE G 98 0.37 30.35 7.12
C ILE G 98 0.26 28.98 6.47
N SER G 99 0.29 28.94 5.13
CA SER G 99 0.17 27.67 4.43
C SER G 99 1.34 26.74 4.74
N LYS G 100 2.54 27.28 4.95
CA LYS G 100 3.70 26.49 5.30
C LYS G 100 3.85 26.30 6.81
N GLY G 101 3.00 26.92 7.61
CA GLY G 101 3.06 26.78 9.05
C GLY G 101 4.29 27.37 9.71
N TYR G 102 4.74 28.53 9.24
CA TYR G 102 5.91 29.21 9.81
C TYR G 102 5.41 30.21 10.84
N VAL G 103 5.32 29.76 12.09
CA VAL G 103 4.62 30.53 13.12
C VAL G 103 5.36 31.84 13.41
N ARG G 104 6.68 31.77 13.55
CA ARG G 104 7.44 32.98 13.87
C ARG G 104 7.37 34.00 12.75
N ILE G 105 7.45 33.54 11.50
CA ILE G 105 7.30 34.46 10.36
C ILE G 105 5.89 35.04 10.33
N VAL G 106 4.89 34.23 10.69
CA VAL G 106 3.52 34.74 10.79
C VAL G 106 3.44 35.84 11.84
N GLU G 107 4.10 35.65 12.99
CA GLU G 107 4.13 36.69 14.01
C GLU G 107 4.74 37.96 13.47
N ALA G 108 5.88 37.85 12.80
CA ALA G 108 6.56 39.04 12.28
C ALA G 108 5.70 39.77 11.26
N ILE G 109 5.05 39.03 10.36
CA ILE G 109 4.21 39.66 9.35
C ILE G 109 2.97 40.27 10.00
N LEU G 110 2.41 39.62 11.01
CA LEU G 110 1.25 40.17 11.71
C LEU G 110 1.59 41.43 12.48
N ASN G 111 2.87 41.67 12.76
CA ASN G 111 3.28 42.93 13.36
C ASN G 111 3.40 44.07 12.36
N HIS G 112 3.24 43.80 11.07
CA HIS G 112 3.31 44.83 10.06
C HIS G 112 2.16 45.81 10.22
N PRO G 113 2.37 47.10 9.89
CA PRO G 113 1.27 48.07 9.99
C PRO G 113 0.06 47.73 9.15
N GLY G 114 0.23 46.98 8.06
CA GLY G 114 -0.89 46.56 7.25
C GLY G 114 -1.84 45.60 7.95
N PHE G 115 -1.43 45.03 9.07
CA PHE G 115 -2.28 44.15 9.87
C PHE G 115 -2.57 44.71 11.25
N ALA G 116 -1.54 45.19 11.95
CA ALA G 116 -1.75 45.70 13.31
C ALA G 116 -2.59 46.97 13.31
N ALA G 117 -2.35 47.87 12.35
CA ALA G 117 -3.06 49.15 12.27
C ALA G 117 -4.29 49.08 11.37
N SER G 118 -4.91 47.92 11.24
CA SER G 118 -6.08 47.76 10.39
C SER G 118 -6.87 46.56 10.87
N LYS G 119 -8.11 46.45 10.38
CA LYS G 119 -9.00 45.34 10.70
C LYS G 119 -9.01 44.30 9.59
N ARG G 120 -7.86 44.08 8.94
CA ARG G 120 -7.80 43.16 7.82
C ARG G 120 -8.12 41.73 8.24
N LEU G 121 -7.63 41.30 9.41
CA LEU G 121 -7.84 39.93 9.85
C LEU G 121 -9.29 39.65 10.21
N THR G 122 -10.09 40.69 10.51
CA THR G 122 -11.49 40.53 10.87
C THR G 122 -12.42 40.76 9.69
N LEU G 123 -11.90 40.67 8.46
CA LEU G 123 -12.69 40.89 7.27
C LEU G 123 -13.19 39.56 6.72
N SER G 124 -14.49 39.48 6.44
CA SER G 124 -15.06 38.31 5.80
C SER G 124 -14.60 38.23 4.35
N PRO G 125 -14.66 37.05 3.74
CA PRO G 125 -14.29 36.95 2.31
C PRO G 125 -15.09 37.88 1.42
N CYS G 126 -16.39 38.04 1.68
CA CYS G 126 -17.18 39.01 0.93
C CYS G 126 -16.71 40.43 1.23
N GLU G 127 -16.45 40.73 2.50
CA GLU G 127 -15.99 42.07 2.87
C GLU G 127 -14.60 42.35 2.31
N GLN G 128 -13.70 41.37 2.36
CA GLN G 128 -12.36 41.58 1.82
C GLN G 128 -12.38 41.67 0.30
N GLU G 129 -13.39 41.07 -0.35
CA GLU G 129 -13.56 41.24 -1.78
C GLU G 129 -14.33 42.50 -2.15
N LEU G 130 -14.96 43.16 -1.17
CA LEU G 130 -15.71 44.38 -1.45
C LEU G 130 -14.79 45.49 -1.95
N GLN G 131 -13.63 45.66 -1.32
CA GLN G 131 -12.66 46.66 -1.73
C GLN G 131 -11.55 45.99 -2.53
N ASP G 132 -11.16 46.62 -3.64
CA ASP G 132 -10.15 46.06 -4.54
C ASP G 132 -8.78 46.69 -4.27
N ASP G 133 -8.27 46.43 -3.06
CA ASP G 133 -6.96 46.94 -2.68
C ASP G 133 -5.82 46.05 -3.17
N ASP G 134 -6.11 44.83 -3.62
CA ASP G 134 -5.09 43.87 -4.06
C ASP G 134 -4.04 43.65 -2.97
N PHE G 135 -4.51 43.61 -1.72
CA PHE G 135 -3.59 43.46 -0.60
C PHE G 135 -2.96 42.07 -0.56
N TYR G 136 -3.73 41.04 -0.88
CA TYR G 136 -3.27 39.66 -0.84
C TYR G 136 -2.78 39.16 -2.19
N ALA G 137 -2.75 40.01 -3.21
CA ALA G 137 -2.28 39.58 -4.53
C ALA G 137 -0.80 39.25 -4.49
N TYR G 138 -0.44 38.11 -5.07
CA TYR G 138 0.95 37.68 -5.14
C TYR G 138 1.65 38.15 -6.40
N ASP G 139 0.94 38.82 -7.30
CA ASP G 139 1.52 39.41 -8.50
C ASP G 139 0.54 40.46 -9.01
N GLU G 140 0.77 40.93 -10.24
CA GLU G 140 -0.10 41.94 -10.83
C GLU G 140 -1.46 41.41 -11.23
N ASP G 141 -1.67 40.09 -11.23
CA ASP G 141 -2.93 39.48 -11.67
C ASP G 141 -3.24 38.27 -10.79
N GLY G 142 -4.06 38.48 -9.77
CA GLY G 142 -4.57 37.38 -8.96
C GLY G 142 -3.78 37.17 -7.68
N THR G 143 -4.25 36.20 -6.91
CA THR G 143 -3.67 35.84 -5.63
C THR G 143 -3.13 34.42 -5.67
N ARG G 144 -2.28 34.10 -4.70
CA ARG G 144 -1.71 32.75 -4.63
C ARG G 144 -2.80 31.71 -4.39
N PHE G 145 -3.74 32.00 -3.50
CA PHE G 145 -4.88 31.14 -3.23
C PHE G 145 -6.15 31.81 -3.76
N SER G 146 -7.27 31.13 -3.56
CA SER G 146 -8.54 31.68 -3.99
C SER G 146 -8.83 32.97 -3.21
N PRO G 147 -9.43 33.97 -3.86
CA PRO G 147 -9.67 35.26 -3.16
C PRO G 147 -10.55 35.13 -1.93
N ASP G 148 -11.47 34.16 -1.91
CA ASP G 148 -12.34 33.97 -0.76
C ASP G 148 -11.63 33.35 0.43
N ILE G 149 -10.40 32.86 0.25
CA ILE G 149 -9.68 32.21 1.34
C ILE G 149 -9.03 33.30 2.20
N THR G 150 -9.52 33.46 3.42
CA THR G 150 -8.95 34.38 4.39
C THR G 150 -7.80 33.72 5.13
N PRO G 151 -6.98 34.50 5.84
CA PRO G 151 -5.92 33.87 6.65
C PRO G 151 -6.44 32.84 7.65
N ILE G 152 -7.59 33.08 8.28
CA ILE G 152 -8.12 32.11 9.23
C ILE G 152 -8.61 30.87 8.50
N ILE G 153 -9.24 31.04 7.34
CA ILE G 153 -9.68 29.89 6.55
C ILE G 153 -8.48 29.10 6.07
N LEU G 154 -7.43 29.78 5.61
CA LEU G 154 -6.23 29.09 5.17
C LEU G 154 -5.55 28.35 6.32
N ALA G 155 -5.52 28.96 7.50
CA ALA G 155 -4.93 28.30 8.67
C ALA G 155 -5.74 27.06 9.04
N ALA G 156 -7.06 27.14 8.96
CA ALA G 156 -7.89 25.97 9.22
C ALA G 156 -7.66 24.89 8.17
N HIS G 157 -7.50 25.28 6.90
CA HIS G 157 -7.26 24.31 5.84
C HIS G 157 -5.98 23.54 6.07
N CYS G 158 -4.93 24.21 6.53
CA CYS G 158 -3.63 23.59 6.74
C CYS G 158 -3.48 23.00 8.13
N GLN G 159 -4.52 23.04 8.96
CA GLN G 159 -4.51 22.45 10.29
C GLN G 159 -3.37 23.00 11.15
N LYS G 160 -3.14 24.30 11.05
CA LYS G 160 -2.11 24.97 11.85
C LYS G 160 -2.75 25.47 13.13
N TYR G 161 -2.65 24.64 14.18
CA TYR G 161 -3.37 24.94 15.43
C TYR G 161 -2.90 26.25 16.06
N GLU G 162 -1.58 26.45 16.12
CA GLU G 162 -1.05 27.68 16.70
C GLU G 162 -1.46 28.91 15.87
N VAL G 163 -1.42 28.79 14.55
CA VAL G 163 -1.82 29.90 13.69
C VAL G 163 -3.31 30.17 13.83
N VAL G 164 -4.11 29.10 13.90
CA VAL G 164 -5.56 29.27 14.08
C VAL G 164 -5.85 29.98 15.40
N HIS G 165 -5.18 29.56 16.47
CA HIS G 165 -5.37 30.21 17.77
C HIS G 165 -4.93 31.68 17.71
N MET G 166 -3.81 31.95 17.05
CA MET G 166 -3.32 33.32 16.92
C MET G 166 -4.35 34.20 16.21
N LEU G 167 -4.90 33.70 15.11
CA LEU G 167 -5.88 34.49 14.36
C LEU G 167 -7.19 34.63 15.12
N LEU G 168 -7.57 33.61 15.90
CA LEU G 168 -8.76 33.72 16.74
C LEU G 168 -8.58 34.80 17.81
N MET G 169 -7.38 34.89 18.38
CA MET G 169 -7.11 35.95 19.36
C MET G 169 -7.23 37.33 18.73
N LYS G 170 -6.94 37.45 17.44
CA LYS G 170 -7.03 38.72 16.74
C LYS G 170 -8.44 39.03 16.25
N GLY G 171 -9.40 38.14 16.49
CA GLY G 171 -10.77 38.37 16.09
C GLY G 171 -11.19 37.70 14.81
N ALA G 172 -10.29 36.99 14.13
CA ALA G 172 -10.64 36.33 12.88
C ALA G 172 -11.56 35.15 13.13
N ARG G 173 -12.65 35.07 12.36
CA ARG G 173 -13.58 33.98 12.42
C ARG G 173 -13.95 33.55 11.00
N ILE G 174 -14.37 32.30 10.86
CA ILE G 174 -14.85 31.79 9.59
C ILE G 174 -16.36 31.96 9.55
N GLU G 175 -16.84 32.76 8.61
CA GLU G 175 -18.27 33.00 8.49
C GLU G 175 -18.97 31.74 7.95
N ARG G 176 -20.04 31.35 8.60
CA ARG G 176 -20.80 30.19 8.15
C ARG G 176 -21.47 30.51 6.82
N PRO G 177 -21.30 29.67 5.80
CA PRO G 177 -21.98 29.93 4.53
C PRO G 177 -23.49 29.84 4.70
N HIS G 178 -24.21 30.64 3.91
CA HIS G 178 -25.65 30.61 3.94
C HIS G 178 -26.17 29.27 3.41
N ASP G 179 -27.47 29.06 3.60
CA ASP G 179 -28.10 27.85 3.07
C ASP G 179 -28.00 27.83 1.55
N TYR G 180 -27.96 26.61 0.99
CA TYR G 180 -27.87 26.49 -0.45
C TYR G 180 -29.06 27.12 -1.16
N PHE G 181 -30.22 27.15 -0.49
CA PHE G 181 -31.43 27.74 -1.03
C PHE G 181 -31.72 29.11 -0.43
N CYS G 182 -30.70 29.77 0.14
CA CYS G 182 -30.89 31.10 0.68
C CYS G 182 -31.23 32.09 -0.43
N LYS G 183 -32.19 32.97 -0.17
CA LYS G 183 -32.67 33.93 -1.15
C LYS G 183 -32.21 35.35 -0.84
N CYS G 184 -31.20 35.52 -0.01
CA CYS G 184 -30.70 36.85 0.30
C CYS G 184 -30.04 37.47 -0.93
N GLY G 185 -29.96 38.80 -0.92
CA GLY G 185 -29.45 39.51 -2.09
C GLY G 185 -28.03 39.14 -2.44
N ASP G 186 -27.17 38.96 -1.42
CA ASP G 186 -25.79 38.60 -1.68
C ASP G 186 -25.67 37.24 -2.35
N CYS G 187 -26.44 36.26 -1.88
CA CYS G 187 -26.39 34.92 -2.47
C CYS G 187 -26.88 34.92 -3.91
N MET G 188 -27.99 35.63 -4.18
CA MET G 188 -28.50 35.69 -5.54
C MET G 188 -27.52 36.42 -6.46
N GLU G 189 -26.91 37.51 -5.99
CA GLU G 189 -25.95 38.23 -6.82
C GLU G 189 -24.71 37.38 -7.09
N LYS G 190 -24.28 36.59 -6.11
CA LYS G 190 -23.13 35.72 -6.32
C LYS G 190 -23.46 34.59 -7.29
N GLN G 191 -24.66 34.01 -7.16
CA GLN G 191 -25.06 32.94 -8.06
C GLN G 191 -25.22 33.45 -9.49
N ARG G 192 -25.80 34.63 -9.67
CA ARG G 192 -26.00 35.18 -11.01
C ARG G 192 -24.70 35.71 -11.62
N HIS G 193 -23.72 36.09 -10.80
CA HIS G 193 -22.45 36.55 -11.35
C HIS G 193 -21.55 35.38 -11.71
N ASP G 194 -21.27 34.50 -10.74
CA ASP G 194 -20.41 33.34 -10.97
C ASP G 194 -20.87 32.24 -10.03
N SER G 195 -21.70 31.32 -10.55
CA SER G 195 -22.18 30.21 -9.74
C SER G 195 -21.03 29.28 -9.35
N PHE G 196 -20.09 29.04 -10.26
CA PHE G 196 -18.96 28.17 -9.95
C PHE G 196 -18.10 28.77 -8.84
N SER G 197 -17.83 30.08 -8.91
CA SER G 197 -17.06 30.73 -7.86
C SER G 197 -17.81 30.70 -6.54
N HIS G 198 -19.14 30.87 -6.58
CA HIS G 198 -19.94 30.78 -5.35
C HIS G 198 -19.83 29.40 -4.73
N SER G 199 -19.92 28.34 -5.55
CA SER G 199 -19.80 26.99 -5.03
C SER G 199 -18.41 26.74 -4.45
N ARG G 200 -17.36 27.20 -5.15
CA ARG G 200 -16.00 27.01 -4.66
C ARG G 200 -15.78 27.77 -3.34
N SER G 201 -16.31 28.98 -3.25
CA SER G 201 -16.17 29.74 -2.01
C SER G 201 -16.89 29.07 -0.86
N ARG G 202 -18.08 28.53 -1.11
CA ARG G 202 -18.80 27.80 -0.07
C ARG G 202 -18.02 26.56 0.36
N ILE G 203 -17.44 25.84 -0.59
CA ILE G 203 -16.65 24.65 -0.26
C ILE G 203 -15.44 25.04 0.58
N ASN G 204 -14.76 26.13 0.22
CA ASN G 204 -13.59 26.56 0.97
C ASN G 204 -13.96 26.95 2.39
N ALA G 205 -15.07 27.68 2.56
CA ALA G 205 -15.51 28.06 3.90
C ALA G 205 -15.85 26.84 4.73
N TYR G 206 -16.55 25.87 4.14
CA TYR G 206 -16.89 24.65 4.88
C TYR G 206 -15.66 23.81 5.17
N LYS G 207 -14.67 23.81 4.27
CA LYS G 207 -13.42 23.11 4.54
C LYS G 207 -12.71 23.72 5.74
N GLY G 208 -12.77 25.04 5.87
CA GLY G 208 -12.24 25.67 7.07
C GLY G 208 -13.04 25.31 8.31
N LEU G 209 -14.36 25.32 8.21
CA LEU G 209 -15.21 24.99 9.36
C LEU G 209 -15.05 23.54 9.78
N ALA G 210 -14.98 22.62 8.80
CA ALA G 210 -14.83 21.20 9.10
C ALA G 210 -13.44 20.84 9.60
N SER G 211 -12.49 21.76 9.58
CA SER G 211 -11.15 21.48 10.04
C SER G 211 -11.16 21.18 11.54
N PRO G 212 -10.52 20.10 11.98
CA PRO G 212 -10.46 19.83 13.43
C PRO G 212 -9.79 20.93 14.23
N ALA G 213 -8.82 21.64 13.64
CA ALA G 213 -8.17 22.74 14.35
C ALA G 213 -9.17 23.85 14.66
N TYR G 214 -9.91 24.30 13.65
CA TYR G 214 -10.91 25.33 13.87
C TYR G 214 -12.05 24.83 14.76
N LEU G 215 -12.46 23.57 14.56
CA LEU G 215 -13.53 23.01 15.37
C LEU G 215 -13.16 22.98 16.85
N SER G 216 -11.92 22.57 17.15
CA SER G 216 -11.51 22.44 18.54
C SER G 216 -11.23 23.79 19.19
N LEU G 217 -10.78 24.79 18.40
CA LEU G 217 -10.35 26.05 18.97
C LEU G 217 -11.40 27.16 18.91
N SER G 218 -12.49 26.97 18.15
CA SER G 218 -13.46 28.04 17.98
C SER G 218 -14.82 27.76 18.60
N SER G 219 -15.15 26.51 18.90
CA SER G 219 -16.45 26.14 19.43
C SER G 219 -16.33 25.75 20.90
N GLU G 220 -17.24 26.28 21.72
CA GLU G 220 -17.29 25.89 23.13
C GLU G 220 -17.70 24.44 23.29
N ASP G 221 -18.46 23.90 22.34
CA ASP G 221 -18.86 22.49 22.32
C ASP G 221 -18.48 21.93 20.97
N PRO G 222 -17.19 21.60 20.77
CA PRO G 222 -16.75 21.15 19.45
C PRO G 222 -17.42 19.86 18.99
N VAL G 223 -17.77 18.96 19.91
CA VAL G 223 -18.39 17.70 19.51
C VAL G 223 -19.76 17.95 18.88
N LEU G 224 -20.59 18.76 19.54
CA LEU G 224 -21.90 19.07 18.98
C LEU G 224 -21.78 19.85 17.68
N THR G 225 -20.86 20.80 17.62
CA THR G 225 -20.65 21.58 16.40
C THR G 225 -20.24 20.68 15.24
N ALA G 226 -19.33 19.74 15.50
CA ALA G 226 -18.88 18.85 14.44
C ALA G 226 -19.98 17.89 14.00
N LEU G 227 -20.82 17.44 14.94
CA LEU G 227 -21.93 16.56 14.57
C LEU G 227 -22.91 17.28 13.67
N GLU G 228 -23.32 18.50 14.04
CA GLU G 228 -24.23 19.28 13.20
C GLU G 228 -23.58 19.60 11.86
N LEU G 229 -22.29 19.94 11.87
CA LEU G 229 -21.60 20.25 10.62
C LEU G 229 -21.52 19.04 9.71
N SER G 230 -21.30 17.86 10.29
CA SER G 230 -21.26 16.64 9.50
C SER G 230 -22.61 16.38 8.82
N ASN G 231 -23.70 16.57 9.56
CA ASN G 231 -25.03 16.39 8.97
C ASN G 231 -25.27 17.40 7.86
N GLU G 232 -24.90 18.66 8.09
CA GLU G 232 -25.10 19.69 7.08
C GLU G 232 -24.27 19.40 5.83
N LEU G 233 -23.03 18.95 6.01
CA LEU G 233 -22.17 18.65 4.87
C LEU G 233 -22.70 17.45 4.08
N ALA G 234 -23.24 16.44 4.78
CA ALA G 234 -23.84 15.31 4.08
C ALA G 234 -25.04 15.75 3.25
N LYS G 235 -25.87 16.64 3.81
CA LYS G 235 -27.00 17.16 3.06
C LYS G 235 -26.53 17.94 1.83
N LEU G 236 -25.49 18.75 1.99
CA LEU G 236 -24.96 19.52 0.87
C LEU G 236 -24.36 18.58 -0.20
N ALA G 237 -23.75 17.47 0.23
CA ALA G 237 -23.28 16.49 -0.72
C ALA G 237 -24.43 15.91 -1.53
N ASN G 238 -25.58 15.70 -0.88
CA ASN G 238 -26.77 15.26 -1.60
C ASN G 238 -27.26 16.32 -2.58
N ILE G 239 -27.16 17.59 -2.19
CA ILE G 239 -27.68 18.67 -3.04
C ILE G 239 -26.71 19.00 -4.16
N GLU G 240 -25.50 19.44 -3.80
CA GLU G 240 -24.49 19.82 -4.79
C GLU G 240 -23.82 18.55 -5.29
N LYS G 241 -24.38 18.00 -6.36
CA LYS G 241 -23.95 16.68 -6.84
C LYS G 241 -22.57 16.75 -7.50
N GLU G 242 -22.26 17.85 -8.20
CA GLU G 242 -20.98 17.94 -8.89
C GLU G 242 -19.81 17.91 -7.92
N PHE G 243 -19.92 18.61 -6.79
CA PHE G 243 -18.89 18.63 -5.76
C PHE G 243 -19.23 17.70 -4.61
N LYS G 244 -19.86 16.56 -4.89
CA LYS G 244 -20.29 15.64 -3.85
C LYS G 244 -19.10 15.08 -3.08
N ASN G 245 -18.01 14.74 -3.79
CA ASN G 245 -16.87 14.11 -3.14
C ASN G 245 -16.25 15.03 -2.10
N ASP G 246 -16.14 16.32 -2.40
CA ASP G 246 -15.57 17.27 -1.45
C ASP G 246 -16.41 17.36 -0.18
N TYR G 247 -17.74 17.44 -0.33
CA TYR G 247 -18.61 17.55 0.82
C TYR G 247 -18.60 16.27 1.66
N ARG G 248 -18.55 15.11 1.01
CA ARG G 248 -18.43 13.86 1.76
C ARG G 248 -17.10 13.80 2.52
N LYS G 249 -16.02 14.26 1.89
CA LYS G 249 -14.74 14.29 2.59
C LYS G 249 -14.79 15.17 3.83
N LEU G 250 -15.42 16.34 3.72
CA LEU G 250 -15.55 17.22 4.87
C LEU G 250 -16.43 16.60 5.95
N SER G 251 -17.51 15.92 5.55
CA SER G 251 -18.37 15.25 6.52
C SER G 251 -17.62 14.15 7.25
N MET G 252 -16.81 13.37 6.52
CA MET G 252 -15.98 12.37 7.17
C MET G 252 -14.95 13.00 8.10
N GLN G 253 -14.47 14.21 7.76
CA GLN G 253 -13.55 14.91 8.65
C GLN G 253 -14.21 15.23 9.98
N CYS G 254 -15.44 15.73 9.93
CA CYS G 254 -16.17 16.03 11.17
C CYS G 254 -16.41 14.76 11.99
N LYS G 255 -16.79 13.67 11.31
CA LYS G 255 -17.00 12.41 12.03
C LYS G 255 -15.71 11.91 12.65
N ASP G 256 -14.59 12.03 11.94
CA ASP G 256 -13.31 11.63 12.50
C ASP G 256 -12.95 12.48 13.71
N PHE G 257 -13.32 13.76 13.69
CA PHE G 257 -13.04 14.63 14.83
C PHE G 257 -13.77 14.16 16.08
N VAL G 258 -15.08 13.90 15.97
CA VAL G 258 -15.83 13.48 17.15
C VAL G 258 -15.36 12.10 17.62
N VAL G 259 -14.99 11.23 16.68
CA VAL G 259 -14.48 9.91 17.07
C VAL G 259 -13.17 10.05 17.82
N GLY G 260 -12.28 10.93 17.37
CA GLY G 260 -11.02 11.14 18.08
C GLY G 260 -11.23 11.71 19.48
N VAL G 261 -12.18 12.64 19.62
CA VAL G 261 -12.46 13.21 20.93
C VAL G 261 -12.97 12.14 21.87
N LEU G 262 -13.88 11.28 21.40
CA LEU G 262 -14.35 10.18 22.23
C LEU G 262 -13.24 9.19 22.52
N ASP G 263 -12.34 8.99 21.56
CA ASP G 263 -11.23 8.06 21.74
C ASP G 263 -10.28 8.52 22.84
N LEU G 264 -10.24 9.81 23.12
CA LEU G 264 -9.33 10.35 24.13
C LEU G 264 -9.90 10.36 25.54
N CYS G 265 -11.12 9.87 25.74
CA CYS G 265 -11.70 9.82 27.07
C CYS G 265 -10.98 8.77 27.92
N ARG G 266 -10.79 9.09 29.20
CA ARG G 266 -10.03 8.24 30.11
C ARG G 266 -10.88 7.64 31.22
N ASP G 267 -11.76 8.43 31.84
CA ASP G 267 -12.62 7.95 32.91
C ASP G 267 -14.08 8.02 32.48
N SER G 268 -14.96 7.59 33.39
CA SER G 268 -16.39 7.55 33.07
C SER G 268 -16.96 8.96 32.93
N GLU G 269 -16.46 9.93 33.69
CA GLU G 269 -17.00 11.28 33.62
C GLU G 269 -16.82 11.89 32.24
N GLU G 270 -15.63 11.73 31.64
CA GLU G 270 -15.40 12.24 30.30
C GLU G 270 -16.29 11.53 29.28
N VAL G 271 -16.45 10.21 29.43
CA VAL G 271 -17.32 9.46 28.52
C VAL G 271 -18.76 9.95 28.64
N GLU G 272 -19.24 10.17 29.86
CA GLU G 272 -20.60 10.65 30.04
C GLU G 272 -20.77 12.05 29.45
N ALA G 273 -19.77 12.91 29.60
CA ALA G 273 -19.83 14.24 29.02
C ALA G 273 -19.92 14.18 27.50
N ILE G 274 -19.13 13.29 26.89
CA ILE G 274 -19.14 13.17 25.43
C ILE G 274 -20.44 12.55 24.94
N LEU G 275 -20.92 11.49 25.61
CA LEU G 275 -22.07 10.74 25.12
C LEU G 275 -23.39 11.43 25.44
N ASN G 276 -23.47 12.19 26.53
CA ASN G 276 -24.72 12.79 26.95
C ASN G 276 -24.83 14.28 26.67
N GLY G 277 -23.70 14.98 26.48
CA GLY G 277 -23.71 16.39 26.18
C GLY G 277 -23.72 17.30 27.38
N ASP G 278 -23.84 16.77 28.59
CA ASP G 278 -23.78 17.56 29.81
C ASP G 278 -23.61 16.60 30.99
N LEU G 279 -23.47 17.17 32.18
CA LEU G 279 -23.29 16.37 33.39
C LEU G 279 -24.52 16.48 34.30
N ALA G 292 -28.47 9.38 32.05
CA ALA G 292 -27.98 8.70 30.86
C ALA G 292 -28.90 8.95 29.67
N SER G 293 -29.00 10.21 29.26
CA SER G 293 -29.85 10.55 28.12
C SER G 293 -29.26 10.03 26.81
N LEU G 294 -27.94 9.97 26.70
CA LEU G 294 -27.25 9.54 25.48
C LEU G 294 -27.70 10.36 24.28
N SER G 295 -27.87 11.67 24.49
CA SER G 295 -28.33 12.55 23.43
C SER G 295 -27.35 12.59 22.27
N ARG G 296 -26.04 12.63 22.57
CA ARG G 296 -25.05 12.65 21.51
C ARG G 296 -24.97 11.30 20.80
N VAL G 297 -25.19 10.20 21.53
CA VAL G 297 -25.24 8.88 20.89
C VAL G 297 -26.43 8.80 19.92
N LYS G 298 -27.59 9.30 20.35
CA LYS G 298 -28.76 9.32 19.48
C LYS G 298 -28.52 10.22 18.28
N LEU G 299 -27.88 11.36 18.49
CA LEU G 299 -27.56 12.25 17.38
C LEU G 299 -26.59 11.60 16.40
N ALA G 300 -25.60 10.86 16.92
CA ALA G 300 -24.67 10.15 16.06
C ALA G 300 -25.38 9.06 15.25
N ILE G 301 -26.34 8.38 15.87
CA ILE G 301 -27.14 7.39 15.15
C ILE G 301 -27.96 8.06 14.06
N LYS G 302 -28.60 9.19 14.40
CA LYS G 302 -29.39 9.92 13.41
C LYS G 302 -28.53 10.43 12.26
N TYR G 303 -27.34 10.93 12.59
CA TYR G 303 -26.42 11.44 11.59
C TYR G 303 -25.50 10.37 11.02
N GLU G 304 -25.71 9.11 11.41
CA GLU G 304 -25.00 7.97 10.87
C GLU G 304 -23.49 8.08 11.12
N VAL G 305 -23.12 8.56 12.30
CA VAL G 305 -21.72 8.60 12.73
C VAL G 305 -21.45 7.24 13.37
N LYS G 306 -21.14 6.25 12.52
CA LYS G 306 -21.08 4.87 12.99
C LYS G 306 -19.88 4.63 13.89
N LYS G 307 -18.71 5.16 13.53
CA LYS G 307 -17.51 4.94 14.34
C LYS G 307 -17.61 5.59 15.72
N PHE G 308 -18.48 6.58 15.89
CA PHE G 308 -18.69 7.17 17.21
C PHE G 308 -19.39 6.20 18.15
N VAL G 309 -20.47 5.57 17.67
CA VAL G 309 -21.21 4.65 18.53
C VAL G 309 -20.53 3.28 18.56
N ALA G 310 -19.77 2.93 17.53
CA ALA G 310 -19.06 1.66 17.50
C ALA G 310 -17.74 1.71 18.25
N HIS G 311 -17.32 2.87 18.72
CA HIS G 311 -16.08 2.98 19.47
C HIS G 311 -16.23 2.23 20.80
N PRO G 312 -15.18 1.54 21.26
CA PRO G 312 -15.29 0.80 22.53
C PRO G 312 -15.63 1.70 23.72
N ASN G 313 -15.21 2.96 23.70
CA ASN G 313 -15.54 3.86 24.80
C ASN G 313 -17.05 4.07 24.91
N CYS G 314 -17.73 4.22 23.77
CA CYS G 314 -19.18 4.31 23.78
C CYS G 314 -19.82 2.95 23.99
N GLN G 315 -19.20 1.89 23.46
CA GLN G 315 -19.77 0.56 23.55
C GLN G 315 -19.85 0.07 24.99
N GLN G 316 -18.81 0.34 25.79
CA GLN G 316 -18.80 -0.14 27.17
C GLN G 316 -19.91 0.52 27.99
N GLN G 317 -20.16 1.81 27.76
CA GLN G 317 -21.28 2.47 28.43
C GLN G 317 -22.61 1.90 27.97
N LEU G 318 -22.72 1.62 26.67
CA LEU G 318 -23.94 1.00 26.15
C LEU G 318 -24.16 -0.37 26.77
N LEU G 319 -23.09 -1.15 26.96
CA LEU G 319 -23.20 -2.44 27.62
C LEU G 319 -23.64 -2.28 29.08
N THR G 320 -23.12 -1.25 29.76
CA THR G 320 -23.50 -1.01 31.14
C THR G 320 -24.99 -0.75 31.27
N ILE G 321 -25.54 0.07 30.37
CA ILE G 321 -26.98 0.31 30.38
C ILE G 321 -27.73 -0.95 29.92
N TRP G 322 -27.15 -1.67 28.96
CA TRP G 322 -27.79 -2.86 28.42
C TRP G 322 -27.98 -3.94 29.48
N TYR G 323 -26.96 -4.16 30.30
CA TYR G 323 -26.98 -5.20 31.33
C TYR G 323 -27.27 -4.62 32.72
N GLU G 324 -28.07 -3.57 32.79
CA GLU G 324 -28.41 -2.99 34.09
C GLU G 324 -29.18 -3.99 34.94
N ASN G 325 -28.88 -3.99 36.24
CA ASN G 325 -29.50 -4.90 37.22
C ASN G 325 -29.25 -6.38 36.89
N LEU G 326 -28.25 -6.66 36.06
CA LEU G 326 -27.85 -8.03 35.72
C LEU G 326 -26.36 -8.19 35.83
N SER G 327 -25.79 -7.73 36.94
CA SER G 327 -24.36 -7.88 37.18
C SER G 327 -24.04 -9.36 37.38
N GLY G 328 -23.29 -9.93 36.45
CA GLY G 328 -22.99 -11.35 36.49
C GLY G 328 -23.52 -12.07 35.28
N LEU G 329 -24.73 -11.72 34.84
CA LEU G 329 -25.29 -12.31 33.62
C LEU G 329 -24.50 -11.89 32.38
N ARG G 330 -23.84 -10.74 32.43
CA ARG G 330 -23.05 -10.27 31.30
C ARG G 330 -21.90 -11.22 30.99
N GLU G 331 -21.23 -11.72 32.03
CA GLU G 331 -20.07 -12.58 31.86
C GLU G 331 -20.41 -14.01 31.45
N GLN G 332 -21.69 -14.38 31.48
CA GLN G 332 -22.07 -15.74 31.11
C GLN G 332 -21.90 -15.97 29.62
N THR G 333 -21.82 -17.24 29.23
CA THR G 333 -21.60 -17.62 27.85
C THR G 333 -22.88 -17.47 27.04
N ILE G 334 -22.77 -17.74 25.73
CA ILE G 334 -23.93 -17.66 24.85
C ILE G 334 -24.93 -18.75 25.19
N ALA G 335 -24.46 -19.94 25.58
CA ALA G 335 -25.37 -21.03 25.92
C ALA G 335 -26.23 -20.67 27.12
N ILE G 336 -25.64 -20.03 28.12
CA ILE G 336 -26.42 -19.63 29.30
C ILE G 336 -27.49 -18.62 28.91
N LYS G 337 -27.14 -17.65 28.07
CA LYS G 337 -28.12 -16.65 27.63
C LYS G 337 -29.22 -17.30 26.80
N CYS G 338 -28.88 -18.28 25.96
CA CYS G 338 -29.90 -18.99 25.19
C CYS G 338 -30.82 -19.76 26.12
N LEU G 339 -30.28 -20.40 27.15
CA LEU G 339 -31.11 -21.09 28.13
C LEU G 339 -32.02 -20.09 28.87
N VAL G 340 -31.49 -18.90 29.15
CA VAL G 340 -32.30 -17.86 29.79
C VAL G 340 -33.47 -17.48 28.89
N VAL G 341 -33.20 -17.32 27.59
CA VAL G 341 -34.27 -17.02 26.65
C VAL G 341 -35.30 -18.15 26.62
N LEU G 342 -34.83 -19.39 26.64
CA LEU G 342 -35.75 -20.53 26.58
C LEU G 342 -36.64 -20.58 27.82
N VAL G 343 -36.06 -20.40 29.01
CA VAL G 343 -36.86 -20.47 30.23
C VAL G 343 -37.78 -19.25 30.34
N VAL G 344 -37.36 -18.10 29.79
CA VAL G 344 -38.26 -16.95 29.74
C VAL G 344 -39.45 -17.26 28.84
N ALA G 345 -39.21 -17.89 27.70
CA ALA G 345 -40.31 -18.27 26.81
C ALA G 345 -41.26 -19.25 27.50
N LEU G 346 -40.70 -20.24 28.22
CA LEU G 346 -41.55 -21.20 28.92
C LEU G 346 -42.35 -20.53 30.02
N GLY G 347 -41.74 -19.62 30.76
CA GLY G 347 -42.40 -18.97 31.87
C GLY G 347 -42.84 -17.55 31.61
N LEU G 348 -43.07 -17.21 30.34
CA LEU G 348 -43.49 -15.85 30.01
C LEU G 348 -44.81 -15.44 30.66
N PRO G 349 -45.88 -16.25 30.62
CA PRO G 349 -47.10 -15.84 31.35
C PRO G 349 -46.87 -15.64 32.84
N PHE G 350 -46.03 -16.48 33.45
CA PHE G 350 -45.74 -16.31 34.88
C PHE G 350 -44.99 -15.00 35.13
N LEU G 351 -44.04 -14.66 34.27
CA LEU G 351 -43.32 -13.40 34.41
C LEU G 351 -44.25 -12.21 34.22
N ALA G 352 -45.17 -12.30 33.26
CA ALA G 352 -46.12 -11.22 33.05
C ALA G 352 -47.03 -11.04 34.26
N ILE G 353 -47.51 -12.15 34.83
CA ILE G 353 -48.36 -12.07 36.02
C ILE G 353 -47.58 -11.47 37.18
N GLY G 354 -46.34 -11.92 37.39
CA GLY G 354 -45.53 -11.37 38.47
C GLY G 354 -45.24 -9.89 38.29
N TYR G 355 -44.99 -9.46 37.06
CA TYR G 355 -44.78 -8.04 36.80
C TYR G 355 -46.04 -7.24 37.06
N TRP G 356 -47.20 -7.78 36.70
CA TRP G 356 -48.46 -7.07 36.94
C TRP G 356 -48.75 -6.92 38.42
N ILE G 357 -48.62 -8.01 39.18
CA ILE G 357 -48.94 -7.95 40.60
C ILE G 357 -47.90 -7.14 41.37
N ALA G 358 -46.63 -7.28 41.01
CA ALA G 358 -45.53 -6.64 41.72
C ALA G 358 -44.64 -5.90 40.72
N PRO G 359 -45.08 -4.73 40.25
CA PRO G 359 -44.23 -3.95 39.34
C PRO G 359 -42.90 -3.53 39.96
N CYS G 360 -42.87 -3.27 41.26
CA CYS G 360 -41.66 -2.82 41.95
C CYS G 360 -41.19 -3.95 42.87
N SER G 361 -40.23 -4.73 42.39
CA SER G 361 -39.66 -5.85 43.15
C SER G 361 -38.39 -6.27 42.42
N ARG G 362 -37.78 -7.36 42.90
CA ARG G 362 -36.61 -7.90 42.20
C ARG G 362 -36.97 -8.37 40.81
N LEU G 363 -38.13 -9.03 40.67
CA LEU G 363 -38.58 -9.45 39.34
C LEU G 363 -38.85 -8.25 38.44
N GLY G 364 -39.48 -7.21 38.98
CA GLY G 364 -39.73 -6.01 38.19
C GLY G 364 -38.44 -5.30 37.79
N LYS G 365 -37.47 -5.24 38.72
CA LYS G 365 -36.19 -4.62 38.41
C LYS G 365 -35.46 -5.39 37.32
N ILE G 366 -35.48 -6.73 37.39
CA ILE G 366 -34.83 -7.55 36.38
C ILE G 366 -35.53 -7.38 35.03
N LEU G 367 -36.86 -7.40 35.02
CA LEU G 367 -37.61 -7.32 33.76
C LEU G 367 -37.39 -5.99 33.06
N ARG G 368 -37.23 -4.90 33.82
CA ARG G 368 -37.02 -3.59 33.22
C ARG G 368 -35.64 -3.43 32.58
N SER G 369 -34.74 -4.37 32.79
CA SER G 369 -33.42 -4.31 32.16
C SER G 369 -33.57 -4.41 30.65
N PRO G 370 -32.89 -3.56 29.88
CA PRO G 370 -33.06 -3.60 28.41
C PRO G 370 -32.74 -4.95 27.80
N PHE G 371 -31.72 -5.64 28.32
CA PHE G 371 -31.43 -6.98 27.84
C PHE G 371 -32.57 -7.93 28.12
N MET G 372 -33.18 -7.82 29.31
CA MET G 372 -34.31 -8.69 29.64
C MET G 372 -35.54 -8.35 28.81
N LYS G 373 -35.77 -7.07 28.53
CA LYS G 373 -36.87 -6.70 27.65
C LYS G 373 -36.68 -7.26 26.25
N PHE G 374 -35.46 -7.17 25.73
CA PHE G 374 -35.16 -7.74 24.42
C PHE G 374 -35.31 -9.27 24.44
N VAL G 375 -34.87 -9.90 25.52
CA VAL G 375 -35.02 -11.35 25.65
C VAL G 375 -36.49 -11.73 25.68
N ALA G 376 -37.30 -10.98 26.42
CA ALA G 376 -38.73 -11.25 26.48
C ALA G 376 -39.39 -11.08 25.13
N HIS G 377 -39.01 -10.03 24.38
CA HIS G 377 -39.58 -9.82 23.06
C HIS G 377 -39.20 -10.95 22.11
N ALA G 378 -37.92 -11.36 22.13
CA ALA G 378 -37.49 -12.48 21.29
C ALA G 378 -38.21 -13.76 21.67
N ALA G 379 -38.32 -14.03 22.97
CA ALA G 379 -39.02 -15.23 23.42
C ALA G 379 -40.49 -15.21 23.01
N SER G 380 -41.13 -14.04 23.10
CA SER G 380 -42.52 -13.93 22.70
C SER G 380 -42.69 -14.24 21.22
N PHE G 381 -41.79 -13.75 20.37
CA PHE G 381 -41.90 -14.06 18.96
C PHE G 381 -41.58 -15.52 18.67
N ILE G 382 -40.66 -16.12 19.42
CA ILE G 382 -40.42 -17.56 19.26
C ILE G 382 -41.66 -18.35 19.63
N ILE G 383 -42.38 -17.91 20.66
CA ILE G 383 -43.65 -18.55 21.00
C ILE G 383 -44.65 -18.38 19.87
N PHE G 384 -44.66 -17.21 19.24
CA PHE G 384 -45.55 -16.99 18.10
C PHE G 384 -45.23 -17.91 16.94
N LEU G 385 -43.94 -18.08 16.63
CA LEU G 385 -43.54 -19.00 15.57
C LEU G 385 -43.90 -20.43 15.92
N GLY G 386 -43.68 -20.82 17.18
CA GLY G 386 -44.10 -22.14 17.61
C GLY G 386 -45.60 -22.34 17.52
N LEU G 387 -46.37 -21.28 17.78
CA LEU G 387 -47.81 -21.35 17.62
C LEU G 387 -48.20 -21.58 16.17
N LEU G 388 -47.53 -20.89 15.25
CA LEU G 388 -47.81 -21.10 13.83
C LEU G 388 -47.48 -22.53 13.41
N VAL G 389 -46.36 -23.08 13.89
CA VAL G 389 -46.02 -24.46 13.57
C VAL G 389 -47.01 -25.43 14.20
N PHE G 390 -47.37 -25.20 15.46
CA PHE G 390 -48.30 -26.09 16.14
C PHE G 390 -49.69 -26.04 15.52
N ASN G 391 -50.05 -24.91 14.90
CA ASN G 391 -51.35 -24.82 14.24
C ASN G 391 -51.45 -25.78 13.06
N ALA G 392 -50.34 -26.03 12.36
CA ALA G 392 -50.30 -26.96 11.26
C ALA G 392 -49.75 -28.33 11.66
N SER G 393 -49.48 -28.54 12.95
CA SER G 393 -48.94 -29.82 13.41
C SER G 393 -49.84 -31.00 13.09
N ASP G 394 -51.15 -30.77 12.90
CA ASP G 394 -52.05 -31.86 12.60
C ASP G 394 -51.79 -32.45 11.21
N ARG G 395 -51.24 -31.66 10.29
CA ARG G 395 -50.99 -32.08 8.93
C ARG G 395 -49.53 -32.41 8.66
N PHE G 396 -48.74 -32.62 9.72
CA PHE G 396 -47.29 -32.77 9.55
C PHE G 396 -46.96 -33.96 8.65
N GLU G 397 -47.62 -35.09 8.86
CA GLU G 397 -47.42 -36.26 8.03
C GLU G 397 -48.38 -36.31 6.85
N GLY G 398 -49.19 -35.29 6.67
CA GLY G 398 -50.14 -35.22 5.59
C GLY G 398 -51.56 -35.45 6.07
N ILE G 399 -52.51 -34.92 5.32
CA ILE G 399 -53.92 -35.09 5.65
C ILE G 399 -54.33 -36.55 5.44
N THR G 400 -55.13 -37.07 6.35
CA THR G 400 -55.56 -38.46 6.30
C THR G 400 -56.78 -38.67 5.42
N THR G 401 -57.37 -37.60 4.89
CA THR G 401 -58.55 -37.70 4.03
C THR G 401 -58.27 -37.00 2.71
N LEU G 402 -58.86 -37.55 1.65
CA LEU G 402 -58.69 -36.99 0.32
C LEU G 402 -59.37 -35.62 0.22
N PRO G 403 -58.82 -34.70 -0.57
CA PRO G 403 -59.41 -33.36 -0.67
C PRO G 403 -60.82 -33.35 -1.26
N ASN G 404 -61.22 -34.38 -1.99
CA ASN G 404 -62.54 -34.44 -2.59
C ASN G 404 -63.57 -35.16 -1.72
N ILE G 405 -63.20 -35.55 -0.51
CA ILE G 405 -64.08 -36.28 0.40
C ILE G 405 -64.35 -35.41 1.61
N THR G 406 -65.63 -35.29 1.98
CA THR G 406 -66.05 -34.50 3.13
C THR G 406 -66.22 -35.42 4.34
N VAL G 407 -65.51 -35.13 5.41
CA VAL G 407 -65.63 -35.85 6.68
C VAL G 407 -66.05 -34.86 7.74
N THR G 408 -67.13 -35.20 8.46
CA THR G 408 -67.68 -34.33 9.50
C THR G 408 -67.83 -35.11 10.80
N ASP G 409 -68.32 -34.43 11.83
CA ASP G 409 -68.51 -35.05 13.14
C ASP G 409 -69.91 -35.64 13.27
N TYR G 410 -70.94 -34.80 13.13
CA TYR G 410 -72.31 -35.28 13.17
C TYR G 410 -72.97 -35.09 11.81
N PRO G 411 -73.97 -35.93 11.46
CA PRO G 411 -74.56 -35.85 10.13
C PRO G 411 -75.17 -34.50 9.79
N LYS G 412 -75.67 -33.77 10.79
CA LYS G 412 -76.30 -32.48 10.56
C LYS G 412 -75.31 -31.33 10.58
N GLN G 413 -74.03 -31.59 10.31
CA GLN G 413 -73.00 -30.57 10.35
C GLN G 413 -72.64 -30.12 8.94
N ILE G 414 -72.53 -28.80 8.76
CA ILE G 414 -72.03 -28.26 7.51
C ILE G 414 -70.52 -28.46 7.45
N PHE G 415 -70.03 -28.96 6.31
CA PHE G 415 -68.61 -29.24 6.18
C PHE G 415 -67.78 -27.97 6.30
N ARG G 416 -68.24 -26.88 5.70
CA ARG G 416 -67.50 -25.63 5.77
C ARG G 416 -67.42 -25.10 7.19
N VAL G 417 -68.36 -25.50 8.05
CA VAL G 417 -68.31 -25.07 9.45
C VAL G 417 -67.06 -25.60 10.13
N LYS G 418 -66.77 -26.89 9.96
CA LYS G 418 -65.60 -27.46 10.61
C LYS G 418 -64.31 -27.05 9.90
N THR G 419 -64.35 -26.81 8.59
CA THR G 419 -63.15 -26.35 7.91
C THR G 419 -62.80 -24.91 8.28
N THR G 420 -63.81 -24.07 8.54
CA THR G 420 -63.57 -22.67 8.81
C THR G 420 -63.60 -22.30 10.28
N GLN G 421 -63.92 -23.25 11.16
CA GLN G 421 -63.96 -22.95 12.60
C GLN G 421 -62.55 -22.65 13.10
N PHE G 422 -62.46 -21.71 14.04
CA PHE G 422 -61.18 -21.27 14.56
C PHE G 422 -60.78 -22.14 15.75
N THR G 423 -59.56 -22.66 15.71
CA THR G 423 -59.03 -23.45 16.82
C THR G 423 -58.50 -22.54 17.91
N TRP G 424 -58.20 -23.15 19.06
CA TRP G 424 -57.63 -22.40 20.17
C TRP G 424 -56.26 -21.83 19.81
N THR G 425 -55.45 -22.62 19.10
CA THR G 425 -54.16 -22.12 18.63
C THR G 425 -54.35 -20.96 17.67
N GLU G 426 -55.35 -21.04 16.79
CA GLU G 426 -55.62 -19.95 15.87
C GLU G 426 -56.03 -18.69 16.63
N MET G 427 -56.86 -18.83 17.68
CA MET G 427 -57.24 -17.68 18.47
C MET G 427 -56.04 -17.06 19.18
N LEU G 428 -55.12 -17.90 19.67
CA LEU G 428 -53.89 -17.38 20.25
C LEU G 428 -53.06 -16.64 19.21
N ILE G 429 -53.05 -17.14 17.97
CA ILE G 429 -52.32 -16.47 16.89
C ILE G 429 -52.93 -15.11 16.62
N MET G 430 -54.26 -15.03 16.58
CA MET G 430 -54.91 -13.73 16.39
C MET G 430 -54.59 -12.76 17.53
N VAL G 431 -54.57 -13.27 18.76
CA VAL G 431 -54.24 -12.42 19.90
C VAL G 431 -52.81 -11.89 19.76
N TRP G 432 -51.87 -12.76 19.38
CA TRP G 432 -50.50 -12.34 19.18
C TRP G 432 -50.41 -11.29 18.07
N VAL G 433 -51.09 -11.53 16.95
CA VAL G 433 -51.04 -10.62 15.81
C VAL G 433 -51.64 -9.27 16.19
N LEU G 434 -52.75 -9.27 16.93
CA LEU G 434 -53.34 -8.02 17.38
C LEU G 434 -52.40 -7.27 18.32
N GLY G 435 -51.67 -8.00 19.17
CA GLY G 435 -50.71 -7.37 20.04
C GLY G 435 -49.60 -6.66 19.28
N MET G 436 -49.04 -7.35 18.28
CA MET G 436 -47.98 -6.73 17.48
C MET G 436 -48.52 -5.57 16.63
N MET G 437 -49.74 -5.70 16.13
CA MET G 437 -50.37 -4.58 15.42
C MET G 437 -50.55 -3.38 16.35
N TRP G 438 -50.94 -3.63 17.60
CA TRP G 438 -51.09 -2.52 18.54
C TRP G 438 -49.74 -1.87 18.82
N SER G 439 -48.68 -2.67 18.95
CA SER G 439 -47.35 -2.11 19.13
C SER G 439 -46.92 -1.27 17.93
N GLU G 440 -47.16 -1.78 16.72
CA GLU G 440 -46.81 -1.04 15.52
C GLU G 440 -47.62 0.24 15.40
N CYS G 441 -48.91 0.18 15.75
CA CYS G 441 -49.75 1.37 15.73
C CYS G 441 -49.28 2.39 16.76
N LYS G 442 -48.86 1.94 17.93
CA LYS G 442 -48.32 2.85 18.93
C LYS G 442 -47.05 3.53 18.43
N GLU G 443 -46.16 2.77 17.78
CA GLU G 443 -44.97 3.36 17.20
C GLU G 443 -45.33 4.36 16.10
N LEU G 444 -46.30 4.02 15.26
CA LEU G 444 -46.72 4.91 14.18
C LEU G 444 -47.30 6.21 14.73
N TRP G 445 -48.12 6.13 15.77
CA TRP G 445 -48.75 7.33 16.32
C TRP G 445 -47.76 8.15 17.13
N LEU G 446 -46.78 7.52 17.79
CA LEU G 446 -45.84 8.22 18.64
C LEU G 446 -44.57 8.64 17.91
N GLU G 447 -44.43 8.32 16.63
CA GLU G 447 -43.22 8.67 15.89
C GLU G 447 -43.51 9.26 14.52
N GLY G 448 -44.77 9.49 14.17
CA GLY G 448 -45.10 10.12 12.91
C GLY G 448 -45.17 9.14 11.76
N PRO G 449 -46.25 9.23 10.97
CA PRO G 449 -46.41 8.31 9.83
C PRO G 449 -45.29 8.40 8.81
N ARG G 450 -44.72 9.58 8.59
CA ARG G 450 -43.69 9.74 7.55
C ARG G 450 -42.39 9.03 7.94
N GLU G 451 -41.93 9.22 9.18
CA GLU G 451 -40.69 8.60 9.61
C GLU G 451 -40.84 7.09 9.83
N TYR G 452 -42.06 6.62 10.11
CA TYR G 452 -42.27 5.20 10.34
C TYR G 452 -41.92 4.38 9.11
N ILE G 453 -42.31 4.87 7.92
CA ILE G 453 -42.05 4.15 6.68
C ILE G 453 -40.57 4.15 6.29
N LEU G 454 -39.75 4.98 6.93
CA LEU G 454 -38.33 5.03 6.59
C LEU G 454 -37.63 3.73 6.91
N GLN G 455 -37.91 3.15 8.08
CA GLN G 455 -37.27 1.91 8.47
C GLN G 455 -37.88 0.74 7.71
N LEU G 456 -37.02 -0.11 7.14
CA LEU G 456 -37.50 -1.29 6.43
C LEU G 456 -38.18 -2.27 7.38
N TRP G 457 -37.69 -2.36 8.63
CA TRP G 457 -38.29 -3.29 9.58
C TRP G 457 -39.72 -2.92 9.91
N ASN G 458 -39.99 -1.62 10.09
CA ASN G 458 -41.35 -1.19 10.46
C ASN G 458 -42.34 -1.48 9.34
N VAL G 459 -41.99 -1.15 8.10
CA VAL G 459 -42.91 -1.38 6.99
C VAL G 459 -43.08 -2.88 6.73
N LEU G 460 -42.01 -3.66 6.86
CA LEU G 460 -42.13 -5.10 6.70
C LEU G 460 -43.02 -5.71 7.79
N ASP G 461 -42.86 -5.26 9.03
CA ASP G 461 -43.72 -5.73 10.11
C ASP G 461 -45.18 -5.35 9.87
N PHE G 462 -45.41 -4.11 9.43
CA PHE G 462 -46.78 -3.68 9.15
C PHE G 462 -47.40 -4.51 8.03
N GLY G 463 -46.62 -4.77 6.96
CA GLY G 463 -47.14 -5.58 5.88
C GLY G 463 -47.45 -7.01 6.30
N MET G 464 -46.55 -7.62 7.07
CA MET G 464 -46.77 -8.98 7.56
C MET G 464 -48.03 -9.04 8.43
N LEU G 465 -48.17 -8.10 9.35
CA LEU G 465 -49.33 -8.11 10.24
C LEU G 465 -50.62 -7.80 9.49
N SER G 466 -50.56 -6.89 8.51
CA SER G 466 -51.74 -6.60 7.70
C SER G 466 -52.17 -7.81 6.89
N ILE G 467 -51.21 -8.56 6.34
CA ILE G 467 -51.54 -9.79 5.62
C ILE G 467 -52.15 -10.81 6.57
N PHE G 468 -51.65 -10.89 7.80
CA PHE G 468 -52.25 -11.78 8.80
C PHE G 468 -53.69 -11.37 9.09
N ILE G 469 -53.93 -10.07 9.25
CA ILE G 469 -55.28 -9.59 9.53
C ILE G 469 -56.20 -9.87 8.35
N ALA G 470 -55.70 -9.67 7.12
CA ALA G 470 -56.51 -9.97 5.94
C ALA G 470 -56.84 -11.45 5.86
N ALA G 471 -55.86 -12.31 6.14
CA ALA G 471 -56.10 -13.75 6.10
C ALA G 471 -57.13 -14.18 7.13
N PHE G 472 -57.01 -13.67 8.37
CA PHE G 472 -57.97 -14.03 9.40
C PHE G 472 -59.33 -13.41 9.14
N THR G 473 -59.37 -12.22 8.53
CA THR G 473 -60.64 -11.63 8.14
C THR G 473 -61.35 -12.49 7.09
N ALA G 474 -60.61 -12.95 6.08
CA ALA G 474 -61.19 -13.81 5.05
C ALA G 474 -61.69 -15.11 5.66
N ARG G 475 -60.91 -15.69 6.57
CA ARG G 475 -61.37 -16.89 7.27
C ARG G 475 -62.61 -16.60 8.10
N PHE G 476 -62.70 -15.40 8.68
CA PHE G 476 -63.87 -15.02 9.45
C PHE G 476 -65.11 -14.91 8.57
N LEU G 477 -64.97 -14.33 7.38
CA LEU G 477 -66.11 -14.27 6.45
C LEU G 477 -66.53 -15.66 6.02
N ALA G 478 -65.57 -16.55 5.76
CA ALA G 478 -65.91 -17.92 5.42
C ALA G 478 -66.63 -18.62 6.57
N PHE G 479 -66.16 -18.38 7.79
CA PHE G 479 -66.82 -18.95 8.96
C PHE G 479 -68.23 -18.40 9.15
N LEU G 480 -68.41 -17.10 8.88
CA LEU G 480 -69.73 -16.50 9.00
C LEU G 480 -70.71 -17.10 7.98
N GLN G 481 -70.25 -17.28 6.74
CA GLN G 481 -71.09 -17.91 5.73
C GLN G 481 -71.41 -19.36 6.11
N ALA G 482 -70.42 -20.09 6.61
CA ALA G 482 -70.65 -21.47 7.03
C ALA G 482 -71.65 -21.55 8.18
N THR G 483 -71.55 -20.63 9.14
CA THR G 483 -72.49 -20.62 10.25
C THR G 483 -73.89 -20.24 9.78
N LYS G 484 -74.01 -19.37 8.79
CA LYS G 484 -75.32 -19.06 8.22
C LYS G 484 -75.94 -20.30 7.59
N ALA G 485 -75.12 -21.06 6.84
CA ALA G 485 -75.61 -22.31 6.27
C ALA G 485 -76.00 -23.31 7.36
N GLN G 486 -75.21 -23.38 8.43
CA GLN G 486 -75.53 -24.28 9.53
C GLN G 486 -76.83 -23.88 10.21
N GLN G 487 -77.06 -22.58 10.36
CA GLN G 487 -78.32 -22.11 10.94
C GLN G 487 -79.50 -22.48 10.06
N TYR G 488 -79.35 -22.35 8.73
CA TYR G 488 -80.40 -22.76 7.82
C TYR G 488 -80.67 -24.25 7.94
N VAL G 489 -79.62 -25.07 8.04
CA VAL G 489 -79.79 -26.51 8.19
C VAL G 489 -80.51 -26.83 9.49
N ASP G 490 -80.09 -26.18 10.59
CA ASP G 490 -80.69 -26.45 11.89
C ASP G 490 -82.12 -25.95 11.99
N SER G 491 -82.52 -25.01 11.13
CA SER G 491 -83.86 -24.43 11.21
C SER G 491 -84.85 -25.10 10.26
N TYR G 492 -84.54 -25.11 8.96
CA TYR G 492 -85.49 -25.54 7.94
C TYR G 492 -85.22 -26.94 7.42
N VAL G 493 -84.32 -27.69 8.03
CA VAL G 493 -84.02 -29.07 7.62
C VAL G 493 -84.13 -29.96 8.85
N GLN G 494 -84.99 -30.98 8.76
CA GLN G 494 -85.16 -31.96 9.83
C GLN G 494 -85.20 -33.35 9.19
N GLU G 495 -84.03 -33.95 9.01
CA GLU G 495 -83.94 -35.29 8.46
C GLU G 495 -82.91 -36.17 9.15
N SER G 496 -82.15 -35.65 10.12
CA SER G 496 -81.13 -36.37 10.87
C SER G 496 -80.03 -36.94 9.98
N ASP G 497 -79.96 -36.53 8.71
CA ASP G 497 -78.94 -37.02 7.80
C ASP G 497 -78.85 -36.05 6.62
N LEU G 498 -77.69 -35.45 6.44
CA LEU G 498 -77.47 -34.50 5.35
C LEU G 498 -76.91 -35.18 4.11
N SER G 499 -77.59 -36.25 3.67
CA SER G 499 -77.18 -36.99 2.48
C SER G 499 -78.32 -37.29 1.52
N GLU G 500 -79.57 -37.31 1.97
CA GLU G 500 -80.72 -37.56 1.11
C GLU G 500 -81.58 -36.32 0.90
N VAL G 501 -81.12 -35.16 1.35
CA VAL G 501 -81.87 -33.91 1.26
C VAL G 501 -81.17 -33.01 0.26
N THR G 502 -81.92 -32.51 -0.72
CA THR G 502 -81.40 -31.59 -1.74
C THR G 502 -81.51 -30.18 -1.20
N LEU G 503 -80.43 -29.72 -0.55
CA LEU G 503 -80.42 -28.38 0.01
C LEU G 503 -80.36 -27.33 -1.10
N PRO G 504 -80.83 -26.12 -0.83
CA PRO G 504 -80.73 -25.06 -1.84
C PRO G 504 -79.28 -24.75 -2.14
N PRO G 505 -78.99 -24.27 -3.36
CA PRO G 505 -77.58 -24.06 -3.74
C PRO G 505 -76.82 -23.12 -2.81
N GLU G 506 -77.48 -22.08 -2.30
CA GLU G 506 -76.83 -21.18 -1.36
C GLU G 506 -76.42 -21.89 -0.07
N ILE G 507 -77.06 -23.02 0.24
CA ILE G 507 -76.66 -23.82 1.37
C ILE G 507 -76.01 -25.14 0.95
N GLN G 508 -76.32 -25.64 -0.26
CA GLN G 508 -75.67 -26.86 -0.74
C GLN G 508 -74.20 -26.63 -1.04
N TYR G 509 -73.82 -25.40 -1.41
CA TYR G 509 -72.43 -25.11 -1.73
C TYR G 509 -71.51 -25.35 -0.55
N PHE G 510 -72.02 -25.22 0.67
CA PHE G 510 -71.22 -25.36 1.88
C PHE G 510 -71.07 -26.80 2.32
N THR G 511 -71.69 -27.75 1.62
CA THR G 511 -71.45 -29.16 1.86
C THR G 511 -70.39 -29.75 0.92
N TYR G 512 -69.89 -28.96 -0.02
CA TYR G 512 -68.93 -29.45 -1.00
C TYR G 512 -67.53 -29.58 -0.38
N ALA G 513 -66.73 -30.46 -0.98
CA ALA G 513 -65.34 -30.62 -0.59
C ALA G 513 -64.51 -29.54 -1.27
N ARG G 514 -63.20 -29.56 -0.98
CA ARG G 514 -62.30 -28.52 -1.49
C ARG G 514 -62.26 -28.50 -3.02
N ASP G 515 -62.52 -29.64 -3.66
CA ASP G 515 -62.49 -29.68 -5.12
C ASP G 515 -63.54 -28.79 -5.75
N LYS G 516 -64.71 -28.67 -5.13
CA LYS G 516 -65.82 -27.91 -5.68
C LYS G 516 -65.86 -26.47 -5.21
N TRP G 517 -64.89 -26.04 -4.40
CA TRP G 517 -64.86 -24.65 -3.95
C TRP G 517 -64.58 -23.72 -5.11
N LEU G 518 -65.18 -22.54 -5.07
CA LEU G 518 -64.94 -21.54 -6.08
C LEU G 518 -63.51 -21.00 -5.96
N PRO G 519 -62.90 -20.57 -7.07
CA PRO G 519 -61.56 -19.98 -6.98
C PRO G 519 -61.48 -18.76 -6.07
N SER G 520 -62.56 -17.99 -5.97
CA SER G 520 -62.62 -16.82 -5.10
C SER G 520 -63.17 -17.14 -3.72
N ASP G 521 -63.04 -18.39 -3.28
CA ASP G 521 -63.54 -18.77 -1.96
C ASP G 521 -62.76 -18.02 -0.88
N PRO G 522 -63.44 -17.42 0.11
CA PRO G 522 -62.71 -16.70 1.16
C PRO G 522 -61.73 -17.57 1.94
N GLN G 523 -62.01 -18.86 2.09
CA GLN G 523 -61.07 -19.74 2.79
C GLN G 523 -59.82 -19.96 1.96
N ILE G 524 -59.95 -20.05 0.64
CA ILE G 524 -58.78 -20.19 -0.23
C ILE G 524 -57.92 -18.93 -0.15
N ILE G 525 -58.56 -17.75 -0.20
CA ILE G 525 -57.83 -16.50 -0.05
C ILE G 525 -57.15 -16.45 1.31
N SER G 526 -57.86 -16.87 2.36
CA SER G 526 -57.30 -16.87 3.70
C SER G 526 -56.09 -17.78 3.80
N GLU G 527 -56.18 -18.97 3.20
CA GLU G 527 -55.06 -19.91 3.27
C GLU G 527 -53.83 -19.38 2.54
N GLY G 528 -54.02 -18.79 1.35
CA GLY G 528 -52.89 -18.24 0.63
C GLY G 528 -52.24 -17.08 1.36
N LEU G 529 -53.07 -16.15 1.86
CA LEU G 529 -52.53 -15.03 2.62
C LEU G 529 -51.86 -15.49 3.91
N TYR G 530 -52.42 -16.52 4.55
CA TYR G 530 -51.81 -17.07 5.76
C TYR G 530 -50.44 -17.66 5.46
N ALA G 531 -50.30 -18.36 4.33
CA ALA G 531 -49.00 -18.89 3.95
C ALA G 531 -47.99 -17.79 3.74
N ILE G 532 -48.38 -16.71 3.05
CA ILE G 532 -47.48 -15.58 2.85
C ILE G 532 -47.10 -14.96 4.19
N ALA G 533 -48.08 -14.78 5.07
CA ALA G 533 -47.81 -14.19 6.38
C ALA G 533 -46.91 -15.08 7.22
N VAL G 534 -47.04 -16.40 7.11
CA VAL G 534 -46.15 -17.30 7.84
C VAL G 534 -44.72 -17.17 7.35
N VAL G 535 -44.53 -17.11 6.03
CA VAL G 535 -43.18 -16.94 5.48
C VAL G 535 -42.59 -15.62 5.94
N LEU G 536 -43.38 -14.54 5.93
CA LEU G 536 -42.90 -13.26 6.42
C LEU G 536 -42.66 -13.28 7.92
N SER G 537 -43.45 -14.06 8.67
CA SER G 537 -43.25 -14.16 10.11
C SER G 537 -41.91 -14.80 10.44
N PHE G 538 -41.53 -15.85 9.71
CA PHE G 538 -40.23 -16.46 9.93
C PHE G 538 -39.15 -15.64 9.23
N SER G 539 -39.20 -14.33 9.42
CA SER G 539 -38.17 -13.42 8.94
C SER G 539 -37.78 -12.39 9.98
N ARG G 540 -38.56 -12.23 11.05
CA ARG G 540 -38.22 -11.34 12.14
C ARG G 540 -37.17 -11.93 13.09
N ILE G 541 -36.65 -13.12 12.78
CA ILE G 541 -35.48 -13.61 13.49
C ILE G 541 -34.29 -12.69 13.23
N ALA G 542 -34.28 -12.01 12.08
CA ALA G 542 -33.28 -10.99 11.80
C ALA G 542 -33.45 -9.74 12.65
N TYR G 543 -34.57 -9.60 13.36
CA TYR G 543 -34.66 -8.61 14.43
C TYR G 543 -33.73 -8.96 15.59
N ILE G 544 -33.43 -10.25 15.77
CA ILE G 544 -32.68 -10.73 16.91
C ILE G 544 -31.24 -10.98 16.51
N LEU G 545 -31.02 -11.22 15.22
CA LEU G 545 -29.68 -11.56 14.73
C LEU G 545 -28.60 -10.54 15.06
N PRO G 546 -28.80 -9.23 14.90
CA PRO G 546 -27.69 -8.29 15.17
C PRO G 546 -27.22 -8.29 16.62
N ALA G 547 -28.05 -8.76 17.56
CA ALA G 547 -27.62 -8.82 18.95
C ALA G 547 -26.50 -9.82 19.15
N ASN G 548 -26.48 -10.90 18.37
CA ASN G 548 -25.46 -11.92 18.49
C ASN G 548 -24.17 -11.49 17.80
N GLU G 549 -23.02 -11.81 18.42
CA GLU G 549 -21.74 -11.40 17.87
C GLU G 549 -21.35 -12.22 16.64
N SER G 550 -21.77 -13.48 16.59
CA SER G 550 -21.38 -14.36 15.49
C SER G 550 -22.28 -14.20 14.27
N PHE G 551 -23.55 -13.84 14.46
CA PHE G 551 -24.51 -13.76 13.37
C PHE G 551 -24.89 -12.33 12.99
N GLY G 552 -24.59 -11.35 13.84
CA GLY G 552 -24.89 -9.97 13.55
C GLY G 552 -24.19 -9.43 12.32
N PRO G 553 -22.87 -9.57 12.24
CA PRO G 553 -22.16 -9.15 11.02
C PRO G 553 -22.65 -9.86 9.78
N LEU G 554 -23.06 -11.12 9.90
CA LEU G 554 -23.64 -11.83 8.76
C LEU G 554 -24.93 -11.17 8.30
N GLN G 555 -25.77 -10.75 9.26
CA GLN G 555 -27.00 -10.06 8.92
C GLN G 555 -26.71 -8.73 8.21
N ILE G 556 -25.73 -7.98 8.70
CA ILE G 556 -25.40 -6.70 8.08
C ILE G 556 -24.87 -6.92 6.66
N SER G 557 -24.00 -7.91 6.48
CA SER G 557 -23.48 -8.22 5.15
C SER G 557 -24.58 -8.65 4.20
N LEU G 558 -25.52 -9.47 4.69
CA LEU G 558 -26.64 -9.90 3.86
C LEU G 558 -27.52 -8.73 3.45
N GLY G 559 -27.78 -7.81 4.40
CA GLY G 559 -28.57 -6.64 4.07
C GLY G 559 -27.89 -5.75 3.03
N ARG G 560 -26.58 -5.54 3.19
CA ARG G 560 -25.84 -4.77 2.20
C ARG G 560 -25.87 -5.45 0.84
N THR G 561 -25.74 -6.78 0.83
CA THR G 561 -25.82 -7.52 -0.43
C THR G 561 -27.17 -7.32 -1.10
N VAL G 562 -28.26 -7.36 -0.32
CA VAL G 562 -29.59 -7.15 -0.88
C VAL G 562 -29.71 -5.74 -1.44
N LYS G 563 -29.20 -4.74 -0.72
CA LYS G 563 -29.31 -3.36 -1.18
C LYS G 563 -28.59 -3.17 -2.52
N ASP G 564 -27.40 -3.74 -2.67
CA ASP G 564 -26.71 -3.67 -3.94
C ASP G 564 -27.34 -4.59 -4.98
N ILE G 565 -28.07 -5.62 -4.54
CA ILE G 565 -28.72 -6.54 -5.45
C ILE G 565 -29.87 -5.85 -6.19
N PHE G 566 -30.57 -4.94 -5.50
CA PHE G 566 -31.77 -4.33 -6.08
C PHE G 566 -31.47 -3.59 -7.38
N LYS G 567 -30.35 -2.88 -7.43
CA LYS G 567 -29.99 -2.14 -8.64
C LYS G 567 -29.83 -3.08 -9.83
N PHE G 568 -29.13 -4.19 -9.63
CA PHE G 568 -28.96 -5.15 -10.71
C PHE G 568 -30.23 -5.91 -11.01
N MET G 569 -31.16 -6.00 -10.04
CA MET G 569 -32.48 -6.52 -10.36
C MET G 569 -33.20 -5.62 -11.36
N VAL G 570 -33.12 -4.30 -11.17
CA VAL G 570 -33.72 -3.38 -12.14
C VAL G 570 -33.05 -3.53 -13.50
N LEU G 571 -31.72 -3.63 -13.50
CA LEU G 571 -30.99 -3.83 -14.76
C LEU G 571 -31.42 -5.12 -15.44
N PHE G 572 -31.59 -6.19 -14.67
CA PHE G 572 -32.06 -7.46 -15.23
C PHE G 572 -33.52 -7.39 -15.63
N ILE G 573 -34.32 -6.55 -14.97
CA ILE G 573 -35.74 -6.48 -15.28
C ILE G 573 -35.96 -5.94 -16.68
N MET G 574 -35.19 -4.95 -17.09
CA MET G 574 -35.38 -4.38 -18.42
C MET G 574 -35.11 -5.41 -19.52
N VAL G 575 -33.99 -6.13 -19.42
CA VAL G 575 -33.68 -7.15 -20.42
C VAL G 575 -34.65 -8.32 -20.33
N PHE G 576 -35.07 -8.67 -19.10
CA PHE G 576 -36.07 -9.72 -18.93
C PHE G 576 -37.37 -9.35 -19.64
N PHE G 577 -37.81 -8.10 -19.48
CA PHE G 577 -39.01 -7.64 -20.17
C PHE G 577 -38.81 -7.65 -21.68
N ALA G 578 -37.61 -7.31 -22.13
CA ALA G 578 -37.31 -7.33 -23.56
C ALA G 578 -37.55 -8.71 -24.15
N PHE G 579 -36.95 -9.74 -23.55
CA PHE G 579 -37.08 -11.08 -24.09
C PHE G 579 -38.48 -11.65 -23.85
N MET G 580 -39.12 -11.27 -22.74
CA MET G 580 -40.48 -11.73 -22.49
C MET G 580 -41.44 -11.25 -23.58
N ILE G 581 -41.40 -9.95 -23.88
CA ILE G 581 -42.27 -9.39 -24.90
C ILE G 581 -41.93 -9.97 -26.27
N GLY G 582 -40.64 -10.07 -26.57
CA GLY G 582 -40.25 -10.58 -27.89
C GLY G 582 -40.66 -12.01 -28.13
N MET G 583 -40.41 -12.89 -27.15
CA MET G 583 -40.78 -14.29 -27.32
C MET G 583 -42.29 -14.49 -27.27
N PHE G 584 -42.99 -13.69 -26.45
CA PHE G 584 -44.45 -13.76 -26.46
C PHE G 584 -45.01 -13.36 -27.81
N ILE G 585 -44.47 -12.29 -28.42
CA ILE G 585 -44.93 -11.88 -29.74
C ILE G 585 -44.64 -12.98 -30.76
N LEU G 586 -43.47 -13.62 -30.65
CA LEU G 586 -43.10 -14.66 -31.60
C LEU G 586 -44.02 -15.87 -31.51
N TYR G 587 -44.39 -16.27 -30.29
CA TYR G 587 -45.08 -17.54 -30.07
C TYR G 587 -46.55 -17.40 -29.70
N SER G 588 -47.11 -16.18 -29.73
CA SER G 588 -48.52 -16.02 -29.35
C SER G 588 -49.46 -16.66 -30.35
N TYR G 589 -49.05 -16.77 -31.62
CA TYR G 589 -49.90 -17.33 -32.66
C TYR G 589 -49.85 -18.85 -32.72
N TYR G 590 -49.06 -19.49 -31.87
CA TYR G 590 -48.92 -20.95 -31.84
C TYR G 590 -49.35 -21.51 -30.50
N LEU G 591 -50.47 -21.02 -29.97
CA LEU G 591 -50.93 -21.48 -28.65
C LEU G 591 -51.27 -22.96 -28.66
N GLY G 592 -51.94 -23.44 -29.71
CA GLY G 592 -52.29 -24.82 -29.85
C GLY G 592 -51.35 -25.64 -30.71
N ALA G 593 -50.21 -25.09 -31.12
CA ALA G 593 -49.28 -25.76 -32.02
C ALA G 593 -47.88 -25.82 -31.42
N LYS G 594 -47.79 -25.98 -30.10
CA LYS G 594 -46.51 -26.03 -29.41
C LYS G 594 -46.47 -27.25 -28.49
N VAL G 595 -45.25 -27.68 -28.17
CA VAL G 595 -45.08 -28.81 -27.25
C VAL G 595 -45.65 -28.47 -25.89
N ASN G 596 -45.35 -27.27 -25.39
CA ASN G 596 -45.92 -26.80 -24.13
C ASN G 596 -46.53 -25.42 -24.31
N ALA G 597 -46.98 -24.81 -23.22
CA ALA G 597 -47.69 -23.53 -23.28
C ALA G 597 -46.76 -22.33 -23.15
N ALA G 598 -45.45 -22.54 -23.13
CA ALA G 598 -44.51 -21.45 -22.90
C ALA G 598 -44.59 -20.42 -24.03
N PHE G 599 -44.48 -19.15 -23.65
CA PHE G 599 -44.46 -18.00 -24.55
C PHE G 599 -45.76 -17.82 -25.33
N THR G 600 -46.79 -18.61 -25.03
CA THR G 600 -48.08 -18.43 -25.70
C THR G 600 -48.83 -17.22 -25.16
N THR G 601 -48.67 -16.93 -23.87
CA THR G 601 -49.24 -15.75 -23.24
C THR G 601 -48.15 -14.98 -22.53
N VAL G 602 -48.50 -13.78 -22.05
CA VAL G 602 -47.54 -12.97 -21.31
C VAL G 602 -47.15 -13.68 -20.01
N GLU G 603 -48.13 -14.24 -19.30
CA GLU G 603 -47.84 -14.96 -18.07
C GLU G 603 -46.96 -16.18 -18.34
N GLU G 604 -47.26 -16.93 -19.41
CA GLU G 604 -46.45 -18.08 -19.76
C GLU G 604 -45.02 -17.67 -20.11
N SER G 605 -44.87 -16.58 -20.86
CA SER G 605 -43.54 -16.09 -21.19
C SER G 605 -42.78 -15.68 -19.93
N PHE G 606 -43.46 -15.00 -19.01
CA PHE G 606 -42.83 -14.60 -17.75
C PHE G 606 -42.38 -15.84 -16.96
N LYS G 607 -43.25 -16.84 -16.87
CA LYS G 607 -42.92 -18.03 -16.09
C LYS G 607 -41.72 -18.76 -16.70
N THR G 608 -41.74 -18.95 -18.02
CA THR G 608 -40.65 -19.67 -18.67
C THR G 608 -39.33 -18.92 -18.50
N LEU G 609 -39.34 -17.61 -18.71
CA LEU G 609 -38.10 -16.85 -18.65
C LEU G 609 -37.57 -16.77 -17.22
N PHE G 610 -38.47 -16.59 -16.25
CA PHE G 610 -38.03 -16.52 -14.86
C PHE G 610 -37.44 -17.83 -14.40
N TRP G 611 -38.07 -18.95 -14.74
CA TRP G 611 -37.56 -20.25 -14.33
C TRP G 611 -36.38 -20.70 -15.18
N SER G 612 -36.08 -20.00 -16.28
CA SER G 612 -34.83 -20.21 -16.98
C SER G 612 -33.63 -19.70 -16.21
N ILE G 613 -33.85 -18.79 -15.24
CA ILE G 613 -32.74 -18.29 -14.42
C ILE G 613 -32.13 -19.43 -13.62
N PHE G 614 -32.97 -20.31 -13.07
CA PHE G 614 -32.52 -21.41 -12.25
C PHE G 614 -32.49 -22.73 -13.01
N GLY G 615 -32.64 -22.69 -14.33
CA GLY G 615 -32.58 -23.90 -15.13
C GLY G 615 -33.79 -24.79 -15.02
N LEU G 616 -34.92 -24.26 -14.58
CA LEU G 616 -36.13 -25.04 -14.40
C LEU G 616 -37.05 -25.03 -15.61
N SER G 617 -36.65 -24.36 -16.70
CA SER G 617 -37.42 -24.33 -17.93
C SER G 617 -36.76 -25.22 -18.97
N GLU G 618 -37.54 -26.10 -19.58
CA GLU G 618 -37.01 -27.04 -20.56
C GLU G 618 -36.75 -26.34 -21.89
N VAL G 619 -35.83 -26.92 -22.66
CA VAL G 619 -35.49 -26.38 -23.97
C VAL G 619 -36.60 -26.62 -25.00
N THR G 620 -37.56 -27.48 -24.70
CA THR G 620 -38.68 -27.72 -25.59
C THR G 620 -39.69 -26.57 -25.59
N SER G 621 -39.44 -25.52 -24.80
CA SER G 621 -40.35 -24.39 -24.74
C SER G 621 -40.41 -23.62 -26.05
N VAL G 622 -39.42 -23.79 -26.93
CA VAL G 622 -39.36 -23.06 -28.19
C VAL G 622 -39.64 -23.96 -29.38
N VAL G 623 -40.09 -25.19 -29.15
CA VAL G 623 -40.32 -26.16 -30.21
C VAL G 623 -41.77 -26.08 -30.66
N LEU G 624 -41.98 -25.93 -31.96
CA LEU G 624 -43.31 -25.88 -32.55
C LEU G 624 -43.74 -27.25 -33.05
N LYS G 625 -45.04 -27.38 -33.30
CA LYS G 625 -45.57 -28.58 -33.92
C LYS G 625 -45.66 -28.46 -35.43
N TYR G 626 -45.83 -27.24 -35.95
CA TYR G 626 -45.82 -27.03 -37.39
C TYR G 626 -44.38 -26.97 -37.90
N ASP G 627 -44.24 -27.07 -39.22
CA ASP G 627 -42.92 -27.03 -39.85
C ASP G 627 -42.51 -25.60 -40.19
N HIS G 628 -42.62 -24.71 -39.20
CA HIS G 628 -42.18 -23.34 -39.34
C HIS G 628 -40.81 -23.17 -38.67
N LYS G 629 -39.79 -23.67 -39.38
CA LYS G 629 -38.45 -23.70 -38.83
C LYS G 629 -37.87 -22.30 -38.64
N PHE G 630 -38.37 -21.30 -39.37
CA PHE G 630 -37.91 -19.93 -39.16
C PHE G 630 -38.29 -19.45 -37.76
N ILE G 631 -39.55 -19.65 -37.37
CA ILE G 631 -40.01 -19.24 -36.04
C ILE G 631 -39.29 -20.05 -34.96
N GLU G 632 -39.18 -21.37 -35.17
CA GLU G 632 -38.56 -22.22 -34.17
C GLU G 632 -37.08 -21.88 -33.98
N ASN G 633 -36.36 -21.65 -35.08
CA ASN G 633 -34.94 -21.31 -34.98
C ASN G 633 -34.74 -19.94 -34.35
N ILE G 634 -35.63 -18.99 -34.67
CA ILE G 634 -35.53 -17.67 -34.05
C ILE G 634 -35.82 -17.76 -32.55
N GLY G 635 -36.80 -18.59 -32.18
CA GLY G 635 -37.04 -18.83 -30.76
C GLY G 635 -35.84 -19.47 -30.07
N TYR G 636 -35.19 -20.43 -30.75
CA TYR G 636 -33.98 -21.02 -30.21
C TYR G 636 -32.89 -19.98 -30.01
N VAL G 637 -32.68 -19.12 -31.01
CA VAL G 637 -31.62 -18.12 -30.93
C VAL G 637 -31.95 -17.10 -29.84
N LEU G 638 -33.20 -16.63 -29.78
CA LEU G 638 -33.57 -15.64 -28.78
C LEU G 638 -33.48 -16.22 -27.37
N TYR G 639 -33.92 -17.47 -27.19
CA TYR G 639 -33.79 -18.11 -25.89
C TYR G 639 -32.33 -18.29 -25.49
N GLY G 640 -31.49 -18.67 -26.45
CA GLY G 640 -30.07 -18.79 -26.17
C GLY G 640 -29.42 -17.47 -25.83
N ILE G 641 -29.78 -16.42 -26.56
CA ILE G 641 -29.25 -15.09 -26.27
C ILE G 641 -29.72 -14.62 -24.90
N TYR G 642 -30.98 -14.92 -24.55
CA TYR G 642 -31.47 -14.57 -23.22
C TYR G 642 -30.68 -15.30 -22.13
N ASN G 643 -30.38 -16.58 -22.36
CA ASN G 643 -29.61 -17.34 -21.38
C ASN G 643 -28.20 -16.79 -21.23
N VAL G 644 -27.55 -16.46 -22.35
CA VAL G 644 -26.20 -15.90 -22.29
C VAL G 644 -26.23 -14.53 -21.63
N THR G 645 -27.23 -13.71 -21.96
CA THR G 645 -27.38 -12.41 -21.31
C THR G 645 -27.61 -12.57 -19.82
N MET G 646 -28.33 -13.63 -19.43
CA MET G 646 -28.51 -13.92 -18.01
C MET G 646 -27.17 -14.17 -17.33
N VAL G 647 -26.32 -14.98 -17.96
CA VAL G 647 -25.00 -15.26 -17.40
C VAL G 647 -24.16 -13.99 -17.35
N VAL G 648 -24.22 -13.17 -18.40
CA VAL G 648 -23.42 -11.95 -18.45
C VAL G 648 -23.85 -10.98 -17.35
N VAL G 649 -25.16 -10.80 -17.16
CA VAL G 649 -25.65 -9.90 -16.13
C VAL G 649 -25.28 -10.42 -14.75
N LEU G 650 -25.45 -11.73 -14.53
CA LEU G 650 -25.08 -12.31 -13.25
C LEU G 650 -23.58 -12.15 -12.98
N LEU G 651 -22.76 -12.38 -14.01
CA LEU G 651 -21.32 -12.23 -13.84
C LEU G 651 -20.94 -10.79 -13.54
N ASN G 652 -21.52 -9.83 -14.26
CA ASN G 652 -21.21 -8.43 -14.01
C ASN G 652 -21.62 -8.01 -12.60
N MET G 653 -22.79 -8.48 -12.16
CA MET G 653 -23.23 -8.20 -10.79
C MET G 653 -22.26 -8.82 -9.78
N LEU G 654 -21.82 -10.04 -10.03
CA LEU G 654 -20.88 -10.70 -9.12
C LEU G 654 -19.56 -9.94 -9.05
N ILE G 655 -19.05 -9.49 -10.19
CA ILE G 655 -17.81 -8.72 -10.21
C ILE G 655 -17.98 -7.41 -9.45
N ALA G 656 -19.13 -6.77 -9.61
CA ALA G 656 -19.40 -5.53 -8.88
C ALA G 656 -19.42 -5.76 -7.38
N MET G 657 -20.09 -6.84 -6.93
CA MET G 657 -20.11 -7.15 -5.51
C MET G 657 -18.71 -7.42 -4.98
N ILE G 658 -17.90 -8.15 -5.75
CA ILE G 658 -16.53 -8.44 -5.34
C ILE G 658 -15.73 -7.15 -5.24
N ASN G 659 -15.77 -6.33 -6.28
CA ASN G 659 -15.08 -5.04 -6.26
C ASN G 659 -16.00 -3.92 -5.77
N SER G 660 -16.69 -4.18 -4.66
CA SER G 660 -17.35 -3.13 -3.90
C SER G 660 -17.19 -3.32 -2.40
N SER G 661 -16.58 -4.42 -1.95
CA SER G 661 -16.33 -4.66 -0.54
C SER G 661 -14.86 -4.90 -0.22
N TYR G 662 -14.03 -5.23 -1.21
CA TYR G 662 -12.59 -5.36 -1.00
C TYR G 662 -11.91 -4.02 -0.77
N GLN G 663 -12.59 -2.92 -1.04
CA GLN G 663 -12.01 -1.59 -0.84
C GLN G 663 -11.79 -1.31 0.64
N ASP G 667 -12.44 -3.83 9.64
CA ASP G 667 -13.00 -2.95 10.67
C ASP G 667 -14.34 -2.38 10.23
N ASP G 668 -14.54 -2.28 8.93
CA ASP G 668 -15.80 -1.75 8.41
C ASP G 668 -16.97 -2.65 8.78
N SER G 669 -16.79 -3.97 8.66
CA SER G 669 -17.85 -4.89 9.02
C SER G 669 -18.15 -4.85 10.51
N ASP G 670 -17.10 -4.77 11.34
CA ASP G 670 -17.30 -4.70 12.79
C ASP G 670 -18.02 -3.41 13.19
N VAL G 671 -17.61 -2.30 12.59
CA VAL G 671 -18.30 -1.02 12.86
C VAL G 671 -19.75 -1.09 12.40
N GLU G 672 -19.98 -1.71 11.24
CA GLU G 672 -21.34 -1.85 10.72
C GLU G 672 -22.22 -2.60 11.69
N TRP G 673 -21.78 -3.78 12.12
CA TRP G 673 -22.56 -4.60 13.04
C TRP G 673 -22.73 -3.91 14.39
N LYS G 674 -21.67 -3.27 14.90
CA LYS G 674 -21.77 -2.59 16.19
C LYS G 674 -22.75 -1.44 16.14
N PHE G 675 -22.79 -0.71 15.02
CA PHE G 675 -23.77 0.35 14.87
C PHE G 675 -25.20 -0.20 14.86
N ALA G 676 -25.42 -1.29 14.13
CA ALA G 676 -26.75 -1.91 14.10
C ALA G 676 -27.15 -2.44 15.47
N ARG G 677 -26.21 -3.08 16.18
CA ARG G 677 -26.50 -3.60 17.51
C ARG G 677 -26.75 -2.47 18.50
N SER G 678 -26.05 -1.34 18.35
CA SER G 678 -26.31 -0.19 19.21
C SER G 678 -27.71 0.36 18.99
N LYS G 679 -28.16 0.39 17.74
CA LYS G 679 -29.55 0.78 17.46
C LYS G 679 -30.52 -0.18 18.12
N LEU G 680 -30.24 -1.49 18.05
CA LEU G 680 -31.08 -2.47 18.72
C LEU G 680 -31.13 -2.24 20.22
N TRP G 681 -29.97 -1.99 20.83
CA TRP G 681 -29.93 -1.75 22.28
C TRP G 681 -30.69 -0.48 22.65
N LEU G 682 -30.48 0.59 21.88
CA LEU G 682 -31.14 1.86 22.17
C LEU G 682 -32.66 1.73 22.05
N SER G 683 -33.15 0.82 21.21
CA SER G 683 -34.59 0.61 21.10
C SER G 683 -35.18 0.06 22.40
N TYR G 684 -34.37 -0.57 23.25
CA TYR G 684 -34.83 -1.11 24.51
C TYR G 684 -34.37 -0.30 25.72
N PHE G 685 -33.68 0.82 25.50
CA PHE G 685 -33.17 1.61 26.63
C PHE G 685 -34.27 2.43 27.27
N ASP G 686 -35.21 2.94 26.48
CA ASP G 686 -36.23 3.83 27.01
C ASP G 686 -37.22 3.08 27.89
N ASP G 687 -37.96 3.85 28.69
CA ASP G 687 -38.99 3.27 29.54
C ASP G 687 -40.11 2.68 28.68
N GLY G 688 -40.76 1.66 29.22
CA GLY G 688 -41.71 0.88 28.46
C GLY G 688 -41.08 -0.38 27.91
N LYS G 689 -41.85 -1.07 27.07
CA LYS G 689 -41.46 -2.32 26.42
C LYS G 689 -41.12 -3.41 27.44
N THR G 690 -41.52 -3.25 28.71
CA THR G 690 -41.21 -4.25 29.72
C THR G 690 -41.89 -5.58 29.42
N LEU G 691 -43.16 -5.53 28.99
CA LEU G 691 -43.91 -6.72 28.67
C LEU G 691 -44.09 -6.81 27.17
N PRO G 692 -43.56 -7.84 26.52
CA PRO G 692 -43.68 -7.95 25.06
C PRO G 692 -45.10 -8.27 24.65
N PRO G 693 -45.48 -7.99 23.40
CA PRO G 693 -46.80 -8.38 22.93
C PRO G 693 -46.92 -9.89 22.89
N PRO G 694 -48.15 -10.43 23.07
CA PRO G 694 -49.39 -9.69 23.20
C PRO G 694 -49.71 -9.28 24.63
N PHE G 695 -48.76 -9.47 25.55
CA PHE G 695 -49.00 -9.08 26.93
C PHE G 695 -48.74 -7.60 27.12
N SER G 696 -49.29 -6.78 26.25
CA SER G 696 -49.19 -5.33 26.36
C SER G 696 -50.49 -4.60 26.07
N LEU G 697 -51.52 -5.29 25.57
CA LEU G 697 -52.79 -4.63 25.28
C LEU G 697 -53.45 -4.13 26.55
N VAL G 698 -53.38 -4.92 27.62
CA VAL G 698 -53.99 -4.54 28.89
C VAL G 698 -53.25 -3.37 29.51
N GLN G 759 -16.92 29.76 38.13
CA GLN G 759 -17.56 30.28 36.92
C GLN G 759 -17.94 29.19 35.90
N PRO G 760 -17.01 28.33 35.48
CA PRO G 760 -17.36 27.33 34.48
C PRO G 760 -17.98 26.09 35.11
N THR G 761 -18.94 25.51 34.39
CA THR G 761 -19.60 24.30 34.87
C THR G 761 -18.64 23.11 34.77
N ARG G 762 -19.06 22.00 35.38
CA ARG G 762 -18.27 20.77 35.30
C ARG G 762 -18.15 20.29 33.86
N TYR G 763 -19.23 20.40 33.09
CA TYR G 763 -19.18 20.00 31.69
C TYR G 763 -18.19 20.85 30.91
N GLN G 764 -18.16 22.16 31.19
CA GLN G 764 -17.22 23.04 30.50
C GLN G 764 -15.78 22.69 30.84
N GLN G 765 -15.51 22.39 32.11
CA GLN G 765 -14.15 22.00 32.49
C GLN G 765 -13.73 20.69 31.83
N ILE G 766 -14.64 19.72 31.80
CA ILE G 766 -14.33 18.44 31.17
C ILE G 766 -14.10 18.63 29.67
N MET G 767 -14.94 19.44 29.02
CA MET G 767 -14.78 19.68 27.60
C MET G 767 -13.47 20.42 27.31
N LYS G 768 -13.11 21.39 28.17
CA LYS G 768 -11.83 22.08 28.00
C LYS G 768 -10.66 21.12 28.12
N ARG G 769 -10.71 20.22 29.12
CA ARG G 769 -9.65 19.24 29.29
C ARG G 769 -9.57 18.30 28.10
N LEU G 770 -10.72 17.84 27.61
CA LEU G 770 -10.73 16.92 26.48
C LEU G 770 -10.24 17.59 25.20
N ILE G 771 -10.60 18.86 25.00
CA ILE G 771 -10.17 19.56 23.78
C ILE G 771 -8.67 19.84 23.83
N LYS G 772 -8.16 20.22 25.01
CA LYS G 772 -6.71 20.39 25.15
C LYS G 772 -5.99 19.08 24.88
N ARG G 773 -6.52 17.96 25.40
CA ARG G 773 -5.95 16.65 25.10
C ARG G 773 -5.99 16.36 23.60
N TYR G 774 -7.10 16.72 22.94
CA TYR G 774 -7.20 16.50 21.51
C TYR G 774 -6.18 17.32 20.74
N VAL G 775 -5.97 18.57 21.14
CA VAL G 775 -5.02 19.42 20.43
C VAL G 775 -3.60 18.88 20.56
N LEU G 776 -3.22 18.48 21.78
CA LEU G 776 -1.89 17.90 21.97
C LEU G 776 -1.75 16.58 21.22
N LYS G 777 -2.79 15.74 21.25
CA LYS G 777 -2.75 14.48 20.53
C LYS G 777 -2.65 14.71 19.03
N ALA G 778 -3.38 15.70 18.51
CA ALA G 778 -3.32 15.99 17.08
C ALA G 778 -1.93 16.47 16.67
N GLN G 779 -1.30 17.29 17.50
CA GLN G 779 0.06 17.72 17.22
C GLN G 779 1.03 16.56 17.26
N VAL G 780 0.84 15.64 18.21
CA VAL G 780 1.72 14.46 18.30
C VAL G 780 1.57 13.61 17.05
N ASP G 781 0.33 13.38 16.61
CA ASP G 781 0.12 12.58 15.39
C ASP G 781 0.62 13.31 14.15
N LYS G 782 0.53 14.65 14.14
CA LYS G 782 1.10 15.40 13.03
C LYS G 782 2.60 15.20 12.97
N GLU G 783 3.27 15.19 14.12
CA GLU G 783 4.69 14.89 14.17
C GLU G 783 5.00 13.44 13.78
N ASN G 784 4.00 12.57 13.77
CA ASN G 784 4.18 11.19 13.33
C ASN G 784 3.98 11.02 11.83
N ASP G 785 3.54 12.06 11.13
CA ASP G 785 3.40 11.97 9.68
C ASP G 785 4.77 11.90 9.01
N GLU G 786 4.80 11.29 7.83
CA GLU G 786 6.04 11.13 7.10
C GLU G 786 6.62 12.47 6.68
N VAL G 787 7.94 12.56 6.67
CA VAL G 787 8.64 13.79 6.31
C VAL G 787 8.60 13.97 4.80
N ASN G 788 8.21 15.17 4.37
CA ASN G 788 8.18 15.51 2.96
C ASN G 788 9.38 16.38 2.59
N GLU G 789 9.53 16.63 1.28
CA GLU G 789 10.68 17.37 0.79
C GLU G 789 10.69 18.82 1.27
N GLY G 790 9.51 19.40 1.53
CA GLY G 790 9.46 20.78 1.96
C GLY G 790 10.12 21.01 3.31
N GLU G 791 9.83 20.14 4.28
CA GLU G 791 10.45 20.28 5.60
C GLU G 791 11.95 20.11 5.53
N LEU G 792 12.43 19.13 4.76
CA LEU G 792 13.86 18.92 4.63
C LEU G 792 14.52 20.10 3.94
N LYS G 793 13.86 20.67 2.93
CA LYS G 793 14.38 21.87 2.27
C LYS G 793 14.43 23.05 3.23
N GLU G 794 13.47 23.13 4.15
CA GLU G 794 13.49 24.19 5.15
C GLU G 794 14.72 24.08 6.04
N ILE G 795 15.06 22.86 6.47
CA ILE G 795 16.26 22.67 7.28
C ILE G 795 17.53 22.94 6.45
N LYS G 796 17.51 22.57 5.17
CA LYS G 796 18.63 22.93 4.30
C LYS G 796 18.82 24.44 4.24
N GLN G 797 17.71 25.19 4.17
CA GLN G 797 17.78 26.64 4.18
C GLN G 797 18.27 27.15 5.53
N ASP G 798 17.90 26.46 6.62
CA ASP G 798 18.42 26.81 7.94
C ASP G 798 19.95 26.71 7.96
N ILE G 799 20.48 25.63 7.42
CA ILE G 799 21.94 25.43 7.41
C ILE G 799 22.61 26.47 6.53
N SER G 800 22.02 26.76 5.36
CA SER G 800 22.60 27.77 4.47
C SER G 800 22.63 29.14 5.12
N SER G 801 21.53 29.53 5.76
CA SER G 801 21.49 30.82 6.44
C SER G 801 22.46 30.87 7.61
N LEU G 802 22.57 29.76 8.35
CA LEU G 802 23.52 29.70 9.45
C LEU G 802 24.94 29.82 8.94
N ARG G 803 25.25 29.20 7.80
CA ARG G 803 26.58 29.31 7.23
C ARG G 803 26.92 30.76 6.89
N TYR G 804 25.97 31.47 6.27
CA TYR G 804 26.23 32.87 5.93
C TYR G 804 26.46 33.71 7.17
N GLU G 805 25.62 33.52 8.19
CA GLU G 805 25.76 34.30 9.42
C GLU G 805 27.09 34.02 10.11
N LEU G 806 27.46 32.74 10.22
CA LEU G 806 28.69 32.39 10.92
C LEU G 806 29.92 32.85 10.15
N LEU G 807 29.91 32.70 8.82
CA LEU G 807 31.07 33.12 8.04
C LEU G 807 31.27 34.63 8.12
N GLU G 808 30.18 35.40 8.08
CA GLU G 808 30.34 36.85 8.21
C GLU G 808 30.77 37.25 9.62
N ASP G 809 30.30 36.53 10.63
CA ASP G 809 30.74 36.80 11.99
C ASP G 809 32.24 36.55 12.14
N LYS G 810 32.74 35.45 11.56
CA LYS G 810 34.17 35.18 11.58
C LYS G 810 34.94 36.26 10.83
N SER G 811 34.42 36.68 9.68
CA SER G 811 35.09 37.73 8.90
C SER G 811 35.17 39.03 9.69
N GLN G 812 34.08 39.40 10.37
CA GLN G 812 34.09 40.63 11.17
C GLN G 812 35.10 40.53 12.32
N ALA G 813 35.16 39.36 12.98
CA ALA G 813 36.12 39.18 14.05
C ALA G 813 37.55 39.31 13.54
N THR G 814 37.85 38.72 12.38
CA THR G 814 39.18 38.84 11.81
C THR G 814 39.49 40.28 11.42
N GLU G 815 38.49 41.02 10.96
CA GLU G 815 38.68 42.43 10.64
C GLU G 815 39.06 43.22 11.89
N GLU G 816 38.39 42.95 13.01
CA GLU G 816 38.75 43.60 14.26
C GLU G 816 40.15 43.22 14.69
N LEU G 817 40.54 41.96 14.48
CA LEU G 817 41.90 41.54 14.79
C LEU G 817 42.92 42.29 13.94
N ALA G 818 42.61 42.50 12.66
CA ALA G 818 43.52 43.24 11.80
C ALA G 818 43.64 44.69 12.26
N ILE G 819 42.54 45.28 12.72
CA ILE G 819 42.60 46.63 13.28
C ILE G 819 43.52 46.67 14.49
N LEU G 820 43.43 45.63 15.34
CA LEU G 820 44.35 45.53 16.47
C LEU G 820 45.80 45.41 16.00
N ILE G 821 46.03 44.63 14.94
CA ILE G 821 47.38 44.47 14.41
C ILE G 821 47.96 45.82 13.99
N HIS G 822 47.21 46.58 13.20
CA HIS G 822 47.71 47.86 12.70
C HIS G 822 47.89 48.86 13.82
N LYS G 823 46.97 48.90 14.79
CA LYS G 823 47.10 49.83 15.89
C LYS G 823 48.28 49.49 16.78
N LEU G 824 48.51 48.19 17.03
CA LEU G 824 49.65 47.78 17.84
C LEU G 824 50.98 48.06 17.15
N SER G 825 51.05 47.84 15.83
CA SER G 825 52.30 48.06 15.11
C SER G 825 52.73 49.52 15.15
N GLU G 826 51.79 50.46 15.14
CA GLU G 826 52.15 51.87 15.23
C GLU G 826 52.78 52.18 16.59
N LYS G 827 52.21 51.65 17.67
CA LYS G 827 52.79 51.87 18.99
C LYS G 827 54.17 51.21 19.11
N LEU G 828 54.32 50.02 18.54
CA LEU G 828 55.61 49.33 18.60
C LEU G 828 56.68 50.11 17.86
N ASN G 829 56.35 50.66 16.69
CA ASN G 829 57.30 51.44 15.91
C ASN G 829 57.29 52.91 16.31
N GLN H 1 17.71 59.72 8.36
CA GLN H 1 16.25 59.70 8.43
C GLN H 1 15.76 59.74 9.87
N VAL H 2 16.33 58.88 10.71
CA VAL H 2 15.96 58.81 12.11
C VAL H 2 16.73 59.89 12.87
N GLN H 3 16.01 60.77 13.56
CA GLN H 3 16.61 61.83 14.37
C GLN H 3 16.47 61.45 15.84
N LEU H 4 17.60 61.38 16.53
CA LEU H 4 17.64 61.00 17.93
C LEU H 4 18.09 62.19 18.77
N GLN H 5 17.39 62.42 19.88
CA GLN H 5 17.77 63.46 20.83
C GLN H 5 17.84 62.84 22.22
N GLU H 6 18.75 63.36 23.04
CA GLU H 6 18.99 62.84 24.38
C GLU H 6 18.66 63.88 25.43
N SER H 7 18.25 63.42 26.60
CA SER H 7 17.90 64.29 27.70
C SER H 7 18.08 63.54 29.02
N GLY H 8 18.09 64.29 30.12
CA GLY H 8 18.22 63.71 31.43
C GLY H 8 19.61 63.76 32.03
N GLY H 9 20.56 64.43 31.39
CA GLY H 9 21.89 64.57 31.93
C GLY H 9 21.91 65.30 33.26
N GLY H 10 22.57 64.71 34.25
CA GLY H 10 22.61 65.29 35.57
C GLY H 10 23.99 65.26 36.20
N SER H 11 24.06 65.40 37.53
CA SER H 11 25.33 65.38 38.24
C SER H 11 25.06 64.81 39.63
N VAL H 12 25.32 63.51 39.80
CA VAL H 12 25.14 62.83 41.07
C VAL H 12 26.40 62.04 41.38
N GLN H 13 26.56 61.69 42.66
CA GLN H 13 27.73 60.95 43.12
C GLN H 13 27.32 60.06 44.28
N SER H 14 28.26 59.19 44.68
CA SER H 14 28.10 58.31 45.84
C SER H 14 26.88 57.40 45.71
N GLY H 15 26.93 56.56 44.68
CA GLY H 15 25.88 55.56 44.48
C GLY H 15 24.51 56.12 44.17
N GLY H 16 24.42 57.12 43.31
CA GLY H 16 23.16 57.71 42.93
C GLY H 16 22.49 56.94 41.81
N SER H 17 21.42 57.54 41.28
CA SER H 17 20.69 56.98 40.16
C SER H 17 20.38 58.08 39.15
N LEU H 18 20.27 57.71 37.89
CA LEU H 18 19.99 58.70 36.84
C LEU H 18 19.32 58.03 35.65
N ARG H 19 18.28 58.66 35.12
CA ARG H 19 17.59 58.16 33.95
C ARG H 19 17.93 59.02 32.74
N LEU H 20 18.42 58.40 31.69
CA LEU H 20 18.69 59.08 30.42
C LEU H 20 17.60 58.70 29.42
N SER H 21 17.03 59.71 28.77
CA SER H 21 15.92 59.53 27.86
C SER H 21 16.35 59.83 26.44
N CYS H 22 15.89 59.01 25.50
CA CYS H 22 16.20 59.15 24.09
C CYS H 22 14.89 59.23 23.31
N ALA H 23 14.69 60.32 22.60
CA ALA H 23 13.49 60.53 21.79
C ALA H 23 13.85 60.36 20.32
N ALA H 24 13.09 59.51 19.63
CA ALA H 24 13.29 59.25 18.21
C ALA H 24 12.18 59.91 17.41
N SER H 25 12.55 60.63 16.36
CA SER H 25 11.61 61.33 15.50
C SER H 25 12.08 61.19 14.06
N GLY H 26 11.30 61.75 13.15
CA GLY H 26 11.62 61.66 11.73
C GLY H 26 10.93 60.49 11.08
N TYR H 27 11.71 59.63 10.43
CA TYR H 27 11.14 58.46 9.77
C TYR H 27 10.49 57.51 10.77
N THR H 28 11.30 56.96 11.68
CA THR H 28 10.86 56.17 12.83
C THR H 28 9.93 55.01 12.47
N TYR H 29 9.82 54.67 11.19
CA TYR H 29 8.97 53.56 10.77
C TYR H 29 9.54 52.24 11.26
N SER H 30 8.66 51.37 11.76
CA SER H 30 9.04 50.07 12.31
C SER H 30 10.07 50.23 13.43
N TYR H 31 9.84 51.21 14.30
CA TYR H 31 10.79 51.50 15.38
C TYR H 31 10.93 50.33 16.34
N SER H 32 9.88 49.51 16.48
CA SER H 32 9.92 48.40 17.43
C SER H 32 11.01 47.39 17.11
N GLY H 33 11.38 47.24 15.84
CA GLY H 33 12.43 46.34 15.43
C GLY H 33 13.82 46.94 15.37
N TYR H 34 13.97 48.21 15.73
CA TYR H 34 15.28 48.85 15.68
C TYR H 34 16.20 48.28 16.75
N CYS H 35 17.51 48.28 16.45
CA CYS H 35 18.52 47.95 17.43
C CYS H 35 19.02 49.26 18.04
N MET H 36 18.55 49.55 19.25
CA MET H 36 18.90 50.76 19.98
C MET H 36 20.14 50.53 20.83
N GLY H 37 20.80 51.62 21.20
CA GLY H 37 21.97 51.50 22.05
C GLY H 37 22.43 52.85 22.56
N TRP H 38 23.24 52.78 23.62
CA TRP H 38 23.93 53.93 24.19
C TRP H 38 25.43 53.66 24.16
N PHE H 39 26.20 54.67 23.78
CA PHE H 39 27.66 54.58 23.85
C PHE H 39 28.23 55.87 24.43
N ARG H 40 29.41 55.73 25.04
CA ARG H 40 30.05 56.79 25.80
C ARG H 40 31.12 57.49 24.99
N GLN H 41 31.48 58.70 25.44
CA GLN H 41 32.61 59.46 24.89
C GLN H 41 33.29 60.17 26.07
N ALA H 42 34.29 59.51 26.64
CA ALA H 42 35.03 60.11 27.74
C ALA H 42 35.86 61.28 27.22
N PRO H 43 36.11 62.28 28.07
CA PRO H 43 36.87 63.46 27.60
C PRO H 43 38.25 63.14 27.07
N GLY H 44 38.93 62.15 27.66
CA GLY H 44 40.27 61.82 27.23
C GLY H 44 40.39 60.46 26.56
N LYS H 45 39.29 59.71 26.51
CA LYS H 45 39.28 58.36 25.96
C LYS H 45 38.46 58.33 24.68
N GLU H 46 38.51 57.18 24.01
CA GLU H 46 37.80 56.98 22.76
C GLU H 46 36.34 56.59 23.02
N ARG H 47 35.58 56.47 21.94
CA ARG H 47 34.18 56.09 22.04
C ARG H 47 34.06 54.67 22.59
N GLU H 48 33.20 54.51 23.60
CA GLU H 48 33.00 53.24 24.27
C GLU H 48 31.52 52.91 24.29
N GLY H 49 31.18 51.70 23.83
CA GLY H 49 29.80 51.27 23.88
C GLY H 49 29.38 50.91 25.30
N VAL H 50 28.13 51.24 25.63
CA VAL H 50 27.60 51.06 26.98
C VAL H 50 26.53 49.98 27.01
N ALA H 51 25.45 50.15 26.27
CA ALA H 51 24.34 49.21 26.31
C ALA H 51 23.69 49.14 24.94
N THR H 52 22.96 48.05 24.71
CA THR H 52 22.25 47.85 23.46
C THR H 52 21.03 46.99 23.73
N ILE H 53 20.01 47.15 22.89
CA ILE H 53 18.78 46.37 22.99
C ILE H 53 18.24 46.17 21.58
N ASP H 54 17.80 44.94 21.28
CA ASP H 54 17.27 44.61 19.97
C ASP H 54 15.75 44.72 19.96
N GLY H 55 15.15 44.38 18.82
CA GLY H 55 13.70 44.43 18.70
C GLY H 55 13.00 43.42 19.57
N ALA H 56 13.58 42.22 19.69
CA ALA H 56 12.98 41.18 20.52
C ALA H 56 12.99 41.56 22.00
N GLY H 57 13.94 42.39 22.42
CA GLY H 57 14.07 42.78 23.81
C GLY H 57 15.33 42.31 24.49
N ASN H 58 16.19 41.59 23.79
CA ASN H 58 17.46 41.15 24.38
C ASN H 58 18.35 42.36 24.64
N THR H 59 18.89 42.43 25.85
CA THR H 59 19.73 43.54 26.28
C THR H 59 21.15 43.07 26.50
N LYS H 60 22.11 43.85 25.98
CA LYS H 60 23.52 43.57 26.15
C LYS H 60 24.20 44.79 26.76
N TYR H 61 25.17 44.55 27.65
CA TYR H 61 25.86 45.61 28.36
C TYR H 61 27.35 45.39 28.30
N ALA H 62 28.09 46.49 28.32
CA ALA H 62 29.55 46.41 28.47
C ALA H 62 29.90 45.94 29.88
N ASP H 63 31.07 45.31 29.99
CA ASP H 63 31.50 44.77 31.28
C ASP H 63 31.69 45.88 32.31
N SER H 64 32.06 47.08 31.86
CA SER H 64 32.29 48.18 32.79
C SER H 64 31.00 48.70 33.41
N VAL H 65 29.85 48.46 32.77
CA VAL H 65 28.56 48.92 33.25
C VAL H 65 27.59 47.80 33.54
N LYS H 66 28.01 46.54 33.37
CA LYS H 66 27.11 45.42 33.61
C LYS H 66 26.74 45.32 35.09
N GLY H 67 25.48 45.00 35.34
CA GLY H 67 24.95 44.90 36.70
C GLY H 67 24.34 46.18 37.21
N ARG H 68 24.94 47.32 36.88
CA ARG H 68 24.42 48.61 37.32
C ARG H 68 23.49 49.23 36.28
N PHE H 69 24.02 49.48 35.08
CA PHE H 69 23.22 50.07 34.02
C PHE H 69 22.19 49.06 33.50
N THR H 70 20.99 49.57 33.21
CA THR H 70 19.98 48.78 32.53
C THR H 70 19.33 49.62 31.45
N ILE H 71 19.00 48.97 30.33
CA ILE H 71 18.47 49.65 29.16
C ILE H 71 17.09 49.09 28.86
N SER H 72 16.14 49.97 28.57
CA SER H 72 14.77 49.58 28.23
C SER H 72 14.28 50.48 27.10
N ARG H 73 13.23 50.02 26.42
CA ARG H 73 12.66 50.78 25.32
C ARG H 73 11.15 50.79 25.44
N ASP H 74 10.56 51.94 25.13
CA ASP H 74 9.11 52.07 24.99
C ASP H 74 8.82 52.18 23.50
N ASN H 75 8.38 51.06 22.92
CA ASN H 75 8.13 51.02 21.48
C ASN H 75 6.96 51.92 21.09
N ALA H 76 5.92 51.97 21.92
CA ALA H 76 4.80 52.86 21.64
C ALA H 76 5.23 54.33 21.71
N LYS H 77 6.06 54.67 22.68
CA LYS H 77 6.51 56.05 22.87
C LYS H 77 7.71 56.39 21.99
N LYS H 78 8.27 55.42 21.27
CA LYS H 78 9.47 55.62 20.45
C LYS H 78 10.63 56.17 21.28
N THR H 79 10.77 55.67 22.50
CA THR H 79 11.75 56.20 23.44
C THR H 79 12.67 55.10 23.94
N LEU H 80 13.91 55.49 24.23
CA LEU H 80 14.92 54.59 24.78
C LEU H 80 15.39 55.14 26.13
N TYR H 81 15.29 54.32 27.17
CA TYR H 81 15.64 54.74 28.52
C TYR H 81 16.86 53.98 29.01
N LEU H 82 17.79 54.70 29.62
CA LEU H 82 18.97 54.13 30.25
C LEU H 82 18.95 54.46 31.73
N GLN H 83 18.59 53.49 32.56
CA GLN H 83 18.61 53.64 34.01
C GLN H 83 20.01 53.38 34.53
N MET H 84 20.49 54.29 35.36
CA MET H 84 21.85 54.28 35.90
C MET H 84 21.77 53.96 37.38
N ASN H 85 22.33 52.82 37.76
CA ASN H 85 22.49 52.48 39.18
C ASN H 85 23.71 53.20 39.72
N SER H 86 24.21 52.75 40.88
CA SER H 86 25.31 53.41 41.59
C SER H 86 26.42 53.85 40.65
N LEU H 87 26.67 55.16 40.63
CA LEU H 87 27.61 55.75 39.68
C LEU H 87 29.05 55.61 40.18
N LYS H 88 29.98 55.92 39.28
CA LYS H 88 31.40 55.98 39.57
C LYS H 88 31.98 57.20 38.86
N PRO H 89 33.09 57.74 39.34
CA PRO H 89 33.71 58.88 38.66
C PRO H 89 34.08 58.58 37.21
N GLU H 90 34.39 57.33 36.88
CA GLU H 90 34.66 56.96 35.51
C GLU H 90 33.43 57.10 34.61
N ASP H 91 32.23 57.08 35.19
CA ASP H 91 31.00 57.24 34.41
C ASP H 91 30.70 58.72 34.18
N THR H 92 31.67 59.45 33.65
CA THR H 92 31.52 60.87 33.33
C THR H 92 31.92 61.06 31.87
N ALA H 93 30.93 61.28 31.00
CA ALA H 93 31.21 61.31 29.58
C ALA H 93 30.05 61.93 28.81
N MET H 94 30.29 62.15 27.52
CA MET H 94 29.29 62.47 26.52
C MET H 94 28.56 61.20 26.13
N TYR H 95 27.35 61.00 26.65
CA TYR H 95 26.58 59.81 26.31
C TYR H 95 25.77 60.08 25.05
N TYR H 96 25.99 59.28 24.01
CA TYR H 96 25.26 59.42 22.76
C TYR H 96 24.30 58.26 22.58
N CYS H 97 23.08 58.57 22.13
CA CYS H 97 22.16 57.56 21.65
C CYS H 97 22.60 57.06 20.28
N ALA H 98 22.11 55.87 19.92
CA ALA H 98 22.43 55.30 18.62
C ALA H 98 21.33 54.33 18.22
N ALA H 99 21.05 54.30 16.92
CA ALA H 99 19.99 53.46 16.38
C ALA H 99 20.48 52.77 15.11
N ARG H 100 20.09 51.50 14.95
CA ARG H 100 20.27 50.77 13.71
C ARG H 100 18.90 50.31 13.23
N VAL H 101 18.46 50.86 12.10
CA VAL H 101 17.13 50.54 11.59
C VAL H 101 17.06 49.08 11.15
N TYR H 102 18.03 48.64 10.37
CA TYR H 102 17.97 47.32 9.74
C TYR H 102 18.67 46.31 10.65
N SER H 103 17.89 45.69 11.53
CA SER H 103 18.37 44.65 12.42
C SER H 103 17.35 43.53 12.45
N TYR H 104 17.62 42.50 13.25
CA TYR H 104 16.76 41.35 13.33
C TYR H 104 16.90 40.73 14.71
N SER H 105 15.99 39.82 15.04
CA SER H 105 16.03 39.14 16.32
C SER H 105 17.34 38.38 16.48
N SER H 106 17.96 38.52 17.65
CA SER H 106 19.25 37.91 17.96
C SER H 106 20.31 38.30 16.92
N ASP H 107 20.31 39.58 16.55
CA ASP H 107 21.30 40.08 15.60
C ASP H 107 22.69 40.04 16.23
N VAL H 108 23.65 39.53 15.47
CA VAL H 108 25.03 39.46 15.97
C VAL H 108 25.65 40.84 16.09
N ASP H 109 25.20 41.80 15.27
CA ASP H 109 25.76 43.14 15.29
C ASP H 109 25.10 44.05 16.31
N CYS H 110 24.03 43.60 16.97
CA CYS H 110 23.38 44.38 18.02
C CYS H 110 24.16 44.16 19.32
N ARG H 111 25.31 44.82 19.41
CA ARG H 111 26.23 44.72 20.53
C ARG H 111 26.58 46.10 21.04
N PRO H 112 26.96 46.22 22.32
CA PRO H 112 27.45 47.52 22.80
C PRO H 112 28.68 48.02 22.04
N SER H 113 29.58 47.11 21.65
CA SER H 113 30.77 47.52 20.91
C SER H 113 30.40 48.10 19.55
N PHE H 114 29.42 47.50 18.88
CA PHE H 114 28.98 47.96 17.57
C PHE H 114 28.09 49.19 17.65
N THR H 115 27.66 49.59 18.84
CA THR H 115 26.80 50.76 18.98
C THR H 115 27.46 52.01 18.43
N THR H 116 28.79 52.10 18.51
CA THR H 116 29.50 53.26 17.99
C THR H 116 29.45 53.33 16.46
N ARG H 117 29.14 52.22 15.79
CA ARG H 117 29.10 52.17 14.34
C ARG H 117 27.68 52.21 13.79
N PHE H 118 26.69 52.54 14.61
CA PHE H 118 25.31 52.57 14.16
C PHE H 118 25.10 53.71 13.17
N PRO H 119 24.21 53.51 12.18
CA PRO H 119 24.01 54.54 11.15
C PRO H 119 23.57 55.89 11.70
N TYR H 120 22.76 55.90 12.75
CA TYR H 120 22.20 57.13 13.30
C TYR H 120 22.57 57.27 14.76
N SER H 121 22.85 58.50 15.18
CA SER H 121 23.22 58.79 16.55
C SER H 121 22.73 60.18 16.93
N GLY H 122 22.53 60.38 18.23
CA GLY H 122 22.06 61.65 18.73
C GLY H 122 23.21 62.64 18.96
N GLN H 123 22.83 63.83 19.42
CA GLN H 123 23.80 64.87 19.71
C GLN H 123 24.58 64.60 20.99
N GLY H 124 24.03 63.81 21.90
CA GLY H 124 24.74 63.48 23.12
C GLY H 124 24.37 64.39 24.28
N THR H 125 24.47 63.85 25.48
CA THR H 125 24.21 64.58 26.72
C THR H 125 25.35 64.33 27.69
N GLN H 126 25.66 65.33 28.51
CA GLN H 126 26.78 65.24 29.43
C GLN H 126 26.33 64.65 30.76
N VAL H 127 27.04 63.63 31.22
CA VAL H 127 26.84 63.07 32.54
C VAL H 127 28.15 63.25 33.30
N THR H 128 28.09 63.91 34.45
CA THR H 128 29.26 64.19 35.28
C THR H 128 29.05 63.58 36.65
N VAL H 129 30.03 62.79 37.10
CA VAL H 129 29.96 62.14 38.39
C VAL H 129 31.20 62.44 39.21
#